data_1JYW
#
_entry.id   1JYW
#
_cell.length_a   149.680
_cell.length_b   168.600
_cell.length_c   201.090
_cell.angle_alpha   90.00
_cell.angle_beta   90.00
_cell.angle_gamma   90.00
#
_symmetry.space_group_name_H-M   'P 21 21 21'
#
loop_
_entity.id
_entity.type
_entity.pdbx_description
1 polymer Beta-Galactosidase
2 non-polymer '4-nitrophenyl beta-D-galactopyranoside'
3 non-polymer 'MAGNESIUM ION'
4 non-polymer 'SODIUM ION'
5 non-polymer 'DIMETHYL SULFOXIDE'
6 water water
#
_entity_poly.entity_id   1
_entity_poly.type   'polypeptide(L)'
_entity_poly.pdbx_seq_one_letter_code
;GSHMLEDPVVLQRRDWENPGVTQLNRLAAHPPFASWRNSEEARTDRPSQQLRSLNGEWRFAWFPAPEAVPESWLECDLPE
ADTVVVPSNWQMHGYDAPIYTNVTYPITVNPPFVPTENPTGCYSLTFNVDESWLQEGQTRIIFDGVNSAFHLWCNGRWVG
YGQDSRLPSEFDLSAFLRAGENRLAVMVLRWSDGSYLEDQDMWRMSGIFRDVSLLHKPTTQISDFHVATRFNDDFSRAVL
EAEVQMCGELRDYLRVTVSLWQGETQVASGTAPFGGEIIDERGGYADRVTLRLNVENPKLWSAEIPNLYRAVVELHTADG
TLIEAEACDVGFREVRIENGLLLLNGKPLLIRGVNRHEHHPLHGQVMDEQTMVQDILLMKQNNFNAVRCSHYPNHPLWYT
LCDRYGLYVVDEANIETHGMVPMNRLTDDPRWLPAMSERVTRMVQRDRNHPSVIIWSLGNESGHGANHDALYRWIKSVDP
SRPVQYEGGGADTTATDIICPMYARVDEDQPFPAVPKWSIKKWLSLPGETRPLILCQYAHAMGNSLGGFAKYWQAFRQYP
RLQGGFVWDWVDQSLIKYDENGNPWSAYGGDFGDTPNDRQFCMNGLVFADRTPHPALTEAKHQQQFFQFRLSGQTIEVTS
EYLFRHSDNELLHWMVALDGKPLASGEVPLDVAPQGKQLIELPELPQPESAGQLWLTVRVVQPNATAWSEAGHISAWQQW
RLAENLSVTLPAASHAIPHLTTSEMDFCIELGNKRWQFNRQSGFLSQMWIGDKKQLLTPLRDQFTRAPLDNDIGVSEATR
IDPNAWVERWKAAGHYQAEAALLQCTADTLADAVLITTAHAWQHQGKTLFISRKTYRIDGSGQMAITVDVEVASDTPHPA
RIGLNCQLAQVAERVNWLGLGPQENYPDRLTAACFDRWDLPLSDMYTPYVFPSENGLRCGTRELNYGPHQWRGDFQFNIS
RYSQQQLMETSHRHLLHAEEGTWLNIDGFHMGIGGDDSWSPSVSAEFQLSAGRYHYQLVWCQK
;
_entity_poly.pdbx_strand_id   A,B,C,D
#
loop_
_chem_comp.id
_chem_comp.type
_chem_comp.name
_chem_comp.formula
147 D-saccharide '4-nitrophenyl beta-D-galactopyranoside' 'C12 H15 N O8'
DMS non-polymer 'DIMETHYL SULFOXIDE' 'C2 H6 O S'
MG non-polymer 'MAGNESIUM ION' 'Mg 2'
NA non-polymer 'SODIUM ION' 'Na 1'
#
# COMPACT_ATOMS: atom_id res chain seq x y z
CA ARG A 13 -3.12 43.64 -30.67
C ARG A 13 -4.43 42.87 -30.77
N ARG A 14 -4.33 41.79 -31.45
CA ARG A 14 -5.49 40.95 -31.58
C ARG A 14 -5.42 40.00 -30.36
N ASP A 15 -5.71 40.54 -29.13
CA ASP A 15 -5.56 39.67 -27.94
C ASP A 15 -6.46 38.42 -28.00
N TRP A 16 -7.46 38.46 -28.89
CA TRP A 16 -8.42 37.35 -29.00
C TRP A 16 -7.91 36.27 -29.94
N GLU A 17 -6.64 36.37 -30.39
CA GLU A 17 -6.04 35.31 -31.19
C GLU A 17 -4.75 34.98 -30.51
N ASN A 18 -4.72 34.98 -29.17
CA ASN A 18 -3.49 34.75 -28.38
C ASN A 18 -3.87 34.06 -27.06
N PRO A 19 -3.68 32.74 -27.03
CA PRO A 19 -4.07 32.02 -25.81
C PRO A 19 -3.17 32.38 -24.64
N GLY A 20 -2.09 33.15 -24.91
CA GLY A 20 -1.21 33.57 -23.81
C GLY A 20 -1.88 34.77 -23.11
N VAL A 21 -2.89 35.42 -23.72
CA VAL A 21 -3.53 36.55 -23.07
C VAL A 21 -5.01 36.21 -22.82
N THR A 22 -5.41 35.90 -21.59
CA THR A 22 -6.79 35.53 -21.34
C THR A 22 -7.52 36.59 -20.58
N GLN A 23 -6.74 37.63 -20.20
CA GLN A 23 -7.30 38.78 -19.46
C GLN A 23 -6.26 39.94 -19.43
N LEU A 24 -6.74 41.18 -19.19
CA LEU A 24 -5.82 42.28 -18.95
C LEU A 24 -6.50 43.08 -17.91
N ASN A 25 -5.83 43.36 -16.81
CA ASN A 25 -6.37 44.18 -15.70
C ASN A 25 -7.54 43.61 -14.87
N ARG A 26 -7.75 42.25 -15.00
CA ARG A 26 -8.85 41.64 -14.29
C ARG A 26 -8.45 41.38 -12.87
N LEU A 27 -9.41 41.59 -11.97
CA LEU A 27 -9.14 41.33 -10.57
C LEU A 27 -9.15 39.82 -10.28
N ALA A 28 -8.58 39.43 -9.11
CA ALA A 28 -8.59 38.03 -8.67
C ALA A 28 -10.02 37.52 -8.47
N ALA A 29 -10.14 36.19 -8.63
CA ALA A 29 -11.44 35.49 -8.43
C ALA A 29 -11.59 35.26 -6.92
N HIS A 30 -12.83 35.11 -6.44
CA HIS A 30 -13.11 34.95 -5.04
C HIS A 30 -14.56 34.53 -4.90
N PRO A 31 -14.98 34.14 -3.72
CA PRO A 31 -16.32 33.70 -3.45
C PRO A 31 -17.28 34.91 -3.48
N PRO A 32 -18.61 34.64 -3.59
CA PRO A 32 -19.57 35.72 -3.74
C PRO A 32 -19.44 36.78 -2.69
N PHE A 33 -19.34 38.06 -3.12
CA PHE A 33 -19.29 39.17 -2.12
C PHE A 33 -20.46 40.12 -2.30
N ALA A 34 -20.72 40.84 -1.24
CA ALA A 34 -21.77 41.86 -1.29
C ALA A 34 -21.32 43.10 -0.46
N SER A 35 -20.21 42.99 0.29
CA SER A 35 -19.74 44.11 1.12
C SER A 35 -20.85 44.78 1.94
N TRP A 36 -21.48 43.98 2.75
CA TRP A 36 -22.43 44.58 3.62
C TRP A 36 -21.64 45.45 4.65
N ARG A 37 -22.34 46.52 5.12
CA ARG A 37 -21.84 47.40 6.14
C ARG A 37 -22.66 47.27 7.45
N ASN A 38 -23.49 46.21 7.54
CA ASN A 38 -24.26 45.95 8.74
C ASN A 38 -24.28 44.44 8.81
N SER A 39 -23.87 43.91 9.93
CA SER A 39 -23.75 42.45 10.04
C SER A 39 -25.08 41.71 10.04
N GLU A 40 -26.16 42.34 10.54
CA GLU A 40 -27.44 41.67 10.55
C GLU A 40 -27.99 41.51 9.13
N GLU A 41 -27.74 42.48 8.25
CA GLU A 41 -28.18 42.31 6.86
C GLU A 41 -27.36 41.16 6.20
N ALA A 42 -26.07 41.04 6.61
CA ALA A 42 -25.22 39.94 6.09
C ALA A 42 -25.76 38.63 6.62
N ARG A 43 -26.10 38.63 7.90
CA ARG A 43 -26.63 37.39 8.45
C ARG A 43 -27.90 36.93 7.70
N THR A 44 -28.82 37.87 7.44
CA THR A 44 -30.13 37.57 6.80
C THR A 44 -30.06 37.44 5.32
N ASP A 45 -28.92 37.67 4.75
CA ASP A 45 -28.82 37.56 3.31
C ASP A 45 -29.68 38.57 2.64
N ARG A 46 -29.99 39.70 3.31
CA ARG A 46 -30.74 40.78 2.62
C ARG A 46 -29.83 41.54 1.65
N PRO A 47 -30.45 42.33 0.79
CA PRO A 47 -29.71 43.05 -0.24
C PRO A 47 -28.75 44.03 0.38
N SER A 48 -27.68 44.31 -0.37
CA SER A 48 -26.69 45.18 0.22
C SER A 48 -26.69 46.44 -0.56
N GLN A 49 -26.56 47.57 0.08
CA GLN A 49 -26.53 48.82 -0.66
C GLN A 49 -25.24 48.99 -1.48
N GLN A 50 -24.24 48.17 -1.19
CA GLN A 50 -22.96 48.27 -1.86
C GLN A 50 -22.90 47.32 -3.04
N LEU A 51 -23.97 46.59 -3.34
CA LEU A 51 -23.94 45.69 -4.52
C LEU A 51 -25.14 46.06 -5.41
N ARG A 52 -24.90 46.73 -6.53
CA ARG A 52 -25.97 47.20 -7.43
C ARG A 52 -26.02 46.39 -8.71
N SER A 53 -27.21 46.24 -9.26
CA SER A 53 -27.26 45.57 -10.53
C SER A 53 -27.29 46.60 -11.67
N LEU A 54 -26.60 46.33 -12.74
CA LEU A 54 -26.63 47.18 -13.88
C LEU A 54 -27.45 46.51 -15.00
N ASN A 55 -28.22 45.45 -14.62
CA ASN A 55 -29.05 44.75 -15.61
C ASN A 55 -30.17 45.73 -16.06
N GLY A 56 -30.64 45.56 -17.30
CA GLY A 56 -31.73 46.42 -17.75
C GLY A 56 -31.51 46.73 -19.20
N GLU A 57 -31.96 47.97 -19.49
CA GLU A 57 -31.85 48.47 -20.87
C GLU A 57 -30.52 49.06 -21.17
N TRP A 58 -29.91 48.53 -22.21
CA TRP A 58 -28.61 48.95 -22.68
C TRP A 58 -28.77 49.31 -24.17
N ARG A 59 -27.68 49.83 -24.74
CA ARG A 59 -27.63 50.16 -26.14
C ARG A 59 -26.74 49.15 -26.84
N PHE A 60 -27.12 48.77 -28.07
CA PHE A 60 -26.33 47.73 -28.73
C PHE A 60 -26.29 47.91 -30.25
N ALA A 61 -25.15 47.68 -30.83
CA ALA A 61 -24.95 47.68 -32.27
C ALA A 61 -24.13 46.46 -32.68
N TRP A 62 -24.50 45.84 -33.79
CA TRP A 62 -23.80 44.68 -34.31
C TRP A 62 -22.87 45.02 -35.43
N PHE A 63 -21.68 44.46 -35.46
CA PHE A 63 -20.68 44.70 -36.50
C PHE A 63 -20.15 43.37 -36.98
N PRO A 64 -19.77 43.27 -38.24
CA PRO A 64 -19.30 41.98 -38.78
C PRO A 64 -17.87 41.62 -38.40
N ALA A 65 -17.07 42.57 -37.80
CA ALA A 65 -15.67 42.32 -37.41
C ALA A 65 -15.33 43.49 -36.56
N PRO A 66 -14.37 43.30 -35.71
CA PRO A 66 -13.94 44.38 -34.79
C PRO A 66 -13.37 45.57 -35.55
N GLU A 67 -12.79 45.31 -36.73
CA GLU A 67 -12.24 46.41 -37.58
C GLU A 67 -13.32 47.39 -38.08
N ALA A 68 -14.58 47.04 -37.95
CA ALA A 68 -15.69 47.86 -38.40
C ALA A 68 -16.25 48.73 -37.32
N VAL A 69 -15.79 48.59 -36.10
CA VAL A 69 -16.36 49.42 -35.08
C VAL A 69 -15.78 50.82 -35.19
N PRO A 70 -16.61 51.86 -35.26
CA PRO A 70 -16.09 53.23 -35.37
C PRO A 70 -15.53 53.80 -34.05
N GLU A 71 -14.42 54.54 -34.12
CA GLU A 71 -13.86 55.10 -32.91
C GLU A 71 -14.84 55.93 -32.13
N SER A 72 -15.75 56.50 -32.87
CA SER A 72 -16.62 57.37 -32.13
C SER A 72 -17.39 56.69 -31.05
N TRP A 73 -17.61 55.41 -31.25
CA TRP A 73 -18.43 54.67 -30.28
C TRP A 73 -17.89 54.71 -28.83
N LEU A 74 -16.57 54.92 -28.72
CA LEU A 74 -15.94 54.99 -27.41
C LEU A 74 -16.38 56.20 -26.65
N GLU A 75 -16.62 57.25 -27.42
CA GLU A 75 -17.01 58.50 -26.79
C GLU A 75 -18.48 58.78 -26.77
N CYS A 76 -19.25 58.24 -27.71
CA CYS A 76 -20.67 58.45 -27.64
C CYS A 76 -21.50 57.42 -28.38
N ASP A 77 -22.73 57.38 -27.94
CA ASP A 77 -23.69 56.48 -28.50
C ASP A 77 -23.81 56.57 -29.97
N LEU A 78 -24.02 55.41 -30.59
CA LEU A 78 -24.23 55.33 -32.02
C LEU A 78 -25.72 55.44 -32.22
N PRO A 79 -26.00 56.35 -33.13
CA PRO A 79 -27.34 56.69 -33.42
C PRO A 79 -28.14 55.51 -33.96
N GLU A 80 -27.40 54.71 -34.68
CA GLU A 80 -28.04 53.54 -35.20
C GLU A 80 -28.14 52.37 -34.21
N ALA A 81 -27.66 52.55 -32.98
CA ALA A 81 -27.74 51.44 -32.04
C ALA A 81 -29.20 51.22 -31.63
N ASP A 82 -29.56 50.02 -31.12
CA ASP A 82 -30.89 49.71 -30.58
C ASP A 82 -30.85 49.63 -29.04
N THR A 83 -31.96 49.76 -28.37
CA THR A 83 -31.91 49.59 -26.96
C THR A 83 -32.34 48.17 -26.76
N VAL A 84 -31.60 47.42 -26.01
CA VAL A 84 -31.97 45.99 -25.84
C VAL A 84 -31.80 45.65 -24.35
N VAL A 85 -32.39 44.55 -23.95
CA VAL A 85 -32.26 44.07 -22.58
C VAL A 85 -30.91 43.29 -22.43
N VAL A 86 -30.26 43.52 -21.27
CA VAL A 86 -29.03 42.82 -20.89
C VAL A 86 -29.30 42.31 -19.49
N PRO A 87 -28.98 41.06 -19.19
CA PRO A 87 -28.28 40.13 -20.07
C PRO A 87 -29.17 39.52 -21.19
N SER A 88 -28.44 39.16 -22.23
CA SER A 88 -29.05 38.54 -23.39
C SER A 88 -27.93 37.97 -24.29
N ASN A 89 -28.35 37.13 -25.23
CA ASN A 89 -27.47 36.59 -26.26
C ASN A 89 -28.00 37.36 -27.53
N TRP A 90 -27.11 38.00 -28.28
CA TRP A 90 -27.58 38.76 -29.41
C TRP A 90 -28.28 37.95 -30.51
N GLN A 91 -27.96 36.61 -30.63
CA GLN A 91 -28.71 35.79 -31.61
C GLN A 91 -30.20 35.77 -31.25
N MET A 92 -30.53 35.81 -29.95
CA MET A 92 -31.94 35.75 -29.59
C MET A 92 -32.71 37.03 -29.99
N HIS A 93 -32.01 38.09 -30.32
CA HIS A 93 -32.69 39.29 -30.73
C HIS A 93 -32.69 39.40 -32.25
N GLY A 94 -32.19 38.37 -32.93
CA GLY A 94 -32.12 38.37 -34.39
C GLY A 94 -30.89 38.99 -35.05
N TYR A 95 -29.87 39.42 -34.33
CA TYR A 95 -28.76 40.05 -35.03
C TYR A 95 -27.95 39.19 -35.99
N ASP A 96 -27.84 37.92 -35.59
CA ASP A 96 -27.12 36.98 -36.41
C ASP A 96 -27.65 35.61 -35.91
N ALA A 97 -27.25 34.56 -36.63
CA ALA A 97 -27.84 33.25 -36.28
C ALA A 97 -27.07 32.45 -35.19
N PRO A 98 -27.81 31.78 -34.35
CA PRO A 98 -27.13 30.87 -33.43
C PRO A 98 -26.72 29.66 -34.29
N ILE A 99 -25.68 28.90 -33.94
CA ILE A 99 -25.26 27.75 -34.71
C ILE A 99 -25.33 26.49 -33.86
N TYR A 100 -25.89 25.40 -34.39
CA TYR A 100 -25.94 24.17 -33.61
C TYR A 100 -25.03 23.16 -34.23
N THR A 101 -23.82 23.02 -33.61
CA THR A 101 -22.83 22.01 -34.05
C THR A 101 -22.46 21.21 -32.80
N ASN A 102 -22.29 19.89 -32.94
CA ASN A 102 -21.98 19.01 -31.83
C ASN A 102 -20.49 18.95 -31.65
N VAL A 103 -19.75 18.16 -32.45
CA VAL A 103 -18.28 18.04 -32.27
C VAL A 103 -17.44 19.01 -33.11
N THR A 104 -17.79 19.07 -34.40
CA THR A 104 -16.97 19.90 -35.28
C THR A 104 -17.03 21.37 -34.88
N TYR A 105 -15.86 21.98 -34.80
CA TYR A 105 -15.90 23.37 -34.35
C TYR A 105 -16.65 24.21 -35.34
N PRO A 106 -17.22 25.29 -34.86
CA PRO A 106 -17.98 26.23 -35.70
C PRO A 106 -17.08 27.13 -36.55
N ILE A 107 -15.80 27.04 -36.33
CA ILE A 107 -14.83 27.83 -37.06
C ILE A 107 -13.79 26.92 -37.60
N THR A 108 -13.06 27.35 -38.59
CA THR A 108 -12.01 26.52 -39.09
C THR A 108 -10.98 26.19 -38.03
N VAL A 109 -10.47 24.99 -37.95
CA VAL A 109 -9.55 24.63 -36.90
C VAL A 109 -8.15 25.07 -37.23
N ASN A 110 -7.72 26.18 -36.67
CA ASN A 110 -6.38 26.67 -36.97
C ASN A 110 -5.95 27.53 -35.80
N PRO A 111 -5.74 26.92 -34.68
CA PRO A 111 -5.41 27.67 -33.45
C PRO A 111 -4.09 28.38 -33.61
N PRO A 112 -4.04 29.55 -33.01
CA PRO A 112 -5.07 30.15 -32.18
C PRO A 112 -5.94 31.18 -32.92
N PHE A 113 -5.97 31.11 -34.25
CA PHE A 113 -6.70 32.08 -35.02
C PHE A 113 -8.18 31.83 -35.13
N VAL A 114 -8.89 32.93 -35.38
CA VAL A 114 -10.30 32.88 -35.61
C VAL A 114 -10.64 33.59 -36.98
N PRO A 115 -11.88 33.44 -37.45
CA PRO A 115 -12.24 34.06 -38.72
C PRO A 115 -12.09 35.58 -38.70
N THR A 116 -11.75 36.13 -39.89
CA THR A 116 -11.63 37.58 -40.04
C THR A 116 -13.05 38.16 -39.83
N GLU A 117 -14.05 37.44 -40.35
CA GLU A 117 -15.40 37.88 -40.13
C GLU A 117 -15.81 37.26 -38.81
N ASN A 118 -15.82 38.15 -37.81
CA ASN A 118 -16.10 37.77 -36.43
C ASN A 118 -17.05 38.75 -35.83
N PRO A 119 -18.29 38.32 -35.76
CA PRO A 119 -19.39 39.10 -35.25
C PRO A 119 -18.99 39.75 -33.94
N THR A 120 -19.22 41.05 -33.91
CA THR A 120 -18.83 41.90 -32.77
C THR A 120 -20.03 42.62 -32.22
N GLY A 121 -20.30 42.45 -30.93
CA GLY A 121 -21.40 43.08 -30.30
C GLY A 121 -20.88 44.32 -29.53
N CYS A 122 -21.32 45.55 -29.88
CA CYS A 122 -20.92 46.76 -29.17
C CYS A 122 -22.01 47.16 -28.21
N TYR A 123 -21.82 46.92 -26.90
CA TYR A 123 -22.83 47.25 -25.92
C TYR A 123 -22.39 48.50 -25.18
N SER A 124 -23.38 49.26 -24.70
CA SER A 124 -22.99 50.42 -23.92
C SER A 124 -24.08 50.78 -22.98
N LEU A 125 -23.69 51.50 -21.94
CA LEU A 125 -24.68 51.87 -20.96
C LEU A 125 -24.27 53.17 -20.28
N THR A 126 -25.26 54.06 -20.13
CA THR A 126 -24.94 55.29 -19.40
C THR A 126 -25.58 55.07 -18.07
N PHE A 127 -24.82 55.25 -16.98
CA PHE A 127 -25.40 54.95 -15.69
C PHE A 127 -24.81 55.93 -14.67
N ASN A 128 -25.50 55.93 -13.58
CA ASN A 128 -25.17 56.84 -12.53
C ASN A 128 -24.37 56.22 -11.43
N VAL A 129 -23.47 57.01 -10.87
CA VAL A 129 -22.67 56.58 -9.70
C VAL A 129 -22.82 57.65 -8.59
N ASP A 130 -23.24 57.25 -7.40
CA ASP A 130 -23.35 58.28 -6.34
C ASP A 130 -22.01 58.80 -5.90
N GLU A 131 -21.95 60.07 -5.56
CA GLU A 131 -20.68 60.63 -5.14
C GLU A 131 -20.07 59.92 -3.96
N SER A 132 -20.96 59.43 -3.12
CA SER A 132 -20.43 58.77 -1.92
C SER A 132 -19.54 57.58 -2.24
N TRP A 133 -19.83 56.87 -3.37
CA TRP A 133 -19.01 55.69 -3.74
C TRP A 133 -17.62 56.10 -4.18
N LEU A 134 -17.55 57.40 -4.60
CA LEU A 134 -16.27 57.83 -5.06
C LEU A 134 -15.46 58.58 -3.99
N GLN A 135 -16.07 58.84 -2.83
CA GLN A 135 -15.33 59.57 -1.79
C GLN A 135 -14.43 58.66 -1.04
N GLU A 136 -14.70 57.36 -1.09
CA GLU A 136 -13.85 56.39 -0.38
C GLU A 136 -13.95 55.01 -1.06
N GLY A 137 -12.96 54.14 -0.68
CA GLY A 137 -13.07 52.76 -1.12
C GLY A 137 -12.91 52.58 -2.59
N GLN A 138 -13.31 51.36 -3.01
CA GLN A 138 -13.12 50.92 -4.40
C GLN A 138 -14.45 50.52 -5.05
N THR A 139 -14.62 50.95 -6.31
CA THR A 139 -15.85 50.59 -7.05
C THR A 139 -15.45 49.76 -8.23
N ARG A 140 -15.99 48.50 -8.24
CA ARG A 140 -15.62 47.60 -9.31
C ARG A 140 -16.87 47.22 -10.07
N ILE A 141 -16.61 46.83 -11.32
CA ILE A 141 -17.73 46.26 -12.13
C ILE A 141 -17.59 44.76 -12.26
N ILE A 142 -18.69 44.04 -12.27
CA ILE A 142 -18.56 42.59 -12.42
C ILE A 142 -19.39 42.17 -13.56
N PHE A 143 -18.82 41.47 -14.53
CA PHE A 143 -19.61 40.86 -15.64
C PHE A 143 -19.57 39.35 -15.39
N ASP A 144 -20.74 38.81 -14.99
CA ASP A 144 -20.83 37.36 -14.65
C ASP A 144 -20.63 36.43 -15.86
N GLY A 145 -20.85 36.89 -17.05
CA GLY A 145 -20.70 35.97 -18.21
C GLY A 145 -20.76 36.81 -19.52
N VAL A 146 -19.66 36.76 -20.26
CA VAL A 146 -19.48 37.50 -21.51
C VAL A 146 -18.92 36.45 -22.49
N ASN A 147 -19.66 36.19 -23.62
CA ASN A 147 -19.27 35.14 -24.57
C ASN A 147 -18.91 35.71 -25.96
N SER A 148 -17.68 35.56 -26.47
CA SER A 148 -16.58 34.78 -25.81
C SER A 148 -15.41 35.55 -25.21
N ALA A 149 -15.24 36.84 -25.56
CA ALA A 149 -14.05 37.60 -25.12
C ALA A 149 -14.44 39.10 -25.27
N PHE A 150 -13.84 39.97 -24.45
CA PHE A 150 -14.34 41.35 -24.58
C PHE A 150 -13.34 42.35 -24.09
N HIS A 151 -13.44 43.54 -24.67
CA HIS A 151 -12.69 44.72 -24.24
C HIS A 151 -13.67 45.67 -23.56
N LEU A 152 -13.16 46.38 -22.50
CA LEU A 152 -14.04 47.25 -21.77
C LEU A 152 -13.38 48.66 -21.71
N TRP A 153 -14.25 49.68 -21.91
CA TRP A 153 -13.85 51.09 -21.76
C TRP A 153 -14.85 51.71 -20.81
N CYS A 154 -14.36 52.72 -20.03
CA CYS A 154 -15.25 53.45 -19.13
C CYS A 154 -15.00 54.95 -19.42
N ASN A 155 -16.10 55.67 -19.74
CA ASN A 155 -15.92 57.10 -20.01
C ASN A 155 -14.88 57.30 -21.06
N GLY A 156 -14.83 56.43 -22.11
CA GLY A 156 -13.88 56.58 -23.24
C GLY A 156 -12.46 56.09 -23.00
N ARG A 157 -12.15 55.67 -21.77
CA ARG A 157 -10.79 55.22 -21.53
C ARG A 157 -10.81 53.67 -21.35
N TRP A 158 -9.80 53.03 -21.94
CA TRP A 158 -9.68 51.58 -21.90
C TRP A 158 -9.39 51.07 -20.47
N VAL A 159 -10.17 50.04 -20.06
CA VAL A 159 -10.06 49.45 -18.72
C VAL A 159 -9.36 48.07 -18.81
N GLY A 160 -9.89 47.16 -19.69
CA GLY A 160 -9.26 45.86 -19.70
C GLY A 160 -9.90 44.89 -20.61
N TYR A 161 -9.52 43.58 -20.41
CA TYR A 161 -9.97 42.51 -21.30
C TYR A 161 -10.22 41.24 -20.54
N GLY A 162 -11.10 40.41 -21.11
CA GLY A 162 -11.42 39.09 -20.45
C GLY A 162 -11.86 38.01 -21.47
N GLN A 163 -11.52 36.73 -21.10
CA GLN A 163 -11.91 35.48 -21.77
C GLN A 163 -12.52 34.56 -20.69
N ASP A 164 -13.02 33.41 -21.16
CA ASP A 164 -13.75 32.42 -20.35
C ASP A 164 -15.19 32.92 -20.20
N SER A 165 -16.08 32.39 -21.05
CA SER A 165 -17.43 32.84 -21.08
C SER A 165 -18.27 32.55 -19.92
N ARG A 166 -17.76 31.71 -19.00
CA ARG A 166 -18.62 31.17 -17.94
C ARG A 166 -18.28 31.51 -16.49
N LEU A 167 -17.33 32.44 -16.31
CA LEU A 167 -16.96 32.89 -14.93
C LEU A 167 -16.92 34.45 -15.02
N PRO A 168 -17.03 35.02 -13.84
CA PRO A 168 -17.06 36.47 -13.74
C PRO A 168 -15.75 37.11 -14.03
N SER A 169 -15.82 38.29 -14.67
CA SER A 169 -14.69 39.19 -14.94
C SER A 169 -15.00 40.48 -14.16
N GLU A 170 -14.02 40.85 -13.32
CA GLU A 170 -14.12 42.02 -12.41
C GLU A 170 -12.99 43.00 -12.64
N PHE A 171 -13.38 44.32 -12.73
CA PHE A 171 -12.40 45.37 -13.04
C PHE A 171 -12.57 46.50 -12.09
N ASP A 172 -11.49 47.11 -11.63
CA ASP A 172 -11.60 48.23 -10.68
C ASP A 172 -11.86 49.52 -11.48
N LEU A 173 -13.03 50.17 -11.28
CA LEU A 173 -13.32 51.38 -12.06
C LEU A 173 -13.08 52.63 -11.27
N SER A 174 -12.52 52.45 -10.07
CA SER A 174 -12.37 53.56 -9.14
C SER A 174 -11.79 54.83 -9.79
N ALA A 175 -10.74 54.71 -10.50
CA ALA A 175 -10.14 55.88 -11.11
C ALA A 175 -10.77 56.32 -12.42
N PHE A 176 -11.74 55.60 -12.95
CA PHE A 176 -12.34 55.99 -14.23
C PHE A 176 -13.65 56.68 -14.08
N LEU A 177 -14.26 56.56 -12.93
CA LEU A 177 -15.61 57.08 -12.80
C LEU A 177 -15.73 58.52 -12.34
N ARG A 178 -16.94 59.08 -12.48
CA ARG A 178 -17.09 60.44 -11.95
C ARG A 178 -18.46 60.50 -11.36
N ALA A 179 -18.73 61.44 -10.43
CA ALA A 179 -20.10 61.54 -9.86
C ALA A 179 -21.16 61.80 -10.94
N GLY A 180 -22.29 61.12 -10.76
CA GLY A 180 -23.36 61.23 -11.72
C GLY A 180 -23.22 60.28 -12.87
N GLU A 181 -23.44 60.84 -14.04
CA GLU A 181 -23.43 60.01 -15.25
C GLU A 181 -22.08 59.50 -15.75
N ASN A 182 -22.08 58.16 -16.06
CA ASN A 182 -20.89 57.49 -16.58
C ASN A 182 -21.33 56.62 -17.79
N ARG A 183 -20.40 56.33 -18.70
CA ARG A 183 -20.84 55.48 -19.79
C ARG A 183 -19.85 54.32 -19.96
N LEU A 184 -20.37 53.09 -19.98
CA LEU A 184 -19.54 51.88 -20.24
C LEU A 184 -19.60 51.61 -21.76
N ALA A 185 -18.51 51.06 -22.39
CA ALA A 185 -18.48 50.61 -23.80
C ALA A 185 -17.86 49.22 -23.69
N VAL A 186 -18.58 48.18 -24.19
CA VAL A 186 -18.11 46.77 -24.10
C VAL A 186 -18.11 46.23 -25.51
N MET A 187 -16.99 45.78 -25.99
CA MET A 187 -16.90 45.27 -27.33
C MET A 187 -16.71 43.77 -27.16
N VAL A 188 -17.72 43.00 -27.50
CA VAL A 188 -17.74 41.53 -27.35
C VAL A 188 -17.50 40.80 -28.67
N LEU A 189 -16.45 39.96 -28.63
CA LEU A 189 -16.14 39.18 -29.83
C LEU A 189 -16.86 37.82 -29.81
N ARG A 190 -17.51 37.42 -30.89
CA ARG A 190 -18.12 36.12 -30.83
C ARG A 190 -17.08 35.01 -30.77
N TRP A 191 -16.04 35.11 -31.58
CA TRP A 191 -14.98 34.11 -31.63
C TRP A 191 -13.67 34.65 -31.06
N SER A 192 -12.91 33.80 -30.34
CA SER A 192 -11.61 34.19 -29.78
C SER A 192 -10.81 32.91 -29.56
N ASP A 193 -9.59 33.02 -29.08
CA ASP A 193 -8.80 31.80 -28.83
C ASP A 193 -9.50 31.04 -27.71
N GLY A 194 -10.34 31.73 -26.96
CA GLY A 194 -11.09 31.03 -25.89
C GLY A 194 -12.07 29.99 -26.47
N SER A 195 -12.52 30.23 -27.72
CA SER A 195 -13.46 29.31 -28.42
C SER A 195 -12.85 27.91 -28.64
N TYR A 196 -11.50 27.81 -28.76
CA TYR A 196 -10.97 26.48 -28.90
C TYR A 196 -11.18 25.64 -27.64
N LEU A 197 -11.43 26.30 -26.47
CA LEU A 197 -11.70 25.53 -25.23
C LEU A 197 -13.18 25.57 -24.91
N GLU A 198 -14.05 25.99 -25.84
CA GLU A 198 -15.47 26.03 -25.62
C GLU A 198 -16.26 25.28 -26.71
N ASP A 199 -15.84 24.08 -26.95
CA ASP A 199 -16.50 23.29 -27.97
C ASP A 199 -17.64 22.40 -27.42
N GLN A 200 -18.38 22.81 -26.41
CA GLN A 200 -19.45 21.96 -25.93
C GLN A 200 -20.57 21.77 -26.99
N ASP A 201 -21.24 20.61 -26.93
CA ASP A 201 -22.39 20.21 -27.78
C ASP A 201 -23.61 21.00 -27.33
N MET A 202 -23.71 22.24 -27.92
CA MET A 202 -24.85 23.10 -27.57
C MET A 202 -24.88 24.21 -28.65
N TRP A 203 -25.92 25.10 -28.60
CA TRP A 203 -25.96 26.25 -29.54
C TRP A 203 -24.77 27.13 -29.26
N ARG A 204 -24.20 27.60 -30.37
CA ARG A 204 -23.06 28.49 -30.22
C ARG A 204 -23.63 29.92 -30.29
N MET A 205 -23.63 30.66 -29.19
CA MET A 205 -24.22 32.02 -29.15
C MET A 205 -23.13 32.96 -28.62
N SER A 206 -23.51 34.24 -28.35
CA SER A 206 -22.51 35.26 -27.85
C SER A 206 -23.30 36.43 -27.24
N GLY A 207 -22.55 37.23 -26.48
CA GLY A 207 -23.11 38.38 -25.82
C GLY A 207 -22.85 38.47 -24.33
N ILE A 208 -23.43 39.54 -23.71
CA ILE A 208 -23.33 39.73 -22.25
C ILE A 208 -24.57 39.04 -21.71
N PHE A 209 -24.38 37.71 -21.42
CA PHE A 209 -25.51 36.80 -21.12
C PHE A 209 -25.79 36.43 -19.68
N ARG A 210 -24.92 36.99 -18.75
CA ARG A 210 -25.14 36.87 -17.30
C ARG A 210 -25.15 38.31 -16.73
N ASP A 211 -25.50 38.42 -15.47
CA ASP A 211 -25.65 39.70 -14.84
C ASP A 211 -24.45 40.61 -14.85
N VAL A 212 -24.70 41.90 -14.79
CA VAL A 212 -23.66 42.91 -14.66
C VAL A 212 -23.93 43.65 -13.37
N SER A 213 -22.87 43.86 -12.56
CA SER A 213 -23.18 44.52 -11.30
C SER A 213 -22.01 45.47 -10.90
N LEU A 214 -22.30 46.36 -9.94
CA LEU A 214 -21.22 47.24 -9.50
C LEU A 214 -21.12 46.97 -8.01
N LEU A 215 -19.92 46.80 -7.49
CA LEU A 215 -19.71 46.52 -6.07
C LEU A 215 -18.72 47.48 -5.47
N HIS A 216 -19.15 48.06 -4.35
CA HIS A 216 -18.26 48.98 -3.62
C HIS A 216 -17.57 48.24 -2.43
N LYS A 217 -16.26 48.21 -2.36
CA LYS A 217 -15.63 47.58 -1.20
C LYS A 217 -14.82 48.69 -0.50
N PRO A 218 -14.56 48.60 0.81
CA PRO A 218 -13.71 49.56 1.46
C PRO A 218 -12.30 49.31 0.97
N THR A 219 -11.39 50.28 1.16
CA THR A 219 -9.96 50.10 0.78
C THR A 219 -9.33 48.94 1.57
N THR A 220 -9.66 48.81 2.89
CA THR A 220 -9.20 47.67 3.74
C THR A 220 -10.37 46.72 3.74
N GLN A 221 -10.19 45.52 3.15
CA GLN A 221 -11.32 44.66 2.84
C GLN A 221 -10.99 43.18 2.94
N ILE A 222 -12.05 42.40 2.96
CA ILE A 222 -11.94 40.92 2.89
C ILE A 222 -11.79 40.66 1.40
N SER A 223 -10.64 40.08 1.04
CA SER A 223 -10.35 39.78 -0.35
C SER A 223 -10.61 38.31 -0.70
N ASP A 224 -10.75 37.43 0.30
CA ASP A 224 -11.07 36.06 -0.03
C ASP A 224 -11.38 35.40 1.31
N PHE A 225 -12.10 34.28 1.27
CA PHE A 225 -12.32 33.51 2.53
C PHE A 225 -12.65 32.09 2.18
N HIS A 226 -12.18 31.12 2.96
CA HIS A 226 -12.44 29.68 2.66
C HIS A 226 -13.07 29.03 3.90
N VAL A 227 -14.21 28.34 3.73
CA VAL A 227 -14.82 27.75 4.90
C VAL A 227 -14.70 26.22 4.80
N ALA A 228 -14.18 25.56 5.82
CA ALA A 228 -14.04 24.08 5.86
C ALA A 228 -14.80 23.54 7.10
N THR A 229 -15.32 22.30 7.07
CA THR A 229 -16.01 21.67 8.22
C THR A 229 -15.40 20.22 8.31
N ARG A 230 -14.76 19.91 9.44
CA ARG A 230 -14.14 18.63 9.68
C ARG A 230 -14.85 18.03 10.87
N PHE A 231 -14.90 16.67 10.90
CA PHE A 231 -15.67 15.97 11.90
C PHE A 231 -14.91 14.91 12.67
N ASN A 232 -15.52 14.52 13.80
CA ASN A 232 -15.02 13.34 14.49
C ASN A 232 -15.64 12.09 13.82
N ASP A 233 -15.24 10.93 14.31
CA ASP A 233 -15.65 9.68 13.69
C ASP A 233 -17.15 9.46 13.55
N ASP A 234 -17.97 9.94 14.46
CA ASP A 234 -19.41 9.71 14.29
C ASP A 234 -20.16 10.98 14.02
N PHE A 235 -19.43 11.97 13.56
CA PHE A 235 -20.13 13.18 13.19
C PHE A 235 -20.90 13.85 14.30
N SER A 236 -20.52 13.57 15.56
CA SER A 236 -21.13 14.22 16.71
C SER A 236 -20.41 15.52 17.07
N ARG A 237 -19.22 15.74 16.51
CA ARG A 237 -18.55 16.99 16.77
C ARG A 237 -17.93 17.45 15.48
N ALA A 238 -17.84 18.78 15.31
CA ALA A 238 -17.19 19.32 14.11
C ALA A 238 -16.35 20.54 14.51
N VAL A 239 -15.45 20.91 13.62
CA VAL A 239 -14.68 22.14 13.74
C VAL A 239 -14.92 22.83 12.40
N LEU A 240 -15.43 24.08 12.50
CA LEU A 240 -15.55 24.87 11.32
C LEU A 240 -14.27 25.73 11.26
N GLU A 241 -13.50 25.69 10.18
CA GLU A 241 -12.31 26.48 10.05
C GLU A 241 -12.53 27.48 8.93
N ALA A 242 -12.37 28.75 9.20
CA ALA A 242 -12.58 29.76 8.17
C ALA A 242 -11.30 30.56 8.04
N GLU A 243 -10.69 30.52 6.86
CA GLU A 243 -9.45 31.23 6.64
C GLU A 243 -9.83 32.51 5.92
N VAL A 244 -9.42 33.66 6.42
CA VAL A 244 -9.84 34.90 5.77
C VAL A 244 -8.61 35.70 5.37
N GLN A 245 -8.68 36.26 4.18
CA GLN A 245 -7.57 37.05 3.69
C GLN A 245 -8.03 38.52 3.50
N MET A 246 -7.12 39.48 3.78
CA MET A 246 -7.51 40.90 3.54
C MET A 246 -6.56 41.50 2.54
N CYS A 247 -6.98 42.66 2.01
CA CYS A 247 -6.14 43.50 1.11
C CYS A 247 -6.29 44.88 1.75
N GLY A 248 -5.31 45.72 1.59
CA GLY A 248 -5.35 47.10 2.12
C GLY A 248 -4.39 47.39 3.26
N GLU A 249 -4.87 48.31 4.14
CA GLU A 249 -4.18 48.86 5.26
C GLU A 249 -4.15 47.86 6.40
N LEU A 250 -3.04 47.12 6.48
CA LEU A 250 -2.79 46.13 7.53
C LEU A 250 -2.25 46.79 8.82
N ARG A 251 -2.99 46.77 9.91
CA ARG A 251 -2.62 47.43 11.14
C ARG A 251 -3.01 46.49 12.29
N ASP A 252 -2.34 46.68 13.44
CA ASP A 252 -2.55 45.83 14.58
C ASP A 252 -3.91 45.91 15.18
N TYR A 253 -4.69 46.95 14.85
CA TYR A 253 -5.99 47.02 15.47
C TYR A 253 -7.03 46.20 14.71
N LEU A 254 -6.61 45.63 13.55
CA LEU A 254 -7.65 44.89 12.76
C LEU A 254 -7.92 43.51 13.35
N ARG A 255 -9.17 43.05 13.16
CA ARG A 255 -9.56 41.76 13.66
C ARG A 255 -10.58 41.23 12.63
N VAL A 256 -10.78 39.86 12.73
CA VAL A 256 -11.84 39.19 12.01
C VAL A 256 -12.68 38.48 13.05
N THR A 257 -14.02 38.62 13.01
CA THR A 257 -14.82 37.81 13.88
C THR A 257 -15.69 36.91 12.94
N VAL A 258 -15.70 35.58 13.15
CA VAL A 258 -16.55 34.73 12.31
C VAL A 258 -17.55 34.16 13.30
N SER A 259 -18.82 34.37 12.96
CA SER A 259 -19.93 33.90 13.80
C SER A 259 -20.79 32.97 13.00
N LEU A 260 -21.25 31.91 13.68
CA LEU A 260 -22.01 30.84 13.01
C LEU A 260 -23.43 30.79 13.62
N TRP A 261 -24.46 30.87 12.72
CA TRP A 261 -25.85 30.96 13.19
C TRP A 261 -26.65 29.80 12.63
N GLN A 262 -27.59 29.32 13.43
CA GLN A 262 -28.56 28.29 13.07
C GLN A 262 -29.82 29.09 13.21
N GLY A 263 -30.36 29.56 12.08
CA GLY A 263 -31.49 30.44 12.19
C GLY A 263 -31.11 31.69 12.98
N GLU A 264 -31.96 32.14 13.91
CA GLU A 264 -31.67 33.33 14.71
C GLU A 264 -30.76 33.03 15.93
N THR A 265 -30.34 31.78 16.10
CA THR A 265 -29.46 31.51 17.21
C THR A 265 -27.98 31.45 16.82
N GLN A 266 -27.14 32.12 17.61
CA GLN A 266 -25.71 32.11 17.34
C GLN A 266 -25.20 30.88 18.03
N VAL A 267 -24.56 30.00 17.27
CA VAL A 267 -24.07 28.76 17.86
C VAL A 267 -22.61 28.81 18.21
N ALA A 268 -21.80 29.62 17.53
CA ALA A 268 -20.39 29.70 17.83
C ALA A 268 -19.85 31.00 17.27
N SER A 269 -18.71 31.38 17.79
CA SER A 269 -18.09 32.59 17.31
C SER A 269 -16.62 32.60 17.72
N GLY A 270 -15.77 33.25 16.94
CA GLY A 270 -14.38 33.40 17.30
C GLY A 270 -13.83 34.72 16.69
N THR A 271 -12.93 35.35 17.44
CA THR A 271 -12.31 36.59 16.99
C THR A 271 -10.79 36.46 17.08
N ALA A 272 -10.09 37.03 16.12
CA ALA A 272 -8.63 36.97 16.17
C ALA A 272 -7.99 38.09 15.38
N PRO A 273 -6.75 38.50 15.69
CA PRO A 273 -6.12 39.56 14.88
C PRO A 273 -5.52 38.86 13.67
N PHE A 274 -5.06 39.60 12.68
CA PHE A 274 -4.42 38.98 11.50
C PHE A 274 -3.03 38.50 11.83
N GLY A 275 -2.55 37.55 11.08
CA GLY A 275 -1.20 37.05 11.17
C GLY A 275 -1.31 35.52 11.35
N GLY A 276 -1.21 34.75 10.23
CA GLY A 276 -1.35 33.33 10.27
C GLY A 276 -0.16 32.63 10.93
N GLU A 277 -0.20 31.33 11.14
CA GLU A 277 0.97 30.69 11.71
C GLU A 277 2.15 30.82 10.77
N ILE A 278 3.33 30.53 11.27
CA ILE A 278 4.55 30.54 10.40
C ILE A 278 4.35 29.42 9.37
N ILE A 279 4.65 29.72 8.12
CA ILE A 279 4.45 28.81 7.00
C ILE A 279 5.86 28.33 6.61
N ASP A 280 6.86 29.25 6.60
CA ASP A 280 8.14 28.85 6.09
C ASP A 280 9.21 29.74 6.69
N GLU A 281 10.43 29.70 6.12
CA GLU A 281 11.60 30.41 6.65
C GLU A 281 11.37 31.90 6.61
N ARG A 282 10.48 32.41 5.79
CA ARG A 282 10.29 33.85 5.70
C ARG A 282 9.15 34.26 6.57
N GLY A 283 8.53 33.35 7.28
CA GLY A 283 7.44 33.74 8.19
C GLY A 283 6.07 33.15 7.77
N GLY A 284 5.05 33.98 7.97
CA GLY A 284 3.69 33.58 7.65
C GLY A 284 2.98 34.72 6.92
N TYR A 285 1.61 34.56 6.73
CA TYR A 285 0.75 35.55 6.04
C TYR A 285 0.24 36.55 7.08
N ALA A 286 0.85 37.71 7.01
CA ALA A 286 0.45 38.74 7.98
C ALA A 286 -0.94 39.29 7.62
N ASP A 287 -1.38 38.98 6.39
CA ASP A 287 -2.66 39.44 5.83
C ASP A 287 -3.71 38.33 5.86
N ARG A 288 -3.51 37.25 6.64
CA ARG A 288 -4.50 36.21 6.70
C ARG A 288 -4.74 35.84 8.17
N VAL A 289 -5.88 35.26 8.49
CA VAL A 289 -6.19 34.82 9.84
C VAL A 289 -7.14 33.61 9.72
N THR A 290 -6.92 32.61 10.57
CA THR A 290 -7.77 31.44 10.50
C THR A 290 -8.51 31.30 11.79
N LEU A 291 -9.84 31.26 11.76
CA LEU A 291 -10.67 31.12 12.95
C LEU A 291 -11.14 29.68 13.01
N ARG A 292 -11.09 29.04 14.19
CA ARG A 292 -11.56 27.66 14.34
C ARG A 292 -12.71 27.66 15.37
N LEU A 293 -13.90 27.24 14.99
CA LEU A 293 -15.08 27.22 15.84
C LEU A 293 -15.50 25.78 16.08
N ASN A 294 -15.66 25.47 17.34
CA ASN A 294 -16.12 24.12 17.68
C ASN A 294 -17.64 24.06 17.62
N VAL A 295 -18.23 23.00 17.01
CA VAL A 295 -19.68 22.94 16.94
C VAL A 295 -20.09 21.55 17.38
N GLU A 296 -20.86 21.43 18.42
CA GLU A 296 -21.25 20.13 18.93
C GLU A 296 -22.52 19.67 18.27
N ASN A 297 -22.59 18.37 17.96
CA ASN A 297 -23.80 17.75 17.33
C ASN A 297 -24.29 18.59 16.19
N PRO A 298 -23.45 18.87 15.23
CA PRO A 298 -23.92 19.70 14.14
C PRO A 298 -25.05 19.02 13.36
N LYS A 299 -25.96 19.81 12.83
CA LYS A 299 -27.03 19.34 11.96
C LYS A 299 -26.37 19.22 10.60
N LEU A 300 -26.35 18.02 10.07
CA LEU A 300 -25.61 17.78 8.84
C LEU A 300 -26.35 18.12 7.54
N TRP A 301 -25.60 18.54 6.50
CA TRP A 301 -26.22 18.82 5.25
C TRP A 301 -26.18 17.58 4.36
N SER A 302 -27.27 17.35 3.57
CA SER A 302 -27.31 16.35 2.52
C SER A 302 -28.40 16.81 1.56
N ALA A 303 -28.54 16.09 0.40
CA ALA A 303 -29.60 16.39 -0.56
C ALA A 303 -30.91 15.94 0.08
N GLU A 304 -30.87 14.95 0.98
CA GLU A 304 -32.03 14.52 1.70
C GLU A 304 -32.59 15.57 2.70
N ILE A 305 -31.72 16.19 3.50
CA ILE A 305 -32.10 17.25 4.51
C ILE A 305 -31.02 18.32 4.41
N PRO A 306 -31.26 19.33 3.61
CA PRO A 306 -30.25 20.36 3.36
C PRO A 306 -30.10 21.36 4.54
N ASN A 307 -29.76 20.83 5.71
CA ASN A 307 -29.59 21.69 6.85
C ASN A 307 -28.46 22.65 6.54
N LEU A 308 -28.70 23.95 6.86
CA LEU A 308 -27.65 24.96 6.63
C LEU A 308 -27.53 25.84 7.86
N TYR A 309 -26.30 26.36 8.00
CA TYR A 309 -26.02 27.35 9.02
C TYR A 309 -25.63 28.60 8.22
N ARG A 310 -25.45 29.76 8.90
CA ARG A 310 -24.98 30.99 8.19
C ARG A 310 -23.67 31.42 8.88
N ALA A 311 -22.60 31.59 8.11
CA ALA A 311 -21.38 32.06 8.72
C ALA A 311 -21.29 33.54 8.31
N VAL A 312 -21.02 34.43 9.29
CA VAL A 312 -20.84 35.86 8.94
C VAL A 312 -19.38 36.21 9.24
N VAL A 313 -18.69 36.82 8.25
CA VAL A 313 -17.31 37.12 8.41
C VAL A 313 -17.23 38.64 8.55
N GLU A 314 -16.92 39.10 9.76
CA GLU A 314 -16.84 40.55 9.98
C GLU A 314 -15.39 40.96 10.03
N LEU A 315 -15.05 41.98 9.25
CA LEU A 315 -13.71 42.61 9.29
C LEU A 315 -13.89 43.85 10.14
N HIS A 316 -13.16 43.96 11.24
CA HIS A 316 -13.47 45.14 12.04
C HIS A 316 -12.30 45.60 12.89
N THR A 317 -12.38 46.82 13.48
CA THR A 317 -11.30 47.20 14.34
C THR A 317 -11.58 46.47 15.65
N ALA A 318 -10.50 46.24 16.44
CA ALA A 318 -10.72 45.56 17.71
C ALA A 318 -11.74 46.26 18.62
N ASP A 319 -11.71 47.62 18.62
CA ASP A 319 -12.58 48.41 19.52
C ASP A 319 -14.00 48.52 19.05
N GLY A 320 -14.32 47.84 17.95
CA GLY A 320 -15.72 47.76 17.58
C GLY A 320 -16.26 48.33 16.29
N THR A 321 -15.42 48.83 15.41
CA THR A 321 -15.99 49.36 14.18
C THR A 321 -16.03 48.28 13.10
N LEU A 322 -17.23 47.98 12.57
CA LEU A 322 -17.31 47.03 11.49
C LEU A 322 -16.88 47.79 10.24
N ILE A 323 -15.85 47.23 9.57
CA ILE A 323 -15.34 47.75 8.31
C ILE A 323 -16.28 47.25 7.17
N GLU A 324 -16.43 45.92 7.08
CA GLU A 324 -17.40 45.36 6.13
C GLU A 324 -17.63 43.89 6.59
N ALA A 325 -18.70 43.29 6.10
CA ALA A 325 -18.99 41.90 6.43
C ALA A 325 -19.36 41.23 5.13
N GLU A 326 -18.90 39.96 5.00
CA GLU A 326 -19.24 39.07 3.91
C GLU A 326 -19.84 37.85 4.62
N ALA A 327 -20.40 36.90 3.84
CA ALA A 327 -21.07 35.77 4.53
C ALA A 327 -21.44 34.67 3.54
N CYS A 328 -21.79 33.49 4.07
CA CYS A 328 -22.18 32.42 3.19
C CYS A 328 -23.01 31.43 3.97
N ASP A 329 -23.75 30.60 3.24
CA ASP A 329 -24.52 29.50 3.85
C ASP A 329 -23.49 28.37 4.01
N VAL A 330 -23.56 27.70 5.18
CA VAL A 330 -22.62 26.64 5.37
C VAL A 330 -23.39 25.33 5.54
N GLY A 331 -22.92 24.28 4.87
CA GLY A 331 -23.54 22.96 5.07
C GLY A 331 -22.45 22.02 5.66
N PHE A 332 -22.69 21.49 6.87
CA PHE A 332 -21.75 20.63 7.49
C PHE A 332 -21.82 19.23 6.80
N ARG A 333 -20.81 18.92 5.96
CA ARG A 333 -20.85 17.60 5.39
C ARG A 333 -19.44 17.28 5.05
N GLU A 334 -19.15 15.97 5.11
CA GLU A 334 -17.83 15.47 4.72
C GLU A 334 -18.01 14.61 3.43
N VAL A 335 -17.17 14.87 2.41
CA VAL A 335 -17.21 14.04 1.19
C VAL A 335 -15.88 13.29 1.12
N ARG A 336 -15.88 11.93 1.03
CA ARG A 336 -14.59 11.27 0.94
C ARG A 336 -14.76 9.92 0.27
N ILE A 337 -13.69 9.48 -0.36
CA ILE A 337 -13.73 8.16 -1.01
C ILE A 337 -12.84 7.25 -0.12
N GLU A 338 -13.42 6.14 0.31
CA GLU A 338 -12.75 5.23 1.23
C GLU A 338 -13.07 3.81 0.87
N ASN A 339 -12.05 3.05 0.72
CA ASN A 339 -12.26 1.66 0.36
C ASN A 339 -13.03 1.49 -0.97
N GLY A 340 -12.84 2.46 -1.90
CA GLY A 340 -13.51 2.31 -3.20
C GLY A 340 -14.90 2.89 -3.27
N LEU A 341 -15.38 3.50 -2.18
CA LEU A 341 -16.75 4.06 -2.17
C LEU A 341 -16.75 5.55 -1.92
N LEU A 342 -17.61 6.26 -2.61
CA LEU A 342 -17.78 7.69 -2.35
C LEU A 342 -18.79 7.78 -1.20
N LEU A 343 -18.34 8.39 -0.08
CA LEU A 343 -19.18 8.54 1.06
C LEU A 343 -19.54 10.01 1.34
N LEU A 344 -20.75 10.22 1.83
CA LEU A 344 -21.15 11.52 2.27
C LEU A 344 -21.57 11.32 3.73
N ASN A 345 -20.91 12.07 4.63
CA ASN A 345 -21.20 11.90 6.04
C ASN A 345 -21.12 10.44 6.47
N GLY A 346 -20.14 9.75 5.89
CA GLY A 346 -19.85 8.39 6.26
C GLY A 346 -20.69 7.31 5.57
N LYS A 347 -21.64 7.67 4.71
CA LYS A 347 -22.52 6.68 4.14
C LYS A 347 -22.32 6.71 2.65
N PRO A 348 -22.45 5.59 1.97
CA PRO A 348 -22.24 5.55 0.52
C PRO A 348 -23.35 6.16 -0.32
N LEU A 349 -23.03 7.11 -1.17
CA LEU A 349 -24.10 7.72 -1.93
C LEU A 349 -24.61 6.84 -3.08
N LEU A 350 -25.83 7.09 -3.52
CA LEU A 350 -26.36 6.48 -4.72
C LEU A 350 -26.84 7.69 -5.53
N ILE A 351 -26.06 8.06 -6.56
CA ILE A 351 -26.33 9.28 -7.30
C ILE A 351 -27.42 9.11 -8.32
N ARG A 352 -28.53 9.83 -8.12
CA ARG A 352 -29.66 9.83 -9.04
C ARG A 352 -29.51 11.17 -9.73
N GLY A 353 -28.57 11.18 -10.69
CA GLY A 353 -28.19 12.43 -11.28
C GLY A 353 -28.73 12.75 -12.64
N VAL A 354 -28.55 14.04 -13.05
CA VAL A 354 -28.86 14.43 -14.43
C VAL A 354 -27.85 15.54 -14.81
N ASN A 355 -27.46 15.56 -16.11
CA ASN A 355 -26.64 16.64 -16.64
C ASN A 355 -27.61 17.77 -17.02
N ARG A 356 -27.32 19.04 -16.70
CA ARG A 356 -28.29 20.06 -17.06
C ARG A 356 -27.50 21.21 -17.66
N HIS A 357 -27.84 21.55 -18.90
CA HIS A 357 -27.28 22.74 -19.60
C HIS A 357 -28.12 23.96 -19.22
N GLU A 358 -27.58 25.15 -19.38
CA GLU A 358 -28.35 26.38 -19.08
C GLU A 358 -28.99 26.76 -20.43
N HIS A 359 -30.28 26.44 -20.54
CA HIS A 359 -30.95 26.69 -21.85
C HIS A 359 -32.39 27.12 -21.62
N HIS A 360 -32.86 28.18 -22.37
CA HIS A 360 -34.25 28.65 -22.31
C HIS A 360 -34.60 28.83 -23.78
N PRO A 361 -35.77 28.32 -24.20
CA PRO A 361 -36.16 28.38 -25.65
C PRO A 361 -36.37 29.77 -26.22
N LEU A 362 -36.63 30.73 -25.30
CA LEU A 362 -36.80 32.11 -25.73
C LEU A 362 -35.57 32.94 -25.46
N HIS A 363 -34.95 32.71 -24.28
CA HIS A 363 -33.79 33.58 -23.93
C HIS A 363 -32.39 33.05 -24.22
N GLY A 364 -32.33 31.86 -24.80
CA GLY A 364 -31.02 31.29 -25.14
C GLY A 364 -30.25 30.74 -23.94
N GLN A 365 -29.15 31.36 -23.64
CA GLN A 365 -28.30 30.88 -22.55
C GLN A 365 -28.37 31.74 -21.29
N VAL A 366 -29.32 32.66 -21.36
CA VAL A 366 -29.57 33.54 -20.22
C VAL A 366 -30.44 32.80 -19.17
N MET A 367 -30.04 32.72 -17.89
CA MET A 367 -30.82 32.01 -16.90
C MET A 367 -31.50 32.99 -16.00
N ASP A 368 -32.63 32.57 -15.42
CA ASP A 368 -33.35 33.45 -14.50
C ASP A 368 -33.78 32.58 -13.35
N GLU A 369 -34.01 33.17 -12.20
CA GLU A 369 -34.41 32.48 -10.98
C GLU A 369 -35.59 31.55 -11.14
N GLN A 370 -36.59 32.07 -11.83
CA GLN A 370 -37.81 31.28 -12.03
C GLN A 370 -37.57 29.97 -12.75
N THR A 371 -36.82 30.09 -13.82
CA THR A 371 -36.51 28.89 -14.55
C THR A 371 -35.66 27.91 -13.72
N MET A 372 -34.72 28.47 -13.01
CA MET A 372 -33.85 27.58 -12.23
C MET A 372 -34.71 26.87 -11.17
N VAL A 373 -35.57 27.64 -10.49
CA VAL A 373 -36.39 27.03 -9.47
C VAL A 373 -37.30 25.96 -10.06
N GLN A 374 -37.85 26.31 -11.23
CA GLN A 374 -38.73 25.34 -11.88
C GLN A 374 -37.97 24.05 -12.15
N ASP A 375 -36.73 24.19 -12.61
CA ASP A 375 -35.98 22.99 -12.89
C ASP A 375 -35.69 22.26 -11.58
N ILE A 376 -35.25 22.94 -10.51
CA ILE A 376 -34.94 22.17 -9.32
C ILE A 376 -36.17 21.51 -8.76
N LEU A 377 -37.34 22.20 -8.81
CA LEU A 377 -38.57 21.49 -8.31
C LEU A 377 -38.87 20.20 -9.07
N LEU A 378 -38.86 20.34 -10.37
CA LEU A 378 -39.15 19.17 -11.17
C LEU A 378 -38.12 18.05 -10.93
N MET A 379 -36.83 18.42 -10.73
CA MET A 379 -35.82 17.38 -10.51
C MET A 379 -36.10 16.62 -9.25
N LYS A 380 -36.34 17.41 -8.20
CA LYS A 380 -36.62 16.76 -6.96
C LYS A 380 -37.95 15.95 -6.99
N GLN A 381 -38.98 16.51 -7.63
CA GLN A 381 -40.20 15.78 -7.65
C GLN A 381 -40.03 14.48 -8.42
N ASN A 382 -39.01 14.35 -9.28
CA ASN A 382 -38.79 13.17 -10.07
C ASN A 382 -37.65 12.29 -9.54
N ASN A 383 -37.39 12.49 -8.24
CA ASN A 383 -36.39 11.67 -7.51
C ASN A 383 -34.95 11.80 -7.97
N PHE A 384 -34.61 12.95 -8.52
CA PHE A 384 -33.18 13.23 -8.76
C PHE A 384 -32.62 13.84 -7.46
N ASN A 385 -31.37 13.51 -7.18
CA ASN A 385 -30.64 14.10 -5.98
C ASN A 385 -29.33 14.78 -6.38
N ALA A 386 -29.06 14.85 -7.69
CA ALA A 386 -27.75 15.39 -8.08
C ALA A 386 -27.78 15.95 -9.48
N VAL A 387 -26.89 16.90 -9.74
CA VAL A 387 -26.87 17.52 -11.05
C VAL A 387 -25.39 17.78 -11.44
N ARG A 388 -25.05 17.55 -12.72
CA ARG A 388 -23.72 17.87 -13.18
C ARG A 388 -23.84 19.12 -14.06
N CYS A 389 -22.95 20.11 -13.84
CA CYS A 389 -22.95 21.38 -14.60
C CYS A 389 -22.30 21.14 -15.93
N SER A 390 -23.02 20.38 -16.82
CA SER A 390 -22.48 20.08 -18.12
C SER A 390 -22.50 21.41 -18.92
N HIS A 391 -21.37 21.92 -19.43
CA HIS A 391 -19.98 21.52 -19.13
C HIS A 391 -19.18 22.84 -18.80
N TYR A 392 -19.66 23.48 -17.72
CA TYR A 392 -19.08 24.77 -17.38
C TYR A 392 -19.61 25.25 -16.08
N PRO A 393 -18.95 26.24 -15.45
CA PRO A 393 -19.51 26.81 -14.22
C PRO A 393 -20.84 27.48 -14.57
N ASN A 394 -21.83 27.37 -13.68
CA ASN A 394 -23.14 27.90 -13.92
C ASN A 394 -23.29 29.29 -13.35
N HIS A 395 -24.44 29.88 -13.67
CA HIS A 395 -24.81 31.16 -13.11
C HIS A 395 -24.76 30.98 -11.56
N PRO A 396 -24.29 32.04 -10.88
CA PRO A 396 -24.09 31.93 -9.46
C PRO A 396 -25.29 31.52 -8.63
N LEU A 397 -26.49 31.98 -8.96
CA LEU A 397 -27.64 31.61 -8.13
C LEU A 397 -27.92 30.10 -8.17
N TRP A 398 -27.43 29.37 -9.25
CA TRP A 398 -27.71 27.93 -9.27
C TRP A 398 -27.21 27.20 -8.00
N TYR A 399 -25.97 27.58 -7.60
CA TYR A 399 -25.38 26.96 -6.39
C TYR A 399 -26.17 27.28 -5.12
N THR A 400 -26.60 28.53 -5.01
CA THR A 400 -27.37 28.92 -3.86
C THR A 400 -28.59 28.06 -3.76
N LEU A 401 -29.27 27.88 -4.88
CA LEU A 401 -30.50 27.05 -4.94
C LEU A 401 -30.20 25.56 -4.62
N CYS A 402 -29.12 25.02 -5.16
CA CYS A 402 -28.81 23.62 -4.85
C CYS A 402 -28.38 23.50 -3.36
N ASP A 403 -27.70 24.49 -2.76
CA ASP A 403 -27.39 24.41 -1.34
C ASP A 403 -28.69 24.41 -0.51
N ARG A 404 -29.67 25.28 -0.93
CA ARG A 404 -30.89 25.43 -0.12
C ARG A 404 -31.95 24.33 -0.28
N TYR A 405 -32.16 23.94 -1.57
CA TYR A 405 -33.19 22.90 -1.85
C TYR A 405 -32.60 21.49 -1.65
N GLY A 406 -31.23 21.45 -1.81
CA GLY A 406 -30.58 20.15 -1.62
C GLY A 406 -30.38 19.27 -2.88
N LEU A 407 -29.31 19.52 -3.59
CA LEU A 407 -28.94 18.67 -4.71
C LEU A 407 -27.38 18.59 -4.63
N TYR A 408 -26.79 17.40 -4.86
CA TYR A 408 -25.36 17.30 -4.90
C TYR A 408 -24.96 17.80 -6.27
N VAL A 409 -23.86 18.58 -6.35
CA VAL A 409 -23.43 19.15 -7.63
C VAL A 409 -22.03 18.75 -8.03
N VAL A 410 -21.88 18.48 -9.32
CA VAL A 410 -20.56 18.30 -9.86
C VAL A 410 -20.30 19.67 -10.59
N ASP A 411 -19.32 20.46 -10.11
CA ASP A 411 -18.93 21.77 -10.71
C ASP A 411 -17.81 21.48 -11.69
N GLU A 412 -18.02 21.94 -12.91
CA GLU A 412 -17.18 21.59 -14.04
C GLU A 412 -16.52 22.79 -14.72
N ALA A 413 -15.21 22.67 -14.93
CA ALA A 413 -14.46 23.74 -15.61
C ALA A 413 -14.95 23.89 -17.08
N ASN A 414 -14.93 25.17 -17.57
CA ASN A 414 -15.37 25.43 -18.94
C ASN A 414 -14.24 25.13 -19.88
N ILE A 415 -13.93 23.81 -20.04
CA ILE A 415 -12.88 23.36 -20.97
C ILE A 415 -13.41 22.15 -21.76
N GLU A 416 -13.65 22.37 -23.04
CA GLU A 416 -14.07 21.25 -23.90
C GLU A 416 -13.42 21.47 -25.31
N THR A 417 -12.58 20.53 -25.78
CA THR A 417 -11.89 20.66 -27.06
C THR A 417 -12.21 19.40 -27.96
N HIS A 418 -13.49 19.02 -27.90
CA HIS A 418 -13.93 17.79 -28.55
C HIS A 418 -13.48 17.71 -30.03
N GLY A 419 -13.59 18.85 -30.75
CA GLY A 419 -13.33 18.83 -32.17
C GLY A 419 -11.90 18.73 -32.57
N MET A 420 -10.95 18.73 -31.63
CA MET A 420 -9.56 18.57 -32.04
C MET A 420 -9.31 17.12 -32.50
N VAL A 421 -8.20 16.94 -33.23
CA VAL A 421 -7.81 15.61 -33.62
C VAL A 421 -6.31 15.50 -33.35
N PRO A 422 -5.91 14.55 -32.48
CA PRO A 422 -6.75 13.74 -31.59
C PRO A 422 -7.36 14.72 -30.54
N MET A 423 -8.25 14.19 -29.70
CA MET A 423 -8.99 15.05 -28.78
C MET A 423 -8.07 15.77 -27.80
N ASN A 424 -6.94 15.19 -27.43
CA ASN A 424 -6.09 15.90 -26.44
C ASN A 424 -4.99 16.79 -27.10
N ARG A 425 -5.15 17.17 -28.37
CA ARG A 425 -4.08 17.96 -28.99
C ARG A 425 -3.71 19.24 -28.22
N LEU A 426 -4.73 19.94 -27.68
CA LEU A 426 -4.43 21.14 -26.92
C LEU A 426 -4.13 20.77 -25.45
N THR A 427 -4.91 19.85 -24.83
CA THR A 427 -4.71 19.57 -23.42
C THR A 427 -3.41 18.86 -23.08
N ASP A 428 -2.71 18.35 -24.10
CA ASP A 428 -1.43 17.72 -23.81
C ASP A 428 -0.30 18.73 -24.12
N ASP A 429 -0.65 19.95 -24.56
CA ASP A 429 0.31 20.98 -25.04
C ASP A 429 0.53 22.01 -23.93
N PRO A 430 1.76 22.05 -23.46
CA PRO A 430 2.10 22.98 -22.36
C PRO A 430 1.78 24.39 -22.70
N ARG A 431 1.69 24.72 -23.96
CA ARG A 431 1.37 26.08 -24.27
C ARG A 431 -0.05 26.49 -23.93
N TRP A 432 -0.91 25.50 -23.74
CA TRP A 432 -2.29 25.79 -23.42
C TRP A 432 -2.46 25.54 -21.95
N LEU A 433 -1.44 25.24 -21.19
CA LEU A 433 -1.66 25.06 -19.78
C LEU A 433 -2.18 26.31 -19.09
N PRO A 434 -1.61 27.46 -19.46
CA PRO A 434 -2.08 28.69 -18.80
C PRO A 434 -3.56 29.00 -19.00
N ALA A 435 -4.02 28.87 -20.28
CA ALA A 435 -5.43 29.16 -20.50
C ALA A 435 -6.34 28.14 -19.75
N MET A 436 -5.89 26.85 -19.75
CA MET A 436 -6.67 25.83 -19.03
C MET A 436 -6.61 26.10 -17.52
N SER A 437 -5.40 26.43 -17.04
CA SER A 437 -5.36 26.66 -15.58
C SER A 437 -6.36 27.69 -15.10
N GLU A 438 -6.49 28.80 -15.83
CA GLU A 438 -7.41 29.83 -15.36
C GLU A 438 -8.84 29.34 -15.33
N ARG A 439 -9.20 28.43 -16.24
CA ARG A 439 -10.58 27.95 -16.24
C ARG A 439 -10.88 27.07 -15.01
N VAL A 440 -9.85 26.30 -14.60
CA VAL A 440 -10.01 25.47 -13.39
C VAL A 440 -9.86 26.30 -12.11
N THR A 441 -8.74 27.06 -12.01
CA THR A 441 -8.54 27.73 -10.73
C THR A 441 -9.55 28.79 -10.39
N ARG A 442 -9.98 29.58 -11.40
CA ARG A 442 -10.96 30.62 -11.07
C ARG A 442 -12.32 30.05 -10.66
N MET A 443 -12.62 28.82 -11.18
CA MET A 443 -13.88 28.16 -10.79
C MET A 443 -13.78 27.75 -9.34
N VAL A 444 -12.68 27.10 -8.95
CA VAL A 444 -12.58 26.64 -7.55
C VAL A 444 -12.55 27.88 -6.63
N GLN A 445 -11.85 28.94 -7.03
CA GLN A 445 -11.84 30.08 -6.10
C GLN A 445 -13.26 30.68 -5.92
N ARG A 446 -14.14 30.55 -6.90
CA ARG A 446 -15.46 31.15 -6.77
C ARG A 446 -16.42 30.27 -6.02
N ASP A 447 -16.34 28.93 -6.24
CA ASP A 447 -17.41 28.05 -5.76
C ASP A 447 -17.11 27.09 -4.62
N ARG A 448 -15.86 27.20 -4.11
CA ARG A 448 -15.41 26.30 -3.05
C ARG A 448 -16.13 26.35 -1.75
N ASN A 449 -16.91 27.42 -1.43
CA ASN A 449 -17.60 27.41 -0.14
C ASN A 449 -19.05 26.89 -0.25
N HIS A 450 -19.52 26.44 -1.41
CA HIS A 450 -20.91 25.98 -1.48
C HIS A 450 -20.99 24.53 -1.08
N PRO A 451 -21.76 24.19 -0.05
CA PRO A 451 -21.88 22.76 0.34
C PRO A 451 -22.45 21.86 -0.76
N SER A 452 -23.28 22.43 -1.65
CA SER A 452 -23.89 21.58 -2.71
C SER A 452 -22.82 21.03 -3.64
N VAL A 453 -21.71 21.77 -3.85
CA VAL A 453 -20.66 21.21 -4.72
C VAL A 453 -19.94 20.09 -3.98
N ILE A 454 -19.98 18.87 -4.49
CA ILE A 454 -19.33 17.80 -3.80
C ILE A 454 -18.17 17.21 -4.57
N ILE A 455 -18.10 17.48 -5.88
CA ILE A 455 -17.04 16.90 -6.72
C ILE A 455 -16.68 17.95 -7.73
N TRP A 456 -15.39 18.10 -7.99
CA TRP A 456 -14.92 19.05 -9.03
C TRP A 456 -14.64 18.25 -10.30
N SER A 457 -14.93 18.81 -11.47
CA SER A 457 -14.59 18.15 -12.73
C SER A 457 -13.70 19.05 -13.55
N LEU A 458 -12.77 18.47 -14.26
CA LEU A 458 -11.77 19.22 -15.07
C LEU A 458 -12.26 19.69 -16.42
N GLY A 459 -13.54 19.43 -16.71
CA GLY A 459 -14.05 19.86 -18.03
C GLY A 459 -14.63 18.62 -18.73
N ASN A 460 -14.69 18.66 -20.07
CA ASN A 460 -15.36 17.54 -20.78
C ASN A 460 -14.75 17.36 -22.16
N GLU A 461 -14.73 16.07 -22.61
CA GLU A 461 -14.33 15.71 -23.99
C GLU A 461 -13.22 16.58 -24.53
N SER A 462 -12.06 16.47 -23.83
CA SER A 462 -10.81 17.12 -24.24
C SER A 462 -9.68 16.09 -24.16
N GLY A 463 -10.00 14.78 -24.34
CA GLY A 463 -8.99 13.72 -24.26
C GLY A 463 -8.33 13.70 -22.89
N HIS A 464 -7.12 13.11 -22.82
CA HIS A 464 -6.42 13.18 -21.55
C HIS A 464 -5.05 13.71 -21.88
N GLY A 465 -4.72 14.87 -21.33
CA GLY A 465 -3.38 15.50 -21.57
C GLY A 465 -2.67 15.74 -20.25
N ALA A 466 -1.35 15.99 -20.36
CA ALA A 466 -0.61 16.24 -19.10
C ALA A 466 -1.14 17.49 -18.37
N ASN A 467 -1.78 18.44 -19.07
CA ASN A 467 -2.34 19.59 -18.41
C ASN A 467 -3.42 19.12 -17.46
N HIS A 468 -4.14 18.04 -17.79
CA HIS A 468 -5.18 17.59 -16.85
C HIS A 468 -4.50 17.04 -15.63
N ASP A 469 -3.37 16.34 -15.76
CA ASP A 469 -2.77 15.77 -14.57
C ASP A 469 -2.27 16.89 -13.65
N ALA A 470 -1.69 17.95 -14.23
CA ALA A 470 -1.21 19.06 -13.40
C ALA A 470 -2.38 19.71 -12.63
N LEU A 471 -3.52 19.92 -13.33
CA LEU A 471 -4.64 20.57 -12.73
C LEU A 471 -5.39 19.73 -11.73
N TYR A 472 -5.43 18.44 -12.01
CA TYR A 472 -6.01 17.50 -11.05
C TYR A 472 -5.27 17.71 -9.70
N ARG A 473 -3.94 17.73 -9.79
CA ARG A 473 -3.12 17.88 -8.58
C ARG A 473 -3.29 19.23 -7.96
N TRP A 474 -3.46 20.30 -8.73
CA TRP A 474 -3.62 21.60 -8.14
C TRP A 474 -4.87 21.60 -7.31
N ILE A 475 -5.96 21.02 -7.81
CA ILE A 475 -7.20 21.07 -6.99
C ILE A 475 -6.99 20.25 -5.72
N LYS A 476 -6.41 19.04 -5.86
CA LYS A 476 -6.20 18.17 -4.71
C LYS A 476 -5.37 18.88 -3.65
N SER A 477 -4.46 19.73 -4.07
CA SER A 477 -3.65 20.48 -3.08
C SER A 477 -4.42 21.59 -2.41
N VAL A 478 -5.16 22.38 -3.22
CA VAL A 478 -5.88 23.51 -2.62
C VAL A 478 -7.15 23.14 -1.88
N ASP A 479 -7.78 22.03 -2.27
CA ASP A 479 -9.02 21.69 -1.62
C ASP A 479 -9.11 20.21 -1.43
N PRO A 480 -8.65 19.78 -0.34
CA PRO A 480 -8.68 18.34 -0.08
C PRO A 480 -10.10 17.81 0.29
N SER A 481 -11.10 18.67 0.39
CA SER A 481 -12.42 18.23 0.83
C SER A 481 -13.28 17.59 -0.23
N ARG A 482 -12.90 17.60 -1.51
CA ARG A 482 -13.80 17.04 -2.54
C ARG A 482 -13.00 16.24 -3.53
N PRO A 483 -13.52 15.13 -4.00
CA PRO A 483 -12.82 14.35 -5.04
C PRO A 483 -12.83 15.17 -6.34
N VAL A 484 -11.89 14.81 -7.23
CA VAL A 484 -11.82 15.41 -8.58
C VAL A 484 -12.10 14.30 -9.60
N GLN A 485 -12.95 14.62 -10.59
CA GLN A 485 -13.21 13.59 -11.62
C GLN A 485 -12.99 14.22 -12.99
N TYR A 486 -12.83 13.36 -14.01
CA TYR A 486 -12.66 13.83 -15.39
C TYR A 486 -12.75 12.54 -16.25
N GLU A 487 -13.59 12.61 -17.29
CA GLU A 487 -13.84 11.43 -18.10
C GLU A 487 -12.91 11.25 -19.27
N GLY A 488 -12.25 12.33 -19.73
CA GLY A 488 -11.47 12.20 -20.96
C GLY A 488 -10.40 11.17 -20.98
N GLY A 489 -10.14 10.69 -22.19
CA GLY A 489 -9.02 9.74 -22.29
C GLY A 489 -9.31 8.37 -21.74
N GLY A 490 -10.59 8.01 -21.64
CA GLY A 490 -10.87 6.62 -21.24
C GLY A 490 -11.54 6.43 -19.89
N ALA A 491 -11.82 7.55 -19.22
CA ALA A 491 -12.65 7.60 -17.96
C ALA A 491 -12.07 7.02 -16.67
N ASP A 492 -10.86 6.50 -16.74
CA ASP A 492 -10.24 5.90 -15.57
C ASP A 492 -8.77 6.30 -15.61
N THR A 493 -8.43 7.50 -16.16
CA THR A 493 -7.04 7.91 -16.21
C THR A 493 -6.57 8.37 -14.81
N THR A 494 -5.28 8.81 -14.77
CA THR A 494 -4.70 9.32 -13.53
C THR A 494 -5.22 10.68 -13.18
N ALA A 495 -6.12 11.26 -13.98
CA ALA A 495 -6.68 12.55 -13.66
C ALA A 495 -8.07 12.45 -13.03
N THR A 496 -8.44 11.22 -12.55
CA THR A 496 -9.78 11.13 -11.94
C THR A 496 -9.80 10.20 -10.73
N ASP A 497 -10.53 10.66 -9.69
CA ASP A 497 -10.66 9.81 -8.50
C ASP A 497 -11.88 8.86 -8.66
N ILE A 498 -12.67 9.06 -9.75
CA ILE A 498 -13.89 8.27 -9.93
C ILE A 498 -13.92 7.74 -11.36
N ILE A 499 -14.21 6.43 -11.54
CA ILE A 499 -14.30 5.98 -12.94
C ILE A 499 -15.62 6.59 -13.44
N CYS A 500 -15.57 7.47 -14.43
CA CYS A 500 -16.80 8.23 -14.77
C CYS A 500 -17.10 8.24 -16.28
N PRO A 501 -17.33 7.06 -16.85
CA PRO A 501 -17.57 6.93 -18.23
C PRO A 501 -18.85 7.59 -18.67
N MET A 502 -18.93 7.79 -20.01
CA MET A 502 -20.15 8.29 -20.65
C MET A 502 -20.67 7.16 -21.58
N TYR A 503 -21.92 6.79 -21.30
CA TYR A 503 -22.59 5.80 -22.13
C TYR A 503 -21.94 4.41 -22.16
N ALA A 504 -21.25 4.05 -21.08
CA ALA A 504 -20.83 2.66 -20.93
C ALA A 504 -22.15 1.92 -20.63
N ARG A 505 -22.30 0.70 -21.22
CA ARG A 505 -23.48 -0.10 -21.05
C ARG A 505 -23.37 -0.95 -19.79
N VAL A 506 -24.51 -1.53 -19.37
CA VAL A 506 -24.48 -2.29 -18.13
C VAL A 506 -23.72 -3.64 -18.26
N ASP A 507 -24.06 -4.45 -19.30
CA ASP A 507 -23.47 -5.76 -19.46
C ASP A 507 -22.63 -5.88 -20.69
N GLU A 508 -22.86 -5.00 -21.67
CA GLU A 508 -22.17 -5.13 -22.93
C GLU A 508 -20.89 -4.32 -23.02
N ASP A 509 -19.80 -4.99 -23.35
CA ASP A 509 -18.54 -4.27 -23.53
C ASP A 509 -18.47 -3.64 -24.90
N GLN A 510 -17.85 -2.52 -25.05
CA GLN A 510 -17.61 -1.92 -26.38
C GLN A 510 -16.10 -1.54 -26.38
N PRO A 511 -15.32 -2.52 -26.82
CA PRO A 511 -13.84 -2.41 -26.71
C PRO A 511 -13.15 -1.56 -27.75
N PHE A 512 -13.50 -0.29 -27.81
CA PHE A 512 -12.85 0.57 -28.75
C PHE A 512 -11.38 0.65 -28.40
N PRO A 513 -10.52 0.77 -29.40
CA PRO A 513 -9.12 0.86 -29.14
C PRO A 513 -8.85 2.18 -28.40
N ALA A 514 -7.92 1.99 -27.50
CA ALA A 514 -7.37 3.03 -26.65
C ALA A 514 -8.32 3.51 -25.55
N VAL A 515 -9.60 3.72 -25.87
CA VAL A 515 -10.54 4.23 -24.90
C VAL A 515 -11.77 3.33 -24.92
N PRO A 516 -11.59 2.08 -24.53
CA PRO A 516 -12.73 1.15 -24.55
C PRO A 516 -13.80 1.57 -23.53
N LYS A 517 -15.08 1.19 -23.77
CA LYS A 517 -16.16 1.50 -22.87
C LYS A 517 -16.58 0.14 -22.35
N TRP A 518 -15.95 -0.31 -21.28
CA TRP A 518 -16.33 -1.61 -20.76
C TRP A 518 -17.74 -1.60 -20.13
N SER A 519 -18.41 -2.77 -20.01
CA SER A 519 -19.62 -2.94 -19.24
C SER A 519 -19.22 -2.37 -17.89
N ILE A 520 -20.14 -1.58 -17.22
CA ILE A 520 -19.77 -0.98 -15.95
C ILE A 520 -19.50 -2.03 -14.89
N LYS A 521 -20.20 -3.17 -14.94
CA LYS A 521 -19.95 -4.18 -13.92
C LYS A 521 -18.52 -4.79 -14.07
N LYS A 522 -18.09 -5.00 -15.33
CA LYS A 522 -16.78 -5.55 -15.59
C LYS A 522 -15.69 -4.51 -15.27
N TRP A 523 -16.00 -3.23 -15.56
CA TRP A 523 -14.95 -2.20 -15.37
C TRP A 523 -14.47 -2.14 -13.91
N LEU A 524 -15.40 -2.22 -12.95
CA LEU A 524 -15.00 -2.09 -11.56
C LEU A 524 -13.95 -3.07 -11.14
N SER A 525 -13.98 -4.30 -11.73
CA SER A 525 -13.07 -5.36 -11.29
C SER A 525 -11.88 -5.59 -12.17
N LEU A 526 -11.55 -4.68 -13.10
CA LEU A 526 -10.35 -4.95 -13.90
C LEU A 526 -9.18 -5.02 -12.93
N PRO A 527 -8.14 -5.80 -13.32
CA PRO A 527 -6.94 -5.98 -12.48
C PRO A 527 -6.39 -4.65 -11.99
N GLY A 528 -6.29 -4.60 -10.67
CA GLY A 528 -5.75 -3.45 -9.96
C GLY A 528 -6.74 -2.34 -9.71
N GLU A 529 -7.96 -2.38 -10.31
CA GLU A 529 -8.90 -1.26 -10.15
C GLU A 529 -9.65 -1.27 -8.83
N THR A 530 -9.79 -0.12 -8.22
CA THR A 530 -10.48 -0.10 -6.96
C THR A 530 -11.41 1.10 -6.78
N ARG A 531 -11.45 2.02 -7.74
CA ARG A 531 -12.24 3.24 -7.57
C ARG A 531 -13.74 3.03 -7.71
N PRO A 532 -14.52 4.00 -7.15
CA PRO A 532 -15.97 3.89 -7.38
C PRO A 532 -16.22 4.28 -8.86
N LEU A 533 -17.40 3.86 -9.39
CA LEU A 533 -17.81 4.17 -10.76
C LEU A 533 -19.16 4.91 -10.74
N ILE A 534 -19.17 6.14 -11.32
CA ILE A 534 -20.39 6.93 -11.38
C ILE A 534 -20.38 7.50 -12.82
N LEU A 535 -21.36 7.11 -13.68
CA LEU A 535 -21.29 7.56 -15.07
C LEU A 535 -21.45 9.06 -15.13
N CYS A 536 -20.64 9.74 -15.86
CA CYS A 536 -20.89 11.19 -15.93
C CYS A 536 -22.01 11.48 -16.89
N GLN A 537 -22.32 10.54 -17.80
CA GLN A 537 -23.44 10.69 -18.75
C GLN A 537 -23.94 9.28 -19.04
N TYR A 538 -25.26 9.03 -18.85
CA TYR A 538 -25.76 7.73 -19.24
C TYR A 538 -27.18 7.87 -19.70
N ALA A 539 -27.66 6.87 -20.51
CA ALA A 539 -29.00 6.98 -21.11
C ALA A 539 -29.41 8.29 -21.83
C ALA A 539 -28.74 8.17 -22.09
N HIS A 540 -29.08 8.32 -23.10
N HIS A 540 -29.58 8.36 -23.06
CA HIS A 540 -29.33 9.49 -23.97
C HIS A 540 -30.80 9.72 -24.41
N ALA A 541 -31.44 10.65 -23.75
CA ALA A 541 -32.88 10.81 -23.86
C ALA A 541 -33.35 11.57 -25.10
N MET A 542 -32.79 11.22 -26.22
CA MET A 542 -33.10 11.88 -27.46
C MET A 542 -34.33 11.23 -28.15
N GLY A 543 -35.40 12.04 -28.29
CA GLY A 543 -36.62 11.47 -28.90
C GLY A 543 -37.23 10.42 -27.97
N ASN A 544 -37.80 9.42 -28.63
CA ASN A 544 -38.47 8.35 -27.89
C ASN A 544 -37.36 7.39 -27.43
N SER A 545 -36.93 7.60 -26.17
CA SER A 545 -35.74 6.86 -25.73
C SER A 545 -35.82 6.46 -24.26
N LEU A 546 -34.66 6.19 -23.61
CA LEU A 546 -34.61 5.71 -22.22
C LEU A 546 -34.92 4.21 -22.16
N GLY A 547 -34.93 3.57 -23.32
CA GLY A 547 -35.14 2.09 -23.31
C GLY A 547 -33.94 1.46 -22.58
N GLY A 548 -34.17 0.50 -21.74
CA GLY A 548 -33.06 -0.12 -20.99
C GLY A 548 -32.70 0.65 -19.67
N PHE A 549 -33.46 1.73 -19.36
CA PHE A 549 -33.10 2.49 -18.17
C PHE A 549 -33.11 1.62 -16.91
N ALA A 550 -34.05 0.71 -16.79
CA ALA A 550 -34.13 -0.07 -15.57
C ALA A 550 -32.91 -0.99 -15.37
N LYS A 551 -32.24 -1.35 -16.52
CA LYS A 551 -31.08 -2.24 -16.36
C LYS A 551 -29.97 -1.53 -15.57
N TYR A 552 -29.83 -0.21 -15.77
CA TYR A 552 -28.81 0.51 -15.00
C TYR A 552 -29.14 0.50 -13.53
N TRP A 553 -30.40 0.81 -13.16
CA TRP A 553 -30.79 0.89 -11.77
C TRP A 553 -30.67 -0.43 -11.03
N GLN A 554 -30.97 -1.56 -11.70
CA GLN A 554 -30.80 -2.85 -11.01
C GLN A 554 -29.30 -3.08 -10.70
N ALA A 555 -28.43 -2.73 -11.66
CA ALA A 555 -26.98 -2.88 -11.42
C ALA A 555 -26.49 -1.94 -10.29
N PHE A 556 -26.91 -0.67 -10.35
CA PHE A 556 -26.48 0.23 -9.32
C PHE A 556 -26.86 -0.32 -7.93
N ARG A 557 -28.07 -0.87 -7.79
CA ARG A 557 -28.48 -1.33 -6.46
C ARG A 557 -27.75 -2.58 -6.08
N GLN A 558 -27.45 -3.40 -7.05
CA GLN A 558 -26.75 -4.63 -6.74
C GLN A 558 -25.23 -4.49 -6.38
N TYR A 559 -24.52 -3.60 -7.03
CA TYR A 559 -23.08 -3.52 -6.84
C TYR A 559 -22.75 -2.28 -6.04
N PRO A 560 -22.12 -2.46 -4.86
CA PRO A 560 -21.83 -1.30 -4.03
C PRO A 560 -21.07 -0.22 -4.77
N ARG A 561 -20.02 -0.60 -5.48
CA ARG A 561 -19.17 0.38 -6.15
C ARG A 561 -19.81 1.04 -7.38
N LEU A 562 -20.94 0.50 -7.84
CA LEU A 562 -21.63 1.20 -8.92
C LEU A 562 -22.53 2.24 -8.17
N GLN A 563 -22.10 3.53 -8.12
CA GLN A 563 -22.85 4.49 -7.33
C GLN A 563 -23.69 5.48 -8.09
N GLY A 564 -24.14 5.02 -9.24
CA GLY A 564 -25.10 5.82 -10.01
C GLY A 564 -24.55 6.53 -11.21
N GLY A 565 -25.24 7.65 -11.51
CA GLY A 565 -24.76 8.31 -12.70
C GLY A 565 -25.64 9.52 -12.98
N PHE A 566 -25.28 10.27 -14.05
CA PHE A 566 -26.00 11.50 -14.43
C PHE A 566 -26.62 11.29 -15.80
N VAL A 567 -27.96 11.27 -15.84
CA VAL A 567 -28.65 11.04 -17.12
C VAL A 567 -28.30 12.14 -18.14
N TRP A 568 -28.23 11.75 -19.44
CA TRP A 568 -27.96 12.76 -20.46
C TRP A 568 -29.27 12.95 -21.27
N ASP A 569 -30.03 14.05 -21.15
CA ASP A 569 -29.73 15.12 -20.22
C ASP A 569 -31.08 15.68 -19.75
N TRP A 570 -31.07 16.82 -19.07
CA TRP A 570 -32.30 17.34 -18.52
C TRP A 570 -33.30 17.95 -19.51
N VAL A 571 -32.87 18.97 -20.27
CA VAL A 571 -33.82 19.71 -21.11
C VAL A 571 -33.37 19.84 -22.54
N ASP A 572 -34.33 19.61 -23.49
CA ASP A 572 -34.00 19.77 -24.90
C ASP A 572 -33.53 21.18 -25.18
N GLN A 573 -32.47 21.31 -26.04
CA GLN A 573 -32.02 22.64 -26.46
C GLN A 573 -32.74 23.04 -27.75
N SER A 574 -34.05 23.10 -27.70
CA SER A 574 -34.73 23.58 -28.92
C SER A 574 -34.97 25.10 -28.64
N LEU A 575 -35.09 25.88 -29.75
CA LEU A 575 -35.30 27.35 -29.73
C LEU A 575 -36.62 27.65 -30.49
N ILE A 576 -37.29 28.68 -30.06
CA ILE A 576 -38.55 29.06 -30.71
C ILE A 576 -38.30 29.94 -31.89
N LYS A 577 -39.05 29.60 -32.94
CA LYS A 577 -39.12 30.36 -34.20
C LYS A 577 -40.60 30.64 -34.44
N TYR A 578 -40.90 31.63 -35.28
CA TYR A 578 -42.27 31.99 -35.55
C TYR A 578 -42.52 31.92 -37.03
N ASP A 579 -43.67 31.33 -37.39
CA ASP A 579 -44.13 31.15 -38.78
C ASP A 579 -44.74 32.43 -39.33
N GLU A 580 -45.19 32.44 -40.59
CA GLU A 580 -45.80 33.65 -41.20
C GLU A 580 -46.99 34.26 -40.49
N ASN A 581 -47.74 33.35 -39.85
CA ASN A 581 -48.95 33.62 -39.06
C ASN A 581 -48.65 34.09 -37.64
N GLY A 582 -47.35 34.03 -37.30
CA GLY A 582 -46.78 34.43 -36.01
C GLY A 582 -46.80 33.40 -34.86
N ASN A 583 -47.06 32.12 -35.17
CA ASN A 583 -47.13 31.01 -34.23
C ASN A 583 -45.75 30.46 -34.06
N PRO A 584 -45.50 30.28 -32.81
CA PRO A 584 -44.19 29.79 -32.37
C PRO A 584 -44.06 28.29 -32.68
N TRP A 585 -42.86 27.86 -33.04
CA TRP A 585 -42.56 26.44 -33.29
C TRP A 585 -41.14 26.16 -32.82
N SER A 586 -40.97 24.90 -32.40
CA SER A 586 -39.66 24.42 -31.84
C SER A 586 -38.66 24.12 -32.94
N ALA A 587 -37.49 24.80 -32.89
CA ALA A 587 -36.45 24.67 -33.91
C ALA A 587 -35.19 23.96 -33.36
N TYR A 588 -34.46 23.29 -34.28
CA TYR A 588 -33.24 22.57 -33.95
C TYR A 588 -32.15 22.94 -34.93
N GLY A 589 -31.04 22.22 -34.95
CA GLY A 589 -29.90 22.57 -35.78
C GLY A 589 -30.30 22.71 -37.25
N GLY A 590 -29.73 23.75 -37.86
CA GLY A 590 -29.96 24.08 -39.29
C GLY A 590 -31.15 25.00 -39.50
N ASP A 591 -32.07 25.07 -38.52
CA ASP A 591 -33.29 25.87 -38.64
C ASP A 591 -33.03 27.40 -38.72
N PHE A 592 -31.74 27.86 -38.53
CA PHE A 592 -31.45 29.24 -38.62
C PHE A 592 -30.52 29.49 -39.78
N GLY A 593 -30.40 28.54 -40.73
CA GLY A 593 -29.46 28.73 -41.84
C GLY A 593 -28.02 28.29 -41.50
N ASP A 594 -27.88 27.87 -40.21
CA ASP A 594 -26.60 27.50 -39.68
C ASP A 594 -26.08 26.21 -40.34
N THR A 595 -24.86 26.16 -40.88
CA THR A 595 -24.43 24.94 -41.47
C THR A 595 -22.93 25.06 -41.52
N PRO A 596 -22.20 24.01 -41.29
CA PRO A 596 -22.74 22.69 -40.99
C PRO A 596 -23.49 22.73 -39.70
N ASN A 597 -24.37 21.75 -39.51
CA ASN A 597 -25.06 21.68 -38.24
C ASN A 597 -25.32 20.21 -37.88
N ASP A 598 -25.76 19.96 -36.64
CA ASP A 598 -26.07 18.62 -36.24
C ASP A 598 -27.55 18.35 -35.94
N ARG A 599 -28.39 19.02 -36.73
CA ARG A 599 -29.83 18.78 -36.68
C ARG A 599 -30.46 18.53 -35.30
N GLN A 600 -31.20 17.43 -35.08
CA GLN A 600 -31.88 17.32 -33.83
C GLN A 600 -30.99 16.81 -32.70
N PHE A 601 -29.69 16.65 -32.89
CA PHE A 601 -28.89 16.15 -31.77
C PHE A 601 -28.85 17.11 -30.60
N CYS A 602 -29.37 18.34 -30.76
CA CYS A 602 -29.38 19.26 -29.62
C CYS A 602 -30.56 18.96 -28.66
N MET A 603 -31.46 18.01 -29.01
CA MET A 603 -32.62 17.74 -28.16
C MET A 603 -32.46 16.34 -27.55
N ASN A 604 -31.94 16.31 -26.31
CA ASN A 604 -31.70 15.00 -25.66
C ASN A 604 -32.32 15.00 -24.26
N GLY A 605 -33.32 15.88 -24.03
CA GLY A 605 -33.81 16.05 -22.67
C GLY A 605 -34.95 15.16 -22.19
N LEU A 606 -34.99 14.98 -20.85
CA LEU A 606 -36.11 14.34 -20.19
C LEU A 606 -37.32 15.26 -20.29
N VAL A 607 -37.11 16.57 -20.44
CA VAL A 607 -38.21 17.49 -20.55
C VAL A 607 -37.99 18.29 -21.81
N PHE A 608 -39.11 18.76 -22.39
CA PHE A 608 -39.08 19.65 -23.60
C PHE A 608 -38.49 21.02 -23.14
N ALA A 609 -38.08 21.90 -24.07
CA ALA A 609 -37.51 23.21 -23.70
C ALA A 609 -38.46 24.05 -22.79
N ASP A 610 -39.80 23.89 -22.87
CA ASP A 610 -40.64 24.65 -21.97
C ASP A 610 -40.94 23.94 -20.68
N ARG A 611 -40.19 22.88 -20.41
CA ARG A 611 -40.31 22.14 -19.18
C ARG A 611 -41.42 21.14 -19.08
N THR A 612 -42.13 20.96 -20.21
CA THR A 612 -43.18 19.92 -20.25
C THR A 612 -42.40 18.58 -20.26
N PRO A 613 -42.85 17.58 -19.47
CA PRO A 613 -42.12 16.30 -19.51
C PRO A 613 -42.29 15.49 -20.76
N HIS A 614 -41.21 14.79 -21.09
CA HIS A 614 -41.27 13.74 -22.09
C HIS A 614 -41.72 12.50 -21.26
N PRO A 615 -42.22 11.47 -21.92
CA PRO A 615 -42.66 10.29 -21.18
C PRO A 615 -41.55 9.62 -20.41
N ALA A 616 -40.35 9.74 -20.95
CA ALA A 616 -39.21 9.12 -20.25
C ALA A 616 -39.00 9.59 -18.79
N LEU A 617 -39.45 10.82 -18.50
CA LEU A 617 -39.21 11.32 -17.15
C LEU A 617 -39.85 10.42 -16.11
N THR A 618 -41.09 9.90 -16.40
CA THR A 618 -41.74 9.04 -15.36
C THR A 618 -40.95 7.73 -15.20
N GLU A 619 -40.29 7.26 -16.27
CA GLU A 619 -39.48 6.06 -16.12
C GLU A 619 -38.31 6.36 -15.18
N ALA A 620 -37.72 7.54 -15.36
CA ALA A 620 -36.59 7.86 -14.45
C ALA A 620 -37.10 8.00 -13.01
N LYS A 621 -38.25 8.71 -12.80
CA LYS A 621 -38.83 8.87 -11.46
C LYS A 621 -38.97 7.54 -10.76
N HIS A 622 -39.57 6.57 -11.46
CA HIS A 622 -39.83 5.30 -10.85
C HIS A 622 -38.55 4.49 -10.53
N GLN A 623 -37.59 4.48 -11.48
CA GLN A 623 -36.39 3.68 -11.24
C GLN A 623 -35.54 4.31 -10.13
N GLN A 624 -35.67 5.61 -9.98
CA GLN A 624 -34.88 6.39 -8.98
C GLN A 624 -35.65 6.51 -7.66
N GLN A 625 -36.72 5.75 -7.45
CA GLN A 625 -37.47 5.81 -6.17
C GLN A 625 -36.53 5.54 -4.99
N PHE A 626 -36.90 6.06 -3.80
CA PHE A 626 -36.10 5.88 -2.59
C PHE A 626 -36.68 4.81 -1.69
N PHE A 627 -37.76 4.16 -2.12
CA PHE A 627 -38.35 3.05 -1.34
C PHE A 627 -38.44 1.87 -2.25
N GLN A 628 -37.99 0.69 -1.78
CA GLN A 628 -38.05 -0.51 -2.58
C GLN A 628 -39.02 -1.46 -1.93
N PHE A 629 -39.65 -2.32 -2.73
CA PHE A 629 -40.67 -3.17 -2.11
C PHE A 629 -40.58 -4.63 -2.50
N ARG A 630 -40.96 -5.50 -1.61
CA ARG A 630 -41.03 -6.92 -1.92
C ARG A 630 -42.37 -7.43 -1.40
N LEU A 631 -43.01 -8.47 -2.02
CA LEU A 631 -44.31 -8.92 -1.51
C LEU A 631 -44.18 -10.42 -1.17
N SER A 632 -44.75 -10.78 -0.02
CA SER A 632 -44.77 -12.18 0.45
C SER A 632 -46.08 -12.51 1.11
N GLY A 633 -46.95 -13.18 0.33
CA GLY A 633 -48.22 -13.45 0.94
C GLY A 633 -49.00 -12.20 1.15
N GLN A 634 -49.44 -11.99 2.40
CA GLN A 634 -50.18 -10.76 2.66
C GLN A 634 -49.22 -9.66 3.07
N THR A 635 -47.93 -9.96 3.14
CA THR A 635 -46.95 -8.99 3.59
C THR A 635 -46.12 -8.26 2.56
N ILE A 636 -46.15 -6.93 2.74
CA ILE A 636 -45.36 -6.00 1.95
C ILE A 636 -44.17 -5.55 2.83
N GLU A 637 -42.97 -5.69 2.24
CA GLU A 637 -41.76 -5.27 2.91
C GLU A 637 -41.32 -3.99 2.18
N VAL A 638 -41.23 -2.87 2.94
CA VAL A 638 -40.73 -1.62 2.38
C VAL A 638 -39.30 -1.39 2.83
N THR A 639 -38.38 -1.14 1.95
CA THR A 639 -37.01 -0.85 2.37
C THR A 639 -36.69 0.61 2.01
N SER A 640 -36.08 1.35 2.94
CA SER A 640 -35.76 2.74 2.61
C SER A 640 -34.35 2.87 2.09
N GLU A 641 -34.18 3.64 1.03
CA GLU A 641 -32.85 3.87 0.50
C GLU A 641 -32.39 5.28 0.92
N TYR A 642 -33.09 5.96 1.82
CA TYR A 642 -32.55 7.22 2.32
C TYR A 642 -31.40 6.81 3.26
N LEU A 643 -30.36 7.64 3.33
CA LEU A 643 -29.21 7.37 4.18
C LEU A 643 -29.32 8.09 5.48
N PHE A 644 -30.06 9.21 5.50
CA PHE A 644 -30.08 10.04 6.69
C PHE A 644 -31.42 10.29 7.28
N ARG A 645 -32.53 10.27 6.58
CA ARG A 645 -33.77 10.60 7.28
C ARG A 645 -34.65 9.43 7.45
N HIS A 646 -35.52 9.55 8.43
CA HIS A 646 -36.54 8.58 8.63
C HIS A 646 -37.73 9.00 7.71
N SER A 647 -38.70 8.13 7.45
CA SER A 647 -39.81 8.44 6.53
C SER A 647 -40.90 9.21 7.24
N ASP A 648 -40.53 10.41 7.63
CA ASP A 648 -41.43 11.21 8.44
C ASP A 648 -42.39 12.07 7.69
N ASN A 649 -42.57 11.83 6.39
CA ASN A 649 -43.55 12.58 5.63
C ASN A 649 -44.04 11.62 4.55
N GLU A 650 -44.47 10.49 5.02
CA GLU A 650 -44.85 9.49 4.10
C GLU A 650 -45.81 8.52 4.66
N LEU A 651 -46.76 8.13 3.81
CA LEU A 651 -47.66 7.04 4.14
C LEU A 651 -47.84 6.13 2.90
N LEU A 652 -48.21 4.89 3.15
CA LEU A 652 -48.42 3.99 2.05
C LEU A 652 -49.90 3.80 1.72
N HIS A 653 -50.27 3.98 0.46
CA HIS A 653 -51.65 3.73 0.05
C HIS A 653 -51.57 2.45 -0.74
N TRP A 654 -52.57 1.59 -0.61
CA TRP A 654 -52.61 0.30 -1.33
C TRP A 654 -54.04 0.09 -1.89
N MET A 655 -54.13 -0.59 -3.03
CA MET A 655 -55.36 -0.86 -3.72
C MET A 655 -55.27 -2.18 -4.42
N VAL A 656 -56.34 -2.96 -4.29
CA VAL A 656 -56.42 -4.22 -5.00
C VAL A 656 -57.54 -4.08 -5.99
N ALA A 657 -57.30 -4.42 -7.26
CA ALA A 657 -58.36 -4.21 -8.26
C ALA A 657 -58.46 -5.44 -9.17
N LEU A 658 -59.67 -5.68 -9.72
CA LEU A 658 -59.82 -6.83 -10.62
C LEU A 658 -60.06 -6.24 -11.96
N ASP A 659 -59.08 -6.45 -12.82
CA ASP A 659 -59.22 -5.81 -14.12
C ASP A 659 -59.61 -4.38 -14.04
N GLY A 660 -59.01 -3.55 -13.18
CA GLY A 660 -59.45 -2.17 -13.26
C GLY A 660 -60.50 -1.75 -12.24
N LYS A 661 -61.28 -2.69 -11.71
CA LYS A 661 -62.35 -2.38 -10.74
C LYS A 661 -61.82 -2.60 -9.33
N PRO A 662 -61.79 -1.49 -8.58
CA PRO A 662 -61.28 -1.53 -7.22
C PRO A 662 -62.07 -2.44 -6.34
N LEU A 663 -61.39 -3.23 -5.59
CA LEU A 663 -62.09 -4.10 -4.71
C LEU A 663 -61.86 -3.78 -3.27
N ALA A 664 -60.64 -3.37 -2.93
CA ALA A 664 -60.27 -3.04 -1.54
C ALA A 664 -59.08 -2.09 -1.50
N SER A 665 -58.98 -1.23 -0.50
CA SER A 665 -57.84 -0.34 -0.51
C SER A 665 -57.68 0.20 0.85
N GLY A 666 -56.52 0.73 1.14
CA GLY A 666 -56.29 1.28 2.46
C GLY A 666 -55.02 2.13 2.46
N GLU A 667 -54.65 2.60 3.65
CA GLU A 667 -53.47 3.40 3.87
C GLU A 667 -52.85 2.93 5.16
N VAL A 668 -51.54 3.01 5.27
CA VAL A 668 -50.75 2.59 6.43
C VAL A 668 -49.61 3.58 6.57
N PRO A 669 -49.37 4.00 7.78
CA PRO A 669 -48.31 4.96 8.00
C PRO A 669 -46.99 4.27 7.75
N LEU A 670 -46.02 5.03 7.19
CA LEU A 670 -44.74 4.47 6.98
C LEU A 670 -43.80 5.02 8.03
N ASP A 671 -43.06 4.13 8.68
CA ASP A 671 -42.10 4.54 9.69
C ASP A 671 -40.83 3.71 9.48
N VAL A 672 -40.01 4.06 8.51
CA VAL A 672 -38.86 3.21 8.22
C VAL A 672 -37.64 4.07 8.44
N ALA A 673 -36.68 3.55 9.15
CA ALA A 673 -35.45 4.30 9.38
C ALA A 673 -34.59 4.25 8.11
N PRO A 674 -33.60 5.15 7.98
CA PRO A 674 -32.76 5.19 6.75
C PRO A 674 -32.11 3.81 6.63
N GLN A 675 -32.14 3.28 5.41
CA GLN A 675 -31.65 1.94 5.09
C GLN A 675 -32.37 0.85 5.86
N GLY A 676 -33.47 1.13 6.55
CA GLY A 676 -34.20 0.15 7.37
C GLY A 676 -35.34 -0.44 6.52
N LYS A 677 -36.09 -1.32 7.15
CA LYS A 677 -37.24 -2.02 6.53
C LYS A 677 -38.46 -1.93 7.48
N GLN A 678 -39.65 -2.06 6.93
CA GLN A 678 -40.93 -2.12 7.64
C GLN A 678 -41.78 -3.16 6.96
N LEU A 679 -42.37 -4.03 7.79
CA LEU A 679 -43.22 -5.07 7.19
C LEU A 679 -44.66 -4.67 7.34
N ILE A 680 -45.46 -4.78 6.29
CA ILE A 680 -46.82 -4.36 6.43
C ILE A 680 -47.69 -5.51 6.01
N GLU A 681 -48.60 -5.94 6.86
CA GLU A 681 -49.44 -7.07 6.49
C GLU A 681 -50.80 -6.53 6.10
N LEU A 682 -51.19 -6.86 4.89
CA LEU A 682 -52.46 -6.38 4.39
C LEU A 682 -53.56 -7.24 4.95
N PRO A 683 -54.73 -6.64 5.07
CA PRO A 683 -55.95 -7.29 5.56
C PRO A 683 -56.36 -8.57 4.84
N GLU A 684 -57.40 -9.25 5.43
CA GLU A 684 -58.00 -10.45 4.85
C GLU A 684 -58.71 -9.85 3.66
N LEU A 685 -58.59 -10.50 2.50
CA LEU A 685 -59.28 -9.87 1.40
C LEU A 685 -60.52 -10.60 0.94
N PRO A 686 -61.42 -9.85 0.28
CA PRO A 686 -62.63 -10.41 -0.26
C PRO A 686 -62.24 -11.21 -1.53
N GLN A 687 -62.50 -12.53 -1.47
CA GLN A 687 -62.24 -13.39 -2.64
C GLN A 687 -63.22 -13.02 -3.73
N PRO A 688 -62.66 -12.60 -4.89
CA PRO A 688 -63.34 -12.02 -6.06
C PRO A 688 -64.59 -12.73 -6.61
N GLU A 689 -65.53 -11.93 -7.14
CA GLU A 689 -66.80 -12.39 -7.73
C GLU A 689 -66.63 -13.17 -9.03
N SER A 690 -66.18 -12.39 -10.00
CA SER A 690 -65.89 -12.73 -11.38
C SER A 690 -64.46 -13.20 -11.69
N ALA A 691 -64.28 -13.69 -12.89
CA ALA A 691 -62.97 -14.09 -13.38
C ALA A 691 -62.07 -12.85 -13.64
N GLY A 692 -60.74 -13.08 -13.75
CA GLY A 692 -59.78 -12.03 -14.10
C GLY A 692 -58.55 -12.11 -13.21
N GLN A 693 -57.70 -11.15 -13.52
CA GLN A 693 -56.49 -11.02 -12.73
C GLN A 693 -56.61 -9.91 -11.65
N LEU A 694 -56.31 -10.27 -10.32
CA LEU A 694 -56.28 -9.25 -9.26
C LEU A 694 -54.92 -8.58 -9.28
N TRP A 695 -54.87 -7.28 -9.16
CA TRP A 695 -53.56 -6.61 -9.12
C TRP A 695 -53.52 -5.74 -7.86
N LEU A 696 -52.35 -5.78 -7.25
CA LEU A 696 -52.11 -4.91 -6.08
C LEU A 696 -51.22 -3.73 -6.47
N THR A 697 -51.63 -2.52 -6.15
CA THR A 697 -50.80 -1.39 -6.44
C THR A 697 -50.59 -0.67 -5.12
N VAL A 698 -49.33 -0.26 -4.89
CA VAL A 698 -49.02 0.53 -3.70
C VAL A 698 -48.35 1.83 -4.15
N ARG A 699 -48.50 2.92 -3.39
CA ARG A 699 -47.87 4.20 -3.72
C ARG A 699 -47.45 4.81 -2.39
N VAL A 700 -46.31 5.54 -2.40
CA VAL A 700 -45.90 6.27 -1.20
C VAL A 700 -46.35 7.69 -1.48
N VAL A 701 -47.12 8.27 -0.55
CA VAL A 701 -47.69 9.63 -0.69
C VAL A 701 -47.13 10.51 0.44
N GLN A 702 -46.72 11.75 0.15
CA GLN A 702 -46.25 12.67 1.21
C GLN A 702 -47.42 13.57 1.55
N PRO A 703 -47.92 13.37 2.75
CA PRO A 703 -49.10 14.12 3.15
C PRO A 703 -48.91 15.61 3.26
N ASN A 704 -47.73 16.02 3.70
CA ASN A 704 -47.42 17.43 3.96
C ASN A 704 -46.63 18.04 2.82
N ALA A 705 -46.90 19.32 2.51
CA ALA A 705 -46.14 19.99 1.48
C ALA A 705 -44.72 20.22 1.98
N THR A 706 -43.77 20.42 1.06
CA THR A 706 -42.35 20.64 1.37
C THR A 706 -41.91 21.84 0.63
N ALA A 707 -40.63 22.15 0.68
CA ALA A 707 -40.32 23.30 -0.10
C ALA A 707 -40.32 22.91 -1.52
N TRP A 708 -40.28 21.61 -1.79
CA TRP A 708 -40.16 21.31 -3.21
C TRP A 708 -41.32 20.46 -3.78
N SER A 709 -42.37 20.20 -2.96
CA SER A 709 -43.46 19.37 -3.48
C SER A 709 -44.73 19.74 -2.75
N GLU A 710 -45.84 19.40 -3.40
CA GLU A 710 -47.16 19.72 -2.83
C GLU A 710 -47.69 18.64 -1.92
N ALA A 711 -48.64 19.00 -1.04
CA ALA A 711 -49.19 17.94 -0.25
C ALA A 711 -49.80 16.86 -1.20
N GLY A 712 -49.66 15.58 -0.83
CA GLY A 712 -50.17 14.48 -1.62
C GLY A 712 -49.21 14.01 -2.72
N HIS A 713 -48.05 14.62 -2.89
CA HIS A 713 -47.10 14.20 -3.90
C HIS A 713 -46.81 12.71 -3.79
N ILE A 714 -46.82 11.99 -4.90
CA ILE A 714 -46.52 10.57 -4.90
C ILE A 714 -45.01 10.44 -5.25
N SER A 715 -44.32 9.69 -4.38
CA SER A 715 -42.88 9.58 -4.56
C SER A 715 -42.42 8.22 -5.05
N ALA A 716 -43.29 7.21 -4.92
CA ALA A 716 -42.81 5.91 -5.31
C ALA A 716 -44.05 5.04 -5.51
N TRP A 717 -43.93 3.97 -6.31
CA TRP A 717 -45.05 3.05 -6.45
C TRP A 717 -44.54 1.73 -6.93
N GLN A 718 -45.39 0.73 -6.84
CA GLN A 718 -45.00 -0.58 -7.39
C GLN A 718 -46.31 -1.39 -7.51
N GLN A 719 -46.35 -2.39 -8.40
CA GLN A 719 -47.53 -3.22 -8.57
C GLN A 719 -47.10 -4.68 -8.64
N TRP A 720 -48.04 -5.52 -8.23
CA TRP A 720 -47.84 -6.97 -8.37
C TRP A 720 -49.15 -7.62 -8.80
N ARG A 721 -49.02 -8.72 -9.57
CA ARG A 721 -50.18 -9.57 -9.89
C ARG A 721 -50.47 -10.40 -8.60
N LEU A 722 -51.70 -10.44 -8.12
CA LEU A 722 -52.09 -11.31 -6.96
C LEU A 722 -52.79 -12.53 -7.57
N ALA A 723 -53.87 -13.04 -6.98
CA ALA A 723 -54.44 -14.20 -7.64
C ALA A 723 -55.08 -13.97 -9.01
N GLU A 724 -55.12 -15.00 -9.86
CA GLU A 724 -55.77 -14.86 -11.13
C GLU A 724 -56.76 -16.05 -11.23
N ASN A 725 -58.01 -15.72 -11.66
CA ASN A 725 -58.99 -16.78 -11.85
C ASN A 725 -59.33 -16.77 -13.31
N LEU A 726 -58.76 -17.72 -14.05
CA LEU A 726 -58.98 -17.71 -15.48
C LEU A 726 -60.48 -17.99 -15.84
N SER A 727 -61.00 -17.34 -16.85
CA SER A 727 -62.39 -17.59 -17.20
C SER A 727 -62.56 -18.90 -17.95
N VAL A 728 -63.51 -19.70 -17.46
CA VAL A 728 -63.81 -21.00 -18.10
C VAL A 728 -65.28 -21.02 -18.56
N THR A 729 -65.88 -19.87 -18.45
CA THR A 729 -67.28 -19.65 -18.71
C THR A 729 -67.48 -19.36 -20.14
N LEU A 730 -68.30 -20.25 -20.68
CA LEU A 730 -68.70 -20.23 -22.05
C LEU A 730 -69.64 -19.06 -22.43
N PRO A 731 -69.40 -18.48 -23.61
CA PRO A 731 -70.27 -17.41 -24.07
C PRO A 731 -71.59 -18.10 -24.47
N ALA A 732 -72.73 -17.44 -24.25
CA ALA A 732 -74.07 -17.97 -24.57
C ALA A 732 -74.29 -18.41 -26.03
N ALA A 733 -75.25 -19.30 -26.30
CA ALA A 733 -75.40 -19.63 -27.71
C ALA A 733 -76.13 -18.49 -28.42
N SER A 734 -75.71 -18.18 -29.66
CA SER A 734 -76.32 -17.12 -30.46
C SER A 734 -77.53 -17.58 -31.28
N HIS A 735 -78.43 -16.63 -31.36
CA HIS A 735 -79.66 -16.78 -32.08
C HIS A 735 -79.43 -16.35 -33.52
N ALA A 736 -78.26 -16.74 -34.05
CA ALA A 736 -77.97 -16.31 -35.40
C ALA A 736 -76.71 -16.84 -36.06
N ILE A 737 -76.74 -16.84 -37.39
CA ILE A 737 -75.58 -17.33 -38.10
C ILE A 737 -75.23 -16.33 -39.16
N PRO A 738 -73.99 -15.93 -39.31
CA PRO A 738 -73.66 -14.92 -40.36
C PRO A 738 -73.80 -15.53 -41.77
N HIS A 739 -74.16 -14.73 -42.77
CA HIS A 739 -74.29 -15.28 -44.12
C HIS A 739 -73.16 -14.79 -45.01
N LEU A 740 -72.70 -15.67 -45.89
CA LEU A 740 -71.62 -15.36 -46.82
C LEU A 740 -72.15 -15.18 -48.21
N THR A 741 -71.64 -14.22 -48.93
CA THR A 741 -72.00 -13.99 -50.31
C THR A 741 -70.67 -13.81 -51.03
N THR A 742 -70.48 -14.48 -52.14
CA THR A 742 -69.22 -14.47 -52.86
C THR A 742 -69.35 -13.95 -54.26
N SER A 743 -68.26 -13.40 -54.73
CA SER A 743 -68.09 -12.92 -56.12
C SER A 743 -66.61 -13.16 -56.44
N GLU A 744 -66.22 -13.02 -57.69
CA GLU A 744 -64.81 -13.27 -57.99
C GLU A 744 -63.90 -12.37 -57.19
N MET A 745 -64.38 -11.15 -56.90
CA MET A 745 -63.50 -10.12 -56.24
C MET A 745 -63.64 -10.03 -54.74
N ASP A 746 -64.73 -10.58 -54.18
CA ASP A 746 -64.89 -10.41 -52.74
C ASP A 746 -65.59 -11.50 -52.05
N PHE A 747 -65.41 -11.50 -50.75
CA PHE A 747 -66.17 -12.36 -49.83
C PHE A 747 -66.83 -11.38 -48.90
N CYS A 748 -68.19 -11.37 -48.85
CA CYS A 748 -68.98 -10.48 -48.01
C CYS A 748 -69.75 -11.31 -46.96
N ILE A 749 -69.67 -10.89 -45.70
CA ILE A 749 -70.33 -11.55 -44.59
C ILE A 749 -71.27 -10.57 -43.95
N GLU A 750 -72.50 -11.07 -43.71
CA GLU A 750 -73.51 -10.22 -43.06
C GLU A 750 -74.10 -10.84 -41.84
N LEU A 751 -74.28 -10.03 -40.82
CA LEU A 751 -74.92 -10.58 -39.64
C LEU A 751 -75.70 -9.45 -39.02
N GLY A 752 -77.00 -9.43 -39.27
CA GLY A 752 -77.75 -8.32 -38.73
C GLY A 752 -77.33 -7.00 -39.35
N ASN A 753 -77.07 -6.06 -38.46
CA ASN A 753 -76.71 -4.70 -38.89
C ASN A 753 -75.26 -4.64 -39.29
N LYS A 754 -74.60 -5.75 -39.11
CA LYS A 754 -73.20 -5.76 -39.43
C LYS A 754 -72.81 -6.46 -40.72
N ARG A 755 -71.80 -5.88 -41.39
CA ARG A 755 -71.23 -6.46 -42.64
C ARG A 755 -69.69 -6.34 -42.70
N TRP A 756 -69.06 -7.32 -43.31
CA TRP A 756 -67.58 -7.32 -43.46
C TRP A 756 -67.27 -7.65 -44.91
N GLN A 757 -66.34 -6.96 -45.55
CA GLN A 757 -65.99 -7.23 -46.93
C GLN A 757 -64.52 -7.54 -47.03
N PHE A 758 -64.23 -8.72 -47.57
CA PHE A 758 -62.85 -9.18 -47.79
C PHE A 758 -62.52 -9.17 -49.27
N ASN A 759 -61.51 -8.36 -49.64
CA ASN A 759 -61.11 -8.31 -51.04
C ASN A 759 -60.28 -9.54 -51.46
N ARG A 760 -60.78 -10.31 -52.48
CA ARG A 760 -60.08 -11.48 -52.89
C ARG A 760 -58.84 -11.26 -53.75
N GLN A 761 -58.67 -10.05 -54.28
CA GLN A 761 -57.45 -9.81 -55.00
C GLN A 761 -56.34 -9.39 -53.98
N SER A 762 -56.68 -8.62 -52.95
CA SER A 762 -55.64 -8.23 -52.02
C SER A 762 -55.52 -9.19 -50.86
N GLY A 763 -56.62 -9.87 -50.49
CA GLY A 763 -56.61 -10.80 -49.36
C GLY A 763 -56.75 -10.09 -47.98
N PHE A 764 -57.20 -8.83 -48.01
CA PHE A 764 -57.44 -8.09 -46.77
C PHE A 764 -58.90 -7.69 -46.56
N LEU A 765 -59.26 -7.42 -45.29
CA LEU A 765 -60.54 -6.85 -44.88
C LEU A 765 -60.46 -5.42 -45.41
N SER A 766 -61.28 -5.16 -46.43
CA SER A 766 -61.28 -3.85 -47.03
C SER A 766 -62.36 -2.95 -46.45
N GLN A 767 -63.47 -3.46 -45.84
CA GLN A 767 -64.45 -2.52 -45.30
C GLN A 767 -65.31 -3.25 -44.29
N MET A 768 -65.91 -2.46 -43.35
CA MET A 768 -66.83 -3.02 -42.36
C MET A 768 -67.91 -1.99 -42.25
N TRP A 769 -69.16 -2.42 -42.05
CA TRP A 769 -70.24 -1.45 -41.90
C TRP A 769 -70.91 -1.72 -40.59
N ILE A 770 -71.28 -0.69 -39.87
CA ILE A 770 -72.02 -0.92 -38.67
C ILE A 770 -73.26 -0.15 -38.94
N GLY A 771 -74.29 -0.96 -38.85
CA GLY A 771 -75.53 -0.41 -39.19
C GLY A 771 -75.22 -0.21 -40.66
N ASP A 772 -75.33 0.99 -41.15
CA ASP A 772 -75.00 1.09 -42.54
C ASP A 772 -73.84 2.10 -42.74
N LYS A 773 -73.06 2.35 -41.66
CA LYS A 773 -71.94 3.31 -41.72
C LYS A 773 -70.59 2.57 -41.94
N LYS A 774 -69.83 2.96 -42.98
CA LYS A 774 -68.49 2.42 -43.30
C LYS A 774 -67.58 2.75 -42.11
N GLN A 775 -66.79 1.79 -41.71
CA GLN A 775 -65.89 1.99 -40.59
C GLN A 775 -64.42 2.17 -40.97
N LEU A 776 -63.99 1.85 -42.20
CA LEU A 776 -62.59 1.92 -42.55
C LEU A 776 -62.31 2.85 -43.70
N LEU A 777 -61.19 3.57 -43.61
CA LEU A 777 -60.73 4.47 -44.70
C LEU A 777 -59.62 3.77 -45.42
N THR A 778 -58.87 2.90 -44.75
CA THR A 778 -57.88 2.12 -45.46
C THR A 778 -58.07 0.68 -44.92
N PRO A 779 -57.80 -0.37 -45.72
CA PRO A 779 -57.97 -1.75 -45.27
C PRO A 779 -57.07 -2.15 -44.12
N LEU A 780 -57.43 -3.23 -43.46
CA LEU A 780 -56.63 -3.72 -42.36
C LEU A 780 -55.50 -4.58 -42.91
N ARG A 781 -54.23 -4.16 -42.72
CA ARG A 781 -53.14 -4.89 -43.31
C ARG A 781 -51.98 -5.07 -42.33
N ASP A 782 -51.19 -6.11 -42.59
CA ASP A 782 -50.03 -6.31 -41.70
C ASP A 782 -49.08 -5.12 -41.84
N GLN A 783 -48.34 -4.86 -40.74
CA GLN A 783 -47.33 -3.79 -40.68
C GLN A 783 -46.10 -4.35 -39.94
N PHE A 784 -44.90 -4.23 -40.57
CA PHE A 784 -43.62 -4.74 -40.03
C PHE A 784 -42.63 -3.63 -39.78
N THR A 785 -43.03 -2.36 -40.02
CA THR A 785 -42.10 -1.23 -39.84
C THR A 785 -42.66 -0.17 -38.96
N ARG A 786 -41.78 0.73 -38.55
CA ARG A 786 -42.17 1.91 -37.79
C ARG A 786 -41.51 3.15 -38.32
N ALA A 787 -42.15 4.30 -38.13
CA ALA A 787 -41.54 5.59 -38.50
C ALA A 787 -40.36 5.66 -37.53
N PRO A 788 -39.15 5.68 -38.03
CA PRO A 788 -37.94 5.50 -37.23
C PRO A 788 -37.71 6.52 -36.18
N LEU A 789 -37.36 5.95 -35.04
CA LEU A 789 -37.06 6.78 -33.85
C LEU A 789 -35.68 7.44 -34.02
N ASP A 790 -35.37 8.46 -33.22
CA ASP A 790 -34.00 9.01 -33.29
C ASP A 790 -32.96 7.87 -33.08
N ASN A 791 -33.24 6.91 -32.17
CA ASN A 791 -32.27 5.85 -31.92
C ASN A 791 -32.20 4.86 -33.11
N ASP A 792 -33.28 4.81 -33.92
CA ASP A 792 -33.19 3.90 -35.05
C ASP A 792 -32.30 4.53 -36.16
N ILE A 793 -32.32 5.87 -36.19
CA ILE A 793 -31.56 6.59 -37.25
C ILE A 793 -30.05 6.81 -36.88
N GLY A 794 -29.87 7.12 -35.57
CA GLY A 794 -28.55 7.41 -35.06
C GLY A 794 -28.02 8.58 -35.84
N VAL A 795 -26.74 8.47 -36.29
CA VAL A 795 -26.11 9.56 -37.01
C VAL A 795 -26.27 9.46 -38.52
N SER A 796 -27.06 8.48 -38.94
CA SER A 796 -27.23 8.26 -40.41
C SER A 796 -27.89 9.49 -41.02
N GLU A 797 -27.38 9.76 -42.26
CA GLU A 797 -27.80 10.87 -43.08
C GLU A 797 -27.86 10.45 -44.52
N ALA A 798 -28.73 11.12 -45.20
CA ALA A 798 -28.88 10.82 -46.61
C ALA A 798 -27.55 10.97 -47.32
N THR A 799 -26.87 12.05 -46.96
CA THR A 799 -25.55 12.49 -47.40
C THR A 799 -24.46 11.57 -46.85
N ARG A 800 -24.77 10.73 -45.87
CA ARG A 800 -23.71 9.91 -45.28
C ARG A 800 -24.36 8.82 -44.47
N ILE A 801 -24.67 7.83 -45.25
CA ILE A 801 -25.38 6.74 -44.62
C ILE A 801 -24.58 5.98 -43.59
N ASP A 802 -25.17 5.60 -42.47
CA ASP A 802 -24.46 4.73 -41.56
C ASP A 802 -25.10 3.37 -41.70
N PRO A 803 -24.46 2.46 -42.39
CA PRO A 803 -25.09 1.17 -42.66
C PRO A 803 -25.41 0.30 -41.48
N ASN A 804 -24.88 0.63 -40.34
CA ASN A 804 -25.16 -0.21 -39.20
C ASN A 804 -26.38 0.23 -38.43
N ALA A 805 -26.88 1.44 -38.71
CA ALA A 805 -28.07 1.91 -37.99
C ALA A 805 -29.31 1.05 -38.33
N TRP A 806 -30.22 0.84 -37.35
CA TRP A 806 -31.38 -0.01 -37.63
C TRP A 806 -32.14 0.46 -38.87
N VAL A 807 -32.38 1.79 -38.94
CA VAL A 807 -33.17 2.30 -40.07
C VAL A 807 -32.56 1.94 -41.40
N GLU A 808 -31.22 1.96 -41.49
CA GLU A 808 -30.59 1.67 -42.76
C GLU A 808 -30.61 0.17 -43.10
N ARG A 809 -30.53 -0.64 -42.04
CA ARG A 809 -30.62 -2.05 -42.19
C ARG A 809 -32.01 -2.41 -42.69
N TRP A 810 -33.05 -1.87 -42.10
CA TRP A 810 -34.41 -2.12 -42.62
C TRP A 810 -34.60 -1.62 -44.05
N LYS A 811 -34.13 -0.40 -44.29
CA LYS A 811 -34.27 0.17 -45.68
C LYS A 811 -33.57 -0.71 -46.66
N ALA A 812 -32.35 -1.09 -46.37
CA ALA A 812 -31.60 -1.91 -47.31
C ALA A 812 -32.21 -3.25 -47.58
N ALA A 813 -32.86 -3.78 -46.55
CA ALA A 813 -33.54 -5.08 -46.66
C ALA A 813 -34.90 -5.00 -47.44
N GLY A 814 -35.38 -3.79 -47.65
CA GLY A 814 -36.61 -3.56 -48.38
C GLY A 814 -37.79 -3.56 -47.50
N HIS A 815 -37.58 -3.49 -46.19
CA HIS A 815 -38.75 -3.54 -45.35
C HIS A 815 -39.76 -2.42 -45.60
N TYR A 816 -39.24 -1.26 -45.89
CA TYR A 816 -40.15 -0.20 -46.07
C TYR A 816 -40.74 -0.29 -47.48
N GLN A 817 -40.20 -1.06 -48.38
CA GLN A 817 -40.94 -1.02 -49.63
C GLN A 817 -41.51 -2.34 -50.09
N ALA A 818 -41.49 -3.32 -49.21
CA ALA A 818 -41.98 -4.65 -49.56
C ALA A 818 -43.47 -4.68 -49.83
N GLU A 819 -43.85 -5.40 -50.87
CA GLU A 819 -45.24 -5.54 -51.29
C GLU A 819 -45.79 -6.93 -50.95
N ALA A 820 -47.02 -6.85 -50.41
CA ALA A 820 -47.74 -8.06 -50.06
C ALA A 820 -48.10 -8.80 -51.33
N ALA A 821 -47.84 -10.07 -51.41
CA ALA A 821 -48.20 -10.95 -52.50
C ALA A 821 -49.17 -11.97 -51.88
N LEU A 822 -50.35 -12.19 -52.47
CA LEU A 822 -51.38 -13.10 -51.95
C LEU A 822 -51.10 -14.52 -52.28
N LEU A 823 -51.08 -15.38 -51.26
CA LEU A 823 -50.80 -16.71 -51.56
C LEU A 823 -52.06 -17.46 -51.41
N GLN A 824 -52.98 -16.97 -50.64
CA GLN A 824 -54.21 -17.79 -50.46
C GLN A 824 -55.31 -17.00 -49.82
N CYS A 825 -56.55 -17.20 -50.20
CA CYS A 825 -57.66 -16.47 -49.62
C CYS A 825 -58.87 -17.36 -49.83
N THR A 826 -59.35 -17.94 -48.74
CA THR A 826 -60.52 -18.79 -48.86
C THR A 826 -61.58 -18.43 -47.82
N ALA A 827 -62.78 -18.93 -48.09
CA ALA A 827 -63.90 -18.67 -47.20
C ALA A 827 -64.62 -19.99 -46.98
N ASP A 828 -65.04 -20.25 -45.74
CA ASP A 828 -65.80 -21.46 -45.42
C ASP A 828 -66.92 -21.14 -44.49
N THR A 829 -67.97 -21.92 -44.66
CA THR A 829 -69.12 -21.76 -43.78
C THR A 829 -69.09 -22.86 -42.74
N LEU A 830 -69.08 -22.41 -41.48
CA LEU A 830 -69.05 -23.28 -40.33
C LEU A 830 -70.45 -23.45 -39.75
N ALA A 831 -70.59 -24.21 -38.65
CA ALA A 831 -71.91 -24.36 -38.08
C ALA A 831 -72.52 -23.05 -37.64
N ASP A 832 -71.72 -22.24 -37.00
CA ASP A 832 -72.23 -20.97 -36.49
C ASP A 832 -71.36 -19.75 -36.83
N ALA A 833 -70.61 -19.82 -37.95
CA ALA A 833 -69.74 -18.68 -38.26
C ALA A 833 -69.24 -18.79 -39.69
N VAL A 834 -68.60 -17.70 -40.16
CA VAL A 834 -67.97 -17.80 -41.46
C VAL A 834 -66.46 -17.68 -41.16
N LEU A 835 -65.63 -18.48 -41.85
CA LEU A 835 -64.19 -18.41 -41.63
C LEU A 835 -63.44 -17.98 -42.87
N ILE A 836 -62.64 -16.94 -42.79
CA ILE A 836 -61.87 -16.52 -43.92
C ILE A 836 -60.45 -16.84 -43.62
N THR A 837 -59.73 -17.51 -44.54
CA THR A 837 -58.34 -17.89 -44.29
C THR A 837 -57.45 -17.21 -45.31
N THR A 838 -56.37 -16.52 -44.85
CA THR A 838 -55.48 -15.89 -45.85
C THR A 838 -54.00 -16.23 -45.55
N ALA A 839 -53.20 -16.05 -46.56
CA ALA A 839 -51.75 -16.18 -46.47
C ALA A 839 -51.13 -15.15 -47.41
N HIS A 840 -50.11 -14.39 -46.98
CA HIS A 840 -49.45 -13.44 -47.83
C HIS A 840 -47.95 -13.57 -47.63
N ALA A 841 -47.21 -13.26 -48.66
CA ALA A 841 -45.73 -13.19 -48.53
C ALA A 841 -45.28 -11.76 -48.86
N TRP A 842 -44.35 -11.17 -48.09
CA TRP A 842 -43.76 -9.82 -48.39
C TRP A 842 -42.41 -10.04 -48.94
N GLN A 843 -42.15 -9.52 -50.13
CA GLN A 843 -40.81 -9.80 -50.69
C GLN A 843 -40.04 -8.58 -51.24
N HIS A 844 -38.79 -8.84 -51.49
CA HIS A 844 -38.07 -7.70 -51.97
C HIS A 844 -36.93 -8.24 -52.79
N GLN A 845 -37.02 -7.81 -54.07
CA GLN A 845 -36.01 -8.19 -55.03
C GLN A 845 -35.76 -9.68 -55.05
N GLY A 846 -36.89 -10.41 -54.97
CA GLY A 846 -36.82 -11.87 -54.95
C GLY A 846 -36.76 -12.56 -53.57
N LYS A 847 -36.52 -11.79 -52.50
CA LYS A 847 -36.41 -12.33 -51.17
C LYS A 847 -37.71 -12.21 -50.41
N THR A 848 -38.05 -13.38 -49.83
CA THR A 848 -39.29 -13.37 -49.04
C THR A 848 -38.87 -12.93 -47.64
N LEU A 849 -39.38 -11.82 -47.21
CA LEU A 849 -38.95 -11.34 -45.88
C LEU A 849 -39.85 -11.88 -44.79
N PHE A 850 -41.20 -11.87 -45.00
CA PHE A 850 -42.16 -12.27 -43.96
C PHE A 850 -43.29 -13.03 -44.63
N ILE A 851 -43.87 -13.96 -43.91
CA ILE A 851 -45.05 -14.68 -44.38
C ILE A 851 -46.07 -14.47 -43.24
N SER A 852 -47.31 -14.03 -43.62
CA SER A 852 -48.42 -13.79 -42.66
C SER A 852 -49.58 -14.75 -43.00
N ARG A 853 -49.95 -15.62 -42.06
CA ARG A 853 -51.06 -16.55 -42.25
C ARG A 853 -52.10 -16.16 -41.23
N LYS A 854 -53.34 -15.98 -41.65
CA LYS A 854 -54.35 -15.63 -40.66
C LYS A 854 -55.66 -16.36 -40.87
N THR A 855 -56.50 -16.27 -39.82
CA THR A 855 -57.87 -16.71 -39.95
C THR A 855 -58.70 -15.62 -39.35
N TYR A 856 -59.89 -15.40 -39.95
CA TYR A 856 -60.85 -14.47 -39.44
C TYR A 856 -62.09 -15.27 -39.22
N ARG A 857 -62.52 -15.38 -38.01
CA ARG A 857 -63.75 -16.18 -37.68
C ARG A 857 -64.87 -15.26 -37.19
N ILE A 858 -65.93 -15.10 -38.01
CA ILE A 858 -66.98 -14.18 -37.60
C ILE A 858 -68.15 -15.02 -37.16
N ASP A 859 -68.53 -14.85 -35.90
CA ASP A 859 -69.61 -15.69 -35.38
C ASP A 859 -71.00 -15.05 -35.27
N GLY A 860 -71.95 -15.86 -34.82
CA GLY A 860 -73.28 -15.27 -34.72
C GLY A 860 -73.46 -14.19 -33.66
N SER A 861 -72.39 -13.93 -32.90
CA SER A 861 -72.51 -12.85 -31.92
C SER A 861 -71.93 -11.59 -32.49
N GLY A 862 -71.46 -11.65 -33.71
CA GLY A 862 -70.90 -10.42 -34.27
C GLY A 862 -69.45 -10.18 -33.90
N GLN A 863 -68.80 -11.14 -33.29
CA GLN A 863 -67.39 -10.89 -32.97
C GLN A 863 -66.57 -11.43 -34.07
N MET A 864 -65.46 -10.79 -34.37
CA MET A 864 -64.55 -11.31 -35.39
C MET A 864 -63.24 -11.65 -34.66
N ALA A 865 -62.90 -12.92 -34.66
CA ALA A 865 -61.66 -13.39 -34.01
C ALA A 865 -60.61 -13.51 -35.08
N ILE A 866 -59.53 -12.75 -34.94
CA ILE A 866 -58.47 -12.78 -35.92
C ILE A 866 -57.27 -13.48 -35.35
N THR A 867 -56.79 -14.55 -35.99
CA THR A 867 -55.56 -15.25 -35.54
C THR A 867 -54.45 -14.98 -36.53
N VAL A 868 -53.29 -14.49 -36.06
CA VAL A 868 -52.20 -14.19 -36.97
C VAL A 868 -50.94 -15.00 -36.60
N ASP A 869 -50.30 -15.65 -37.58
CA ASP A 869 -49.05 -16.39 -37.38
C ASP A 869 -48.08 -15.93 -38.44
N VAL A 870 -46.98 -15.32 -38.03
CA VAL A 870 -46.00 -14.74 -38.98
C VAL A 870 -44.67 -15.46 -38.89
N GLU A 871 -44.05 -15.60 -40.07
CA GLU A 871 -42.73 -16.14 -40.17
C GLU A 871 -41.84 -15.01 -40.70
N VAL A 872 -40.70 -14.81 -40.05
CA VAL A 872 -39.76 -13.81 -40.44
C VAL A 872 -38.42 -14.47 -40.85
N ALA A 873 -37.93 -14.21 -42.08
CA ALA A 873 -36.67 -14.81 -42.53
C ALA A 873 -35.53 -14.52 -41.49
N SER A 874 -34.79 -15.59 -41.12
CA SER A 874 -33.79 -15.44 -40.05
C SER A 874 -32.65 -14.53 -40.48
N ASP A 875 -32.47 -14.39 -41.79
CA ASP A 875 -31.43 -13.55 -42.32
C ASP A 875 -31.86 -12.13 -42.64
N THR A 876 -33.09 -11.71 -42.35
CA THR A 876 -33.39 -10.31 -42.60
C THR A 876 -33.23 -9.61 -41.27
N PRO A 877 -32.88 -8.34 -41.22
CA PRO A 877 -32.78 -7.68 -39.93
C PRO A 877 -34.08 -7.77 -39.16
N HIS A 878 -34.00 -7.97 -37.85
CA HIS A 878 -35.21 -8.11 -37.05
C HIS A 878 -36.10 -6.89 -37.26
N PRO A 879 -37.39 -7.12 -37.45
CA PRO A 879 -38.28 -6.02 -37.77
C PRO A 879 -38.70 -5.21 -36.60
N ALA A 880 -39.11 -3.98 -36.93
CA ALA A 880 -39.52 -3.01 -35.87
C ALA A 880 -40.77 -3.49 -35.11
N ARG A 881 -41.69 -4.14 -35.81
CA ARG A 881 -42.91 -4.56 -35.12
C ARG A 881 -43.55 -5.70 -35.94
N ILE A 882 -44.53 -6.40 -35.36
CA ILE A 882 -45.34 -7.44 -36.04
C ILE A 882 -46.76 -7.14 -35.63
N GLY A 883 -47.52 -6.53 -36.56
CA GLY A 883 -48.85 -6.09 -36.11
C GLY A 883 -49.73 -5.83 -37.35
N LEU A 884 -50.82 -5.17 -37.10
CA LEU A 884 -51.75 -4.83 -38.19
C LEU A 884 -52.02 -3.32 -38.03
N ASN A 885 -52.48 -2.76 -39.16
CA ASN A 885 -52.85 -1.39 -39.05
C ASN A 885 -54.00 -1.05 -39.97
N CYS A 886 -54.66 0.05 -39.65
CA CYS A 886 -55.77 0.48 -40.52
C CYS A 886 -56.10 1.95 -40.21
N GLN A 887 -56.77 2.66 -41.13
CA GLN A 887 -57.21 4.02 -40.85
C GLN A 887 -58.72 3.89 -40.58
N LEU A 888 -59.16 4.11 -39.39
CA LEU A 888 -60.58 4.05 -39.04
C LEU A 888 -61.28 5.29 -39.54
N ALA A 889 -62.57 5.17 -39.93
CA ALA A 889 -63.34 6.33 -40.37
C ALA A 889 -63.74 7.22 -39.22
N GLN A 890 -63.89 6.75 -38.03
CA GLN A 890 -64.29 7.55 -36.91
C GLN A 890 -63.16 8.34 -36.25
N VAL A 891 -63.53 9.49 -35.72
CA VAL A 891 -62.63 10.32 -34.94
C VAL A 891 -63.40 10.43 -33.62
N ALA A 892 -62.90 9.91 -32.50
CA ALA A 892 -63.63 9.94 -31.23
C ALA A 892 -62.81 10.73 -30.21
N GLU A 893 -63.51 11.24 -29.23
CA GLU A 893 -62.85 12.09 -28.30
C GLU A 893 -61.92 11.36 -27.30
N ARG A 894 -62.31 10.17 -26.94
CA ARG A 894 -61.55 9.51 -25.89
C ARG A 894 -61.06 8.16 -26.33
N VAL A 895 -60.05 7.66 -25.56
CA VAL A 895 -59.48 6.32 -25.74
C VAL A 895 -59.42 5.67 -24.36
N ASN A 896 -60.01 4.50 -24.24
CA ASN A 896 -60.11 3.79 -22.99
C ASN A 896 -59.52 2.41 -23.18
N TRP A 897 -58.57 2.03 -22.29
CA TRP A 897 -57.96 0.74 -22.42
C TRP A 897 -57.64 0.12 -21.05
N LEU A 898 -57.54 -1.21 -21.08
CA LEU A 898 -57.20 -1.97 -19.94
C LEU A 898 -55.82 -2.47 -20.29
N GLY A 899 -54.76 -1.88 -19.71
CA GLY A 899 -53.41 -2.29 -20.09
C GLY A 899 -52.41 -1.34 -19.35
N LEU A 900 -51.14 -1.33 -19.79
CA LEU A 900 -50.17 -0.46 -19.09
C LEU A 900 -50.36 1.03 -19.35
N GLY A 901 -50.26 1.90 -18.33
CA GLY A 901 -50.48 3.30 -18.65
C GLY A 901 -50.32 4.10 -17.39
N PRO A 902 -50.75 5.36 -17.43
CA PRO A 902 -51.44 5.98 -18.59
C PRO A 902 -50.53 6.55 -19.69
N GLN A 903 -49.23 6.83 -19.41
CA GLN A 903 -48.34 7.41 -20.41
C GLN A 903 -47.77 6.37 -21.37
N GLU A 904 -47.21 6.88 -22.50
CA GLU A 904 -46.55 6.14 -23.51
C GLU A 904 -45.56 5.17 -22.88
N ASN A 905 -45.54 3.92 -23.35
CA ASN A 905 -44.60 2.94 -22.79
C ASN A 905 -44.25 1.95 -23.82
N TYR A 906 -42.97 1.51 -23.87
CA TYR A 906 -42.43 0.59 -24.88
C TYR A 906 -41.83 -0.60 -24.17
N PRO A 907 -41.53 -1.71 -24.90
CA PRO A 907 -41.09 -2.89 -24.19
C PRO A 907 -39.92 -2.73 -23.19
N ASP A 908 -38.97 -1.91 -23.61
CA ASP A 908 -37.77 -1.71 -22.74
C ASP A 908 -37.92 -0.45 -21.92
N ARG A 909 -39.13 0.17 -21.97
CA ARG A 909 -39.35 1.37 -21.17
C ARG A 909 -40.80 1.31 -20.70
N LEU A 910 -41.09 0.31 -19.87
CA LEU A 910 -42.45 0.25 -19.37
C LEU A 910 -42.54 -0.01 -17.87
N THR A 911 -41.40 0.07 -17.13
CA THR A 911 -41.51 -0.28 -15.71
C THR A 911 -42.35 0.67 -14.96
N ALA A 912 -42.36 1.91 -15.40
CA ALA A 912 -43.12 2.90 -14.63
C ALA A 912 -44.63 2.78 -14.83
N ALA A 913 -44.98 2.16 -15.96
CA ALA A 913 -46.44 2.11 -16.31
C ALA A 913 -47.14 1.13 -15.38
N CYS A 914 -48.46 1.35 -15.09
CA CYS A 914 -49.17 0.41 -14.22
C CYS A 914 -50.35 -0.16 -15.03
N PHE A 915 -50.71 -1.39 -14.75
CA PHE A 915 -51.82 -2.03 -15.45
C PHE A 915 -53.09 -1.55 -14.77
N ASP A 916 -53.98 -0.96 -15.51
CA ASP A 916 -55.19 -0.51 -14.89
C ASP A 916 -56.14 -0.12 -16.04
N ARG A 917 -57.31 0.49 -15.71
CA ARG A 917 -58.20 0.92 -16.76
C ARG A 917 -57.91 2.39 -16.94
N TRP A 918 -57.44 2.78 -18.12
CA TRP A 918 -57.11 4.19 -18.33
C TRP A 918 -58.09 4.75 -19.35
N ASP A 919 -58.30 6.06 -19.26
CA ASP A 919 -59.21 6.77 -20.16
C ASP A 919 -58.67 8.21 -20.34
N LEU A 920 -58.24 8.48 -21.57
CA LEU A 920 -57.66 9.76 -21.92
C LEU A 920 -58.26 10.38 -23.20
N PRO A 921 -58.05 11.71 -23.36
CA PRO A 921 -58.47 12.31 -24.62
C PRO A 921 -57.57 11.78 -25.71
N LEU A 922 -58.10 11.67 -26.94
CA LEU A 922 -57.28 11.18 -28.05
C LEU A 922 -55.88 11.83 -28.17
N SER A 923 -55.88 13.15 -28.04
CA SER A 923 -54.59 13.81 -28.25
C SER A 923 -53.53 13.38 -27.27
N ASP A 924 -53.94 12.92 -26.11
CA ASP A 924 -52.94 12.45 -25.14
C ASP A 924 -52.29 11.14 -25.56
N MET A 925 -52.83 10.51 -26.61
CA MET A 925 -52.34 9.23 -27.11
C MET A 925 -51.26 9.48 -28.16
N TYR A 926 -50.90 10.76 -28.37
CA TYR A 926 -49.84 11.10 -29.32
C TYR A 926 -48.79 11.91 -28.48
N THR A 927 -47.48 11.57 -28.66
CA THR A 927 -46.42 12.31 -27.93
C THR A 927 -45.75 13.20 -28.94
N PRO A 928 -45.76 14.53 -28.69
CA PRO A 928 -45.29 15.45 -29.64
C PRO A 928 -43.82 15.67 -29.61
N TYR A 929 -43.08 14.61 -29.87
CA TYR A 929 -41.63 14.75 -30.01
C TYR A 929 -41.34 15.75 -31.11
N VAL A 930 -40.35 16.63 -30.91
CA VAL A 930 -40.00 17.70 -31.88
C VAL A 930 -39.70 17.11 -33.24
N PHE A 931 -38.86 16.07 -33.23
CA PHE A 931 -38.54 15.32 -34.46
C PHE A 931 -39.53 14.12 -34.45
N PRO A 932 -40.60 14.13 -35.28
CA PRO A 932 -41.62 13.10 -35.20
C PRO A 932 -41.14 11.70 -35.51
N SER A 933 -41.74 10.74 -34.79
CA SER A 933 -41.43 9.33 -35.04
C SER A 933 -42.59 8.46 -34.52
N GLU A 934 -42.43 7.12 -34.58
CA GLU A 934 -43.40 6.25 -33.92
C GLU A 934 -43.40 6.74 -32.46
N ASN A 935 -44.61 6.80 -31.92
CA ASN A 935 -44.75 7.31 -30.56
C ASN A 935 -46.14 6.93 -30.07
N GLY A 936 -46.36 7.06 -28.76
CA GLY A 936 -47.64 6.85 -28.13
C GLY A 936 -47.99 5.38 -27.87
N LEU A 937 -47.11 4.46 -28.19
CA LEU A 937 -47.48 3.09 -27.88
C LEU A 937 -47.77 2.91 -26.38
N ARG A 938 -48.69 1.97 -26.11
CA ARG A 938 -49.02 1.49 -24.78
C ARG A 938 -48.93 -0.04 -24.93
N CYS A 939 -48.24 -0.71 -23.99
CA CYS A 939 -48.06 -2.14 -24.08
C CYS A 939 -48.95 -2.90 -23.13
N GLY A 940 -48.86 -4.23 -23.22
CA GLY A 940 -49.59 -5.11 -22.28
C GLY A 940 -51.09 -4.86 -22.16
N THR A 941 -51.68 -4.52 -23.30
CA THR A 941 -53.11 -4.17 -23.30
C THR A 941 -53.97 -5.37 -23.62
N ARG A 942 -55.02 -5.49 -22.82
CA ARG A 942 -55.98 -6.58 -22.94
C ARG A 942 -57.30 -6.16 -23.61
N GLU A 943 -57.64 -4.88 -23.56
CA GLU A 943 -58.86 -4.47 -24.20
C GLU A 943 -58.67 -3.01 -24.53
N LEU A 944 -59.10 -2.69 -25.72
CA LEU A 944 -58.98 -1.31 -26.23
C LEU A 944 -60.41 -0.87 -26.75
N ASN A 945 -60.90 0.32 -26.32
CA ASN A 945 -62.22 0.84 -26.74
C ASN A 945 -62.09 2.18 -27.42
N TYR A 946 -62.66 2.33 -28.65
CA TYR A 946 -62.56 3.61 -29.35
C TYR A 946 -63.82 3.79 -30.17
N GLY A 947 -64.65 4.78 -29.82
CA GLY A 947 -65.90 4.92 -30.58
C GLY A 947 -66.69 3.69 -30.33
N PRO A 948 -67.25 3.09 -31.39
CA PRO A 948 -68.04 1.90 -31.19
C PRO A 948 -67.24 0.63 -31.15
N HIS A 949 -65.92 0.71 -31.34
CA HIS A 949 -65.13 -0.53 -31.41
C HIS A 949 -64.50 -0.98 -30.09
N GLN A 950 -64.34 -2.30 -29.98
CA GLN A 950 -63.60 -2.81 -28.85
C GLN A 950 -62.65 -3.87 -29.42
N TRP A 951 -61.34 -3.88 -29.08
CA TRP A 951 -60.42 -4.96 -29.53
C TRP A 951 -59.92 -5.63 -28.24
N ARG A 952 -59.93 -6.95 -28.20
CA ARG A 952 -59.47 -7.67 -27.02
C ARG A 952 -58.39 -8.63 -27.38
N GLY A 953 -57.39 -8.79 -26.51
CA GLY A 953 -56.29 -9.74 -26.85
C GLY A 953 -55.15 -9.53 -25.82
N ASP A 954 -53.91 -9.52 -26.31
CA ASP A 954 -52.74 -9.23 -25.46
C ASP A 954 -51.77 -8.56 -26.42
N PHE A 955 -51.87 -7.24 -26.57
CA PHE A 955 -51.11 -6.55 -27.64
C PHE A 955 -50.60 -5.21 -27.17
N GLN A 956 -49.90 -4.56 -28.08
CA GLN A 956 -49.38 -3.21 -27.85
C GLN A 956 -50.11 -2.31 -28.89
N PHE A 957 -50.40 -1.04 -28.59
CA PHE A 957 -51.07 -0.30 -29.65
C PHE A 957 -50.72 1.18 -29.54
N ASN A 958 -50.95 1.87 -30.67
CA ASN A 958 -50.94 3.35 -30.75
C ASN A 958 -52.16 3.80 -31.60
N ILE A 959 -52.63 5.02 -31.35
CA ILE A 959 -53.82 5.48 -32.02
C ILE A 959 -53.71 6.97 -32.11
N SER A 960 -53.90 7.52 -33.32
CA SER A 960 -53.67 8.94 -33.47
C SER A 960 -54.11 9.34 -34.87
N ARG A 961 -54.07 10.62 -35.09
CA ARG A 961 -54.47 11.20 -36.38
C ARG A 961 -53.34 11.22 -37.36
N TYR A 962 -52.21 10.58 -37.07
CA TYR A 962 -51.08 10.65 -38.00
C TYR A 962 -50.59 9.30 -38.41
N SER A 963 -50.43 9.10 -39.72
CA SER A 963 -49.96 7.82 -40.18
C SER A 963 -48.47 7.66 -39.93
N GLN A 964 -48.07 6.38 -39.82
CA GLN A 964 -46.65 6.12 -39.71
C GLN A 964 -45.96 6.71 -40.91
N GLN A 965 -46.59 6.69 -42.10
CA GLN A 965 -45.92 7.29 -43.26
C GLN A 965 -45.73 8.80 -43.06
N GLN A 966 -46.76 9.47 -42.55
CA GLN A 966 -46.61 10.89 -42.36
C GLN A 966 -45.53 11.19 -41.31
N LEU A 967 -45.53 10.42 -40.21
CA LEU A 967 -44.49 10.67 -39.18
C LEU A 967 -43.06 10.45 -39.73
N MET A 968 -42.86 9.45 -40.56
CA MET A 968 -41.53 9.20 -41.10
C MET A 968 -41.19 10.26 -42.11
N GLU A 969 -42.15 10.86 -42.82
CA GLU A 969 -41.77 11.84 -43.80
C GLU A 969 -41.66 13.28 -43.22
N THR A 970 -42.07 13.54 -42.01
CA THR A 970 -42.06 14.92 -41.56
C THR A 970 -41.00 15.07 -40.50
N SER A 971 -40.20 16.12 -40.61
CA SER A 971 -39.07 16.26 -39.65
C SER A 971 -39.31 17.22 -38.46
N HIS A 972 -40.44 17.93 -38.46
CA HIS A 972 -40.71 18.85 -37.39
C HIS A 972 -42.17 18.68 -37.00
N ARG A 973 -42.47 18.61 -35.72
CA ARG A 973 -43.86 18.38 -35.30
C ARG A 973 -44.84 19.43 -35.78
N HIS A 974 -44.39 20.66 -35.95
CA HIS A 974 -45.41 21.65 -36.31
C HIS A 974 -45.87 21.51 -37.74
N LEU A 975 -45.19 20.69 -38.50
CA LEU A 975 -45.58 20.51 -39.91
C LEU A 975 -46.55 19.33 -40.07
N LEU A 976 -46.82 18.54 -39.03
CA LEU A 976 -47.75 17.40 -39.19
C LEU A 976 -49.17 17.96 -39.27
N HIS A 977 -50.07 17.24 -39.92
CA HIS A 977 -51.51 17.65 -40.09
C HIS A 977 -52.37 16.46 -39.80
N ALA A 978 -53.43 16.66 -39.06
CA ALA A 978 -54.26 15.51 -38.79
C ALA A 978 -54.85 14.96 -40.07
N GLU A 979 -54.86 13.65 -40.24
CA GLU A 979 -55.40 13.00 -41.43
C GLU A 979 -56.85 12.72 -41.17
N GLU A 980 -57.54 12.25 -42.24
CA GLU A 980 -58.93 11.99 -42.00
C GLU A 980 -59.03 10.71 -41.10
N GLY A 981 -60.01 10.71 -40.24
CA GLY A 981 -60.06 9.49 -39.45
C GLY A 981 -58.95 9.33 -38.42
N THR A 982 -58.79 8.10 -37.97
CA THR A 982 -57.85 7.79 -36.89
C THR A 982 -57.04 6.57 -37.31
N TRP A 983 -55.68 6.69 -37.28
CA TRP A 983 -54.84 5.59 -37.60
C TRP A 983 -54.56 4.75 -36.35
N LEU A 984 -54.81 3.43 -36.48
CA LEU A 984 -54.67 2.51 -35.38
C LEU A 984 -53.61 1.53 -35.78
N ASN A 985 -52.63 1.37 -34.89
CA ASN A 985 -51.56 0.37 -35.10
C ASN A 985 -51.71 -0.60 -33.92
N ILE A 986 -51.98 -1.89 -34.18
CA ILE A 986 -52.16 -2.85 -33.05
C ILE A 986 -51.16 -3.91 -33.35
N ASP A 987 -50.25 -4.01 -32.37
CA ASP A 987 -49.11 -4.91 -32.54
C ASP A 987 -49.15 -6.14 -31.67
N GLY A 988 -48.86 -7.28 -32.27
CA GLY A 988 -48.66 -8.47 -31.43
C GLY A 988 -47.29 -8.25 -30.69
N PHE A 989 -46.31 -7.73 -31.42
CA PHE A 989 -44.98 -7.57 -30.87
C PHE A 989 -44.37 -6.28 -31.39
N HIS A 990 -43.51 -5.65 -30.56
CA HIS A 990 -42.92 -4.37 -30.97
C HIS A 990 -41.49 -4.37 -30.43
N MET A 991 -40.53 -3.93 -31.24
CA MET A 991 -39.13 -3.91 -30.84
C MET A 991 -38.89 -2.81 -29.79
N GLY A 992 -37.86 -3.08 -28.94
CA GLY A 992 -37.48 -2.08 -27.94
C GLY A 992 -37.09 -0.77 -28.66
N ILE A 993 -37.00 0.34 -27.87
CA ILE A 993 -36.61 1.63 -28.51
C ILE A 993 -35.10 1.96 -28.30
N GLY A 994 -34.46 1.27 -27.31
CA GLY A 994 -33.04 1.56 -27.06
C GLY A 994 -32.82 2.94 -26.36
N GLY A 995 -31.53 3.36 -26.36
CA GLY A 995 -31.22 4.66 -25.77
C GLY A 995 -29.94 4.69 -24.91
N ASP A 996 -29.20 3.55 -24.77
CA ASP A 996 -27.92 3.62 -24.03
C ASP A 996 -27.10 4.68 -24.73
N ASP A 997 -27.28 4.84 -26.05
CA ASP A 997 -26.70 5.99 -26.78
C ASP A 997 -27.60 6.20 -28.00
N SER A 998 -27.36 7.25 -28.77
CA SER A 998 -28.16 7.53 -29.99
C SER A 998 -27.25 7.55 -31.24
N TRP A 999 -26.20 6.71 -31.25
CA TRP A 999 -25.38 6.70 -32.45
C TRP A 999 -24.91 5.29 -32.77
N SER A 1000 -25.20 4.25 -31.98
CA SER A 1000 -24.88 2.86 -32.39
C SER A 1000 -26.08 2.03 -31.87
N PRO A 1001 -26.52 1.02 -32.60
CA PRO A 1001 -27.67 0.25 -32.16
C PRO A 1001 -27.56 -0.12 -30.69
N SER A 1002 -28.62 0.16 -29.96
CA SER A 1002 -28.61 -0.04 -28.51
C SER A 1002 -29.77 -0.83 -27.96
N VAL A 1003 -30.61 -1.40 -28.84
CA VAL A 1003 -31.73 -2.23 -28.35
C VAL A 1003 -31.15 -3.58 -27.93
N SER A 1004 -31.34 -3.92 -26.66
CA SER A 1004 -30.79 -5.15 -26.14
C SER A 1004 -31.37 -6.40 -26.83
N ALA A 1005 -30.59 -7.48 -26.92
CA ALA A 1005 -31.08 -8.63 -27.65
C ALA A 1005 -32.41 -9.17 -27.22
N GLU A 1006 -32.68 -9.13 -25.94
CA GLU A 1006 -33.96 -9.61 -25.45
C GLU A 1006 -35.22 -8.80 -25.89
N PHE A 1007 -34.97 -7.64 -26.45
CA PHE A 1007 -36.03 -6.78 -26.94
C PHE A 1007 -36.04 -6.69 -28.51
N GLN A 1008 -35.22 -7.52 -29.13
CA GLN A 1008 -35.24 -7.57 -30.59
C GLN A 1008 -36.22 -8.67 -31.03
N LEU A 1009 -36.91 -8.49 -32.18
CA LEU A 1009 -37.90 -9.49 -32.55
C LEU A 1009 -37.16 -10.56 -33.35
N SER A 1010 -36.42 -11.46 -32.70
CA SER A 1010 -35.63 -12.45 -33.46
C SER A 1010 -36.17 -13.87 -33.34
N ALA A 1011 -37.44 -14.05 -32.82
CA ALA A 1011 -37.92 -15.40 -32.65
C ALA A 1011 -38.20 -16.23 -33.93
N GLY A 1012 -38.31 -15.52 -35.06
CA GLY A 1012 -38.55 -16.30 -36.28
C GLY A 1012 -40.02 -16.56 -36.58
N ARG A 1013 -40.77 -17.01 -35.57
CA ARG A 1013 -42.18 -17.30 -35.68
C ARG A 1013 -42.91 -16.53 -34.60
N TYR A 1014 -44.01 -15.88 -34.91
CA TYR A 1014 -44.77 -15.10 -33.98
C TYR A 1014 -46.27 -15.37 -34.14
N HIS A 1015 -46.92 -15.45 -32.99
CA HIS A 1015 -48.33 -15.69 -32.97
C HIS A 1015 -49.05 -14.63 -32.14
N TYR A 1016 -50.19 -14.15 -32.64
CA TYR A 1016 -50.98 -13.24 -31.84
C TYR A 1016 -52.45 -13.38 -32.26
N GLN A 1017 -53.34 -12.93 -31.38
CA GLN A 1017 -54.76 -13.05 -31.67
C GLN A 1017 -55.56 -11.90 -31.12
N LEU A 1018 -56.53 -11.44 -31.88
CA LEU A 1018 -57.35 -10.33 -31.45
C LEU A 1018 -58.81 -10.63 -31.76
N VAL A 1019 -59.70 -10.11 -30.94
CA VAL A 1019 -61.14 -10.17 -31.18
C VAL A 1019 -61.61 -8.74 -31.37
N TRP A 1020 -62.28 -8.43 -32.52
CA TRP A 1020 -62.73 -7.08 -32.79
C TRP A 1020 -64.21 -7.17 -32.69
N CYS A 1021 -64.83 -6.41 -31.84
CA CYS A 1021 -66.29 -6.43 -31.76
C CYS A 1021 -66.84 -5.05 -31.56
N GLN A 1022 -68.18 -4.94 -31.52
CA GLN A 1022 -68.81 -3.65 -31.33
C GLN A 1022 -69.40 -3.58 -29.92
N LYS A 1023 -69.94 -2.40 -29.68
CA LYS A 1023 -70.60 -2.01 -28.46
C LYS A 1023 -70.80 -0.50 -28.52
N ARG B 13 -4.23 -47.42 26.56
CA ARG B 13 -4.04 -46.05 26.11
C ARG B 13 -5.18 -45.48 25.22
N ARG B 14 -5.97 -46.28 24.53
CA ARG B 14 -7.06 -45.71 23.67
C ARG B 14 -6.55 -44.47 22.91
N ASP B 15 -5.46 -44.76 22.20
CA ASP B 15 -4.86 -43.64 21.47
C ASP B 15 -5.81 -43.08 20.39
N TRP B 16 -6.80 -43.89 19.98
CA TRP B 16 -7.75 -43.50 18.95
C TRP B 16 -8.87 -42.65 19.48
N GLU B 17 -8.73 -42.18 20.74
CA GLU B 17 -9.69 -41.22 21.28
C GLU B 17 -8.89 -40.05 21.93
N ASN B 18 -7.84 -39.64 21.25
CA ASN B 18 -6.90 -38.61 21.75
C ASN B 18 -6.27 -37.92 20.55
N PRO B 19 -6.79 -36.75 20.27
CA PRO B 19 -6.28 -36.01 19.13
C PRO B 19 -4.88 -35.54 19.39
N GLY B 20 -4.40 -35.70 20.64
CA GLY B 20 -3.04 -35.28 20.94
C GLY B 20 -2.08 -36.37 20.50
N VAL B 21 -2.63 -37.53 20.18
CA VAL B 21 -1.76 -38.64 19.76
C VAL B 21 -2.21 -39.02 18.37
N THR B 22 -1.46 -38.58 17.37
CA THR B 22 -1.85 -38.89 16.00
C THR B 22 -0.91 -39.93 15.45
N GLN B 23 0.08 -40.33 16.23
CA GLN B 23 0.97 -41.32 15.72
C GLN B 23 1.89 -41.65 16.87
N LEU B 24 2.61 -42.80 16.76
CA LEU B 24 3.64 -43.20 17.74
C LEU B 24 4.66 -43.91 16.92
N ASN B 25 5.90 -43.49 17.05
CA ASN B 25 7.05 -44.11 16.35
C ASN B 25 7.06 -43.96 14.79
N ARG B 26 6.25 -43.03 14.25
CA ARG B 26 6.17 -42.88 12.80
C ARG B 26 7.37 -42.04 12.31
N LEU B 27 7.95 -42.37 11.14
CA LEU B 27 9.08 -41.61 10.62
C LEU B 27 8.58 -40.34 9.98
N ALA B 28 9.49 -39.43 9.77
CA ALA B 28 9.18 -38.17 9.13
C ALA B 28 8.68 -38.39 7.71
N ALA B 29 7.82 -37.46 7.24
CA ALA B 29 7.31 -37.44 5.89
C ALA B 29 8.37 -36.83 4.92
N HIS B 30 8.27 -37.24 3.64
CA HIS B 30 9.30 -36.81 2.64
C HIS B 30 8.77 -37.15 1.24
N PRO B 31 9.48 -36.66 0.22
CA PRO B 31 9.01 -36.91 -1.10
C PRO B 31 9.24 -38.38 -1.48
N PRO B 32 8.61 -38.79 -2.59
CA PRO B 32 8.69 -40.23 -2.97
C PRO B 32 10.13 -40.70 -3.10
N PHE B 33 10.48 -41.84 -2.44
CA PHE B 33 11.86 -42.40 -2.50
C PHE B 33 11.81 -43.81 -3.03
N ALA B 34 12.95 -44.23 -3.59
CA ALA B 34 13.08 -45.59 -4.11
C ALA B 34 14.43 -46.17 -3.75
N SER B 35 15.33 -45.36 -3.15
CA SER B 35 16.71 -45.84 -2.82
C SER B 35 17.37 -46.67 -3.96
N TRP B 36 17.42 -46.04 -5.16
CA TRP B 36 18.11 -46.76 -6.24
C TRP B 36 19.59 -46.83 -5.82
N ARG B 37 20.26 -47.88 -6.30
CA ARG B 37 21.70 -47.99 -6.06
C ARG B 37 22.41 -47.95 -7.39
N ASN B 38 21.73 -47.48 -8.44
CA ASN B 38 22.30 -47.28 -9.76
C ASN B 38 21.70 -45.93 -10.26
N SER B 39 22.51 -44.96 -10.59
CA SER B 39 21.97 -43.68 -11.01
C SER B 39 21.17 -43.68 -12.26
N GLU B 40 21.52 -44.53 -13.25
CA GLU B 40 20.79 -44.60 -14.51
C GLU B 40 19.36 -45.13 -14.32
N GLU B 41 19.20 -46.07 -13.35
CA GLU B 41 17.85 -46.60 -13.10
C GLU B 41 17.01 -45.45 -12.46
N ALA B 42 17.67 -44.63 -11.61
CA ALA B 42 16.99 -43.48 -11.03
C ALA B 42 16.60 -42.49 -12.15
N ARG B 43 17.53 -42.24 -13.11
CA ARG B 43 17.24 -41.31 -14.19
C ARG B 43 16.04 -41.77 -14.97
N THR B 44 15.98 -43.09 -15.25
CA THR B 44 14.87 -43.61 -16.08
C THR B 44 13.59 -43.98 -15.31
N ASP B 45 13.58 -43.79 -13.97
CA ASP B 45 12.40 -44.09 -13.19
C ASP B 45 11.99 -45.56 -13.25
N ARG B 46 12.97 -46.46 -13.40
CA ARG B 46 12.64 -47.87 -13.42
C ARG B 46 12.45 -48.44 -12.06
N PRO B 47 11.80 -49.59 -12.00
CA PRO B 47 11.49 -50.23 -10.70
C PRO B 47 12.75 -50.42 -9.90
N SER B 48 12.77 -50.20 -8.58
CA SER B 48 14.01 -50.33 -7.81
C SER B 48 13.98 -51.61 -6.94
N GLN B 49 15.09 -52.32 -6.91
CA GLN B 49 15.13 -53.52 -6.15
C GLN B 49 15.03 -53.21 -4.67
N GLN B 50 15.25 -51.95 -4.28
CA GLN B 50 15.15 -51.65 -2.87
C GLN B 50 13.73 -51.17 -2.46
N LEU B 51 12.77 -51.20 -3.38
CA LEU B 51 11.43 -50.79 -2.99
C LEU B 51 10.57 -51.96 -3.40
N ARG B 52 10.07 -52.71 -2.41
CA ARG B 52 9.24 -53.88 -2.72
C ARG B 52 7.78 -53.67 -2.39
N SER B 53 6.88 -54.22 -3.19
CA SER B 53 5.46 -54.13 -2.87
C SER B 53 5.02 -55.30 -2.01
N LEU B 54 4.24 -55.03 -0.95
CA LEU B 54 3.70 -56.11 -0.13
C LEU B 54 2.20 -56.32 -0.48
N ASN B 55 1.76 -55.75 -1.62
CA ASN B 55 0.39 -55.89 -2.05
C ASN B 55 0.17 -57.37 -2.47
N GLY B 56 -1.05 -57.87 -2.32
CA GLY B 56 -1.38 -59.24 -2.70
C GLY B 56 -2.34 -59.82 -1.67
N GLU B 57 -2.13 -61.14 -1.43
CA GLU B 57 -2.96 -61.84 -0.51
C GLU B 57 -2.45 -61.75 0.93
N TRP B 58 -3.33 -61.23 1.80
CA TRP B 58 -3.10 -61.09 3.24
C TRP B 58 -4.19 -61.94 3.95
N ARG B 59 -4.07 -62.04 5.26
CA ARG B 59 -5.10 -62.70 6.06
C ARG B 59 -5.92 -61.59 6.72
N PHE B 60 -7.23 -61.85 6.85
CA PHE B 60 -8.05 -60.84 7.49
C PHE B 60 -9.16 -61.44 8.33
N ALA B 61 -9.42 -60.78 9.44
CA ALA B 61 -10.55 -61.07 10.32
C ALA B 61 -11.16 -59.78 10.78
N TRP B 62 -12.50 -59.79 10.79
CA TRP B 62 -13.28 -58.64 11.26
C TRP B 62 -13.74 -58.84 12.76
N PHE B 63 -13.65 -57.79 13.60
CA PHE B 63 -14.12 -57.82 14.97
C PHE B 63 -15.04 -56.60 15.20
N PRO B 64 -15.94 -56.70 16.12
CA PRO B 64 -16.82 -55.55 16.36
C PRO B 64 -16.26 -54.40 17.19
N ALA B 65 -15.10 -54.63 17.81
CA ALA B 65 -14.46 -53.65 18.69
C ALA B 65 -13.06 -54.17 18.99
N PRO B 66 -12.12 -53.25 19.24
CA PRO B 66 -10.76 -53.70 19.47
C PRO B 66 -10.67 -54.61 20.70
N GLU B 67 -11.60 -54.40 21.67
CA GLU B 67 -11.55 -55.27 22.85
C GLU B 67 -11.83 -56.75 22.54
N ALA B 68 -12.40 -57.07 21.39
CA ALA B 68 -12.78 -58.44 21.07
C ALA B 68 -11.64 -59.16 20.35
N VAL B 69 -10.52 -58.43 20.11
CA VAL B 69 -9.43 -59.05 19.36
C VAL B 69 -8.63 -60.00 20.26
N PRO B 70 -8.47 -61.28 19.88
CA PRO B 70 -7.69 -62.22 20.72
C PRO B 70 -6.21 -61.91 20.78
N GLU B 71 -5.60 -62.02 21.95
CA GLU B 71 -4.13 -61.78 22.04
C GLU B 71 -3.30 -62.76 21.23
N SER B 72 -3.91 -63.97 21.03
CA SER B 72 -3.17 -64.93 20.21
C SER B 72 -2.83 -64.38 18.81
N TRP B 73 -3.73 -63.48 18.32
CA TRP B 73 -3.55 -62.91 16.98
C TRP B 73 -2.19 -62.28 16.73
N LEU B 74 -1.61 -61.73 17.78
CA LEU B 74 -0.31 -61.08 17.65
C LEU B 74 0.82 -62.00 17.26
N GLU B 75 0.68 -63.20 17.75
CA GLU B 75 1.64 -64.29 17.58
C GLU B 75 1.30 -65.21 16.43
N CYS B 76 -0.01 -65.46 16.26
CA CYS B 76 -0.24 -66.30 15.15
C CYS B 76 -1.56 -66.19 14.45
N ASP B 77 -1.58 -66.66 13.22
CA ASP B 77 -2.72 -66.57 12.35
C ASP B 77 -3.96 -67.07 12.99
N LEU B 78 -5.04 -66.33 12.89
CA LEU B 78 -6.28 -66.82 13.46
C LEU B 78 -6.89 -67.76 12.41
N PRO B 79 -7.18 -68.96 12.85
CA PRO B 79 -7.75 -69.93 11.93
C PRO B 79 -9.05 -69.46 11.29
N GLU B 80 -9.83 -68.68 12.05
CA GLU B 80 -11.08 -68.16 11.49
C GLU B 80 -10.78 -67.07 10.45
N ALA B 81 -9.55 -66.60 10.33
CA ALA B 81 -9.36 -65.56 9.33
C ALA B 81 -9.60 -66.00 7.89
N ASP B 82 -9.89 -65.06 6.98
CA ASP B 82 -9.97 -65.33 5.53
C ASP B 82 -8.69 -64.76 4.82
N THR B 83 -8.47 -65.21 3.61
CA THR B 83 -7.39 -64.67 2.77
C THR B 83 -8.04 -63.66 1.82
N VAL B 84 -7.61 -62.38 1.79
CA VAL B 84 -8.22 -61.35 0.94
C VAL B 84 -7.11 -60.54 0.23
N VAL B 85 -7.48 -59.85 -0.82
CA VAL B 85 -6.52 -58.98 -1.47
C VAL B 85 -6.46 -57.65 -0.71
N VAL B 86 -5.23 -57.12 -0.66
CA VAL B 86 -4.86 -55.84 -0.08
C VAL B 86 -4.05 -55.16 -1.17
N PRO B 87 -4.26 -53.87 -1.48
CA PRO B 87 -5.23 -52.98 -0.84
C PRO B 87 -6.68 -53.31 -1.12
N SER B 88 -7.47 -52.92 -0.10
CA SER B 88 -8.92 -53.10 -0.20
C SER B 88 -9.59 -52.28 0.93
N ASN B 89 -10.92 -52.11 0.77
CA ASN B 89 -11.82 -51.53 1.81
C ASN B 89 -12.65 -52.74 2.25
N TRP B 90 -12.65 -53.01 3.58
CA TRP B 90 -13.31 -54.27 3.97
C TRP B 90 -14.79 -54.30 3.70
N GLN B 91 -15.40 -53.12 3.49
CA GLN B 91 -16.82 -53.14 3.17
C GLN B 91 -17.02 -53.76 1.76
N MET B 92 -16.00 -53.64 0.84
CA MET B 92 -16.16 -54.07 -0.54
C MET B 92 -16.04 -55.58 -0.56
N HIS B 93 -15.63 -56.21 0.59
CA HIS B 93 -15.54 -57.70 0.74
C HIS B 93 -16.74 -58.28 1.49
N GLY B 94 -17.67 -57.39 1.87
CA GLY B 94 -18.94 -57.69 2.53
C GLY B 94 -18.85 -57.87 4.05
N TYR B 95 -17.71 -57.50 4.70
CA TYR B 95 -17.62 -57.65 6.18
C TYR B 95 -18.54 -56.75 7.02
N ASP B 96 -18.80 -55.56 6.49
CA ASP B 96 -19.71 -54.62 7.13
C ASP B 96 -20.14 -53.67 6.04
N ALA B 97 -21.14 -52.85 6.34
CA ALA B 97 -21.69 -51.96 5.32
C ALA B 97 -20.99 -50.60 5.23
N PRO B 98 -20.80 -50.20 3.97
CA PRO B 98 -20.26 -48.85 3.73
C PRO B 98 -21.43 -47.88 4.05
N ILE B 99 -21.15 -46.65 4.54
CA ILE B 99 -22.23 -45.73 4.86
C ILE B 99 -22.17 -44.47 4.00
N TYR B 100 -23.31 -44.06 3.43
CA TYR B 100 -23.25 -42.80 2.66
C TYR B 100 -24.03 -41.74 3.40
N THR B 101 -23.28 -40.86 4.06
CA THR B 101 -23.85 -39.70 4.77
C THR B 101 -23.05 -38.49 4.21
N ASN B 102 -23.76 -37.38 3.99
CA ASN B 102 -23.14 -36.19 3.45
C ASN B 102 -22.54 -35.32 4.59
N VAL B 103 -23.35 -34.59 5.32
CA VAL B 103 -22.77 -33.67 6.31
C VAL B 103 -22.78 -34.31 7.72
N THR B 104 -23.92 -34.88 8.15
CA THR B 104 -24.07 -35.46 9.48
C THR B 104 -23.01 -36.54 9.70
N TYR B 105 -22.28 -36.42 10.81
CA TYR B 105 -21.27 -37.45 11.02
C TYR B 105 -21.91 -38.82 11.17
N PRO B 106 -21.15 -39.85 10.77
CA PRO B 106 -21.65 -41.26 10.83
C PRO B 106 -21.54 -41.81 12.26
N ILE B 107 -21.00 -41.02 13.19
CA ILE B 107 -20.94 -41.43 14.60
C ILE B 107 -21.47 -40.27 15.43
N THR B 108 -21.90 -40.54 16.68
CA THR B 108 -22.39 -39.43 17.48
C THR B 108 -21.31 -38.38 17.66
N VAL B 109 -21.69 -37.10 17.64
CA VAL B 109 -20.70 -36.06 17.76
C VAL B 109 -20.38 -35.86 19.21
N ASN B 110 -19.25 -36.37 19.63
CA ASN B 110 -18.85 -36.24 21.04
C ASN B 110 -17.33 -36.31 21.12
N PRO B 111 -16.67 -35.33 20.46
CA PRO B 111 -15.24 -35.34 20.33
C PRO B 111 -14.57 -35.37 21.70
N PRO B 112 -13.48 -36.11 21.84
CA PRO B 112 -12.81 -36.86 20.76
C PRO B 112 -13.15 -38.33 20.83
N PHE B 113 -14.29 -38.70 21.46
CA PHE B 113 -14.66 -40.09 21.60
C PHE B 113 -15.35 -40.64 20.36
N VAL B 114 -15.26 -42.00 20.28
CA VAL B 114 -15.90 -42.74 19.18
C VAL B 114 -16.73 -43.87 19.76
N PRO B 115 -17.59 -44.48 18.99
CA PRO B 115 -18.47 -45.54 19.55
C PRO B 115 -17.67 -46.70 20.14
N THR B 116 -18.26 -47.34 21.15
CA THR B 116 -17.56 -48.47 21.74
C THR B 116 -17.63 -49.61 20.75
N GLU B 117 -18.73 -49.67 20.01
CA GLU B 117 -18.79 -50.68 18.99
C GLU B 117 -18.06 -50.04 17.79
N ASN B 118 -16.80 -50.45 17.55
CA ASN B 118 -15.95 -49.83 16.55
C ASN B 118 -15.32 -50.92 15.71
N PRO B 119 -15.89 -51.15 14.53
CA PRO B 119 -15.42 -52.20 13.66
C PRO B 119 -13.92 -52.19 13.50
N THR B 120 -13.32 -53.35 13.75
CA THR B 120 -11.87 -53.49 13.73
C THR B 120 -11.46 -54.52 12.72
N GLY B 121 -10.55 -54.10 11.82
CA GLY B 121 -10.11 -55.05 10.80
C GLY B 121 -8.72 -55.53 11.21
N CYS B 122 -8.53 -56.85 11.36
CA CYS B 122 -7.26 -57.41 11.78
C CYS B 122 -6.57 -57.98 10.56
N TYR B 123 -5.58 -57.30 10.08
CA TYR B 123 -4.88 -57.81 8.91
C TYR B 123 -3.52 -58.35 9.33
N SER B 124 -3.01 -59.36 8.56
CA SER B 124 -1.68 -59.92 8.86
C SER B 124 -1.11 -60.50 7.63
N LEU B 125 0.21 -60.61 7.61
CA LEU B 125 0.91 -61.08 6.45
C LEU B 125 2.16 -61.75 6.92
N THR B 126 2.35 -62.96 6.36
CA THR B 126 3.59 -63.67 6.64
C THR B 126 4.49 -63.56 5.42
N PHE B 127 5.72 -63.06 5.58
CA PHE B 127 6.49 -62.84 4.38
C PHE B 127 7.97 -62.97 4.66
N ASN B 128 8.71 -63.06 3.55
CA ASN B 128 10.14 -63.21 3.67
C ASN B 128 10.88 -61.93 3.54
N VAL B 129 11.99 -61.89 4.24
CA VAL B 129 12.88 -60.76 4.12
C VAL B 129 14.28 -61.31 3.95
N ASP B 130 15.00 -60.84 2.92
CA ASP B 130 16.43 -61.22 2.72
C ASP B 130 17.42 -60.67 3.73
N GLU B 131 18.39 -61.50 4.14
CA GLU B 131 19.42 -61.06 5.09
C GLU B 131 20.21 -59.86 4.58
N SER B 132 20.29 -59.80 3.25
CA SER B 132 21.03 -58.65 2.73
C SER B 132 20.40 -57.34 3.19
N TRP B 133 19.08 -57.39 3.48
CA TRP B 133 18.36 -56.15 3.92
C TRP B 133 18.55 -55.80 5.39
N LEU B 134 18.97 -56.83 6.11
CA LEU B 134 19.14 -56.72 7.54
C LEU B 134 20.56 -56.61 8.01
N GLN B 135 21.46 -57.15 7.19
CA GLN B 135 22.84 -57.08 7.59
C GLN B 135 23.38 -55.67 7.62
N GLU B 136 22.74 -54.77 6.86
CA GLU B 136 23.15 -53.37 6.83
C GLU B 136 21.88 -52.56 6.40
N GLY B 137 21.98 -51.27 6.66
CA GLY B 137 20.91 -50.33 6.28
C GLY B 137 19.68 -50.40 7.14
N GLN B 138 18.64 -49.70 6.64
CA GLN B 138 17.40 -49.56 7.37
C GLN B 138 16.26 -50.10 6.50
N THR B 139 15.42 -50.93 7.08
CA THR B 139 14.28 -51.44 6.34
C THR B 139 13.04 -50.82 6.95
N ARG B 140 12.30 -50.04 6.16
CA ARG B 140 11.08 -49.48 6.77
C ARG B 140 9.87 -50.05 5.97
N ILE B 141 8.71 -49.97 6.63
CA ILE B 141 7.45 -50.37 5.95
C ILE B 141 6.66 -49.07 5.76
N ILE B 142 6.02 -48.99 4.63
CA ILE B 142 5.22 -47.83 4.28
C ILE B 142 3.77 -48.27 3.98
N PHE B 143 2.84 -47.67 4.75
CA PHE B 143 1.39 -47.86 4.50
C PHE B 143 0.86 -46.60 3.80
N ASP B 144 0.63 -46.63 2.47
CA ASP B 144 0.23 -45.38 1.82
C ASP B 144 -1.15 -44.94 2.25
N GLY B 145 -1.97 -45.84 2.80
CA GLY B 145 -3.31 -45.39 3.18
C GLY B 145 -4.00 -46.41 4.08
N VAL B 146 -4.35 -45.98 5.30
CA VAL B 146 -5.02 -46.86 6.29
C VAL B 146 -6.16 -46.03 6.90
N ASN B 147 -7.42 -46.53 6.72
CA ASN B 147 -8.59 -45.75 7.13
C ASN B 147 -9.28 -46.47 8.34
N SER B 148 -9.32 -45.88 9.55
CA SER B 148 -8.85 -44.51 9.75
C SER B 148 -7.67 -44.40 10.71
N ALA B 149 -7.34 -45.47 11.46
CA ALA B 149 -6.21 -45.38 12.41
C ALA B 149 -5.74 -46.85 12.61
N PHE B 150 -4.49 -47.02 13.02
CA PHE B 150 -4.08 -48.39 13.20
C PHE B 150 -2.85 -48.54 14.10
N HIS B 151 -2.74 -49.76 14.70
CA HIS B 151 -1.58 -50.15 15.47
C HIS B 151 -0.88 -51.21 14.64
N LEU B 152 0.45 -51.29 14.73
CA LEU B 152 1.25 -52.25 13.97
C LEU B 152 2.19 -53.05 14.87
N TRP B 153 2.18 -54.36 14.66
CA TRP B 153 3.10 -55.20 15.35
C TRP B 153 3.87 -55.94 14.29
N CYS B 154 5.09 -56.34 14.63
CA CYS B 154 5.95 -57.10 13.76
C CYS B 154 6.60 -58.24 14.61
N ASN B 155 6.29 -59.49 14.20
CA ASN B 155 6.80 -60.68 14.92
C ASN B 155 6.36 -60.63 16.38
N GLY B 156 5.13 -60.16 16.55
CA GLY B 156 4.49 -60.10 17.89
C GLY B 156 4.87 -58.92 18.76
N ARG B 157 5.82 -58.11 18.29
CA ARG B 157 6.24 -56.96 19.07
C ARG B 157 5.64 -55.68 18.46
N TRP B 158 5.16 -54.82 19.33
CA TRP B 158 4.53 -53.58 18.92
C TRP B 158 5.52 -52.60 18.31
N VAL B 159 5.11 -52.07 17.16
CA VAL B 159 5.95 -51.11 16.50
C VAL B 159 5.48 -49.66 16.64
N GLY B 160 4.19 -49.40 16.35
CA GLY B 160 3.75 -47.97 16.32
C GLY B 160 2.30 -47.87 15.96
N TYR B 161 1.84 -46.60 15.79
CA TYR B 161 0.44 -46.27 15.54
C TYR B 161 0.39 -45.08 14.56
N GLY B 162 -0.70 -45.00 13.80
CA GLY B 162 -0.82 -43.88 12.86
C GLY B 162 -2.26 -43.49 12.60
N GLN B 163 -2.43 -42.17 12.29
CA GLN B 163 -3.73 -41.55 11.90
C GLN B 163 -3.52 -40.76 10.57
N ASP B 164 -4.64 -40.25 10.03
CA ASP B 164 -4.69 -39.52 8.74
C ASP B 164 -4.79 -40.62 7.68
N SER B 165 -6.02 -40.86 7.27
CA SER B 165 -6.22 -41.96 6.32
C SER B 165 -5.67 -41.69 4.95
N ARG B 166 -5.12 -40.50 4.69
CA ARG B 166 -4.81 -40.17 3.27
C ARG B 166 -3.37 -39.83 2.92
N LEU B 167 -2.50 -40.06 3.91
CA LEU B 167 -1.08 -39.86 3.72
C LEU B 167 -0.37 -41.12 4.20
N PRO B 168 0.84 -41.36 3.65
CA PRO B 168 1.55 -42.57 4.08
C PRO B 168 2.09 -42.50 5.51
N SER B 169 2.02 -43.64 6.22
CA SER B 169 2.60 -43.75 7.55
C SER B 169 3.74 -44.76 7.38
N GLU B 170 4.91 -44.40 7.91
CA GLU B 170 6.10 -45.23 7.71
C GLU B 170 6.75 -45.54 9.04
N PHE B 171 7.27 -46.76 9.18
CA PHE B 171 7.94 -47.17 10.46
C PHE B 171 9.21 -47.98 10.19
N ASP B 172 10.22 -47.76 11.01
CA ASP B 172 11.47 -48.50 10.88
C ASP B 172 11.31 -49.88 11.49
N LEU B 173 11.40 -50.92 10.66
CA LEU B 173 11.28 -52.32 11.14
C LEU B 173 12.64 -53.04 11.30
N SER B 174 13.71 -52.28 11.09
CA SER B 174 15.06 -52.91 11.11
C SER B 174 15.32 -53.84 12.30
N ALA B 175 14.97 -53.32 13.50
CA ALA B 175 15.25 -54.07 14.73
C ALA B 175 14.24 -55.15 15.00
N PHE B 176 13.14 -55.20 14.24
CA PHE B 176 12.09 -56.17 14.45
C PHE B 176 12.14 -57.35 13.48
N LEU B 177 12.82 -57.19 12.35
CA LEU B 177 12.79 -58.33 11.42
C LEU B 177 13.92 -59.35 11.63
N ARG B 178 13.72 -60.57 11.13
CA ARG B 178 14.77 -61.61 11.18
C ARG B 178 14.84 -62.18 9.74
N ALA B 179 16.02 -62.66 9.30
CA ALA B 179 16.08 -63.22 7.95
C ALA B 179 15.07 -64.35 7.80
N GLY B 180 14.43 -64.43 6.64
CA GLY B 180 13.39 -65.47 6.46
C GLY B 180 11.96 -64.97 6.64
N GLU B 181 11.13 -65.85 7.26
CA GLU B 181 9.71 -65.63 7.48
C GLU B 181 9.37 -64.72 8.60
N ASN B 182 8.62 -63.67 8.33
CA ASN B 182 8.25 -62.71 9.36
C ASN B 182 6.74 -62.50 9.25
N ARG B 183 6.16 -61.99 10.36
CA ARG B 183 4.70 -61.75 10.29
C ARG B 183 4.36 -60.35 10.76
N LEU B 184 3.60 -59.67 9.90
CA LEU B 184 3.11 -58.34 10.32
C LEU B 184 1.67 -58.54 10.82
N ALA B 185 1.26 -57.75 11.82
CA ALA B 185 -0.14 -57.74 12.32
C ALA B 185 -0.59 -56.23 12.35
N VAL B 186 -1.72 -55.92 11.67
CA VAL B 186 -2.16 -54.52 11.65
C VAL B 186 -3.61 -54.48 12.12
N MET B 187 -3.85 -53.76 13.17
CA MET B 187 -5.20 -53.67 13.71
C MET B 187 -5.72 -52.30 13.27
N VAL B 188 -6.69 -52.34 12.38
CA VAL B 188 -7.25 -51.11 11.82
C VAL B 188 -8.59 -50.78 12.45
N LEU B 189 -8.70 -49.53 12.99
CA LEU B 189 -9.94 -49.05 13.63
C LEU B 189 -10.75 -48.28 12.63
N ARG B 190 -12.03 -48.59 12.50
CA ARG B 190 -12.86 -47.84 11.56
C ARG B 190 -12.96 -46.40 12.04
N TRP B 191 -13.26 -46.27 13.34
CA TRP B 191 -13.43 -44.92 13.88
C TRP B 191 -12.30 -44.53 14.83
N SER B 192 -11.91 -43.24 14.82
CA SER B 192 -10.87 -42.71 15.68
C SER B 192 -11.08 -41.20 15.82
N ASP B 193 -10.30 -40.51 16.67
CA ASP B 193 -10.47 -39.10 16.75
C ASP B 193 -10.13 -38.50 15.38
N GLY B 194 -9.37 -39.21 14.55
CA GLY B 194 -9.09 -38.72 13.17
C GLY B 194 -10.38 -38.59 12.36
N SER B 195 -11.42 -39.37 12.68
CA SER B 195 -12.71 -39.30 11.98
C SER B 195 -13.36 -37.91 12.09
N TYR B 196 -13.03 -37.19 13.14
CA TYR B 196 -13.66 -35.90 13.28
C TYR B 196 -13.18 -34.93 12.22
N LEU B 197 -12.01 -35.24 11.69
CA LEU B 197 -11.43 -34.39 10.62
C LEU B 197 -11.62 -35.00 9.18
N GLU B 198 -12.45 -36.08 9.07
CA GLU B 198 -12.67 -36.82 7.81
C GLU B 198 -14.14 -36.95 7.51
N ASP B 199 -14.82 -35.80 7.55
CA ASP B 199 -16.28 -35.83 7.31
C ASP B 199 -16.68 -35.42 5.88
N GLN B 200 -15.82 -35.75 4.92
CA GLN B 200 -16.13 -35.46 3.53
C GLN B 200 -17.39 -36.23 3.05
N ASP B 201 -18.15 -35.58 2.13
CA ASP B 201 -19.38 -36.11 1.49
C ASP B 201 -19.04 -37.25 0.54
N MET B 202 -18.91 -38.47 1.08
CA MET B 202 -18.56 -39.63 0.28
C MET B 202 -18.90 -40.87 1.14
N TRP B 203 -18.76 -42.01 0.50
CA TRP B 203 -18.93 -43.24 1.28
C TRP B 203 -17.93 -43.31 2.41
N ARG B 204 -18.39 -43.80 3.59
CA ARG B 204 -17.51 -43.96 4.76
C ARG B 204 -17.18 -45.45 4.82
N MET B 205 -15.90 -45.71 4.51
CA MET B 205 -15.30 -47.05 4.41
C MET B 205 -14.12 -47.18 5.37
N SER B 206 -13.41 -48.32 5.32
CA SER B 206 -12.23 -48.47 6.18
C SER B 206 -11.34 -49.53 5.63
N GLY B 207 -10.14 -49.63 6.15
CA GLY B 207 -9.22 -50.71 5.76
C GLY B 207 -7.84 -50.24 5.25
N ILE B 208 -7.03 -51.17 4.78
CA ILE B 208 -5.72 -50.87 4.22
C ILE B 208 -5.97 -50.74 2.71
N PHE B 209 -6.29 -49.50 2.24
CA PHE B 209 -6.83 -49.20 0.88
C PHE B 209 -5.88 -48.61 -0.15
N ARG B 210 -4.68 -48.38 0.33
CA ARG B 210 -3.61 -47.97 -0.59
C ARG B 210 -2.43 -48.96 -0.39
N ASP B 211 -1.40 -48.81 -1.25
CA ASP B 211 -0.26 -49.73 -1.26
C ASP B 211 0.47 -49.87 0.05
N VAL B 212 1.05 -51.10 0.20
CA VAL B 212 1.92 -51.40 1.38
C VAL B 212 3.25 -51.78 0.76
N SER B 213 4.33 -51.15 1.27
CA SER B 213 5.61 -51.47 0.62
C SER B 213 6.72 -51.54 1.68
N LEU B 214 7.88 -52.12 1.26
CA LEU B 214 9.07 -52.17 2.11
C LEU B 214 10.17 -51.41 1.35
N LEU B 215 10.82 -50.47 2.08
CA LEU B 215 11.90 -49.68 1.46
C LEU B 215 13.18 -49.85 2.27
N HIS B 216 14.23 -50.18 1.53
CA HIS B 216 15.51 -50.36 2.17
C HIS B 216 16.37 -49.15 1.88
N LYS B 217 16.90 -48.50 2.91
CA LYS B 217 17.75 -47.36 2.68
C LYS B 217 19.07 -47.60 3.39
N PRO B 218 20.18 -47.02 2.93
CA PRO B 218 21.43 -47.18 3.66
C PRO B 218 21.35 -46.39 4.92
N THR B 219 22.19 -46.67 5.88
CA THR B 219 22.20 -45.90 7.12
C THR B 219 22.55 -44.46 6.89
N THR B 220 23.51 -44.23 5.98
CA THR B 220 23.87 -42.85 5.57
C THR B 220 23.03 -42.65 4.30
N GLN B 221 22.05 -41.71 4.41
CA GLN B 221 21.10 -41.65 3.33
C GLN B 221 20.55 -40.24 3.07
N ILE B 222 19.91 -40.11 1.90
CA ILE B 222 19.20 -38.86 1.59
C ILE B 222 17.87 -39.00 2.36
N SER B 223 17.61 -38.04 3.27
CA SER B 223 16.38 -38.09 4.06
C SER B 223 15.33 -37.12 3.59
N ASP B 224 15.71 -36.15 2.71
CA ASP B 224 14.71 -35.23 2.19
C ASP B 224 15.35 -34.46 1.07
N PHE B 225 14.57 -33.89 0.14
CA PHE B 225 15.12 -33.00 -0.90
C PHE B 225 13.98 -32.15 -1.42
N HIS B 226 14.34 -30.91 -1.67
CA HIS B 226 13.35 -29.93 -2.17
C HIS B 226 13.86 -29.35 -3.49
N VAL B 227 13.05 -29.32 -4.52
CA VAL B 227 13.52 -28.76 -5.81
C VAL B 227 12.73 -27.51 -6.19
N ALA B 228 13.40 -26.42 -6.50
CA ALA B 228 12.76 -25.16 -6.86
C ALA B 228 13.28 -24.65 -8.21
N THR B 229 12.46 -23.91 -8.94
CA THR B 229 12.87 -23.38 -10.23
C THR B 229 12.44 -21.95 -10.24
N ARG B 230 13.41 -21.03 -10.37
CA ARG B 230 13.08 -19.59 -10.43
C ARG B 230 13.57 -19.06 -11.78
N PHE B 231 12.95 -17.95 -12.23
CA PHE B 231 13.24 -17.49 -13.56
C PHE B 231 13.54 -16.00 -13.67
N ASN B 232 14.14 -15.63 -14.83
CA ASN B 232 14.30 -14.22 -15.15
C ASN B 232 12.93 -13.71 -15.70
N ASP B 233 12.88 -12.41 -16.00
CA ASP B 233 11.65 -11.84 -16.42
C ASP B 233 11.05 -12.43 -17.67
N ASP B 234 11.77 -12.95 -18.64
CA ASP B 234 11.02 -13.43 -19.77
C ASP B 234 11.18 -14.94 -19.90
N PHE B 235 11.58 -15.56 -18.79
CA PHE B 235 11.63 -17.03 -18.75
C PHE B 235 12.69 -17.60 -19.65
N SER B 236 13.62 -16.78 -20.04
CA SER B 236 14.65 -17.32 -20.93
C SER B 236 15.82 -17.99 -20.22
N ARG B 237 15.88 -17.70 -18.91
CA ARG B 237 16.89 -18.27 -18.02
C ARG B 237 16.23 -18.73 -16.72
N ALA B 238 16.72 -19.83 -16.18
CA ALA B 238 16.22 -20.34 -14.89
C ALA B 238 17.39 -20.84 -14.02
N VAL B 239 17.12 -20.90 -12.74
CA VAL B 239 18.03 -21.50 -11.79
C VAL B 239 17.24 -22.67 -11.17
N LEU B 240 17.77 -23.90 -11.23
CA LEU B 240 17.22 -25.07 -10.54
C LEU B 240 17.98 -25.10 -9.20
N GLU B 241 17.27 -25.02 -8.06
CA GLU B 241 17.93 -25.07 -6.75
C GLU B 241 17.43 -26.33 -6.05
N ALA B 242 18.32 -27.21 -5.64
CA ALA B 242 17.93 -28.44 -4.96
C ALA B 242 18.58 -28.46 -3.58
N GLU B 243 17.75 -28.40 -2.53
CA GLU B 243 18.24 -28.52 -1.16
C GLU B 243 18.14 -30.03 -0.76
N VAL B 244 19.27 -30.62 -0.27
CA VAL B 244 19.26 -32.06 0.05
C VAL B 244 19.68 -32.27 1.49
N GLN B 245 18.95 -33.09 2.20
CA GLN B 245 19.33 -33.28 3.61
C GLN B 245 19.74 -34.76 3.75
N MET B 246 20.63 -35.05 4.74
CA MET B 246 20.97 -36.44 4.98
C MET B 246 20.72 -36.82 6.43
N CYS B 247 20.69 -38.13 6.65
CA CYS B 247 20.64 -38.77 7.95
C CYS B 247 21.83 -39.76 7.93
N GLY B 248 22.41 -40.05 9.11
CA GLY B 248 23.59 -40.93 9.16
C GLY B 248 24.82 -40.14 9.68
N GLU B 249 26.02 -40.78 9.69
CA GLU B 249 27.22 -40.12 10.18
C GLU B 249 27.79 -39.17 9.16
N LEU B 250 28.00 -37.92 9.51
CA LEU B 250 28.56 -37.03 8.50
C LEU B 250 30.05 -37.32 8.39
N ARG B 251 30.63 -37.25 7.23
CA ARG B 251 32.07 -37.49 7.00
C ARG B 251 32.44 -36.56 5.90
N ASP B 252 33.65 -36.10 5.98
CA ASP B 252 34.10 -35.14 5.01
C ASP B 252 34.18 -35.64 3.58
N TYR B 253 34.23 -36.98 3.44
CA TYR B 253 34.32 -37.52 2.08
C TYR B 253 32.94 -37.67 1.40
N LEU B 254 31.88 -37.33 2.14
CA LEU B 254 30.55 -37.46 1.54
C LEU B 254 30.27 -36.32 0.57
N ARG B 255 29.46 -36.67 -0.47
CA ARG B 255 29.15 -35.68 -1.49
C ARG B 255 27.72 -35.82 -1.98
N VAL B 256 27.21 -34.67 -2.49
CA VAL B 256 25.96 -34.86 -3.20
C VAL B 256 26.21 -34.30 -4.62
N THR B 257 25.72 -35.02 -5.66
CA THR B 257 25.73 -34.51 -7.03
C THR B 257 24.28 -34.45 -7.42
N VAL B 258 23.86 -33.30 -7.99
CA VAL B 258 22.52 -33.23 -8.55
C VAL B 258 22.73 -32.98 -10.04
N SER B 259 22.09 -33.84 -10.87
CA SER B 259 22.23 -33.67 -12.31
C SER B 259 20.82 -33.55 -12.92
N LEU B 260 20.73 -32.72 -13.99
CA LEU B 260 19.44 -32.43 -14.64
C LEU B 260 19.51 -32.90 -16.10
N TRP B 261 18.51 -33.72 -16.48
CA TRP B 261 18.45 -34.35 -17.80
C TRP B 261 17.25 -33.93 -18.51
N GLN B 262 17.39 -33.79 -19.83
CA GLN B 262 16.28 -33.48 -20.75
C GLN B 262 16.33 -34.67 -21.67
N GLY B 263 15.44 -35.59 -21.45
CA GLY B 263 15.51 -36.82 -22.18
C GLY B 263 16.86 -37.43 -21.85
N GLU B 264 17.62 -37.80 -22.87
CA GLU B 264 18.89 -38.46 -22.67
C GLU B 264 20.09 -37.51 -22.57
N THR B 265 19.83 -36.22 -22.66
CA THR B 265 20.92 -35.26 -22.62
C THR B 265 21.15 -34.71 -21.24
N GLN B 266 22.37 -34.68 -20.74
CA GLN B 266 22.59 -34.06 -19.45
C GLN B 266 22.69 -32.60 -19.67
N VAL B 267 21.76 -31.89 -19.06
CA VAL B 267 21.75 -30.41 -19.18
C VAL B 267 22.68 -29.67 -18.22
N ALA B 268 22.80 -30.18 -16.97
CA ALA B 268 23.61 -29.50 -15.96
C ALA B 268 23.91 -30.47 -14.85
N SER B 269 24.96 -30.18 -14.04
CA SER B 269 25.31 -31.10 -12.98
C SER B 269 26.16 -30.31 -12.05
N GLY B 270 26.01 -30.55 -10.72
CA GLY B 270 26.78 -29.84 -9.72
C GLY B 270 27.04 -30.82 -8.56
N THR B 271 28.21 -30.66 -7.93
CA THR B 271 28.48 -31.55 -6.79
C THR B 271 29.02 -30.62 -5.66
N ALA B 272 28.74 -31.05 -4.38
CA ALA B 272 29.28 -30.36 -3.20
C ALA B 272 29.24 -31.33 -2.06
N PRO B 273 30.10 -31.01 -1.10
CA PRO B 273 30.10 -31.76 0.14
C PRO B 273 28.94 -31.12 1.00
N PHE B 274 28.57 -31.80 2.10
CA PHE B 274 27.53 -31.28 3.00
C PHE B 274 28.05 -30.07 3.75
N GLY B 275 27.15 -29.20 4.12
CA GLY B 275 27.52 -28.02 4.90
C GLY B 275 26.83 -26.83 4.33
N GLY B 276 25.68 -26.42 4.94
CA GLY B 276 24.97 -25.29 4.34
C GLY B 276 25.51 -23.93 4.83
N GLU B 277 24.96 -22.84 4.29
CA GLU B 277 25.40 -21.51 4.69
C GLU B 277 24.94 -21.18 6.15
N ILE B 278 25.60 -20.16 6.73
CA ILE B 278 25.19 -19.71 8.03
C ILE B 278 23.73 -19.30 8.02
N ILE B 279 22.93 -19.78 8.98
CA ILE B 279 21.51 -19.48 9.11
C ILE B 279 21.32 -18.44 10.26
N ASP B 280 21.98 -18.71 11.42
CA ASP B 280 21.78 -17.77 12.57
C ASP B 280 23.01 -17.79 13.45
N GLU B 281 22.84 -17.22 14.64
CA GLU B 281 24.02 -17.12 15.51
C GLU B 281 24.67 -18.45 15.83
N ARG B 282 23.95 -19.58 15.70
CA ARG B 282 24.52 -20.83 16.07
C ARG B 282 25.14 -21.52 14.89
N GLY B 283 25.08 -20.93 13.68
CA GLY B 283 25.73 -21.57 12.49
C GLY B 283 24.72 -21.95 11.41
N GLY B 284 24.95 -23.06 10.71
CA GLY B 284 24.09 -23.53 9.61
C GLY B 284 23.87 -25.03 9.80
N TYR B 285 23.25 -25.66 8.79
CA TYR B 285 22.94 -27.10 8.84
C TYR B 285 24.12 -27.89 8.22
N ALA B 286 24.88 -28.56 9.13
CA ALA B 286 26.03 -29.33 8.60
C ALA B 286 25.53 -30.56 7.81
N ASP B 287 24.25 -30.96 7.92
CA ASP B 287 23.65 -32.15 7.35
C ASP B 287 22.84 -31.84 6.11
N ARG B 288 23.08 -30.63 5.58
CA ARG B 288 22.30 -30.29 4.33
C ARG B 288 23.25 -29.61 3.35
N VAL B 289 22.81 -29.61 2.11
CA VAL B 289 23.57 -28.86 1.10
C VAL B 289 22.58 -28.43 -0.01
N THR B 290 22.86 -27.25 -0.60
CA THR B 290 22.05 -26.71 -1.67
C THR B 290 22.90 -26.60 -2.96
N LEU B 291 22.39 -27.25 -4.03
CA LEU B 291 23.03 -27.22 -5.32
C LEU B 291 22.25 -26.24 -6.17
N ARG B 292 22.95 -25.39 -6.96
CA ARG B 292 22.25 -24.47 -7.83
C ARG B 292 22.72 -24.70 -9.27
N LEU B 293 21.79 -25.04 -10.20
CA LEU B 293 22.16 -25.33 -11.59
C LEU B 293 21.54 -24.26 -12.49
N ASN B 294 22.33 -23.69 -13.39
CA ASN B 294 21.79 -22.71 -14.32
C ASN B 294 21.25 -23.41 -15.54
N VAL B 295 20.07 -22.96 -16.00
CA VAL B 295 19.50 -23.55 -17.18
C VAL B 295 19.10 -22.47 -18.10
N GLU B 296 19.68 -22.47 -19.32
CA GLU B 296 19.36 -21.49 -20.40
C GLU B 296 18.21 -21.93 -21.26
N ASN B 297 17.24 -21.01 -21.56
CA ASN B 297 16.12 -21.41 -22.45
C ASN B 297 15.42 -22.69 -22.04
N PRO B 298 15.04 -22.79 -20.77
CA PRO B 298 14.38 -24.01 -20.35
C PRO B 298 13.10 -24.27 -21.13
N LYS B 299 12.77 -25.53 -21.35
CA LYS B 299 11.48 -25.88 -21.94
C LYS B 299 10.48 -25.83 -20.74
N LEU B 300 9.47 -24.98 -20.86
CA LEU B 300 8.56 -24.78 -19.75
C LEU B 300 7.47 -25.77 -19.63
N TRP B 301 7.05 -26.07 -18.38
CA TRP B 301 5.97 -27.01 -18.17
C TRP B 301 4.63 -26.23 -18.07
N SER B 302 3.57 -26.79 -18.65
CA SER B 302 2.20 -26.28 -18.48
C SER B 302 1.30 -27.47 -18.79
N ALA B 303 0.01 -27.31 -18.59
CA ALA B 303 -0.92 -28.36 -18.93
C ALA B 303 -0.99 -28.44 -20.47
N GLU B 304 -0.67 -27.34 -21.20
CA GLU B 304 -0.72 -27.33 -22.67
C GLU B 304 0.42 -28.16 -23.24
N ILE B 305 1.60 -28.02 -22.66
CA ILE B 305 2.78 -28.82 -23.11
C ILE B 305 3.52 -29.14 -21.83
N PRO B 306 3.32 -30.36 -21.35
CA PRO B 306 3.94 -30.72 -20.07
C PRO B 306 5.39 -31.14 -20.22
N ASN B 307 6.27 -30.23 -20.65
CA ASN B 307 7.70 -30.50 -20.78
C ASN B 307 8.26 -30.84 -19.40
N LEU B 308 8.99 -31.96 -19.32
CA LEU B 308 9.61 -32.35 -18.06
C LEU B 308 11.09 -32.67 -18.29
N TYR B 309 11.86 -32.42 -17.24
CA TYR B 309 13.28 -32.77 -17.12
C TYR B 309 13.30 -33.78 -15.99
N ARG B 310 14.46 -34.39 -15.81
CA ARG B 310 14.59 -35.36 -14.73
C ARG B 310 15.75 -34.88 -13.84
N ALA B 311 15.53 -34.77 -12.53
CA ALA B 311 16.57 -34.40 -11.54
C ALA B 311 16.97 -35.70 -10.81
N VAL B 312 18.28 -35.96 -10.81
CA VAL B 312 18.82 -37.14 -10.13
C VAL B 312 19.76 -36.61 -9.02
N VAL B 313 19.45 -37.09 -7.80
CA VAL B 313 20.20 -36.65 -6.63
C VAL B 313 20.99 -37.88 -6.18
N GLU B 314 22.33 -37.75 -6.29
CA GLU B 314 23.19 -38.87 -5.87
C GLU B 314 23.98 -38.55 -4.61
N LEU B 315 23.90 -39.50 -3.66
CA LEU B 315 24.66 -39.39 -2.41
C LEU B 315 25.86 -40.34 -2.62
N HIS B 316 27.08 -39.79 -2.54
CA HIS B 316 28.20 -40.70 -2.89
C HIS B 316 29.47 -40.27 -2.14
N THR B 317 30.57 -41.06 -2.29
CA THR B 317 31.81 -40.62 -1.66
C THR B 317 32.64 -39.88 -2.69
N ALA B 318 33.61 -39.13 -2.17
CA ALA B 318 34.52 -38.32 -2.98
C ALA B 318 35.23 -39.18 -4.04
N ASP B 319 35.47 -40.47 -3.74
CA ASP B 319 36.14 -41.35 -4.70
C ASP B 319 35.21 -41.69 -5.82
N GLY B 320 33.94 -41.32 -5.70
CA GLY B 320 33.02 -41.66 -6.76
C GLY B 320 32.16 -42.85 -6.42
N THR B 321 32.21 -43.45 -5.22
CA THR B 321 31.32 -44.62 -5.01
C THR B 321 29.90 -44.20 -4.64
N LEU B 322 28.94 -44.71 -5.36
CA LEU B 322 27.55 -44.30 -5.11
C LEU B 322 27.03 -44.93 -3.84
N ILE B 323 26.34 -44.14 -2.95
CA ILE B 323 25.70 -44.73 -1.77
C ILE B 323 24.23 -45.01 -2.12
N GLU B 324 23.55 -43.99 -2.66
CA GLU B 324 22.20 -44.21 -3.18
C GLU B 324 21.83 -43.00 -4.03
N ALA B 325 20.73 -43.19 -4.76
CA ALA B 325 20.23 -42.10 -5.57
C ALA B 325 18.71 -41.98 -5.38
N GLU B 326 18.17 -40.74 -5.40
CA GLU B 326 16.74 -40.47 -5.39
C GLU B 326 16.54 -39.60 -6.61
N ALA B 327 15.31 -39.35 -7.07
CA ALA B 327 15.11 -38.57 -8.31
C ALA B 327 13.67 -38.06 -8.41
N CYS B 328 13.44 -37.10 -9.28
CA CYS B 328 12.04 -36.70 -9.51
C CYS B 328 11.92 -36.10 -10.90
N ASP B 329 10.71 -36.02 -11.38
CA ASP B 329 10.46 -35.30 -12.61
C ASP B 329 10.41 -33.79 -12.25
N VAL B 330 10.93 -32.92 -13.06
CA VAL B 330 10.91 -31.52 -12.76
C VAL B 330 10.21 -30.80 -13.89
N GLY B 331 9.29 -29.90 -13.55
CA GLY B 331 8.65 -29.06 -14.56
C GLY B 331 9.02 -27.60 -14.28
N PHE B 332 9.64 -26.91 -15.24
CA PHE B 332 10.04 -25.53 -15.04
C PHE B 332 8.81 -24.70 -15.24
N ARG B 333 8.27 -24.16 -14.17
CA ARG B 333 7.10 -23.26 -14.25
C ARG B 333 7.06 -22.43 -12.96
N GLU B 334 6.53 -21.20 -13.15
CA GLU B 334 6.36 -20.24 -12.05
C GLU B 334 4.86 -19.98 -11.91
N VAL B 335 4.40 -20.01 -10.68
CA VAL B 335 3.02 -19.72 -10.34
C VAL B 335 3.04 -18.54 -9.43
N ARG B 336 2.30 -17.52 -9.88
CA ARG B 336 2.27 -16.36 -8.99
C ARG B 336 0.95 -15.58 -9.12
N ILE B 337 0.55 -14.88 -8.07
CA ILE B 337 -0.61 -13.99 -8.21
C ILE B 337 -0.08 -12.55 -8.29
N GLU B 338 -0.47 -11.81 -9.38
CA GLU B 338 0.03 -10.43 -9.53
C GLU B 338 -1.10 -9.58 -10.04
N ASN B 339 -1.28 -8.44 -9.36
CA ASN B 339 -2.30 -7.48 -9.78
C ASN B 339 -3.70 -8.13 -9.86
N GLY B 340 -3.91 -9.10 -8.97
CA GLY B 340 -5.28 -9.73 -8.93
C GLY B 340 -5.48 -10.93 -9.85
N LEU B 341 -4.41 -11.34 -10.60
CA LEU B 341 -4.51 -12.48 -11.52
C LEU B 341 -3.48 -13.59 -11.21
N LEU B 342 -4.01 -14.82 -11.29
CA LEU B 342 -3.21 -16.02 -11.09
C LEU B 342 -2.47 -16.25 -12.43
N LEU B 343 -1.11 -16.19 -12.39
CA LEU B 343 -0.34 -16.36 -13.62
C LEU B 343 0.47 -17.66 -13.56
N LEU B 344 0.61 -18.26 -14.71
CA LEU B 344 1.46 -19.42 -14.84
C LEU B 344 2.47 -19.02 -15.95
N ASN B 345 3.79 -19.08 -15.65
CA ASN B 345 4.78 -18.65 -16.64
C ASN B 345 4.44 -17.23 -17.17
N GLY B 346 3.91 -16.39 -16.29
CA GLY B 346 3.61 -15.01 -16.59
C GLY B 346 2.31 -14.76 -17.37
N LYS B 347 1.53 -15.80 -17.66
CA LYS B 347 0.26 -15.64 -18.43
C LYS B 347 -0.93 -16.03 -17.50
N PRO B 348 -2.05 -15.32 -17.60
CA PRO B 348 -3.16 -15.63 -16.72
C PRO B 348 -3.92 -16.89 -17.12
N LEU B 349 -4.08 -17.77 -16.13
CA LEU B 349 -4.74 -19.01 -16.41
C LEU B 349 -6.25 -18.87 -16.50
N LEU B 350 -6.88 -19.84 -17.24
CA LEU B 350 -8.33 -19.97 -17.28
C LEU B 350 -8.51 -21.45 -16.91
N ILE B 351 -8.92 -21.70 -15.65
CA ILE B 351 -8.99 -23.04 -15.13
C ILE B 351 -10.27 -23.72 -15.56
N ARG B 352 -10.10 -24.79 -16.35
CA ARG B 352 -11.23 -25.61 -16.88
C ARG B 352 -11.10 -26.84 -15.99
N GLY B 353 -11.61 -26.72 -14.76
CA GLY B 353 -11.30 -27.81 -13.81
C GLY B 353 -12.45 -28.64 -13.40
N VAL B 354 -12.08 -29.67 -12.66
CA VAL B 354 -13.10 -30.53 -12.10
C VAL B 354 -12.58 -31.10 -10.79
N ASN B 355 -13.48 -31.31 -9.82
CA ASN B 355 -13.13 -31.98 -8.54
C ASN B 355 -13.26 -33.49 -8.84
N ARG B 356 -12.31 -34.24 -8.34
CA ARG B 356 -12.42 -35.70 -8.57
C ARG B 356 -12.11 -36.43 -7.26
N HIS B 357 -13.12 -37.21 -6.82
CA HIS B 357 -12.91 -38.13 -5.68
C HIS B 357 -12.22 -39.41 -6.17
N GLU B 358 -11.62 -40.13 -5.25
CA GLU B 358 -11.03 -41.43 -5.62
C GLU B 358 -12.09 -42.49 -5.39
N HIS B 359 -12.79 -42.90 -6.47
CA HIS B 359 -13.91 -43.86 -6.29
C HIS B 359 -13.97 -44.87 -7.44
N HIS B 360 -14.21 -46.14 -7.10
CA HIS B 360 -14.35 -47.22 -8.10
C HIS B 360 -15.58 -48.01 -7.66
N PRO B 361 -16.49 -48.30 -8.61
CA PRO B 361 -17.76 -48.93 -8.23
C PRO B 361 -17.60 -50.36 -7.69
N LEU B 362 -16.47 -51.00 -8.04
CA LEU B 362 -16.29 -52.33 -7.52
C LEU B 362 -15.23 -52.27 -6.41
N HIS B 363 -14.21 -51.41 -6.56
CA HIS B 363 -13.20 -51.46 -5.53
C HIS B 363 -13.28 -50.44 -4.41
N GLY B 364 -14.37 -49.62 -4.46
CA GLY B 364 -14.50 -48.61 -3.38
C GLY B 364 -13.49 -47.48 -3.50
N GLN B 365 -12.60 -47.34 -2.50
CA GLN B 365 -11.69 -46.21 -2.51
C GLN B 365 -10.25 -46.55 -2.88
N VAL B 366 -10.10 -47.78 -3.38
CA VAL B 366 -8.83 -48.26 -3.85
C VAL B 366 -8.68 -47.78 -5.29
N MET B 367 -7.55 -47.12 -5.59
CA MET B 367 -7.19 -46.57 -6.90
C MET B 367 -6.15 -47.39 -7.60
N ASP B 368 -6.35 -47.53 -8.94
CA ASP B 368 -5.42 -48.29 -9.75
C ASP B 368 -5.02 -47.41 -10.92
N GLU B 369 -3.86 -47.75 -11.49
CA GLU B 369 -3.36 -46.96 -12.57
C GLU B 369 -4.28 -46.87 -13.77
N GLN B 370 -4.89 -47.98 -14.12
CA GLN B 370 -5.74 -48.02 -15.31
C GLN B 370 -6.92 -47.05 -15.16
N THR B 371 -7.54 -47.04 -13.98
CA THR B 371 -8.68 -46.13 -13.79
C THR B 371 -8.22 -44.65 -13.80
N MET B 372 -7.03 -44.46 -13.17
CA MET B 372 -6.49 -43.10 -13.14
C MET B 372 -6.25 -42.60 -14.56
N VAL B 373 -5.57 -43.42 -15.37
CA VAL B 373 -5.29 -43.07 -16.79
C VAL B 373 -6.60 -42.86 -17.59
N GLN B 374 -7.58 -43.75 -17.34
CA GLN B 374 -8.84 -43.57 -18.00
C GLN B 374 -9.45 -42.21 -17.66
N ASP B 375 -9.40 -41.85 -16.35
CA ASP B 375 -9.96 -40.54 -15.95
C ASP B 375 -9.22 -39.38 -16.63
N ILE B 376 -7.88 -39.45 -16.61
CA ILE B 376 -7.06 -38.38 -17.22
C ILE B 376 -7.35 -38.23 -18.69
N LEU B 377 -7.41 -39.37 -19.37
CA LEU B 377 -7.68 -39.25 -20.79
C LEU B 377 -9.06 -38.58 -21.06
N LEU B 378 -10.11 -39.07 -20.34
CA LEU B 378 -11.43 -38.50 -20.56
C LEU B 378 -11.41 -37.00 -20.24
N MET B 379 -10.66 -36.64 -19.19
CA MET B 379 -10.62 -35.23 -18.83
C MET B 379 -10.08 -34.35 -19.97
N LYS B 380 -8.83 -34.69 -20.41
CA LYS B 380 -8.15 -33.96 -21.47
C LYS B 380 -8.97 -33.97 -22.76
N GLN B 381 -9.59 -35.11 -23.09
CA GLN B 381 -10.44 -35.19 -24.26
C GLN B 381 -11.65 -34.28 -24.18
N ASN B 382 -12.06 -33.97 -22.94
CA ASN B 382 -13.20 -33.11 -22.72
C ASN B 382 -12.82 -31.64 -22.34
N ASN B 383 -11.58 -31.29 -22.69
CA ASN B 383 -11.13 -29.93 -22.52
C ASN B 383 -10.99 -29.45 -21.08
N PHE B 384 -10.73 -30.37 -20.15
CA PHE B 384 -10.37 -29.98 -18.78
C PHE B 384 -8.85 -29.84 -18.78
N ASN B 385 -8.33 -28.87 -18.00
CA ASN B 385 -6.91 -28.66 -17.81
C ASN B 385 -6.57 -28.67 -16.36
N ALA B 386 -7.50 -28.97 -15.44
CA ALA B 386 -7.11 -28.90 -13.99
C ALA B 386 -8.06 -29.80 -13.19
N VAL B 387 -7.51 -30.20 -12.04
CA VAL B 387 -8.26 -31.09 -11.15
C VAL B 387 -7.96 -30.67 -9.69
N ARG B 388 -9.06 -30.71 -8.87
CA ARG B 388 -8.89 -30.46 -7.44
C ARG B 388 -9.05 -31.87 -6.78
N CYS B 389 -8.12 -32.17 -5.86
CA CYS B 389 -8.12 -33.43 -5.08
C CYS B 389 -9.18 -33.31 -3.96
N SER B 390 -10.49 -33.24 -4.32
CA SER B 390 -11.54 -33.15 -3.32
C SER B 390 -11.55 -34.48 -2.53
N HIS B 391 -11.27 -34.50 -1.20
CA HIS B 391 -10.79 -33.36 -0.41
C HIS B 391 -9.74 -34.01 0.51
N TYR B 392 -8.64 -34.41 -0.13
CA TYR B 392 -7.59 -35.09 0.61
C TYR B 392 -6.45 -35.37 -0.35
N PRO B 393 -5.27 -35.61 0.21
CA PRO B 393 -4.13 -35.96 -0.68
C PRO B 393 -4.44 -37.28 -1.41
N ASN B 394 -4.10 -37.41 -2.68
CA ASN B 394 -4.46 -38.59 -3.44
C ASN B 394 -3.33 -39.65 -3.45
N HIS B 395 -3.72 -40.81 -3.96
CA HIS B 395 -2.71 -41.84 -4.14
C HIS B 395 -1.53 -41.19 -4.91
N PRO B 396 -0.31 -41.58 -4.53
CA PRO B 396 0.92 -40.97 -5.13
C PRO B 396 1.01 -40.97 -6.64
N LEU B 397 0.49 -42.01 -7.24
CA LEU B 397 0.63 -42.06 -8.71
C LEU B 397 -0.11 -40.97 -9.41
N TRP B 398 -1.21 -40.50 -8.75
CA TRP B 398 -2.00 -39.49 -9.43
C TRP B 398 -1.16 -38.29 -9.87
N TYR B 399 -0.26 -37.83 -8.93
CA TYR B 399 0.57 -36.66 -9.20
C TYR B 399 1.56 -36.94 -10.36
N THR B 400 2.09 -38.15 -10.35
CA THR B 400 3.01 -38.56 -11.46
C THR B 400 2.25 -38.41 -12.79
N LEU B 401 1.00 -38.90 -12.84
CA LEU B 401 0.25 -38.84 -14.09
C LEU B 401 -0.07 -37.39 -14.51
N CYS B 402 -0.43 -36.58 -13.46
CA CYS B 402 -0.76 -35.18 -13.78
C CYS B 402 0.48 -34.43 -14.30
N ASP B 403 1.64 -34.76 -13.70
CA ASP B 403 2.90 -34.11 -14.15
C ASP B 403 3.18 -34.46 -15.61
N ARG B 404 2.94 -35.73 -15.99
CA ARG B 404 3.33 -36.17 -17.33
C ARG B 404 2.28 -35.95 -18.36
N TYR B 405 0.98 -36.06 -18.01
CA TYR B 405 -0.01 -35.81 -19.04
C TYR B 405 -0.32 -34.32 -19.11
N GLY B 406 -0.10 -33.60 -18.01
CA GLY B 406 -0.33 -32.20 -18.04
C GLY B 406 -1.74 -31.83 -17.51
N LEU B 407 -1.87 -31.69 -16.16
CA LEU B 407 -3.09 -31.15 -15.58
C LEU B 407 -2.61 -30.26 -14.40
N TYR B 408 -3.22 -29.09 -14.19
CA TYR B 408 -2.90 -28.27 -12.99
C TYR B 408 -3.66 -28.90 -11.83
N VAL B 409 -3.01 -29.06 -10.68
CA VAL B 409 -3.62 -29.70 -9.53
C VAL B 409 -3.68 -28.81 -8.30
N VAL B 410 -4.88 -28.89 -7.60
CA VAL B 410 -5.06 -28.27 -6.31
C VAL B 410 -4.88 -29.48 -5.34
N ASP B 411 -3.78 -29.49 -4.53
CA ASP B 411 -3.52 -30.56 -3.52
C ASP B 411 -4.14 -30.06 -2.18
N GLU B 412 -4.99 -30.88 -1.59
CA GLU B 412 -5.80 -30.49 -0.46
C GLU B 412 -5.64 -31.37 0.76
N ALA B 413 -5.39 -30.73 1.91
CA ALA B 413 -5.19 -31.46 3.15
C ALA B 413 -6.43 -32.20 3.56
N ASN B 414 -6.22 -33.38 4.17
CA ASN B 414 -7.38 -34.19 4.57
C ASN B 414 -8.01 -33.63 5.85
N ILE B 415 -8.72 -32.50 5.76
CA ILE B 415 -9.36 -31.95 6.95
C ILE B 415 -10.72 -31.49 6.52
N GLU B 416 -11.80 -32.13 7.04
CA GLU B 416 -13.15 -31.62 6.71
C GLU B 416 -13.97 -31.93 7.99
N THR B 417 -14.60 -30.90 8.59
CA THR B 417 -15.36 -31.11 9.83
C THR B 417 -16.77 -30.55 9.64
N HIS B 418 -17.29 -30.79 8.42
CA HIS B 418 -18.55 -30.20 8.08
C HIS B 418 -19.69 -30.38 9.08
N GLY B 419 -19.77 -31.57 9.71
CA GLY B 419 -20.88 -31.90 10.56
C GLY B 419 -20.80 -31.24 11.92
N MET B 420 -19.73 -30.47 12.23
CA MET B 420 -19.72 -29.77 13.54
C MET B 420 -20.72 -28.60 13.51
N VAL B 421 -21.09 -28.11 14.70
CA VAL B 421 -21.98 -26.96 14.81
C VAL B 421 -21.36 -26.02 15.84
N PRO B 422 -20.92 -24.83 15.45
CA PRO B 422 -20.90 -24.34 14.09
C PRO B 422 -19.75 -25.08 13.41
N MET B 423 -19.62 -24.83 12.08
CA MET B 423 -18.63 -25.58 11.31
C MET B 423 -17.18 -25.45 11.75
N ASN B 424 -16.82 -24.30 12.36
CA ASN B 424 -15.43 -24.16 12.79
C ASN B 424 -15.20 -24.55 14.29
N ARG B 425 -16.12 -25.33 14.90
CA ARG B 425 -15.99 -25.62 16.32
C ARG B 425 -14.57 -26.23 16.67
N LEU B 426 -14.05 -27.13 15.80
CA LEU B 426 -12.73 -27.72 16.06
C LEU B 426 -11.59 -26.85 15.46
N THR B 427 -11.84 -26.23 14.29
CA THR B 427 -10.74 -25.49 13.63
C THR B 427 -10.41 -24.20 14.28
N ASP B 428 -11.33 -23.73 15.12
CA ASP B 428 -11.04 -22.52 15.90
C ASP B 428 -10.46 -22.87 17.33
N ASP B 429 -10.29 -24.18 17.57
CA ASP B 429 -9.88 -24.68 18.91
C ASP B 429 -8.40 -25.03 18.87
N PRO B 430 -7.57 -24.40 19.72
CA PRO B 430 -6.17 -24.63 19.65
C PRO B 430 -5.83 -25.98 20.02
N ARG B 431 -6.69 -26.62 20.78
CA ARG B 431 -6.29 -27.98 21.09
C ARG B 431 -6.28 -28.88 19.85
N TRP B 432 -6.98 -28.52 18.77
CA TRP B 432 -7.00 -29.33 17.54
C TRP B 432 -5.92 -28.84 16.50
N LEU B 433 -5.18 -27.79 16.89
CA LEU B 433 -4.18 -27.28 15.99
C LEU B 433 -3.10 -28.35 15.64
N PRO B 434 -2.61 -29.13 16.62
CA PRO B 434 -1.62 -30.14 16.29
C PRO B 434 -2.10 -31.16 15.28
N ALA B 435 -3.27 -31.79 15.49
CA ALA B 435 -3.78 -32.75 14.55
C ALA B 435 -4.00 -32.14 13.17
N MET B 436 -4.53 -30.91 13.15
CA MET B 436 -4.70 -30.30 11.85
C MET B 436 -3.37 -30.03 11.25
N SER B 437 -2.43 -29.55 12.05
CA SER B 437 -1.18 -29.22 11.40
C SER B 437 -0.56 -30.42 10.70
N GLU B 438 -0.58 -31.60 11.32
CA GLU B 438 0.03 -32.75 10.63
C GLU B 438 -0.59 -33.09 9.27
N ARG B 439 -1.90 -32.79 9.14
CA ARG B 439 -2.56 -33.10 7.88
C ARG B 439 -2.07 -32.13 6.78
N VAL B 440 -1.71 -30.90 7.16
CA VAL B 440 -1.22 -29.96 6.16
C VAL B 440 0.28 -30.17 5.98
N THR B 441 1.05 -30.21 7.04
CA THR B 441 2.52 -30.26 6.87
C THR B 441 2.99 -31.50 6.18
N ARG B 442 2.40 -32.64 6.53
CA ARG B 442 2.84 -33.90 5.92
C ARG B 442 2.45 -33.98 4.43
N MET B 443 1.40 -33.27 4.02
CA MET B 443 1.02 -33.29 2.59
C MET B 443 2.08 -32.48 1.83
N VAL B 444 2.45 -31.29 2.36
CA VAL B 444 3.41 -30.46 1.67
C VAL B 444 4.73 -31.18 1.60
N GLN B 445 5.15 -31.83 2.73
CA GLN B 445 6.45 -32.54 2.68
C GLN B 445 6.50 -33.65 1.64
N ARG B 446 5.33 -34.22 1.38
CA ARG B 446 5.25 -35.30 0.39
C ARG B 446 5.22 -34.83 -1.06
N ASP B 447 4.41 -33.79 -1.32
CA ASP B 447 4.10 -33.45 -2.71
C ASP B 447 4.72 -32.19 -3.26
N ARG B 448 5.56 -31.48 -2.48
CA ARG B 448 6.04 -30.18 -2.93
C ARG B 448 6.92 -30.19 -4.16
N ASN B 449 7.46 -31.39 -4.57
CA ASN B 449 8.34 -31.36 -5.76
C ASN B 449 7.51 -31.66 -7.01
N HIS B 450 6.19 -31.84 -6.94
CA HIS B 450 5.49 -32.13 -8.17
C HIS B 450 5.12 -30.85 -8.90
N PRO B 451 5.52 -30.71 -10.17
CA PRO B 451 5.13 -29.49 -10.90
C PRO B 451 3.62 -29.32 -11.15
N SER B 452 2.88 -30.43 -11.30
CA SER B 452 1.43 -30.35 -11.55
C SER B 452 0.71 -29.65 -10.37
N VAL B 453 1.25 -29.77 -9.13
CA VAL B 453 0.61 -29.09 -8.02
C VAL B 453 0.95 -27.60 -8.15
N ILE B 454 -0.10 -26.82 -8.37
CA ILE B 454 0.10 -25.36 -8.47
C ILE B 454 -0.50 -24.59 -7.33
N ILE B 455 -1.40 -25.16 -6.56
CA ILE B 455 -2.06 -24.47 -5.46
C ILE B 455 -2.24 -25.46 -4.31
N TRP B 456 -1.99 -24.99 -3.09
CA TRP B 456 -2.27 -25.84 -1.93
C TRP B 456 -3.63 -25.43 -1.34
N SER B 457 -4.36 -26.41 -0.79
CA SER B 457 -5.66 -26.07 -0.15
C SER B 457 -5.65 -26.58 1.28
N LEU B 458 -6.25 -25.80 2.19
CA LEU B 458 -6.20 -26.20 3.64
C LEU B 458 -7.26 -27.22 4.08
N GLY B 459 -7.99 -27.74 3.09
CA GLY B 459 -9.05 -28.72 3.41
C GLY B 459 -10.35 -28.23 2.86
N ASN B 460 -11.46 -28.66 3.48
CA ASN B 460 -12.77 -28.30 2.94
C ASN B 460 -13.83 -28.27 4.07
N GLU B 461 -14.78 -27.34 3.89
CA GLU B 461 -15.96 -27.32 4.77
C GLU B 461 -15.63 -27.56 6.20
N SER B 462 -14.80 -26.67 6.71
CA SER B 462 -14.44 -26.76 8.17
C SER B 462 -14.57 -25.35 8.81
N GLY B 463 -15.49 -24.54 8.23
CA GLY B 463 -15.65 -23.18 8.71
C GLY B 463 -14.31 -22.41 8.54
N HIS B 464 -14.16 -21.30 9.28
CA HIS B 464 -12.86 -20.61 9.28
C HIS B 464 -12.51 -20.46 10.73
N GLY B 465 -11.39 -21.03 11.12
CA GLY B 465 -10.91 -20.92 12.52
C GLY B 465 -9.49 -20.43 12.52
N ALA B 466 -9.01 -20.02 13.71
CA ALA B 466 -7.62 -19.49 13.78
C ALA B 466 -6.58 -20.53 13.38
N ASN B 467 -6.91 -21.85 13.51
CA ASN B 467 -5.92 -22.86 13.08
C ASN B 467 -5.67 -22.74 11.59
N HIS B 468 -6.71 -22.31 10.83
CA HIS B 468 -6.52 -22.14 9.38
C HIS B 468 -5.53 -21.03 9.14
N ASP B 469 -5.69 -19.91 9.86
CA ASP B 469 -4.80 -18.80 9.59
C ASP B 469 -3.36 -19.18 9.92
N ALA B 470 -3.18 -19.91 11.02
CA ALA B 470 -1.84 -20.38 11.42
C ALA B 470 -1.22 -21.27 10.28
N LEU B 471 -2.04 -22.20 9.74
CA LEU B 471 -1.54 -23.15 8.69
C LEU B 471 -1.35 -22.49 7.31
N TYR B 472 -2.22 -21.51 7.05
CA TYR B 472 -2.02 -20.75 5.84
C TYR B 472 -0.61 -20.12 5.88
N ARG B 473 -0.25 -19.49 7.00
CA ARG B 473 1.05 -18.85 7.09
C ARG B 473 2.20 -19.83 7.09
N TRP B 474 1.99 -20.98 7.70
CA TRP B 474 3.04 -21.96 7.66
C TRP B 474 3.39 -22.28 6.17
N ILE B 475 2.35 -22.57 5.43
CA ILE B 475 2.69 -22.92 4.04
C ILE B 475 3.35 -21.79 3.31
N LYS B 476 2.81 -20.59 3.45
CA LYS B 476 3.39 -19.45 2.75
C LYS B 476 4.84 -19.33 3.11
N SER B 477 5.18 -19.65 4.36
CA SER B 477 6.52 -19.51 4.80
C SER B 477 7.45 -20.58 4.26
N VAL B 478 7.04 -21.83 4.24
CA VAL B 478 7.89 -22.92 3.74
C VAL B 478 7.86 -23.02 2.21
N ASP B 479 6.81 -22.63 1.52
CA ASP B 479 6.83 -22.81 0.08
C ASP B 479 6.20 -21.58 -0.56
N PRO B 480 7.03 -20.63 -0.86
CA PRO B 480 6.48 -19.47 -1.48
C PRO B 480 6.12 -19.67 -2.93
N SER B 481 6.38 -20.81 -3.47
CA SER B 481 6.13 -20.94 -4.88
C SER B 481 4.70 -21.21 -5.36
N ARG B 482 3.75 -21.40 -4.43
CA ARG B 482 2.40 -21.77 -4.82
C ARG B 482 1.44 -20.98 -3.91
N PRO B 483 0.39 -20.48 -4.49
CA PRO B 483 -0.62 -19.79 -3.66
C PRO B 483 -1.31 -20.83 -2.74
N VAL B 484 -1.98 -20.29 -1.67
CA VAL B 484 -2.77 -21.16 -0.80
C VAL B 484 -4.22 -20.74 -0.88
N GLN B 485 -5.14 -21.71 -0.97
CA GLN B 485 -6.53 -21.33 -0.94
C GLN B 485 -7.25 -22.14 0.11
N TYR B 486 -8.44 -21.60 0.42
CA TYR B 486 -9.34 -22.29 1.37
C TYR B 486 -10.72 -21.59 1.33
N GLU B 487 -11.77 -22.39 1.19
CA GLU B 487 -13.12 -21.84 1.02
C GLU B 487 -13.91 -21.57 2.29
N GLY B 488 -13.58 -22.24 3.38
CA GLY B 488 -14.42 -22.17 4.56
C GLY B 488 -14.54 -20.81 5.14
N GLY B 489 -15.69 -20.56 5.81
CA GLY B 489 -15.85 -19.26 6.44
C GLY B 489 -16.24 -18.17 5.49
N GLY B 490 -16.77 -18.49 4.28
CA GLY B 490 -17.20 -17.38 3.42
C GLY B 490 -16.37 -17.17 2.17
N ALA B 491 -15.37 -18.03 1.93
CA ALA B 491 -14.61 -18.05 0.67
C ALA B 491 -13.62 -16.97 0.39
N ASP B 492 -13.56 -15.94 1.22
CA ASP B 492 -12.68 -14.80 0.97
C ASP B 492 -12.02 -14.33 2.29
N THR B 493 -11.82 -15.32 3.18
CA THR B 493 -11.20 -15.00 4.47
C THR B 493 -9.71 -14.64 4.37
N THR B 494 -9.09 -14.41 5.53
CA THR B 494 -7.65 -14.16 5.55
C THR B 494 -6.82 -15.44 5.36
N ALA B 495 -7.46 -16.60 5.17
CA ALA B 495 -6.66 -17.81 5.00
C ALA B 495 -6.67 -18.24 3.51
N THR B 496 -7.02 -17.30 2.59
CA THR B 496 -7.03 -17.69 1.20
C THR B 496 -6.48 -16.60 0.30
N ASP B 497 -5.62 -17.02 -0.66
CA ASP B 497 -5.10 -16.07 -1.62
C ASP B 497 -6.02 -15.93 -2.83
N ILE B 498 -7.01 -16.81 -2.96
CA ILE B 498 -7.96 -16.81 -4.06
C ILE B 498 -9.38 -16.79 -3.53
N ILE B 499 -10.27 -15.95 -4.10
CA ILE B 499 -11.69 -16.01 -3.67
C ILE B 499 -12.18 -17.30 -4.29
N CYS B 500 -12.58 -18.30 -3.48
CA CYS B 500 -12.82 -19.63 -4.08
C CYS B 500 -14.14 -20.23 -3.58
N PRO B 501 -15.26 -19.56 -3.89
CA PRO B 501 -16.53 -20.05 -3.40
C PRO B 501 -16.98 -21.34 -4.07
N MET B 502 -18.00 -21.95 -3.41
CA MET B 502 -18.63 -23.15 -3.94
C MET B 502 -20.07 -22.80 -4.24
N TYR B 503 -20.47 -23.03 -5.51
CA TYR B 503 -21.84 -22.81 -5.96
C TYR B 503 -22.29 -21.39 -5.89
N ALA B 504 -21.34 -20.41 -5.92
CA ALA B 504 -21.82 -19.05 -6.05
C ALA B 504 -22.33 -18.95 -7.54
N ARG B 505 -23.45 -18.23 -7.76
CA ARG B 505 -24.03 -18.16 -9.08
C ARG B 505 -23.41 -16.99 -9.85
N VAL B 506 -23.74 -16.94 -11.13
CA VAL B 506 -23.10 -15.95 -11.99
C VAL B 506 -23.61 -14.53 -11.75
N ASP B 507 -24.93 -14.39 -11.76
CA ASP B 507 -25.50 -13.08 -11.61
C ASP B 507 -26.31 -12.92 -10.34
N GLU B 508 -26.76 -14.01 -9.77
CA GLU B 508 -27.65 -13.91 -8.63
C GLU B 508 -26.95 -14.03 -7.28
N ASP B 509 -27.19 -12.99 -6.44
CA ASP B 509 -26.61 -13.07 -5.10
C ASP B 509 -27.44 -13.96 -4.18
N GLN B 510 -26.82 -14.59 -3.22
CA GLN B 510 -27.54 -15.41 -2.21
C GLN B 510 -26.96 -14.94 -0.87
N PRO B 511 -27.59 -13.91 -0.36
CA PRO B 511 -26.99 -13.27 0.79
C PRO B 511 -27.13 -13.95 2.13
N PHE B 512 -26.70 -15.19 2.27
CA PHE B 512 -26.84 -15.85 3.56
C PHE B 512 -26.09 -15.05 4.67
N PRO B 513 -26.66 -15.02 5.88
CA PRO B 513 -25.97 -14.33 7.00
C PRO B 513 -24.62 -14.96 7.26
N ALA B 514 -23.68 -14.06 7.55
CA ALA B 514 -22.32 -14.39 7.90
C ALA B 514 -21.46 -14.92 6.73
N VAL B 515 -22.03 -15.79 5.86
CA VAL B 515 -21.24 -16.35 4.80
C VAL B 515 -22.03 -16.24 3.53
N PRO B 516 -22.33 -15.03 3.07
CA PRO B 516 -23.14 -14.88 1.86
C PRO B 516 -22.38 -15.44 0.66
N LYS B 517 -23.15 -15.87 -0.35
CA LYS B 517 -22.58 -16.37 -1.58
C LYS B 517 -22.94 -15.32 -2.64
N TRP B 518 -22.08 -14.31 -2.86
CA TRP B 518 -22.39 -13.27 -3.85
C TRP B 518 -22.33 -13.82 -5.27
N SER B 519 -23.02 -13.11 -6.20
CA SER B 519 -22.85 -13.34 -7.63
C SER B 519 -21.30 -13.19 -7.77
N ILE B 520 -20.68 -14.04 -8.59
CA ILE B 520 -19.23 -13.97 -8.78
C ILE B 520 -18.75 -12.67 -9.41
N LYS B 521 -19.57 -12.13 -10.30
CA LYS B 521 -19.21 -10.85 -10.96
C LYS B 521 -19.20 -9.70 -9.91
N LYS B 522 -20.20 -9.75 -9.03
CA LYS B 522 -20.22 -8.75 -8.01
C LYS B 522 -19.15 -9.00 -6.96
N TRP B 523 -18.87 -10.26 -6.65
CA TRP B 523 -17.93 -10.51 -5.57
C TRP B 523 -16.55 -9.85 -5.89
N LEU B 524 -16.09 -9.91 -7.14
CA LEU B 524 -14.79 -9.39 -7.50
C LEU B 524 -14.60 -7.93 -7.10
N SER B 525 -15.68 -7.18 -7.18
CA SER B 525 -15.61 -5.75 -6.98
C SER B 525 -16.05 -5.26 -5.64
N LEU B 526 -16.28 -6.14 -4.67
CA LEU B 526 -16.66 -5.60 -3.38
C LEU B 526 -15.60 -4.64 -2.90
N PRO B 527 -16.01 -3.64 -2.11
CA PRO B 527 -15.05 -2.63 -1.60
C PRO B 527 -13.79 -3.25 -1.04
N GLY B 528 -12.67 -2.74 -1.55
CA GLY B 528 -11.34 -3.17 -1.12
C GLY B 528 -10.88 -4.51 -1.70
N GLU B 529 -11.76 -5.32 -2.39
CA GLU B 529 -11.35 -6.67 -2.91
C GLU B 529 -10.49 -6.61 -4.15
N THR B 530 -9.43 -7.41 -4.18
CA THR B 530 -8.55 -7.38 -5.31
C THR B 530 -8.13 -8.77 -5.78
N ARG B 531 -8.52 -9.84 -5.10
CA ARG B 531 -7.98 -11.14 -5.48
C ARG B 531 -8.67 -11.74 -6.70
N PRO B 532 -8.01 -12.76 -7.28
CA PRO B 532 -8.67 -13.48 -8.40
C PRO B 532 -9.77 -14.38 -7.78
N LEU B 533 -10.75 -14.76 -8.59
CA LEU B 533 -11.80 -15.64 -8.10
C LEU B 533 -11.86 -16.90 -8.99
N ILE B 534 -11.74 -18.08 -8.37
CA ILE B 534 -11.77 -19.40 -9.09
C ILE B 534 -12.65 -20.26 -8.18
N LEU B 535 -13.81 -20.68 -8.72
CA LEU B 535 -14.74 -21.44 -7.80
C LEU B 535 -14.12 -22.78 -7.43
N CYS B 536 -14.10 -23.14 -6.18
CA CYS B 536 -13.51 -24.44 -5.87
C CYS B 536 -14.53 -25.53 -6.28
N GLN B 537 -15.84 -25.20 -6.36
CA GLN B 537 -16.85 -26.15 -6.82
C GLN B 537 -17.94 -25.37 -7.46
N TYR B 538 -18.40 -25.77 -8.66
CA TYR B 538 -19.52 -25.09 -9.27
C TYR B 538 -20.19 -26.08 -10.23
N ALA B 539 -21.42 -25.72 -10.52
CA ALA B 539 -22.31 -26.58 -11.35
C ALA B 539 -22.43 -28.09 -10.98
C ALA B 539 -22.51 -27.71 -10.30
N HIS B 540 -23.28 -28.31 -10.00
N HIS B 540 -23.46 -28.57 -10.43
CA HIS B 540 -23.55 -29.63 -9.40
C HIS B 540 -24.24 -30.68 -10.34
N ALA B 541 -23.42 -31.58 -10.89
CA ALA B 541 -23.89 -32.47 -11.97
C ALA B 541 -24.62 -33.71 -11.49
N MET B 542 -25.59 -33.43 -10.62
CA MET B 542 -26.35 -34.55 -10.06
C MET B 542 -27.54 -34.87 -10.93
N GLY B 543 -27.55 -36.06 -11.52
CA GLY B 543 -28.70 -36.39 -12.37
C GLY B 543 -28.65 -35.54 -13.64
N ASN B 544 -29.84 -35.20 -14.11
CA ASN B 544 -30.00 -34.42 -15.36
C ASN B 544 -29.77 -32.97 -14.96
N SER B 545 -28.53 -32.58 -15.17
CA SER B 545 -28.10 -31.29 -14.62
C SER B 545 -27.11 -30.53 -15.51
N LEU B 546 -26.43 -29.48 -15.01
CA LEU B 546 -25.57 -28.65 -15.85
C LEU B 546 -26.33 -27.61 -16.61
N GLY B 547 -27.61 -27.40 -16.20
CA GLY B 547 -28.39 -26.30 -16.79
C GLY B 547 -27.71 -24.99 -16.35
N GLY B 548 -27.45 -24.10 -17.35
CA GLY B 548 -26.84 -22.80 -17.07
C GLY B 548 -25.33 -22.84 -17.09
N PHE B 549 -24.76 -23.96 -17.52
CA PHE B 549 -23.30 -24.07 -17.54
C PHE B 549 -22.67 -22.99 -18.41
N ALA B 550 -23.30 -22.70 -19.53
CA ALA B 550 -22.73 -21.67 -20.44
C ALA B 550 -22.65 -20.28 -19.84
N LYS B 551 -23.56 -20.02 -18.88
CA LYS B 551 -23.53 -18.72 -18.26
C LYS B 551 -22.22 -18.49 -17.51
N TYR B 552 -21.70 -19.55 -16.90
CA TYR B 552 -20.40 -19.41 -16.18
C TYR B 552 -19.25 -19.09 -17.16
N TRP B 553 -19.21 -19.84 -18.27
CA TRP B 553 -18.13 -19.65 -19.24
C TRP B 553 -18.20 -18.31 -19.94
N GLN B 554 -19.38 -17.76 -20.18
CA GLN B 554 -19.44 -16.44 -20.79
C GLN B 554 -18.84 -15.44 -19.79
N ALA B 555 -19.14 -15.62 -18.50
CA ALA B 555 -18.61 -14.68 -17.50
C ALA B 555 -17.11 -14.80 -17.32
N PHE B 556 -16.62 -16.09 -17.25
CA PHE B 556 -15.15 -16.31 -17.14
C PHE B 556 -14.43 -15.64 -18.34
N ARG B 557 -14.98 -15.70 -19.53
CA ARG B 557 -14.20 -15.10 -20.63
C ARG B 557 -14.31 -13.60 -20.62
N GLN B 558 -15.46 -13.02 -20.14
CA GLN B 558 -15.56 -11.57 -20.11
C GLN B 558 -14.77 -10.88 -19.00
N TYR B 559 -14.62 -11.53 -17.84
CA TYR B 559 -13.99 -10.89 -16.66
C TYR B 559 -12.62 -11.39 -16.43
N PRO B 560 -11.58 -10.56 -16.60
CA PRO B 560 -10.26 -11.12 -16.41
C PRO B 560 -10.06 -11.83 -15.05
N ARG B 561 -10.54 -11.20 -13.96
CA ARG B 561 -10.34 -11.82 -12.63
C ARG B 561 -11.22 -13.03 -12.35
N LEU B 562 -12.19 -13.32 -13.22
CA LEU B 562 -12.94 -14.58 -13.04
C LEU B 562 -12.06 -15.60 -13.85
N GLN B 563 -11.29 -16.43 -13.14
CA GLN B 563 -10.33 -17.35 -13.79
C GLN B 563 -10.77 -18.77 -13.84
N GLY B 564 -12.07 -19.00 -13.71
CA GLY B 564 -12.59 -20.36 -13.93
C GLY B 564 -13.05 -21.02 -12.66
N GLY B 565 -12.94 -22.36 -12.67
CA GLY B 565 -13.47 -23.10 -11.52
C GLY B 565 -13.33 -24.63 -11.72
N PHE B 566 -13.70 -25.33 -10.66
CA PHE B 566 -13.67 -26.83 -10.67
C PHE B 566 -15.13 -27.33 -10.59
N VAL B 567 -15.62 -27.98 -11.65
CA VAL B 567 -16.99 -28.48 -11.66
C VAL B 567 -17.14 -29.56 -10.54
N TRP B 568 -18.36 -29.61 -9.98
CA TRP B 568 -18.70 -30.57 -8.97
C TRP B 568 -19.65 -31.63 -9.59
N ASP B 569 -19.19 -32.87 -9.92
CA ASP B 569 -17.79 -33.35 -9.77
C ASP B 569 -17.52 -34.36 -10.91
N TRP B 570 -16.40 -35.05 -10.88
CA TRP B 570 -16.10 -35.92 -12.00
C TRP B 570 -16.97 -37.16 -12.16
N VAL B 571 -16.97 -38.02 -11.14
CA VAL B 571 -17.61 -39.34 -11.25
C VAL B 571 -18.60 -39.68 -10.16
N ASP B 572 -19.74 -40.23 -10.58
CA ASP B 572 -20.72 -40.66 -9.58
C ASP B 572 -20.17 -41.67 -8.57
N GLN B 573 -20.49 -41.48 -7.27
CA GLN B 573 -19.99 -42.44 -6.28
C GLN B 573 -21.02 -43.52 -6.08
N SER B 574 -21.37 -44.23 -7.17
CA SER B 574 -22.38 -45.33 -6.98
C SER B 574 -21.51 -46.60 -6.76
N LEU B 575 -22.11 -47.61 -6.09
CA LEU B 575 -21.39 -48.86 -5.85
C LEU B 575 -22.15 -50.00 -6.48
N ILE B 576 -21.50 -51.06 -6.88
CA ILE B 576 -22.25 -52.17 -7.46
C ILE B 576 -22.80 -53.15 -6.44
N LYS B 577 -24.08 -53.51 -6.59
CA LYS B 577 -24.80 -54.55 -5.81
C LYS B 577 -25.28 -55.58 -6.86
N TYR B 578 -25.64 -56.81 -6.35
CA TYR B 578 -26.04 -57.90 -7.25
C TYR B 578 -27.41 -58.37 -6.89
N ASP B 579 -28.27 -58.55 -7.88
CA ASP B 579 -29.62 -59.00 -7.54
C ASP B 579 -29.69 -60.53 -7.30
N GLU B 580 -30.94 -61.01 -7.17
CA GLU B 580 -31.21 -62.43 -6.95
C GLU B 580 -30.51 -63.32 -7.98
N ASN B 581 -30.64 -62.89 -9.22
CA ASN B 581 -30.08 -63.50 -10.39
C ASN B 581 -28.58 -63.24 -10.49
N GLY B 582 -27.97 -62.47 -9.59
CA GLY B 582 -26.54 -62.29 -9.78
C GLY B 582 -26.23 -61.14 -10.73
N ASN B 583 -27.21 -60.42 -11.22
CA ASN B 583 -26.81 -59.33 -12.09
C ASN B 583 -26.58 -58.01 -11.29
N PRO B 584 -25.62 -57.27 -11.78
CA PRO B 584 -25.21 -56.06 -11.07
C PRO B 584 -26.13 -54.89 -11.25
N TRP B 585 -26.14 -54.02 -10.24
CA TRP B 585 -26.92 -52.82 -10.40
C TRP B 585 -26.23 -51.75 -9.54
N SER B 586 -26.49 -50.48 -9.91
CA SER B 586 -25.86 -49.28 -9.26
C SER B 586 -26.66 -48.86 -8.04
N ALA B 587 -25.93 -48.83 -6.87
CA ALA B 587 -26.52 -48.54 -5.56
C ALA B 587 -26.06 -47.18 -5.01
N TYR B 588 -26.96 -46.58 -4.21
CA TYR B 588 -26.53 -45.32 -3.61
C TYR B 588 -26.82 -45.36 -2.11
N GLY B 589 -26.89 -44.17 -1.44
CA GLY B 589 -27.10 -44.10 0.02
C GLY B 589 -28.32 -44.88 0.46
N GLY B 590 -28.15 -45.67 1.52
CA GLY B 590 -29.24 -46.45 2.12
C GLY B 590 -29.33 -47.84 1.52
N ASP B 591 -28.73 -48.04 0.35
CA ASP B 591 -28.84 -49.35 -0.25
C ASP B 591 -28.06 -50.49 0.42
N PHE B 592 -27.33 -50.19 1.47
CA PHE B 592 -26.60 -51.22 2.19
C PHE B 592 -27.16 -51.32 3.60
N GLY B 593 -28.35 -50.76 3.84
CA GLY B 593 -28.88 -50.80 5.20
C GLY B 593 -28.29 -49.65 6.06
N ASP B 594 -27.43 -48.83 5.42
CA ASP B 594 -26.83 -47.67 6.14
C ASP B 594 -27.88 -46.58 6.46
N THR B 595 -27.96 -46.16 7.71
CA THR B 595 -28.91 -45.12 8.06
C THR B 595 -28.41 -44.44 9.33
N PRO B 596 -28.52 -43.14 9.41
CA PRO B 596 -29.11 -42.29 8.38
C PRO B 596 -28.19 -42.32 7.15
N ASN B 597 -28.75 -41.88 6.00
CA ASN B 597 -27.95 -41.80 4.73
C ASN B 597 -28.51 -40.60 3.93
N ASP B 598 -27.75 -40.23 2.91
CA ASP B 598 -28.17 -39.15 2.07
C ASP B 598 -28.51 -39.57 0.65
N ARG B 599 -29.03 -40.80 0.55
CA ARG B 599 -29.57 -41.28 -0.69
C ARG B 599 -28.73 -41.00 -1.94
N GLN B 600 -29.37 -40.41 -3.01
CA GLN B 600 -28.62 -40.24 -4.27
C GLN B 600 -27.65 -39.06 -4.28
N PHE B 601 -27.48 -38.34 -3.15
CA PHE B 601 -26.56 -37.16 -3.19
C PHE B 601 -25.13 -37.60 -3.40
N CYS B 602 -24.81 -38.91 -3.40
CA CYS B 602 -23.45 -39.34 -3.67
C CYS B 602 -23.15 -39.44 -5.20
N MET B 603 -24.18 -39.22 -6.01
CA MET B 603 -23.96 -39.29 -7.46
C MET B 603 -24.14 -37.88 -8.07
N ASN B 604 -22.97 -37.22 -8.27
CA ASN B 604 -22.98 -35.82 -8.79
C ASN B 604 -21.98 -35.72 -9.99
N GLY B 605 -21.59 -36.83 -10.63
CA GLY B 605 -20.53 -36.76 -11.61
C GLY B 605 -20.94 -36.52 -13.05
N LEU B 606 -19.95 -36.03 -13.80
CA LEU B 606 -20.09 -35.80 -15.24
C LEU B 606 -20.09 -37.18 -15.91
N VAL B 607 -19.44 -38.14 -15.24
CA VAL B 607 -19.46 -39.52 -15.75
C VAL B 607 -20.14 -40.46 -14.73
N PHE B 608 -20.74 -41.56 -15.22
CA PHE B 608 -21.24 -42.64 -14.36
C PHE B 608 -20.00 -43.31 -13.70
N ALA B 609 -20.24 -44.12 -12.65
CA ALA B 609 -19.14 -44.80 -11.97
C ALA B 609 -18.24 -45.65 -12.86
N ASP B 610 -18.82 -46.18 -13.93
CA ASP B 610 -18.03 -47.00 -14.82
C ASP B 610 -17.36 -46.17 -15.93
N ARG B 611 -17.40 -44.85 -15.76
CA ARG B 611 -16.70 -44.00 -16.73
C ARG B 611 -17.45 -43.68 -18.02
N THR B 612 -18.64 -44.24 -18.22
CA THR B 612 -19.50 -43.87 -19.38
C THR B 612 -19.96 -42.44 -19.14
N PRO B 613 -19.98 -41.60 -20.17
CA PRO B 613 -20.35 -40.24 -19.86
C PRO B 613 -21.79 -40.01 -19.68
N HIS B 614 -22.09 -38.97 -18.86
CA HIS B 614 -23.45 -38.45 -18.76
C HIS B 614 -23.53 -37.45 -19.91
N PRO B 615 -24.75 -37.10 -20.38
CA PRO B 615 -24.83 -36.13 -21.49
C PRO B 615 -24.18 -34.75 -21.09
N ALA B 616 -24.18 -34.41 -19.78
CA ALA B 616 -23.61 -33.13 -19.41
C ALA B 616 -22.14 -32.99 -19.82
N LEU B 617 -21.44 -34.14 -19.94
CA LEU B 617 -20.03 -34.01 -20.29
C LEU B 617 -19.78 -33.23 -21.59
N THR B 618 -20.64 -33.45 -22.59
CA THR B 618 -20.46 -32.77 -23.83
C THR B 618 -20.65 -31.28 -23.68
N GLU B 619 -21.56 -30.90 -22.80
CA GLU B 619 -21.76 -29.49 -22.65
C GLU B 619 -20.51 -28.89 -22.07
N ALA B 620 -19.89 -29.59 -21.13
CA ALA B 620 -18.65 -29.04 -20.52
C ALA B 620 -17.53 -28.96 -21.59
N LYS B 621 -17.39 -30.03 -22.42
CA LYS B 621 -16.35 -30.01 -23.46
C LYS B 621 -16.49 -28.78 -24.39
N HIS B 622 -17.71 -28.49 -24.83
CA HIS B 622 -17.95 -27.39 -25.76
C HIS B 622 -17.69 -26.05 -25.09
N GLN B 623 -18.20 -25.85 -23.88
CA GLN B 623 -18.00 -24.54 -23.25
C GLN B 623 -16.53 -24.33 -22.86
N GLN B 624 -15.81 -25.42 -22.60
CA GLN B 624 -14.39 -25.30 -22.26
C GLN B 624 -13.43 -25.36 -23.45
N GLN B 625 -13.98 -25.23 -24.67
CA GLN B 625 -13.17 -25.28 -25.90
C GLN B 625 -12.07 -24.23 -25.80
N PHE B 626 -10.93 -24.52 -26.47
CA PHE B 626 -9.76 -23.60 -26.48
C PHE B 626 -9.72 -22.69 -27.73
N PHE B 627 -10.71 -22.86 -28.64
CA PHE B 627 -10.79 -22.00 -29.80
C PHE B 627 -12.21 -21.40 -29.77
N GLN B 628 -12.28 -20.07 -30.05
CA GLN B 628 -13.54 -19.32 -30.10
C GLN B 628 -13.69 -18.86 -31.54
N PHE B 629 -14.93 -18.60 -31.96
CA PHE B 629 -15.10 -18.25 -33.35
C PHE B 629 -16.10 -17.15 -33.51
N ARG B 630 -16.01 -16.41 -34.63
CA ARG B 630 -17.05 -15.40 -34.94
C ARG B 630 -17.23 -15.51 -36.42
N LEU B 631 -18.36 -15.06 -36.92
CA LEU B 631 -18.44 -15.13 -38.37
C LEU B 631 -18.80 -13.79 -38.93
N SER B 632 -18.24 -13.45 -40.07
CA SER B 632 -18.65 -12.19 -40.69
C SER B 632 -18.53 -12.39 -42.18
N GLY B 633 -19.69 -12.51 -42.80
CA GLY B 633 -19.72 -12.77 -44.23
C GLY B 633 -19.10 -14.08 -44.59
N GLN B 634 -18.04 -14.05 -45.36
CA GLN B 634 -17.52 -15.36 -45.70
C GLN B 634 -16.35 -15.65 -44.82
N THR B 635 -16.22 -14.74 -43.87
CA THR B 635 -15.08 -14.90 -43.01
C THR B 635 -15.41 -15.46 -41.62
N ILE B 636 -14.59 -16.45 -41.29
CA ILE B 636 -14.63 -17.04 -39.95
C ILE B 636 -13.37 -16.58 -39.22
N GLU B 637 -13.53 -16.03 -38.03
CA GLU B 637 -12.37 -15.56 -37.19
C GLU B 637 -12.22 -16.56 -36.06
N VAL B 638 -11.04 -17.16 -36.05
CA VAL B 638 -10.71 -18.21 -35.06
C VAL B 638 -9.78 -17.59 -34.06
N THR B 639 -10.10 -17.64 -32.78
CA THR B 639 -9.21 -17.08 -31.79
C THR B 639 -8.68 -18.23 -30.88
N SER B 640 -7.42 -18.24 -30.56
CA SER B 640 -6.91 -19.27 -29.71
C SER B 640 -6.87 -18.85 -28.26
N GLU B 641 -7.38 -19.72 -27.36
CA GLU B 641 -7.26 -19.45 -25.96
C GLU B 641 -6.07 -20.22 -25.37
N TYR B 642 -5.16 -20.83 -26.15
CA TYR B 642 -3.96 -21.44 -25.58
C TYR B 642 -3.06 -20.28 -25.22
N LEU B 643 -2.32 -20.43 -24.13
CA LEU B 643 -1.41 -19.37 -23.68
C LEU B 643 0.05 -19.58 -24.21
N PHE B 644 0.40 -20.85 -24.49
CA PHE B 644 1.75 -21.21 -24.75
C PHE B 644 1.95 -21.92 -26.08
N ARG B 645 1.06 -22.71 -26.59
CA ARG B 645 1.35 -23.40 -27.86
C ARG B 645 0.64 -22.78 -29.07
N HIS B 646 1.24 -22.95 -30.25
CA HIS B 646 0.57 -22.60 -31.55
C HIS B 646 -0.33 -23.83 -31.86
N SER B 647 -1.26 -23.66 -32.81
CA SER B 647 -2.19 -24.74 -33.14
C SER B 647 -1.50 -25.70 -34.11
N ASP B 648 -0.51 -26.38 -33.61
CA ASP B 648 0.24 -27.30 -34.49
C ASP B 648 -0.21 -28.70 -34.64
N ASN B 649 -1.44 -28.95 -34.21
CA ASN B 649 -1.99 -30.25 -34.39
C ASN B 649 -3.51 -29.98 -34.55
N GLU B 650 -3.84 -29.08 -35.50
CA GLU B 650 -5.21 -28.76 -35.68
C GLU B 650 -5.49 -28.26 -37.06
N LEU B 651 -6.65 -28.62 -37.59
CA LEU B 651 -7.16 -28.14 -38.87
C LEU B 651 -8.68 -27.90 -38.68
N LEU B 652 -9.15 -26.97 -39.51
CA LEU B 652 -10.56 -26.66 -39.39
C LEU B 652 -11.36 -27.30 -40.49
N HIS B 653 -12.44 -27.96 -40.13
CA HIS B 653 -13.35 -28.56 -41.10
C HIS B 653 -14.58 -27.67 -41.09
N TRP B 654 -15.25 -27.49 -42.27
CA TRP B 654 -16.45 -26.67 -42.32
C TRP B 654 -17.45 -27.35 -43.29
N MET B 655 -18.74 -27.14 -43.00
CA MET B 655 -19.75 -27.79 -43.78
C MET B 655 -20.98 -26.92 -43.80
N VAL B 656 -21.55 -26.80 -45.01
CA VAL B 656 -22.76 -25.99 -45.19
C VAL B 656 -23.84 -26.97 -45.60
N ALA B 657 -24.96 -27.02 -44.82
CA ALA B 657 -26.04 -27.96 -45.07
C ALA B 657 -27.39 -27.27 -45.06
N LEU B 658 -28.33 -27.82 -45.85
CA LEU B 658 -29.65 -27.24 -45.88
C LEU B 658 -30.53 -28.27 -45.27
N ASP B 659 -31.17 -27.92 -44.13
CA ASP B 659 -31.99 -28.93 -43.53
C ASP B 659 -31.30 -30.29 -43.38
N GLY B 660 -30.02 -30.30 -43.01
CA GLY B 660 -29.42 -31.60 -42.87
C GLY B 660 -28.70 -32.13 -44.10
N LYS B 661 -28.99 -31.57 -45.31
CA LYS B 661 -28.33 -32.05 -46.46
C LYS B 661 -27.13 -31.21 -46.77
N PRO B 662 -26.00 -31.86 -46.80
CA PRO B 662 -24.75 -31.17 -47.10
C PRO B 662 -24.71 -30.67 -48.49
N LEU B 663 -24.28 -29.47 -48.60
CA LEU B 663 -24.19 -28.85 -49.89
C LEU B 663 -22.76 -28.51 -50.20
N ALA B 664 -21.95 -28.18 -49.21
CA ALA B 664 -20.55 -27.83 -49.42
C ALA B 664 -19.74 -27.97 -48.13
N SER B 665 -18.44 -28.24 -48.30
CA SER B 665 -17.59 -28.41 -47.15
C SER B 665 -16.19 -28.37 -47.58
N GLY B 666 -15.25 -28.30 -46.65
CA GLY B 666 -13.83 -28.27 -46.96
C GLY B 666 -13.01 -28.28 -45.68
N GLU B 667 -11.75 -28.07 -45.89
CA GLU B 667 -10.82 -28.08 -44.79
C GLU B 667 -9.81 -27.01 -45.01
N VAL B 668 -9.35 -26.43 -43.90
CA VAL B 668 -8.37 -25.35 -43.90
C VAL B 668 -7.38 -25.57 -42.76
N PRO B 669 -6.12 -25.42 -43.01
CA PRO B 669 -5.09 -25.59 -41.98
C PRO B 669 -5.20 -24.45 -41.01
N LEU B 670 -4.97 -24.74 -39.73
CA LEU B 670 -5.04 -23.73 -38.68
C LEU B 670 -3.66 -23.42 -38.20
N ASP B 671 -3.35 -22.15 -38.20
CA ASP B 671 -2.02 -21.85 -37.71
C ASP B 671 -2.23 -20.66 -36.80
N VAL B 672 -2.73 -20.85 -35.59
CA VAL B 672 -3.02 -19.69 -34.79
C VAL B 672 -2.04 -19.62 -33.61
N ALA B 673 -1.44 -18.46 -33.39
CA ALA B 673 -0.52 -18.36 -32.25
C ALA B 673 -1.37 -18.34 -30.91
N PRO B 674 -0.71 -18.64 -29.74
CA PRO B 674 -1.44 -18.54 -28.47
C PRO B 674 -1.99 -17.14 -28.29
N GLN B 675 -3.28 -17.09 -27.95
CA GLN B 675 -4.01 -15.85 -27.79
C GLN B 675 -4.11 -15.12 -29.10
N GLY B 676 -3.72 -15.65 -30.26
CA GLY B 676 -3.83 -14.94 -31.54
C GLY B 676 -5.14 -15.29 -32.29
N LYS B 677 -5.23 -14.79 -33.51
CA LYS B 677 -6.41 -14.99 -34.33
C LYS B 677 -5.98 -15.39 -35.74
N GLN B 678 -6.89 -16.07 -36.48
CA GLN B 678 -6.65 -16.44 -37.82
C GLN B 678 -7.96 -16.13 -38.55
N LEU B 679 -7.91 -15.48 -39.71
CA LEU B 679 -9.15 -15.20 -40.49
C LEU B 679 -9.17 -16.17 -41.63
N ILE B 680 -10.30 -16.80 -41.85
CA ILE B 680 -10.45 -17.78 -42.89
C ILE B 680 -11.59 -17.42 -43.83
N GLU B 681 -11.24 -17.21 -45.05
CA GLU B 681 -12.33 -16.83 -45.91
C GLU B 681 -13.03 -17.98 -46.55
N LEU B 682 -14.33 -18.10 -46.40
CA LEU B 682 -14.95 -19.25 -47.05
C LEU B 682 -15.11 -18.93 -48.55
N PRO B 683 -15.13 -19.94 -49.41
CA PRO B 683 -15.32 -19.69 -50.85
C PRO B 683 -16.76 -19.32 -51.13
N GLU B 684 -17.04 -18.43 -52.11
CA GLU B 684 -18.41 -18.02 -52.46
C GLU B 684 -19.21 -19.28 -52.73
N LEU B 685 -20.44 -19.33 -52.30
CA LEU B 685 -21.04 -20.62 -52.65
C LEU B 685 -22.32 -20.40 -53.46
N PRO B 686 -22.54 -21.34 -54.34
CA PRO B 686 -23.77 -21.36 -55.12
C PRO B 686 -25.04 -21.24 -54.26
N GLN B 687 -26.07 -20.60 -54.82
CA GLN B 687 -27.36 -20.45 -54.17
C GLN B 687 -27.95 -21.86 -53.93
N PRO B 688 -28.79 -22.05 -52.96
CA PRO B 688 -29.39 -23.37 -52.83
C PRO B 688 -30.60 -23.48 -53.75
N GLU B 689 -30.82 -24.76 -54.05
CA GLU B 689 -31.82 -25.33 -54.93
C GLU B 689 -33.22 -25.30 -54.34
N SER B 690 -33.37 -25.46 -53.04
CA SER B 690 -34.70 -25.41 -52.45
C SER B 690 -34.83 -24.51 -51.18
N ALA B 691 -36.07 -24.35 -50.66
CA ALA B 691 -36.41 -23.55 -49.49
C ALA B 691 -35.81 -24.12 -48.24
N GLY B 692 -35.63 -23.28 -47.22
CA GLY B 692 -35.12 -23.90 -46.02
C GLY B 692 -34.02 -23.00 -45.44
N GLN B 693 -33.51 -23.43 -44.29
CA GLN B 693 -32.44 -22.70 -43.55
C GLN B 693 -31.10 -23.33 -43.79
N LEU B 694 -30.13 -22.56 -44.22
CA LEU B 694 -28.76 -23.10 -44.43
C LEU B 694 -28.03 -22.92 -43.08
N TRP B 695 -27.25 -23.93 -42.74
CA TRP B 695 -26.52 -23.91 -41.49
C TRP B 695 -25.04 -24.17 -41.78
N LEU B 696 -24.15 -23.39 -41.14
CA LEU B 696 -22.71 -23.58 -41.22
C LEU B 696 -22.24 -24.20 -39.91
N THR B 697 -21.53 -25.32 -40.02
CA THR B 697 -20.89 -26.00 -38.89
C THR B 697 -19.38 -26.03 -39.12
N VAL B 698 -18.61 -25.74 -38.08
CA VAL B 698 -17.15 -25.81 -38.13
C VAL B 698 -16.69 -26.70 -36.98
N ARG B 699 -15.63 -27.46 -37.18
CA ARG B 699 -15.09 -28.34 -36.17
C ARG B 699 -13.55 -28.21 -36.29
N VAL B 700 -12.87 -28.28 -35.15
CA VAL B 700 -11.41 -28.28 -35.07
C VAL B 700 -11.06 -29.73 -34.81
N VAL B 701 -10.23 -30.30 -35.72
CA VAL B 701 -9.85 -31.72 -35.63
C VAL B 701 -8.34 -31.80 -35.48
N GLN B 702 -7.89 -32.77 -34.64
CA GLN B 702 -6.42 -32.93 -34.47
C GLN B 702 -6.03 -34.16 -35.35
N PRO B 703 -5.29 -33.87 -36.41
CA PRO B 703 -5.00 -34.95 -37.31
C PRO B 703 -4.14 -35.99 -36.70
N ASN B 704 -3.23 -35.59 -35.81
CA ASN B 704 -2.29 -36.58 -35.24
C ASN B 704 -2.66 -37.09 -33.86
N ALA B 705 -2.39 -38.34 -33.56
CA ALA B 705 -2.68 -38.82 -32.21
C ALA B 705 -1.74 -38.15 -31.22
N THR B 706 -2.07 -38.10 -29.91
CA THR B 706 -1.19 -37.48 -28.91
C THR B 706 -1.15 -38.48 -27.79
N ALA B 707 -0.43 -38.13 -26.73
CA ALA B 707 -0.48 -39.05 -25.60
C ALA B 707 -1.92 -39.21 -25.02
N TRP B 708 -2.89 -38.32 -25.25
CA TRP B 708 -4.18 -38.45 -24.61
C TRP B 708 -5.36 -38.49 -25.59
N SER B 709 -5.09 -38.54 -26.91
CA SER B 709 -6.21 -38.52 -27.88
C SER B 709 -5.81 -39.24 -29.16
N GLU B 710 -6.81 -39.73 -29.86
CA GLU B 710 -6.53 -40.44 -31.10
C GLU B 710 -6.53 -39.49 -32.27
N ALA B 711 -5.95 -39.95 -33.39
CA ALA B 711 -5.97 -39.12 -34.55
C ALA B 711 -7.41 -38.87 -34.92
N GLY B 712 -7.74 -37.67 -35.36
CA GLY B 712 -9.13 -37.36 -35.73
C GLY B 712 -9.96 -36.74 -34.60
N HIS B 713 -9.39 -36.68 -33.37
CA HIS B 713 -10.11 -36.09 -32.25
C HIS B 713 -10.65 -34.69 -32.59
N ILE B 714 -11.94 -34.50 -32.28
CA ILE B 714 -12.57 -33.21 -32.45
C ILE B 714 -12.46 -32.43 -31.12
N SER B 715 -11.78 -31.28 -31.16
CA SER B 715 -11.59 -30.54 -29.86
C SER B 715 -12.52 -29.31 -29.73
N ALA B 716 -13.19 -28.87 -30.83
CA ALA B 716 -13.98 -27.71 -30.70
C ALA B 716 -14.94 -27.60 -31.86
N TRP B 717 -16.08 -26.89 -31.68
CA TRP B 717 -17.02 -26.78 -32.82
C TRP B 717 -17.94 -25.57 -32.58
N GLN B 718 -18.64 -25.14 -33.63
CA GLN B 718 -19.54 -23.99 -33.52
C GLN B 718 -20.47 -24.03 -34.78
N GLN B 719 -21.76 -23.57 -34.62
CA GLN B 719 -22.62 -23.52 -35.75
C GLN B 719 -23.20 -22.13 -35.86
N TRP B 720 -23.66 -21.81 -37.06
CA TRP B 720 -24.34 -20.53 -37.30
C TRP B 720 -25.42 -20.75 -38.37
N ARG B 721 -26.51 -20.00 -38.27
CA ARG B 721 -27.50 -20.09 -39.31
C ARG B 721 -26.96 -19.11 -40.42
N LEU B 722 -27.05 -19.48 -41.71
CA LEU B 722 -26.66 -18.60 -42.82
C LEU B 722 -27.99 -18.21 -43.50
N ALA B 723 -28.03 -18.08 -44.81
CA ALA B 723 -29.32 -17.65 -45.36
C ALA B 723 -30.50 -18.57 -45.08
N GLU B 724 -31.71 -18.00 -45.08
CA GLU B 724 -32.88 -18.85 -44.95
C GLU B 724 -33.77 -18.44 -46.13
N ASN B 725 -34.33 -19.41 -46.82
CA ASN B 725 -35.25 -19.04 -47.90
C ASN B 725 -36.62 -19.55 -47.48
N LEU B 726 -37.55 -18.65 -47.08
CA LEU B 726 -38.83 -19.20 -46.60
C LEU B 726 -39.65 -19.80 -47.74
N SER B 727 -40.39 -20.87 -47.43
CA SER B 727 -41.20 -21.53 -48.45
C SER B 727 -42.48 -20.77 -48.72
N VAL B 728 -42.67 -20.39 -50.01
CA VAL B 728 -43.86 -19.71 -50.38
C VAL B 728 -44.59 -20.55 -51.41
N THR B 729 -44.17 -21.78 -51.54
CA THR B 729 -44.76 -22.66 -52.55
C THR B 729 -46.00 -23.28 -52.03
N LEU B 730 -47.08 -22.93 -52.75
CA LEU B 730 -48.42 -23.39 -52.51
C LEU B 730 -48.37 -24.88 -52.79
N PRO B 731 -48.58 -25.66 -51.72
CA PRO B 731 -48.54 -27.10 -51.73
C PRO B 731 -48.78 -27.84 -53.05
N ALA B 732 -50.08 -28.08 -53.30
CA ALA B 732 -50.69 -28.82 -54.42
C ALA B 732 -51.97 -29.52 -53.95
N ALA B 733 -53.12 -29.10 -54.52
CA ALA B 733 -54.45 -29.62 -54.20
C ALA B 733 -54.65 -31.13 -54.13
N SER B 734 -55.04 -31.49 -52.92
CA SER B 734 -55.26 -32.85 -52.54
C SER B 734 -56.08 -33.65 -53.52
N HIS B 735 -55.75 -34.92 -53.56
CA HIS B 735 -56.45 -35.79 -54.45
C HIS B 735 -57.84 -36.04 -53.86
N ALA B 736 -57.99 -36.15 -52.53
CA ALA B 736 -59.31 -36.41 -51.96
C ALA B 736 -59.81 -35.47 -50.82
N ILE B 737 -61.03 -35.68 -50.31
CA ILE B 737 -61.57 -34.84 -49.25
C ILE B 737 -61.94 -35.76 -48.09
N PRO B 738 -61.44 -35.52 -46.87
CA PRO B 738 -61.71 -36.42 -45.70
C PRO B 738 -63.19 -36.35 -45.34
N HIS B 739 -63.73 -37.45 -44.82
CA HIS B 739 -65.12 -37.50 -44.43
C HIS B 739 -65.27 -37.48 -42.91
N LEU B 740 -66.24 -36.72 -42.41
CA LEU B 740 -66.57 -36.65 -41.01
C LEU B 740 -67.84 -37.48 -40.74
N THR B 741 -67.69 -38.44 -39.84
CA THR B 741 -68.78 -39.25 -39.32
C THR B 741 -69.09 -38.82 -37.88
N THR B 742 -70.24 -38.25 -37.68
CA THR B 742 -70.52 -37.83 -36.32
C THR B 742 -71.41 -38.80 -35.60
N SER B 743 -71.14 -39.08 -34.33
CA SER B 743 -71.95 -40.01 -33.53
C SER B 743 -72.19 -39.40 -32.19
N GLU B 744 -73.00 -39.98 -31.32
CA GLU B 744 -73.24 -39.33 -30.03
C GLU B 744 -71.95 -39.17 -29.23
N MET B 745 -71.22 -40.26 -29.23
CA MET B 745 -70.01 -40.18 -28.45
C MET B 745 -68.72 -39.80 -29.17
N ASP B 746 -68.67 -39.77 -30.51
CA ASP B 746 -67.40 -39.50 -31.19
C ASP B 746 -67.52 -38.73 -32.45
N PHE B 747 -66.45 -38.05 -32.83
CA PHE B 747 -66.25 -37.42 -34.15
C PHE B 747 -65.14 -38.28 -34.82
N CYS B 748 -65.42 -38.98 -35.97
CA CYS B 748 -64.46 -39.86 -36.70
C CYS B 748 -64.20 -39.23 -38.02
N ILE B 749 -62.97 -39.32 -38.47
CA ILE B 749 -62.62 -38.73 -39.73
C ILE B 749 -62.01 -39.82 -40.51
N GLU B 750 -62.41 -39.99 -41.81
CA GLU B 750 -61.77 -41.06 -42.59
C GLU B 750 -61.14 -40.47 -43.84
N LEU B 751 -59.95 -40.94 -44.18
CA LEU B 751 -59.23 -40.49 -45.41
C LEU B 751 -58.41 -41.65 -45.93
N GLY B 752 -58.82 -42.31 -47.06
CA GLY B 752 -58.01 -43.44 -47.53
C GLY B 752 -58.08 -44.57 -46.57
N ASN B 753 -56.97 -45.19 -46.25
CA ASN B 753 -57.09 -46.24 -45.31
C ASN B 753 -56.76 -45.69 -43.92
N LYS B 754 -56.88 -44.39 -43.67
CA LYS B 754 -56.56 -43.92 -42.32
C LYS B 754 -57.85 -43.46 -41.66
N ARG B 755 -57.95 -43.55 -40.30
CA ARG B 755 -59.12 -43.07 -39.59
C ARG B 755 -58.66 -42.41 -38.28
N TRP B 756 -59.33 -41.33 -37.83
CA TRP B 756 -58.97 -40.71 -36.58
C TRP B 756 -60.24 -40.64 -35.78
N GLN B 757 -60.17 -40.86 -34.45
CA GLN B 757 -61.34 -40.79 -33.61
C GLN B 757 -61.16 -39.83 -32.47
N PHE B 758 -62.08 -38.88 -32.40
CA PHE B 758 -62.09 -37.91 -31.31
C PHE B 758 -63.29 -38.22 -30.41
N ASN B 759 -63.02 -38.55 -29.16
CA ASN B 759 -64.10 -38.82 -28.22
C ASN B 759 -64.71 -37.54 -27.74
N ARG B 760 -66.04 -37.44 -27.85
CA ARG B 760 -66.81 -36.22 -27.55
C ARG B 760 -66.94 -35.84 -26.07
N GLN B 761 -66.69 -36.87 -25.20
CA GLN B 761 -66.79 -36.65 -23.73
C GLN B 761 -65.45 -36.29 -23.15
N SER B 762 -64.40 -36.87 -23.68
CA SER B 762 -63.03 -36.52 -23.22
C SER B 762 -62.48 -35.31 -23.99
N GLY B 763 -62.81 -35.15 -25.29
CA GLY B 763 -62.33 -34.04 -26.10
C GLY B 763 -60.91 -34.33 -26.60
N PHE B 764 -60.45 -35.57 -26.57
CA PHE B 764 -59.11 -35.88 -27.12
C PHE B 764 -59.21 -36.93 -28.22
N LEU B 765 -58.14 -36.96 -29.00
CA LEU B 765 -57.93 -37.97 -30.05
C LEU B 765 -57.65 -39.26 -29.32
N SER B 766 -58.64 -40.15 -29.29
CA SER B 766 -58.47 -41.42 -28.58
C SER B 766 -57.86 -42.58 -29.37
N GLN B 767 -57.97 -42.53 -30.73
CA GLN B 767 -57.44 -43.62 -31.51
C GLN B 767 -57.20 -43.18 -32.95
N MET B 768 -56.23 -43.82 -33.58
CA MET B 768 -55.91 -43.47 -34.93
C MET B 768 -55.61 -44.81 -35.54
N TRP B 769 -56.15 -45.06 -36.74
CA TRP B 769 -55.84 -46.35 -37.37
C TRP B 769 -55.18 -46.17 -38.75
N ILE B 770 -54.22 -47.05 -39.06
CA ILE B 770 -53.63 -47.09 -40.40
C ILE B 770 -54.20 -48.40 -40.89
N GLY B 771 -55.21 -48.40 -41.76
CA GLY B 771 -55.81 -49.67 -42.12
C GLY B 771 -56.62 -50.13 -40.91
N ASP B 772 -56.43 -51.37 -40.56
CA ASP B 772 -57.13 -51.85 -39.41
C ASP B 772 -56.24 -51.78 -38.19
N LYS B 773 -55.09 -51.14 -38.29
CA LYS B 773 -54.20 -51.17 -37.12
C LYS B 773 -54.22 -49.91 -36.25
N LYS B 774 -54.60 -50.10 -34.97
CA LYS B 774 -54.63 -49.04 -33.97
C LYS B 774 -53.18 -48.49 -33.77
N GLN B 775 -53.04 -47.15 -33.66
CA GLN B 775 -51.71 -46.58 -33.49
C GLN B 775 -51.49 -46.06 -32.08
N LEU B 776 -52.55 -45.96 -31.30
CA LEU B 776 -52.43 -45.45 -29.92
C LEU B 776 -52.81 -46.46 -28.82
N LEU B 777 -52.06 -46.44 -27.70
CA LEU B 777 -52.44 -47.25 -26.55
C LEU B 777 -53.10 -46.32 -25.55
N THR B 778 -52.75 -45.02 -25.56
CA THR B 778 -53.36 -44.07 -24.64
C THR B 778 -53.68 -42.84 -25.45
N PRO B 779 -54.74 -42.17 -25.26
CA PRO B 779 -55.02 -41.00 -26.05
C PRO B 779 -53.95 -39.91 -25.97
N LEU B 780 -54.02 -39.00 -26.94
CA LEU B 780 -53.12 -37.87 -27.05
C LEU B 780 -53.72 -36.77 -26.17
N ARG B 781 -53.00 -36.44 -25.06
CA ARG B 781 -53.51 -35.45 -24.13
C ARG B 781 -52.41 -34.40 -23.75
N ASP B 782 -52.86 -33.22 -23.36
CA ASP B 782 -51.85 -32.27 -22.90
C ASP B 782 -51.10 -32.81 -21.65
N GLN B 783 -49.85 -32.34 -21.44
CA GLN B 783 -49.09 -32.75 -20.27
C GLN B 783 -48.39 -31.49 -19.80
N PHE B 784 -48.50 -31.19 -18.48
CA PHE B 784 -47.87 -29.98 -17.95
C PHE B 784 -46.81 -30.32 -16.90
N THR B 785 -46.53 -31.61 -16.68
CA THR B 785 -45.60 -32.00 -15.61
C THR B 785 -44.50 -32.89 -16.15
N ARG B 786 -43.41 -33.06 -15.36
CA ARG B 786 -42.36 -33.97 -15.75
C ARG B 786 -41.99 -34.82 -14.56
N ALA B 787 -41.47 -36.04 -14.79
CA ALA B 787 -40.99 -36.88 -13.68
C ALA B 787 -39.81 -36.06 -13.12
N PRO B 788 -39.90 -35.70 -11.85
CA PRO B 788 -38.96 -34.73 -11.27
C PRO B 788 -37.49 -35.07 -11.31
N LEU B 789 -36.69 -34.09 -11.78
CA LEU B 789 -35.28 -34.33 -11.80
C LEU B 789 -34.74 -34.17 -10.36
N ASP B 790 -33.49 -34.63 -10.16
CA ASP B 790 -32.86 -34.40 -8.86
C ASP B 790 -32.90 -32.88 -8.50
N ASN B 791 -32.69 -32.00 -9.49
CA ASN B 791 -32.70 -30.55 -9.20
C ASN B 791 -34.10 -30.09 -8.87
N ASP B 792 -35.16 -30.78 -9.34
CA ASP B 792 -36.52 -30.34 -8.98
C ASP B 792 -36.88 -30.75 -7.55
N ILE B 793 -36.27 -31.85 -7.12
CA ILE B 793 -36.52 -32.43 -5.76
C ILE B 793 -35.67 -31.71 -4.69
N GLY B 794 -34.39 -31.48 -5.06
CA GLY B 794 -33.54 -30.85 -4.04
C GLY B 794 -33.37 -31.80 -2.85
N VAL B 795 -33.43 -31.21 -1.62
CA VAL B 795 -33.31 -32.07 -0.45
C VAL B 795 -34.70 -32.49 0.06
N SER B 796 -35.76 -32.16 -0.66
CA SER B 796 -37.07 -32.51 -0.15
C SER B 796 -37.18 -34.00 0.00
N GLU B 797 -37.90 -34.42 1.06
CA GLU B 797 -38.09 -35.84 1.39
C GLU B 797 -39.48 -35.97 2.00
N ALA B 798 -40.05 -37.13 1.78
CA ALA B 798 -41.39 -37.39 2.32
C ALA B 798 -41.52 -37.12 3.80
N THR B 799 -40.46 -37.49 4.44
CA THR B 799 -40.21 -37.38 5.84
C THR B 799 -39.90 -35.92 6.19
N ARG B 800 -39.47 -35.11 5.23
CA ARG B 800 -39.11 -33.77 5.58
C ARG B 800 -39.17 -32.99 4.28
N ILE B 801 -40.39 -32.57 3.98
CA ILE B 801 -40.72 -31.80 2.76
C ILE B 801 -40.01 -30.43 2.71
N ASP B 802 -39.38 -30.02 1.62
CA ASP B 802 -38.80 -28.67 1.47
C ASP B 802 -39.84 -27.96 0.62
N PRO B 803 -40.74 -27.15 1.18
CA PRO B 803 -41.80 -26.54 0.38
C PRO B 803 -41.29 -25.60 -0.68
N ASN B 804 -40.02 -25.19 -0.62
CA ASN B 804 -39.50 -24.32 -1.63
C ASN B 804 -39.05 -25.07 -2.93
N ALA B 805 -38.78 -26.38 -2.84
CA ALA B 805 -38.35 -27.11 -4.01
C ALA B 805 -39.44 -27.10 -5.11
N TRP B 806 -38.95 -27.11 -6.36
CA TRP B 806 -39.93 -27.12 -7.46
C TRP B 806 -40.94 -28.28 -7.36
N VAL B 807 -40.44 -29.49 -7.10
CA VAL B 807 -41.39 -30.58 -7.09
C VAL B 807 -42.50 -30.34 -6.03
N GLU B 808 -42.15 -29.73 -4.90
CA GLU B 808 -43.15 -29.51 -3.84
C GLU B 808 -44.06 -28.39 -4.24
N ARG B 809 -43.57 -27.40 -4.94
CA ARG B 809 -44.50 -26.34 -5.37
C ARG B 809 -45.53 -26.89 -6.38
N TRP B 810 -45.03 -27.74 -7.28
CA TRP B 810 -45.94 -28.37 -8.28
C TRP B 810 -46.97 -29.31 -7.60
N LYS B 811 -46.45 -30.10 -6.63
CA LYS B 811 -47.36 -31.02 -5.93
C LYS B 811 -48.46 -30.26 -5.22
N ALA B 812 -48.05 -29.26 -4.46
CA ALA B 812 -48.95 -28.49 -3.66
C ALA B 812 -49.93 -27.75 -4.48
N ALA B 813 -49.57 -27.36 -5.70
CA ALA B 813 -50.50 -26.61 -6.56
C ALA B 813 -51.48 -27.55 -7.26
N GLY B 814 -51.21 -28.81 -7.13
CA GLY B 814 -52.04 -29.86 -7.78
C GLY B 814 -51.65 -30.18 -9.22
N HIS B 815 -50.43 -29.76 -9.64
CA HIS B 815 -50.08 -30.06 -11.01
C HIS B 815 -50.10 -31.55 -11.36
N TYR B 816 -49.68 -32.40 -10.39
CA TYR B 816 -49.64 -33.81 -10.69
C TYR B 816 -51.03 -34.44 -10.46
N GLN B 817 -51.95 -33.76 -9.87
CA GLN B 817 -53.23 -34.40 -9.71
C GLN B 817 -54.34 -33.83 -10.58
N ALA B 818 -54.15 -32.66 -11.19
CA ALA B 818 -55.20 -31.98 -11.98
C ALA B 818 -55.69 -32.82 -13.15
N GLU B 819 -56.99 -32.71 -13.29
CA GLU B 819 -57.61 -33.47 -14.30
C GLU B 819 -58.34 -32.51 -15.26
N ALA B 820 -58.21 -32.87 -16.54
CA ALA B 820 -58.86 -32.12 -17.64
C ALA B 820 -60.38 -32.19 -17.58
N ALA B 821 -61.03 -31.03 -17.59
CA ALA B 821 -62.47 -30.91 -17.61
C ALA B 821 -62.85 -30.36 -19.02
N LEU B 822 -63.75 -31.00 -19.78
CA LEU B 822 -64.03 -30.51 -21.13
C LEU B 822 -64.86 -29.24 -21.14
N LEU B 823 -64.47 -28.25 -21.95
CA LEU B 823 -65.21 -27.02 -22.08
C LEU B 823 -65.86 -27.00 -23.43
N GLN B 824 -65.20 -27.56 -24.42
CA GLN B 824 -65.84 -27.54 -25.73
C GLN B 824 -65.27 -28.60 -26.63
N CYS B 825 -66.07 -29.21 -27.52
CA CYS B 825 -65.56 -30.15 -28.51
C CYS B 825 -66.45 -30.05 -29.79
N THR B 826 -66.04 -29.35 -30.85
CA THR B 826 -66.97 -29.29 -31.97
C THR B 826 -66.27 -29.76 -33.22
N ALA B 827 -67.01 -30.00 -34.31
CA ALA B 827 -66.45 -30.45 -35.59
C ALA B 827 -67.11 -29.69 -36.71
N ASP B 828 -66.32 -29.33 -37.67
CA ASP B 828 -66.83 -28.59 -38.80
C ASP B 828 -66.21 -29.17 -40.04
N THR B 829 -66.92 -29.10 -41.14
CA THR B 829 -66.30 -29.57 -42.36
C THR B 829 -65.95 -28.31 -43.13
N LEU B 830 -64.83 -28.28 -43.78
CA LEU B 830 -64.48 -27.09 -44.56
C LEU B 830 -64.37 -27.64 -46.01
N ALA B 831 -64.07 -26.77 -46.99
CA ALA B 831 -63.99 -27.22 -48.39
C ALA B 831 -63.17 -28.48 -48.61
N ASP B 832 -62.03 -28.59 -47.96
CA ASP B 832 -61.16 -29.72 -48.20
C ASP B 832 -60.60 -30.33 -46.96
N ALA B 833 -61.32 -30.13 -45.88
CA ALA B 833 -60.77 -30.67 -44.68
C ALA B 833 -61.89 -30.75 -43.62
N VAL B 834 -61.54 -31.44 -42.54
CA VAL B 834 -62.41 -31.48 -41.40
C VAL B 834 -61.60 -30.80 -40.26
N LEU B 835 -62.33 -29.94 -39.50
CA LEU B 835 -61.74 -29.19 -38.40
C LEU B 835 -62.37 -29.59 -37.08
N ILE B 836 -61.57 -30.10 -36.09
CA ILE B 836 -62.11 -30.40 -34.74
C ILE B 836 -61.65 -29.29 -33.80
N THR B 837 -62.48 -28.68 -32.99
CA THR B 837 -62.04 -27.64 -32.09
C THR B 837 -62.31 -28.11 -30.68
N THR B 838 -61.32 -27.97 -29.76
CA THR B 838 -61.57 -28.39 -28.34
C THR B 838 -61.06 -27.37 -27.37
N ALA B 839 -61.64 -27.40 -26.20
CA ALA B 839 -61.12 -26.51 -25.12
C ALA B 839 -61.21 -27.31 -23.81
N HIS B 840 -60.19 -27.28 -22.96
CA HIS B 840 -60.21 -28.01 -21.66
C HIS B 840 -59.63 -27.13 -20.60
N ALA B 841 -60.06 -27.38 -19.40
CA ALA B 841 -59.50 -26.65 -18.30
C ALA B 841 -58.95 -27.70 -17.36
N TRP B 842 -57.84 -27.34 -16.73
CA TRP B 842 -57.29 -28.22 -15.69
C TRP B 842 -57.42 -27.56 -14.37
N GLN B 843 -58.06 -28.25 -13.44
CA GLN B 843 -58.34 -27.67 -12.18
C GLN B 843 -57.97 -28.52 -11.00
N HIS B 844 -57.84 -27.74 -9.92
CA HIS B 844 -57.48 -28.31 -8.63
C HIS B 844 -58.06 -27.50 -7.51
N GLN B 845 -58.76 -28.19 -6.59
CA GLN B 845 -59.40 -27.55 -5.47
C GLN B 845 -60.10 -26.32 -5.89
N GLY B 846 -60.80 -26.52 -6.97
CA GLY B 846 -61.57 -25.48 -7.60
C GLY B 846 -60.81 -24.38 -8.34
N LYS B 847 -59.50 -24.51 -8.46
CA LYS B 847 -58.74 -23.46 -9.15
C LYS B 847 -58.44 -23.94 -10.53
N THR B 848 -58.59 -22.98 -11.52
CA THR B 848 -58.19 -23.36 -12.85
C THR B 848 -56.67 -23.10 -12.98
N LEU B 849 -55.92 -24.17 -13.21
CA LEU B 849 -54.48 -24.05 -13.35
C LEU B 849 -54.10 -23.73 -14.80
N PHE B 850 -54.65 -24.51 -15.74
CA PHE B 850 -54.31 -24.29 -17.19
C PHE B 850 -55.59 -24.45 -18.04
N ILE B 851 -55.63 -23.75 -19.17
CA ILE B 851 -56.70 -23.86 -20.15
C ILE B 851 -55.97 -24.16 -21.46
N SER B 852 -56.40 -25.24 -22.15
CA SER B 852 -55.78 -25.63 -23.40
C SER B 852 -56.85 -25.56 -24.50
N ARG B 853 -56.59 -24.74 -25.52
CA ARG B 853 -57.48 -24.59 -26.66
C ARG B 853 -56.74 -25.12 -27.90
N LYS B 854 -57.42 -26.03 -28.63
CA LYS B 854 -56.85 -26.60 -29.81
C LYS B 854 -57.78 -26.72 -31.01
N THR B 855 -57.13 -26.81 -32.17
CA THR B 855 -57.77 -27.14 -33.46
C THR B 855 -56.96 -28.26 -34.05
N TYR B 856 -57.70 -29.19 -34.69
CA TYR B 856 -57.06 -30.28 -35.38
C TYR B 856 -57.63 -30.13 -36.77
N ARG B 857 -56.78 -29.92 -37.76
CA ARG B 857 -57.29 -29.76 -39.09
C ARG B 857 -56.79 -30.92 -39.93
N ILE B 858 -57.73 -31.82 -40.44
CA ILE B 858 -57.27 -33.00 -41.23
C ILE B 858 -57.63 -32.77 -42.68
N ASP B 859 -56.61 -32.77 -43.56
CA ASP B 859 -56.85 -32.47 -44.94
C ASP B 859 -56.75 -33.65 -45.89
N GLY B 860 -57.02 -33.32 -47.14
CA GLY B 860 -57.02 -34.30 -48.22
C GLY B 860 -55.72 -35.00 -48.42
N SER B 861 -54.68 -34.42 -47.83
CA SER B 861 -53.36 -35.00 -47.87
C SER B 861 -53.21 -35.97 -46.73
N GLY B 862 -54.20 -36.14 -45.83
CA GLY B 862 -53.90 -37.10 -44.74
C GLY B 862 -53.08 -36.48 -43.57
N GLN B 863 -52.64 -35.23 -43.69
CA GLN B 863 -51.89 -34.57 -42.63
C GLN B 863 -52.83 -34.00 -41.59
N MET B 864 -52.43 -34.07 -40.33
CA MET B 864 -53.30 -33.54 -39.30
C MET B 864 -52.49 -32.37 -38.67
N ALA B 865 -53.01 -31.13 -38.86
CA ALA B 865 -52.32 -29.92 -38.29
C ALA B 865 -53.00 -29.62 -36.95
N ILE B 866 -52.18 -29.56 -35.91
CA ILE B 866 -52.65 -29.30 -34.54
C ILE B 866 -52.16 -27.97 -34.05
N THR B 867 -53.10 -27.11 -33.68
CA THR B 867 -52.70 -25.83 -33.12
C THR B 867 -53.04 -25.90 -31.64
N VAL B 868 -52.11 -25.47 -30.75
CA VAL B 868 -52.35 -25.50 -29.29
C VAL B 868 -52.14 -24.08 -28.70
N ASP B 869 -53.11 -23.56 -28.00
CA ASP B 869 -52.95 -22.25 -27.35
C ASP B 869 -53.26 -22.50 -25.84
N VAL B 870 -52.30 -22.29 -24.95
CA VAL B 870 -52.54 -22.61 -23.59
C VAL B 870 -52.50 -21.35 -22.73
N GLU B 871 -53.37 -21.28 -21.70
CA GLU B 871 -53.30 -20.23 -20.78
C GLU B 871 -52.84 -20.87 -19.43
N VAL B 872 -51.91 -20.20 -18.64
CA VAL B 872 -51.45 -20.77 -17.40
C VAL B 872 -51.71 -19.70 -16.36
N ALA B 873 -52.46 -20.02 -15.30
CA ALA B 873 -52.75 -18.96 -14.30
C ALA B 873 -51.47 -18.38 -13.77
N SER B 874 -51.55 -17.04 -13.63
CA SER B 874 -50.30 -16.39 -13.18
C SER B 874 -49.82 -16.76 -11.81
N ASP B 875 -50.74 -17.15 -10.94
CA ASP B 875 -50.36 -17.44 -9.57
C ASP B 875 -50.05 -18.89 -9.40
N THR B 876 -50.10 -19.71 -10.44
CA THR B 876 -49.69 -21.08 -10.12
C THR B 876 -48.18 -21.20 -10.38
N PRO B 877 -47.45 -22.08 -9.70
CA PRO B 877 -46.00 -22.21 -10.01
C PRO B 877 -45.83 -22.51 -11.53
N HIS B 878 -44.81 -21.90 -12.11
CA HIS B 878 -44.61 -22.11 -13.54
C HIS B 878 -44.39 -23.61 -13.78
N PRO B 879 -45.07 -24.12 -14.85
CA PRO B 879 -45.06 -25.55 -15.07
C PRO B 879 -43.79 -26.11 -15.68
N ALA B 880 -43.57 -27.42 -15.46
CA ALA B 880 -42.39 -28.08 -15.97
C ALA B 880 -42.34 -28.14 -17.49
N ARG B 881 -43.50 -28.21 -18.12
CA ARG B 881 -43.54 -28.27 -19.62
C ARG B 881 -44.93 -27.92 -20.08
N ILE B 882 -45.08 -27.66 -21.37
CA ILE B 882 -46.38 -27.38 -22.00
C ILE B 882 -46.28 -28.19 -23.30
N GLY B 883 -46.91 -29.38 -23.30
CA GLY B 883 -46.81 -30.27 -24.45
C GLY B 883 -47.96 -31.25 -24.49
N LEU B 884 -47.75 -32.24 -25.33
CA LEU B 884 -48.74 -33.29 -25.47
C LEU B 884 -48.06 -34.62 -25.27
N ASN B 885 -48.87 -35.62 -24.93
CA ASN B 885 -48.24 -36.90 -24.85
C ASN B 885 -49.17 -38.01 -25.21
N CYS B 886 -48.57 -39.12 -25.56
CA CYS B 886 -49.36 -40.29 -25.87
C CYS B 886 -48.48 -41.53 -25.80
N GLN B 887 -49.13 -42.71 -25.73
CA GLN B 887 -48.42 -43.98 -25.77
C GLN B 887 -48.81 -44.58 -27.11
N LEU B 888 -47.82 -44.65 -27.96
CA LEU B 888 -47.94 -45.23 -29.31
C LEU B 888 -48.00 -46.74 -29.22
N ALA B 889 -48.80 -47.38 -30.10
CA ALA B 889 -48.94 -48.81 -30.04
C ALA B 889 -47.69 -49.55 -30.48
N GLN B 890 -47.02 -48.96 -31.37
CA GLN B 890 -45.92 -49.75 -31.73
C GLN B 890 -44.52 -49.34 -31.30
N VAL B 891 -43.60 -50.25 -31.47
CA VAL B 891 -42.24 -49.95 -31.18
C VAL B 891 -41.47 -50.09 -32.49
N ALA B 892 -40.52 -49.18 -32.75
CA ALA B 892 -39.62 -49.13 -33.88
C ALA B 892 -38.15 -49.14 -33.42
N GLU B 893 -37.29 -49.53 -34.37
CA GLU B 893 -35.89 -49.66 -34.06
C GLU B 893 -35.17 -48.31 -33.94
N ARG B 894 -35.45 -47.38 -34.83
CA ARG B 894 -34.69 -46.12 -34.81
C ARG B 894 -35.55 -44.90 -34.65
N VAL B 895 -34.85 -43.84 -34.27
CA VAL B 895 -35.48 -42.53 -34.18
C VAL B 895 -34.65 -41.59 -35.05
N ASN B 896 -35.33 -40.83 -35.96
CA ASN B 896 -34.59 -39.94 -36.84
C ASN B 896 -35.20 -38.57 -36.72
N TRP B 897 -34.40 -37.53 -36.50
CA TRP B 897 -35.03 -36.19 -36.35
C TRP B 897 -34.06 -35.14 -36.92
N LEU B 898 -34.68 -34.01 -37.24
CA LEU B 898 -33.99 -32.83 -37.77
C LEU B 898 -34.12 -31.80 -36.65
N GLY B 899 -33.04 -31.65 -35.93
CA GLY B 899 -33.15 -30.79 -34.72
C GLY B 899 -31.82 -30.82 -34.00
N LEU B 900 -31.79 -30.39 -32.71
CA LEU B 900 -30.49 -30.40 -32.01
C LEU B 900 -30.11 -31.79 -31.50
N GLY B 901 -28.81 -32.12 -31.60
CA GLY B 901 -28.39 -33.41 -31.09
C GLY B 901 -26.91 -33.62 -31.42
N PRO B 902 -26.46 -34.88 -31.33
CA PRO B 902 -27.31 -36.04 -31.12
C PRO B 902 -27.72 -36.39 -29.72
N GLN B 903 -26.97 -35.90 -28.76
CA GLN B 903 -27.28 -36.26 -27.37
C GLN B 903 -28.39 -35.45 -26.72
N GLU B 904 -28.85 -35.95 -25.59
CA GLU B 904 -29.89 -35.30 -24.82
C GLU B 904 -29.52 -33.80 -24.62
N ASN B 905 -30.54 -32.96 -24.78
CA ASN B 905 -30.28 -31.51 -24.53
C ASN B 905 -31.55 -30.86 -24.03
N TYR B 906 -31.37 -29.83 -23.12
CA TYR B 906 -32.45 -29.09 -22.49
C TYR B 906 -32.26 -27.61 -22.73
N PRO B 907 -33.30 -26.82 -22.48
CA PRO B 907 -33.18 -25.43 -22.85
C PRO B 907 -31.98 -24.69 -22.29
N ASP B 908 -31.66 -24.96 -21.05
CA ASP B 908 -30.53 -24.33 -20.45
C ASP B 908 -29.25 -25.18 -20.57
N ARG B 909 -29.29 -26.26 -21.37
CA ARG B 909 -28.11 -27.13 -21.57
C ARG B 909 -28.19 -27.70 -22.94
N LEU B 910 -28.09 -26.80 -23.91
CA LEU B 910 -28.18 -27.27 -25.31
C LEU B 910 -27.07 -26.61 -26.18
N THR B 911 -26.11 -25.88 -25.56
CA THR B 911 -25.15 -25.22 -26.43
C THR B 911 -24.24 -26.15 -27.22
N ALA B 912 -23.93 -27.33 -26.64
CA ALA B 912 -23.05 -28.28 -27.29
C ALA B 912 -23.76 -29.00 -28.44
N ALA B 913 -25.11 -29.10 -28.41
CA ALA B 913 -25.87 -29.85 -29.44
C ALA B 913 -25.79 -29.06 -30.74
N CYS B 914 -25.91 -29.82 -31.85
CA CYS B 914 -25.86 -29.18 -33.15
C CYS B 914 -27.17 -29.49 -33.93
N PHE B 915 -27.58 -28.51 -34.78
CA PHE B 915 -28.77 -28.67 -35.60
C PHE B 915 -28.36 -29.50 -36.82
N ASP B 916 -28.98 -30.65 -36.98
CA ASP B 916 -28.61 -31.52 -38.11
C ASP B 916 -29.65 -32.64 -38.22
N ARG B 917 -29.38 -33.64 -39.11
CA ARG B 917 -30.30 -34.76 -39.19
C ARG B 917 -29.64 -35.92 -38.43
N TRP B 918 -30.29 -36.37 -37.38
CA TRP B 918 -29.72 -37.39 -36.52
C TRP B 918 -30.56 -38.67 -36.57
N ASP B 919 -29.87 -39.81 -36.36
CA ASP B 919 -30.59 -41.06 -36.42
C ASP B 919 -29.96 -42.02 -35.44
N LEU B 920 -30.70 -42.43 -34.40
CA LEU B 920 -30.17 -43.32 -33.40
C LEU B 920 -31.17 -44.38 -33.10
N PRO B 921 -30.61 -45.47 -32.56
CA PRO B 921 -31.44 -46.57 -32.05
C PRO B 921 -32.34 -46.04 -30.91
N LEU B 922 -33.55 -46.53 -30.76
CA LEU B 922 -34.43 -46.03 -29.71
C LEU B 922 -33.80 -46.00 -28.33
N SER B 923 -33.03 -47.01 -27.95
CA SER B 923 -32.52 -46.92 -26.56
C SER B 923 -31.60 -45.74 -26.27
N ASP B 924 -30.88 -45.22 -27.30
CA ASP B 924 -29.98 -44.05 -27.15
C ASP B 924 -30.81 -42.82 -26.82
N MET B 925 -32.12 -42.93 -27.00
CA MET B 925 -33.05 -41.83 -26.72
C MET B 925 -33.52 -41.79 -25.26
N TYR B 926 -32.95 -42.73 -24.49
CA TYR B 926 -33.26 -42.80 -23.05
C TYR B 926 -31.87 -42.67 -22.35
N THR B 927 -31.75 -41.77 -21.32
CA THR B 927 -30.48 -41.62 -20.60
C THR B 927 -30.67 -42.30 -19.24
N PRO B 928 -29.86 -43.32 -19.03
CA PRO B 928 -30.02 -44.16 -17.83
C PRO B 928 -29.46 -43.57 -16.51
N TYR B 929 -29.99 -42.41 -16.10
CA TYR B 929 -29.56 -41.84 -14.84
C TYR B 929 -29.94 -42.85 -13.81
N VAL B 930 -29.05 -43.06 -12.83
CA VAL B 930 -29.29 -44.08 -11.78
C VAL B 930 -30.57 -43.84 -11.03
N PHE B 931 -30.80 -42.55 -10.70
CA PHE B 931 -32.06 -42.13 -10.07
C PHE B 931 -32.90 -41.66 -11.27
N PRO B 932 -33.91 -42.41 -11.70
CA PRO B 932 -34.67 -42.01 -12.92
C PRO B 932 -35.49 -40.74 -12.80
N SER B 933 -35.61 -40.02 -13.91
CA SER B 933 -36.42 -38.81 -13.96
C SER B 933 -36.71 -38.52 -15.45
N GLU B 934 -37.36 -37.37 -15.69
CA GLU B 934 -37.48 -36.89 -17.06
C GLU B 934 -36.08 -36.94 -17.65
N ASN B 935 -35.98 -37.46 -18.88
CA ASN B 935 -34.69 -37.56 -19.51
C ASN B 935 -34.83 -37.71 -21.05
N GLY B 936 -33.71 -37.52 -21.75
CA GLY B 936 -33.67 -37.78 -23.18
C GLY B 936 -34.29 -36.71 -24.06
N LEU B 937 -34.69 -35.56 -23.50
CA LEU B 937 -35.26 -34.58 -24.41
C LEU B 937 -34.15 -34.15 -25.42
N ARG B 938 -34.64 -33.74 -26.59
CA ARG B 938 -33.88 -33.07 -27.70
C ARG B 938 -34.71 -31.82 -28.02
N CYS B 939 -34.07 -30.66 -28.12
CA CYS B 939 -34.87 -29.44 -28.36
C CYS B 939 -34.66 -28.96 -29.80
N GLY B 940 -35.30 -27.87 -30.12
CA GLY B 940 -35.07 -27.30 -31.44
C GLY B 940 -35.38 -28.22 -32.64
N THR B 941 -36.37 -29.09 -32.44
CA THR B 941 -36.67 -30.09 -33.47
C THR B 941 -37.76 -29.65 -34.41
N ARG B 942 -37.44 -29.77 -35.73
CA ARG B 942 -38.41 -29.33 -36.72
C ARG B 942 -39.13 -30.54 -37.37
N GLU B 943 -38.53 -31.71 -37.26
CA GLU B 943 -39.14 -32.90 -37.81
C GLU B 943 -38.64 -34.13 -37.01
N LEU B 944 -39.63 -35.02 -36.69
CA LEU B 944 -39.33 -36.26 -35.98
C LEU B 944 -40.01 -37.43 -36.72
N ASN B 945 -39.22 -38.47 -36.92
CA ASN B 945 -39.71 -39.68 -37.63
C ASN B 945 -39.59 -40.92 -36.73
N TYR B 946 -40.67 -41.68 -36.64
CA TYR B 946 -40.63 -42.89 -35.81
C TYR B 946 -41.63 -43.90 -36.41
N GLY B 947 -41.13 -45.05 -36.83
CA GLY B 947 -42.04 -46.01 -37.52
C GLY B 947 -42.68 -45.28 -38.75
N PRO B 948 -43.96 -45.37 -39.03
CA PRO B 948 -44.47 -44.67 -40.20
C PRO B 948 -44.90 -43.25 -39.87
N HIS B 949 -44.64 -42.83 -38.62
CA HIS B 949 -45.12 -41.49 -38.26
C HIS B 949 -44.10 -40.35 -38.41
N GLN B 950 -44.61 -39.15 -38.75
CA GLN B 950 -43.71 -38.01 -38.83
C GLN B 950 -44.44 -36.82 -38.15
N TRP B 951 -43.67 -36.06 -37.27
CA TRP B 951 -44.27 -34.89 -36.65
C TRP B 951 -43.40 -33.73 -37.07
N ARG B 952 -44.04 -32.65 -37.53
CA ARG B 952 -43.25 -31.47 -37.97
C ARG B 952 -43.68 -30.24 -37.22
N GLY B 953 -42.77 -29.32 -36.89
CA GLY B 953 -43.20 -28.12 -36.12
C GLY B 953 -41.90 -27.44 -35.61
N ASP B 954 -41.90 -26.98 -34.34
CA ASP B 954 -40.70 -26.41 -33.76
C ASP B 954 -40.89 -26.76 -32.27
N PHE B 955 -40.42 -27.98 -31.94
CA PHE B 955 -40.72 -28.49 -30.62
C PHE B 955 -39.52 -29.21 -29.98
N GLN B 956 -39.79 -29.66 -28.75
CA GLN B 956 -38.76 -30.41 -28.04
C GLN B 956 -39.44 -31.77 -27.86
N PHE B 957 -38.71 -32.88 -27.82
CA PHE B 957 -39.40 -34.14 -27.60
C PHE B 957 -38.54 -35.16 -26.84
N ASN B 958 -39.18 -36.21 -26.26
CA ASN B 958 -38.42 -37.34 -25.78
C ASN B 958 -39.31 -38.52 -26.17
N ILE B 959 -38.68 -39.67 -26.31
CA ILE B 959 -39.39 -40.87 -26.77
C ILE B 959 -38.67 -42.09 -26.15
N SER B 960 -39.48 -43.01 -25.53
CA SER B 960 -38.84 -44.15 -24.89
C SER B 960 -39.95 -45.14 -24.48
N ARG B 961 -39.48 -46.29 -23.89
CA ARG B 961 -40.43 -47.30 -23.40
C ARG B 961 -40.88 -47.02 -21.97
N TYR B 962 -40.58 -45.83 -21.40
CA TYR B 962 -41.01 -45.62 -20.03
C TYR B 962 -41.90 -44.40 -19.88
N SER B 963 -43.05 -44.51 -19.22
CA SER B 963 -43.93 -43.40 -18.99
C SER B 963 -43.31 -42.42 -17.99
N GLN B 964 -43.75 -41.15 -18.00
CA GLN B 964 -43.24 -40.22 -16.96
C GLN B 964 -43.68 -40.76 -15.58
N GLN B 965 -44.88 -41.40 -15.57
CA GLN B 965 -45.41 -41.93 -14.31
C GLN B 965 -44.44 -42.94 -13.72
N GLN B 966 -44.01 -43.89 -14.56
CA GLN B 966 -43.06 -44.90 -14.11
C GLN B 966 -41.74 -44.28 -13.57
N LEU B 967 -41.25 -43.34 -14.38
CA LEU B 967 -39.96 -42.71 -14.00
C LEU B 967 -40.11 -42.04 -12.67
N MET B 968 -41.29 -41.41 -12.50
CA MET B 968 -41.39 -40.71 -11.23
C MET B 968 -41.59 -41.63 -10.08
N GLU B 969 -42.13 -42.82 -10.34
CA GLU B 969 -42.38 -43.75 -9.24
C GLU B 969 -41.24 -44.62 -9.00
N THR B 970 -40.22 -44.56 -9.83
CA THR B 970 -39.11 -45.51 -9.67
C THR B 970 -37.81 -44.81 -9.23
N SER B 971 -37.19 -45.34 -8.18
CA SER B 971 -36.01 -44.65 -7.66
C SER B 971 -34.68 -45.23 -8.06
N HIS B 972 -34.68 -46.39 -8.72
CA HIS B 972 -33.43 -46.98 -9.19
C HIS B 972 -33.64 -47.48 -10.62
N ARG B 973 -32.75 -47.12 -11.55
CA ARG B 973 -32.92 -47.49 -12.97
C ARG B 973 -33.09 -49.01 -13.22
N HIS B 974 -32.46 -49.83 -12.35
CA HIS B 974 -32.51 -51.27 -12.57
C HIS B 974 -33.91 -51.82 -12.34
N LEU B 975 -34.76 -51.04 -11.71
CA LEU B 975 -36.09 -51.57 -11.51
C LEU B 975 -37.10 -51.11 -12.58
N LEU B 976 -36.70 -50.28 -13.56
CA LEU B 976 -37.59 -49.87 -14.63
C LEU B 976 -37.87 -51.07 -15.58
N HIS B 977 -39.09 -51.10 -16.09
CA HIS B 977 -39.47 -52.12 -17.11
C HIS B 977 -40.12 -51.41 -18.30
N ALA B 978 -39.75 -51.87 -19.51
CA ALA B 978 -40.29 -51.34 -20.76
C ALA B 978 -41.79 -51.55 -20.78
N GLU B 979 -42.58 -50.52 -21.06
CA GLU B 979 -44.01 -50.62 -21.13
C GLU B 979 -44.41 -51.07 -22.51
N GLU B 980 -45.69 -51.35 -22.70
CA GLU B 980 -45.99 -51.79 -24.06
C GLU B 980 -45.89 -50.55 -24.93
N GLY B 981 -45.48 -50.72 -26.17
CA GLY B 981 -45.48 -49.50 -27.06
C GLY B 981 -44.32 -48.53 -26.73
N THR B 982 -44.58 -47.28 -27.12
CA THR B 982 -43.60 -46.20 -27.00
C THR B 982 -44.26 -44.93 -26.49
N TRP B 983 -43.71 -44.38 -25.40
CA TRP B 983 -44.26 -43.14 -24.89
C TRP B 983 -43.56 -41.96 -25.58
N LEU B 984 -44.39 -41.03 -26.08
CA LEU B 984 -43.88 -39.91 -26.80
C LEU B 984 -44.34 -38.68 -26.08
N ASN B 985 -43.37 -37.80 -25.72
CA ASN B 985 -43.72 -36.52 -25.11
C ASN B 985 -43.25 -35.47 -26.09
N ILE B 986 -44.17 -34.65 -26.57
CA ILE B 986 -43.79 -33.62 -27.54
C ILE B 986 -44.21 -32.29 -26.97
N ASP B 987 -43.17 -31.47 -26.69
CA ASP B 987 -43.41 -30.21 -26.03
C ASP B 987 -43.31 -29.00 -26.88
N GLY B 988 -44.29 -28.08 -26.71
CA GLY B 988 -44.08 -26.80 -27.37
C GLY B 988 -42.98 -26.07 -26.56
N PHE B 989 -42.95 -26.24 -25.22
CA PHE B 989 -42.03 -25.52 -24.31
C PHE B 989 -41.67 -26.43 -23.16
N HIS B 990 -40.45 -26.32 -22.63
CA HIS B 990 -40.03 -27.17 -21.55
C HIS B 990 -39.13 -26.31 -20.66
N MET B 991 -39.33 -26.50 -19.36
CA MET B 991 -38.56 -25.70 -18.39
C MET B 991 -37.09 -26.11 -18.39
N GLY B 992 -36.23 -25.14 -18.01
CA GLY B 992 -34.82 -25.51 -17.85
C GLY B 992 -34.66 -26.53 -16.69
N ILE B 993 -33.49 -27.13 -16.68
CA ILE B 993 -33.20 -28.14 -15.69
C ILE B 993 -32.37 -27.60 -14.51
N GLY B 994 -31.70 -26.44 -14.67
CA GLY B 994 -30.94 -25.87 -13.56
C GLY B 994 -29.73 -26.75 -13.21
N GLY B 995 -29.18 -26.50 -12.01
CA GLY B 995 -28.02 -27.27 -11.51
C GLY B 995 -26.92 -26.37 -10.84
N ASP B 996 -27.08 -25.01 -10.72
CA ASP B 996 -26.02 -24.23 -10.04
C ASP B 996 -25.79 -24.89 -8.73
N ASP B 997 -26.88 -25.45 -8.16
CA ASP B 997 -26.77 -26.34 -6.98
C ASP B 997 -27.94 -27.33 -7.09
N SER B 998 -27.98 -28.36 -6.20
CA SER B 998 -29.11 -29.29 -6.26
C SER B 998 -29.83 -29.24 -4.92
N TRP B 999 -29.92 -28.06 -4.29
CA TRP B 999 -30.66 -27.98 -3.03
C TRP B 999 -31.53 -26.73 -2.92
N SER B 1000 -31.44 -25.82 -3.88
CA SER B 1000 -32.32 -24.62 -3.86
C SER B 1000 -32.69 -24.40 -5.32
N PRO B 1001 -33.90 -23.98 -5.63
CA PRO B 1001 -34.30 -23.77 -7.02
C PRO B 1001 -33.22 -23.00 -7.76
N SER B 1002 -32.82 -23.53 -8.89
CA SER B 1002 -31.69 -22.93 -9.63
C SER B 1002 -31.98 -22.73 -11.11
N VAL B 1003 -33.24 -22.87 -11.54
CA VAL B 1003 -33.52 -22.62 -12.92
C VAL B 1003 -33.71 -21.09 -13.03
N SER B 1004 -32.86 -20.53 -13.88
CA SER B 1004 -32.86 -19.09 -14.13
C SER B 1004 -34.19 -18.57 -14.69
N ALA B 1005 -34.58 -17.33 -14.36
CA ALA B 1005 -35.89 -16.83 -14.81
C ALA B 1005 -36.17 -16.97 -16.25
N GLU B 1006 -35.08 -16.80 -17.05
CA GLU B 1006 -35.24 -16.85 -18.51
C GLU B 1006 -35.57 -18.23 -19.07
N PHE B 1007 -35.41 -19.24 -18.22
CA PHE B 1007 -35.77 -20.60 -18.57
C PHE B 1007 -37.04 -21.13 -17.80
N GLN B 1008 -37.75 -20.27 -17.11
CA GLN B 1008 -39.03 -20.64 -16.45
C GLN B 1008 -40.20 -20.31 -17.41
N LEU B 1009 -41.25 -21.15 -17.39
CA LEU B 1009 -42.41 -20.96 -18.30
C LEU B 1009 -43.41 -20.05 -17.63
N SER B 1010 -43.02 -18.75 -17.65
CA SER B 1010 -43.80 -17.74 -16.96
C SER B 1010 -44.56 -16.80 -17.88
N ALA B 1011 -44.57 -17.04 -19.22
CA ALA B 1011 -45.25 -16.13 -20.11
C ALA B 1011 -46.76 -16.04 -19.99
N GLY B 1012 -47.42 -17.00 -19.31
CA GLY B 1012 -48.84 -16.86 -19.14
C GLY B 1012 -49.64 -17.45 -20.32
N ARG B 1013 -49.35 -17.12 -21.55
CA ARG B 1013 -50.06 -17.64 -22.75
C ARG B 1013 -48.98 -18.22 -23.69
N TYR B 1014 -49.13 -19.46 -24.19
CA TYR B 1014 -48.19 -20.17 -25.02
C TYR B 1014 -48.91 -20.72 -26.25
N HIS B 1015 -48.20 -20.71 -27.41
CA HIS B 1015 -48.78 -21.21 -28.63
C HIS B 1015 -47.77 -22.11 -29.25
N TYR B 1016 -48.23 -23.26 -29.79
CA TYR B 1016 -47.37 -24.13 -30.56
C TYR B 1016 -48.23 -24.85 -31.58
N GLN B 1017 -47.58 -25.37 -32.65
CA GLN B 1017 -48.37 -26.06 -33.69
C GLN B 1017 -47.50 -27.15 -34.23
N LEU B 1018 -48.18 -28.23 -34.54
CA LEU B 1018 -47.52 -29.48 -35.00
C LEU B 1018 -48.35 -30.09 -36.15
N VAL B 1019 -47.66 -30.77 -37.04
CA VAL B 1019 -48.36 -31.50 -38.09
C VAL B 1019 -47.99 -32.95 -37.86
N TRP B 1020 -49.04 -33.81 -37.76
CA TRP B 1020 -48.74 -35.23 -37.61
C TRP B 1020 -49.11 -35.89 -38.94
N CYS B 1021 -48.18 -36.53 -39.61
CA CYS B 1021 -48.60 -37.17 -40.83
C CYS B 1021 -47.96 -38.56 -40.94
N GLN B 1022 -48.24 -39.32 -42.01
CA GLN B 1022 -47.61 -40.63 -42.14
C GLN B 1022 -46.59 -40.57 -43.20
N LYS B 1023 -45.56 -41.33 -42.94
CA LYS B 1023 -44.49 -41.48 -43.88
C LYS B 1023 -44.40 -43.01 -44.07
N ARG C 13 5.55 -46.34 28.30
CA ARG C 13 5.42 -45.36 27.22
C ARG C 13 6.45 -44.27 27.10
N ARG C 14 7.22 -44.07 28.11
CA ARG C 14 8.25 -43.01 28.05
C ARG C 14 7.73 -41.77 27.38
N ASP C 15 6.65 -41.30 27.91
CA ASP C 15 6.05 -40.08 27.36
C ASP C 15 6.96 -38.85 27.43
N TRP C 16 7.93 -38.87 28.33
CA TRP C 16 8.87 -37.77 28.48
C TRP C 16 9.99 -37.83 27.48
N GLU C 17 9.89 -38.71 26.47
CA GLU C 17 10.88 -38.72 25.37
C GLU C 17 10.12 -38.67 24.02
N ASN C 18 9.02 -37.96 23.98
CA ASN C 18 8.13 -37.90 22.81
C ASN C 18 7.48 -36.52 22.73
N PRO C 19 7.96 -35.67 21.84
CA PRO C 19 7.40 -34.35 21.78
C PRO C 19 5.99 -34.37 21.25
N GLY C 20 5.52 -35.56 20.73
CA GLY C 20 4.14 -35.68 20.24
C GLY C 20 3.21 -35.83 21.44
N VAL C 21 3.78 -36.08 22.63
CA VAL C 21 2.90 -36.19 23.84
C VAL C 21 3.37 -35.12 24.86
N THR C 22 2.59 -34.05 24.98
CA THR C 22 3.00 -33.02 25.91
C THR C 22 2.06 -33.00 27.11
N GLN C 23 1.03 -33.87 27.06
CA GLN C 23 0.03 -33.98 28.10
C GLN C 23 -0.82 -35.20 27.89
N LEU C 24 -1.41 -35.68 28.97
CA LEU C 24 -2.40 -36.73 28.87
C LEU C 24 -3.50 -36.36 29.87
N ASN C 25 -4.72 -36.28 29.43
CA ASN C 25 -5.87 -35.99 30.32
C ASN C 25 -5.88 -34.62 30.93
N ARG C 26 -5.16 -33.69 30.32
CA ARG C 26 -5.15 -32.35 30.89
C ARG C 26 -6.34 -31.53 30.42
N LEU C 27 -6.88 -30.67 31.29
CA LEU C 27 -8.02 -29.84 30.93
C LEU C 27 -7.59 -28.65 30.14
N ALA C 28 -8.54 -28.03 29.42
CA ALA C 28 -8.24 -26.84 28.61
C ALA C 28 -7.72 -25.70 29.49
N ALA C 29 -6.89 -24.84 28.90
CA ALA C 29 -6.37 -23.64 29.60
C ALA C 29 -7.48 -22.55 29.56
N HIS C 30 -7.40 -21.56 30.47
CA HIS C 30 -8.42 -20.56 30.62
C HIS C 30 -7.89 -19.50 31.63
N PRO C 31 -8.60 -18.35 31.73
CA PRO C 31 -8.15 -17.31 32.55
C PRO C 31 -8.38 -17.72 33.99
N PRO C 32 -7.81 -16.96 34.92
CA PRO C 32 -7.93 -17.30 36.39
C PRO C 32 -9.36 -17.50 36.90
N PHE C 33 -9.63 -18.64 37.53
CA PHE C 33 -10.97 -18.84 38.03
C PHE C 33 -10.94 -19.08 39.53
N ALA C 34 -12.11 -18.84 40.12
CA ALA C 34 -12.18 -19.06 41.58
C ALA C 34 -13.54 -19.67 41.97
N SER C 35 -14.51 -19.75 41.00
CA SER C 35 -15.86 -20.28 41.22
C SER C 35 -16.49 -19.72 42.47
N TRP C 36 -16.57 -18.38 42.53
CA TRP C 36 -17.28 -17.83 43.68
C TRP C 36 -18.74 -18.25 43.59
N ARG C 37 -19.32 -18.43 44.81
CA ARG C 37 -20.75 -18.71 44.94
C ARG C 37 -21.50 -17.51 45.56
N ASN C 38 -20.82 -16.35 45.63
CA ASN C 38 -21.38 -15.12 46.15
C ASN C 38 -20.83 -14.04 45.21
N SER C 39 -21.66 -13.26 44.60
CA SER C 39 -21.24 -12.25 43.66
C SER C 39 -20.50 -11.08 44.28
N GLU C 40 -20.85 -10.71 45.53
CA GLU C 40 -20.10 -9.62 46.19
C GLU C 40 -18.61 -9.99 46.43
N GLU C 41 -18.37 -11.28 46.80
CA GLU C 41 -17.00 -11.73 46.95
C GLU C 41 -16.23 -11.61 45.64
N ALA C 42 -16.93 -12.00 44.55
CA ALA C 42 -16.25 -11.93 43.25
C ALA C 42 -15.93 -10.45 42.89
N ARG C 43 -16.83 -9.54 43.25
CA ARG C 43 -16.59 -8.13 42.96
C ARG C 43 -15.35 -7.64 43.68
N THR C 44 -15.21 -8.07 44.95
CA THR C 44 -14.07 -7.53 45.69
C THR C 44 -12.85 -8.39 45.68
N ASP C 45 -12.83 -9.47 44.91
CA ASP C 45 -11.62 -10.32 44.82
C ASP C 45 -11.26 -10.96 46.16
N ARG C 46 -12.30 -11.27 46.96
CA ARG C 46 -12.08 -11.89 48.27
C ARG C 46 -11.78 -13.39 48.09
N PRO C 47 -11.15 -13.98 49.05
CA PRO C 47 -10.91 -15.41 48.93
C PRO C 47 -12.20 -16.20 48.66
N SER C 48 -12.08 -17.26 47.83
CA SER C 48 -13.25 -18.12 47.52
C SER C 48 -13.16 -19.45 48.25
N GLN C 49 -14.22 -19.86 48.89
CA GLN C 49 -14.23 -21.17 49.54
C GLN C 49 -14.11 -22.31 48.54
N GLN C 50 -14.39 -22.03 47.28
CA GLN C 50 -14.30 -23.10 46.25
C GLN C 50 -12.83 -23.28 45.66
N LEU C 51 -11.85 -22.40 46.10
CA LEU C 51 -10.50 -22.47 45.59
C LEU C 51 -9.62 -22.62 46.82
N ARG C 52 -9.14 -23.85 47.01
CA ARG C 52 -8.34 -24.26 48.19
C ARG C 52 -6.88 -24.44 47.81
N SER C 53 -5.99 -24.04 48.72
CA SER C 53 -4.56 -24.21 48.44
C SER C 53 -4.13 -25.52 49.07
N LEU C 54 -3.28 -26.23 48.31
CA LEU C 54 -2.72 -27.46 48.81
C LEU C 54 -1.26 -27.22 49.14
N ASN C 55 -0.86 -25.94 49.17
CA ASN C 55 0.55 -25.64 49.53
C ASN C 55 0.86 -26.03 51.00
N GLY C 56 2.10 -26.29 51.33
CA GLY C 56 2.41 -26.63 52.74
C GLY C 56 3.30 -27.84 52.77
N GLU C 57 3.13 -28.68 53.81
CA GLU C 57 4.01 -29.82 53.90
C GLU C 57 3.49 -31.05 53.18
N TRP C 58 4.42 -31.50 52.30
CA TRP C 58 4.20 -32.69 51.48
C TRP C 58 5.31 -33.72 51.82
N ARG C 59 5.16 -34.94 51.30
CA ARG C 59 6.15 -36.02 51.46
C ARG C 59 6.97 -36.05 50.14
N PHE C 60 8.31 -36.24 50.24
CA PHE C 60 9.15 -36.25 49.06
C PHE C 60 10.31 -37.22 49.20
N ALA C 61 10.53 -37.95 48.11
CA ALA C 61 11.69 -38.86 48.01
C ALA C 61 12.36 -38.65 46.64
N TRP C 62 13.68 -38.67 46.59
CA TRP C 62 14.41 -38.47 45.36
C TRP C 62 14.93 -39.76 44.83
N PHE C 63 14.94 -39.98 43.53
CA PHE C 63 15.48 -41.18 42.96
C PHE C 63 16.29 -40.76 41.74
N PRO C 64 17.18 -41.61 41.32
CA PRO C 64 18.08 -41.24 40.23
C PRO C 64 17.50 -41.42 38.84
N ALA C 65 16.37 -42.16 38.78
CA ALA C 65 15.69 -42.42 37.49
C ALA C 65 14.31 -42.92 37.79
N PRO C 66 13.41 -42.74 36.84
CA PRO C 66 12.06 -43.18 37.07
C PRO C 66 12.00 -44.71 37.25
N GLU C 67 12.98 -45.42 36.64
CA GLU C 67 12.96 -46.89 36.77
C GLU C 67 13.19 -47.32 38.22
N ALA C 68 13.74 -46.42 39.05
CA ALA C 68 14.08 -46.74 40.42
C ALA C 68 12.94 -46.50 41.37
N VAL C 69 11.86 -45.94 40.90
CA VAL C 69 10.80 -45.66 41.87
C VAL C 69 9.99 -46.94 42.19
N PRO C 70 9.79 -47.31 43.47
CA PRO C 70 9.09 -48.54 43.79
C PRO C 70 7.61 -48.41 43.61
N GLU C 71 7.03 -49.52 43.13
CA GLU C 71 5.60 -49.49 42.91
C GLU C 71 4.76 -49.20 44.18
N SER C 72 5.32 -49.60 45.33
CA SER C 72 4.59 -49.37 46.58
C SER C 72 4.25 -47.90 46.83
N TRP C 73 5.07 -47.02 46.28
CA TRP C 73 4.87 -45.59 46.50
C TRP C 73 3.51 -45.12 45.99
N LEU C 74 2.95 -45.81 44.96
CA LEU C 74 1.68 -45.39 44.44
C LEU C 74 0.53 -45.54 45.42
N GLU C 75 0.68 -46.56 46.21
CA GLU C 75 -0.33 -46.90 47.16
C GLU C 75 -0.08 -46.39 48.56
N CYS C 76 1.19 -46.38 48.96
CA CYS C 76 1.52 -45.85 50.27
C CYS C 76 2.80 -45.03 50.43
N ASP C 77 2.78 -44.21 51.48
CA ASP C 77 3.93 -43.37 51.74
C ASP C 77 5.19 -44.20 51.87
N LEU C 78 6.33 -43.74 51.38
CA LEU C 78 7.57 -44.48 51.53
C LEU C 78 8.11 -44.07 52.88
N PRO C 79 8.43 -45.01 53.76
CA PRO C 79 8.94 -44.58 55.07
C PRO C 79 10.17 -43.68 55.03
N GLU C 80 11.00 -43.85 54.02
CA GLU C 80 12.22 -43.09 53.79
C GLU C 80 11.96 -41.66 53.29
N ALA C 81 10.73 -41.42 52.90
CA ALA C 81 10.55 -40.07 52.43
C ALA C 81 10.79 -39.03 53.51
N ASP C 82 11.01 -37.76 53.13
CA ASP C 82 11.09 -36.68 54.14
C ASP C 82 9.85 -35.78 54.02
N THR C 83 9.60 -34.96 54.99
CA THR C 83 8.49 -34.03 54.84
C THR C 83 9.10 -32.70 54.37
N VAL C 84 8.60 -32.08 53.30
CA VAL C 84 9.27 -30.81 52.85
C VAL C 84 8.18 -29.82 52.46
N VAL C 85 8.50 -28.55 52.38
CA VAL C 85 7.50 -27.58 51.94
C VAL C 85 7.40 -27.57 50.38
N VAL C 86 6.15 -27.40 49.92
CA VAL C 86 5.80 -27.26 48.52
C VAL C 86 4.95 -26.01 48.42
N PRO C 87 5.20 -25.12 47.45
CA PRO C 87 6.15 -25.23 46.35
C PRO C 87 7.59 -25.08 46.75
N SER C 88 8.45 -25.77 45.97
CA SER C 88 9.90 -25.72 46.16
C SER C 88 10.59 -26.32 44.92
N ASN C 89 11.88 -26.00 44.86
CA ASN C 89 12.76 -26.61 43.88
C ASN C 89 13.61 -27.60 44.68
N TRP C 90 13.64 -28.88 44.29
CA TRP C 90 14.38 -29.83 45.16
C TRP C 90 15.83 -29.62 45.30
N GLN C 91 16.41 -28.90 44.34
CA GLN C 91 17.84 -28.51 44.48
C GLN C 91 18.03 -27.59 45.73
N MET C 92 17.05 -26.75 46.03
CA MET C 92 17.19 -25.83 47.13
C MET C 92 17.11 -26.57 48.50
N HIS C 93 16.68 -27.83 48.47
CA HIS C 93 16.57 -28.65 49.67
C HIS C 93 17.79 -29.55 49.72
N GLY C 94 18.67 -29.43 48.79
CA GLY C 94 19.90 -30.22 48.82
C GLY C 94 19.85 -31.63 48.22
N TYR C 95 18.77 -32.03 47.56
CA TYR C 95 18.71 -33.38 47.03
C TYR C 95 19.58 -33.66 45.83
N ASP C 96 19.85 -32.62 45.03
CA ASP C 96 20.78 -32.75 43.91
C ASP C 96 21.23 -31.31 43.59
N ALA C 97 22.18 -31.17 42.65
CA ALA C 97 22.69 -29.84 42.36
C ALA C 97 21.95 -29.07 41.29
N PRO C 98 21.78 -27.79 41.55
CA PRO C 98 21.27 -26.95 40.50
C PRO C 98 22.48 -26.77 39.53
N ILE C 99 22.19 -26.51 38.23
CA ILE C 99 23.22 -26.35 37.24
C ILE C 99 23.13 -24.99 36.59
N TYR C 100 24.26 -24.26 36.49
CA TYR C 100 24.16 -23.00 35.77
C TYR C 100 24.91 -23.09 34.45
N THR C 101 24.15 -23.22 33.35
CA THR C 101 24.74 -23.22 31.99
C THR C 101 23.94 -22.21 31.21
N ASN C 102 24.62 -21.43 30.36
CA ASN C 102 23.98 -20.39 29.56
C ASN C 102 23.36 -20.98 28.25
N VAL C 103 24.21 -21.22 27.25
CA VAL C 103 23.69 -21.72 25.97
C VAL C 103 23.75 -23.23 25.85
N THR C 104 24.88 -23.84 26.15
CA THR C 104 24.98 -25.29 25.98
C THR C 104 23.96 -26.01 26.80
N TYR C 105 23.22 -26.96 26.17
CA TYR C 105 22.22 -27.63 26.98
C TYR C 105 22.88 -28.42 28.13
N PRO C 106 22.15 -28.54 29.24
CA PRO C 106 22.67 -29.32 30.40
C PRO C 106 22.65 -30.85 30.17
N ILE C 107 22.10 -31.31 29.06
CA ILE C 107 22.04 -32.74 28.74
C ILE C 107 22.55 -32.87 27.33
N THR C 108 23.03 -34.07 26.97
CA THR C 108 23.46 -34.28 25.60
C THR C 108 22.35 -33.95 24.59
N VAL C 109 22.74 -33.29 23.49
CA VAL C 109 21.78 -32.89 22.47
C VAL C 109 21.43 -34.09 21.60
N ASN C 110 20.27 -34.72 21.79
CA ASN C 110 19.89 -35.90 21.03
C ASN C 110 18.39 -36.08 21.13
N PRO C 111 17.73 -35.08 20.56
CA PRO C 111 16.30 -34.96 20.70
C PRO C 111 15.67 -36.16 20.03
N PRO C 112 14.60 -36.65 20.62
CA PRO C 112 13.99 -36.02 21.82
C PRO C 112 14.37 -36.77 23.05
N PHE C 113 15.49 -37.46 23.03
CA PHE C 113 15.84 -38.27 24.15
C PHE C 113 16.53 -37.48 25.26
N VAL C 114 16.47 -38.02 26.48
CA VAL C 114 17.11 -37.44 27.67
C VAL C 114 17.96 -38.55 28.35
N PRO C 115 18.81 -38.17 29.32
CA PRO C 115 19.67 -39.14 29.94
C PRO C 115 18.90 -40.22 30.63
N THR C 116 19.51 -41.41 30.67
CA THR C 116 18.81 -42.43 31.40
C THR C 116 18.92 -42.09 32.91
N GLU C 117 19.99 -41.47 33.37
CA GLU C 117 20.00 -41.08 34.78
C GLU C 117 19.25 -39.76 34.86
N ASN C 118 18.02 -39.79 35.21
CA ASN C 118 17.16 -38.63 35.14
C ASN C 118 16.51 -38.45 36.50
N PRO C 119 17.05 -37.53 37.28
CA PRO C 119 16.58 -37.27 38.64
C PRO C 119 15.08 -37.10 38.68
N THR C 120 14.48 -37.91 39.54
CA THR C 120 13.05 -38.07 39.72
C THR C 120 12.60 -37.70 41.12
N GLY C 121 11.71 -36.70 41.23
CA GLY C 121 11.25 -36.28 42.54
C GLY C 121 9.85 -36.89 42.73
N CYS C 122 9.63 -37.67 43.79
CA CYS C 122 8.37 -38.32 44.07
C CYS C 122 7.69 -37.61 45.19
N TYR C 123 6.68 -36.84 44.82
CA TYR C 123 5.95 -36.06 45.81
C TYR C 123 4.61 -36.69 46.14
N SER C 124 4.16 -36.57 47.39
CA SER C 124 2.83 -37.13 47.71
C SER C 124 2.20 -36.28 48.83
N LEU C 125 0.88 -36.34 48.92
CA LEU C 125 0.15 -35.57 49.87
C LEU C 125 -1.10 -36.31 50.27
N THR C 126 -1.35 -36.43 51.60
CA THR C 126 -2.60 -37.03 52.06
C THR C 126 -3.42 -35.85 52.50
N PHE C 127 -4.64 -35.71 52.00
CA PHE C 127 -5.44 -34.54 52.28
C PHE C 127 -6.89 -34.91 52.31
N ASN C 128 -7.66 -34.05 53.02
CA ASN C 128 -9.09 -34.30 53.18
C ASN C 128 -9.94 -33.64 52.09
N VAL C 129 -11.03 -34.30 51.66
CA VAL C 129 -12.00 -33.67 50.74
C VAL C 129 -13.39 -33.83 51.39
N ASP C 130 -14.13 -32.72 51.52
CA ASP C 130 -15.48 -32.81 52.13
C ASP C 130 -16.45 -33.41 51.17
N GLU C 131 -17.42 -34.13 51.69
CA GLU C 131 -18.37 -34.74 50.78
C GLU C 131 -19.13 -33.69 49.96
N SER C 132 -19.28 -32.53 50.53
CA SER C 132 -20.00 -31.51 49.83
C SER C 132 -19.36 -31.25 48.47
N TRP C 133 -18.04 -31.39 48.36
CA TRP C 133 -17.42 -31.14 47.04
C TRP C 133 -17.70 -32.27 46.05
N LEU C 134 -17.99 -33.46 46.58
CA LEU C 134 -18.16 -34.66 45.77
C LEU C 134 -19.63 -35.05 45.47
N GLN C 135 -20.54 -34.49 46.23
CA GLN C 135 -21.91 -34.84 45.97
C GLN C 135 -22.37 -34.25 44.64
N GLU C 136 -21.84 -33.10 44.20
CA GLU C 136 -22.24 -32.42 42.98
C GLU C 136 -21.04 -31.70 42.41
N GLY C 137 -21.08 -31.41 41.13
CA GLY C 137 -19.99 -30.59 40.60
C GLY C 137 -18.70 -31.33 40.30
N GLN C 138 -17.70 -30.51 39.96
CA GLN C 138 -16.41 -31.04 39.50
C GLN C 138 -15.30 -30.50 40.38
N THR C 139 -14.45 -31.44 40.76
CA THR C 139 -13.27 -31.08 41.59
C THR C 139 -12.04 -31.28 40.75
N ARG C 140 -11.31 -30.18 40.49
CA ARG C 140 -10.09 -30.36 39.70
C ARG C 140 -8.88 -29.97 40.54
N ILE C 141 -7.66 -30.50 40.16
CA ILE C 141 -6.42 -30.08 40.83
C ILE C 141 -5.68 -29.18 39.86
N ILE C 142 -4.98 -28.17 40.35
CA ILE C 142 -4.27 -27.23 39.50
C ILE C 142 -2.85 -27.18 40.01
N PHE C 143 -1.86 -27.52 39.13
CA PHE C 143 -0.40 -27.41 39.43
C PHE C 143 0.08 -26.22 38.61
N ASP C 144 0.33 -25.07 39.27
CA ASP C 144 0.74 -23.88 38.53
C ASP C 144 2.13 -23.98 37.87
N GLY C 145 2.98 -24.88 38.35
CA GLY C 145 4.29 -24.98 37.75
C GLY C 145 4.99 -26.27 38.25
N VAL C 146 5.32 -27.15 37.29
CA VAL C 146 6.01 -28.40 37.67
C VAL C 146 7.13 -28.55 36.63
N ASN C 147 8.41 -28.66 37.10
CA ASN C 147 9.56 -28.60 36.19
C ASN C 147 10.30 -29.92 36.19
N SER C 148 10.38 -30.72 35.09
CA SER C 148 9.87 -30.28 33.76
C SER C 148 8.70 -31.05 33.18
N ALA C 149 8.40 -32.19 33.76
CA ALA C 149 7.27 -33.02 33.26
C ALA C 149 6.83 -33.91 34.43
N PHE C 150 5.62 -34.43 34.39
CA PHE C 150 5.28 -35.31 35.54
C PHE C 150 4.05 -36.14 35.20
N HIS C 151 3.94 -37.24 36.00
CA HIS C 151 2.73 -38.06 35.98
C HIS C 151 2.06 -37.84 37.34
N LEU C 152 0.74 -37.97 37.33
CA LEU C 152 -0.05 -37.81 38.55
C LEU C 152 -0.96 -39.01 38.75
N TRP C 153 -0.98 -39.47 39.98
CA TRP C 153 -1.89 -40.55 40.40
C TRP C 153 -2.72 -39.99 41.59
N CYS C 154 -3.95 -40.51 41.79
CA CYS C 154 -4.77 -40.10 42.95
C CYS C 154 -5.38 -41.40 43.49
N ASN C 155 -5.15 -41.61 44.77
CA ASN C 155 -5.59 -42.86 45.43
C ASN C 155 -5.11 -44.11 44.66
N GLY C 156 -3.84 -44.06 44.12
CA GLY C 156 -3.24 -45.19 43.46
C GLY C 156 -3.60 -45.34 42.00
N ARG C 157 -4.57 -44.55 41.51
CA ARG C 157 -5.00 -44.68 40.10
C ARG C 157 -4.40 -43.58 39.23
N TRP C 158 -3.87 -43.89 38.07
CA TRP C 158 -3.21 -42.89 37.26
C TRP C 158 -4.23 -41.95 36.69
N VAL C 159 -3.89 -40.66 36.77
CA VAL C 159 -4.78 -39.56 36.29
C VAL C 159 -4.34 -38.95 34.97
N GLY C 160 -3.06 -38.55 34.88
CA GLY C 160 -2.63 -37.90 33.64
C GLY C 160 -1.17 -37.47 33.70
N TYR C 161 -0.75 -36.65 32.71
CA TYR C 161 0.64 -36.25 32.53
C TYR C 161 0.72 -34.82 31.97
N GLY C 162 1.80 -34.15 32.31
CA GLY C 162 1.92 -32.81 31.77
C GLY C 162 3.37 -32.34 31.56
N GLN C 163 3.55 -31.40 30.58
CA GLN C 163 4.81 -30.74 30.27
C GLN C 163 4.52 -29.22 30.20
N ASP C 164 5.59 -28.44 29.99
CA ASP C 164 5.67 -26.96 29.98
C ASP C 164 5.75 -26.55 31.43
N SER C 165 6.98 -26.32 31.86
CA SER C 165 7.19 -26.07 33.28
C SER C 165 6.63 -24.72 33.74
N ARG C 166 6.07 -23.85 32.84
CA ARG C 166 5.73 -22.49 33.28
C ARG C 166 4.27 -22.06 33.11
N LEU C 167 3.42 -23.08 32.87
CA LEU C 167 1.95 -22.81 32.76
C LEU C 167 1.25 -23.87 33.63
N PRO C 168 0.05 -23.53 34.04
CA PRO C 168 -0.67 -24.47 34.93
C PRO C 168 -1.15 -25.72 34.16
N SER C 169 -1.09 -26.91 34.84
CA SER C 169 -1.64 -28.19 34.33
C SER C 169 -2.82 -28.54 35.25
N GLU C 170 -3.96 -28.73 34.67
CA GLU C 170 -5.15 -28.99 35.52
C GLU C 170 -5.78 -30.37 35.16
N PHE C 171 -6.25 -31.11 36.16
CA PHE C 171 -6.87 -32.41 35.86
C PHE C 171 -8.13 -32.58 36.68
N ASP C 172 -9.14 -33.23 36.08
CA ASP C 172 -10.41 -33.43 36.75
C ASP C 172 -10.27 -34.61 37.72
N LEU C 173 -10.39 -34.36 39.01
CA LEU C 173 -10.21 -35.51 39.90
C LEU C 173 -11.54 -36.03 40.45
N SER C 174 -12.66 -35.55 39.92
CA SER C 174 -13.99 -35.91 40.44
C SER C 174 -14.19 -37.43 40.60
N ALA C 175 -13.76 -38.17 39.57
CA ALA C 175 -14.00 -39.61 39.61
C ALA C 175 -12.95 -40.37 40.35
N PHE C 176 -12.02 -39.66 40.98
CA PHE C 176 -10.91 -40.33 41.68
C PHE C 176 -10.93 -40.06 43.19
N LEU C 177 -11.69 -39.09 43.66
CA LEU C 177 -11.58 -38.85 45.08
C LEU C 177 -12.76 -39.46 45.85
N ARG C 178 -12.62 -39.52 47.19
CA ARG C 178 -13.71 -40.00 48.05
C ARG C 178 -13.79 -39.09 49.24
N ALA C 179 -14.97 -38.98 49.88
CA ALA C 179 -15.04 -38.09 51.06
C ALA C 179 -13.99 -38.55 52.10
N GLY C 180 -13.35 -37.59 52.73
CA GLY C 180 -12.34 -37.99 53.70
C GLY C 180 -10.91 -37.92 53.14
N GLU C 181 -10.05 -38.77 53.63
CA GLU C 181 -8.66 -38.72 53.24
C GLU C 181 -8.40 -39.33 51.89
N ASN C 182 -7.55 -38.62 51.14
CA ASN C 182 -7.13 -39.06 49.83
C ASN C 182 -5.60 -38.87 49.76
N ARG C 183 -4.97 -39.54 48.81
CA ARG C 183 -3.53 -39.38 48.62
C ARG C 183 -3.16 -39.14 47.15
N LEU C 184 -2.42 -38.08 46.89
CA LEU C 184 -1.96 -37.78 45.52
C LEU C 184 -0.53 -38.29 45.47
N ALA C 185 -0.07 -38.66 44.29
CA ALA C 185 1.31 -39.05 44.12
C ALA C 185 1.73 -38.41 42.78
N VAL C 186 2.83 -37.61 42.81
CA VAL C 186 3.28 -36.92 41.59
C VAL C 186 4.73 -37.31 41.33
N MET C 187 4.97 -37.88 40.18
CA MET C 187 6.32 -38.30 39.83
C MET C 187 6.86 -37.22 38.87
N VAL C 188 7.83 -36.44 39.37
CA VAL C 188 8.38 -35.30 38.60
C VAL C 188 9.72 -35.65 37.97
N LEU C 189 9.77 -35.53 36.62
CA LEU C 189 11.05 -35.79 35.93
C LEU C 189 11.81 -34.48 35.75
N ARG C 190 13.13 -34.53 36.05
CA ARG C 190 13.98 -33.38 35.86
C ARG C 190 14.10 -33.09 34.34
N TRP C 191 14.37 -34.10 33.55
CA TRP C 191 14.56 -33.84 32.14
C TRP C 191 13.48 -34.50 31.33
N SER C 192 13.11 -33.87 30.20
CA SER C 192 12.11 -34.46 29.34
C SER C 192 12.25 -33.83 27.97
N ASP C 193 11.43 -34.29 27.00
CA ASP C 193 11.59 -33.64 25.69
C ASP C 193 11.24 -32.16 25.78
N GLY C 194 10.42 -31.80 26.82
CA GLY C 194 10.09 -30.36 27.03
C GLY C 194 11.36 -29.61 27.38
N SER C 195 12.40 -30.29 27.88
CA SER C 195 13.67 -29.62 28.18
C SER C 195 14.35 -29.04 26.92
N TYR C 196 14.07 -29.62 25.77
CA TYR C 196 14.64 -29.07 24.57
C TYR C 196 14.12 -27.64 24.23
N LEU C 197 12.95 -27.33 24.75
CA LEU C 197 12.27 -26.03 24.58
C LEU C 197 12.48 -25.10 25.80
N GLU C 198 13.33 -25.53 26.77
CA GLU C 198 13.57 -24.74 28.02
C GLU C 198 15.06 -24.47 28.28
N ASP C 199 15.74 -23.97 27.26
CA ASP C 199 17.17 -23.70 27.35
C ASP C 199 17.51 -22.26 27.74
N GLN C 200 16.67 -21.66 28.58
CA GLN C 200 16.97 -20.28 29.00
C GLN C 200 18.27 -20.23 29.83
N ASP C 201 18.97 -19.09 29.69
CA ASP C 201 20.22 -18.78 30.44
C ASP C 201 19.83 -18.46 31.92
N MET C 202 19.77 -19.56 32.70
CA MET C 202 19.38 -19.47 34.11
C MET C 202 19.74 -20.81 34.77
N TRP C 203 19.69 -20.83 36.14
CA TRP C 203 19.88 -22.09 36.83
C TRP C 203 18.84 -23.10 36.33
N ARG C 204 19.31 -24.33 36.16
CA ARG C 204 18.48 -25.47 35.74
C ARG C 204 18.13 -26.26 37.02
N MET C 205 16.86 -26.12 37.42
CA MET C 205 16.32 -26.74 38.64
C MET C 205 15.11 -27.64 38.26
N SER C 206 14.39 -28.14 39.28
CA SER C 206 13.22 -28.95 38.93
C SER C 206 12.35 -29.05 40.16
N GLY C 207 11.12 -29.55 40.02
CA GLY C 207 10.24 -29.71 41.16
C GLY C 207 8.87 -29.09 41.02
N ILE C 208 8.05 -29.17 42.06
CA ILE C 208 6.70 -28.54 42.07
C ILE C 208 6.93 -27.20 42.71
N PHE C 209 7.27 -26.22 41.83
CA PHE C 209 7.78 -24.90 42.26
C PHE C 209 6.84 -23.72 42.22
N ARG C 210 5.59 -23.94 41.77
CA ARG C 210 4.49 -22.96 41.86
C ARG C 210 3.34 -23.63 42.65
N ASP C 211 2.32 -22.86 42.99
CA ASP C 211 1.23 -23.34 43.83
C ASP C 211 0.48 -24.54 43.28
N VAL C 212 -0.11 -25.30 44.23
CA VAL C 212 -0.97 -26.40 43.89
C VAL C 212 -2.30 -26.05 44.60
N SER C 213 -3.40 -26.26 43.86
CA SER C 213 -4.69 -25.91 44.43
C SER C 213 -5.76 -26.86 43.96
N LEU C 214 -6.91 -26.79 44.67
CA LEU C 214 -8.02 -27.60 44.31
C LEU C 214 -9.15 -26.60 44.01
N LEU C 215 -9.86 -26.81 42.88
CA LEU C 215 -10.95 -25.88 42.55
C LEU C 215 -12.21 -26.67 42.31
N HIS C 216 -13.27 -26.20 42.96
CA HIS C 216 -14.59 -26.86 42.74
C HIS C 216 -15.41 -25.99 41.78
N LYS C 217 -15.99 -26.59 40.74
CA LYS C 217 -16.85 -25.84 39.85
C LYS C 217 -18.16 -26.60 39.70
N PRO C 218 -19.25 -25.88 39.44
CA PRO C 218 -20.51 -26.61 39.24
C PRO C 218 -20.39 -27.38 37.90
N THR C 219 -21.26 -28.40 37.68
CA THR C 219 -21.24 -29.16 36.41
C THR C 219 -21.63 -28.17 35.27
N THR C 220 -22.61 -27.28 35.53
CA THR C 220 -22.94 -26.26 34.55
C THR C 220 -22.08 -25.08 34.92
N GLN C 221 -21.15 -24.66 34.05
CA GLN C 221 -20.19 -23.70 34.52
C GLN C 221 -19.63 -22.80 33.45
N ILE C 222 -19.00 -21.70 33.94
CA ILE C 222 -18.31 -20.78 33.06
C ILE C 222 -16.99 -21.50 32.76
N SER C 223 -16.71 -21.79 31.47
CA SER C 223 -15.47 -22.50 31.16
C SER C 223 -14.41 -21.60 30.54
N ASP C 224 -14.84 -20.41 30.06
CA ASP C 224 -13.87 -19.47 29.51
C ASP C 224 -14.60 -18.15 29.39
N PHE C 225 -13.79 -17.06 29.39
CA PHE C 225 -14.37 -15.72 29.18
C PHE C 225 -13.24 -14.80 28.68
N HIS C 226 -13.56 -13.92 27.70
CA HIS C 226 -12.57 -12.99 27.15
C HIS C 226 -13.20 -11.60 27.24
N VAL C 227 -12.38 -10.65 27.68
CA VAL C 227 -12.80 -9.28 27.82
C VAL C 227 -12.02 -8.39 26.90
N ALA C 228 -12.72 -7.53 26.18
CA ALA C 228 -12.05 -6.58 25.29
C ALA C 228 -12.61 -5.20 25.49
N THR C 229 -11.83 -4.15 25.24
CA THR C 229 -12.36 -2.81 25.37
C THR C 229 -12.01 -2.05 24.09
N ARG C 230 -12.98 -1.49 23.36
CA ARG C 230 -12.73 -0.74 22.11
C ARG C 230 -13.22 0.68 22.31
N PHE C 231 -12.61 1.62 21.62
CA PHE C 231 -12.84 3.03 21.88
C PHE C 231 -13.18 3.79 20.61
N ASN C 232 -13.79 4.99 20.86
CA ASN C 232 -14.02 5.97 19.74
C ASN C 232 -12.65 6.70 19.56
N ASP C 233 -12.59 7.62 18.65
CA ASP C 233 -11.38 8.24 18.32
C ASP C 233 -10.72 9.06 19.40
N ASP C 234 -11.44 9.64 20.32
CA ASP C 234 -10.71 10.38 21.33
C ASP C 234 -10.76 9.74 22.69
N PHE C 235 -11.22 8.46 22.72
CA PHE C 235 -11.23 7.72 23.99
C PHE C 235 -12.24 8.26 24.95
N SER C 236 -13.24 9.02 24.49
CA SER C 236 -14.27 9.51 25.41
C SER C 236 -15.44 8.52 25.56
N ARG C 237 -15.49 7.46 24.72
CA ARG C 237 -16.49 6.39 24.77
C ARG C 237 -15.81 5.05 24.51
N ALA C 238 -16.23 4.00 25.22
CA ALA C 238 -15.71 2.65 25.02
C ALA C 238 -16.86 1.68 25.02
N VAL C 239 -16.60 0.54 24.50
CA VAL C 239 -17.55 -0.54 24.61
C VAL C 239 -16.71 -1.63 25.23
N LEU C 240 -17.20 -2.23 26.31
CA LEU C 240 -16.64 -3.41 26.95
C LEU C 240 -17.42 -4.60 26.35
N GLU C 241 -16.68 -5.55 25.69
CA GLU C 241 -17.26 -6.75 25.10
C GLU C 241 -16.75 -7.98 25.83
N ALA C 242 -17.69 -8.72 26.42
CA ALA C 242 -17.32 -9.88 27.17
C ALA C 242 -17.94 -11.13 26.51
N GLU C 243 -17.08 -12.01 25.97
CA GLU C 243 -17.59 -13.25 25.38
C GLU C 243 -17.47 -14.33 26.45
N VAL C 244 -18.57 -15.04 26.79
CA VAL C 244 -18.63 -16.06 27.84
C VAL C 244 -18.97 -17.42 27.30
N GLN C 245 -18.19 -18.46 27.70
CA GLN C 245 -18.47 -19.80 27.22
C GLN C 245 -18.83 -20.67 28.41
N MET C 246 -19.70 -21.62 28.19
CA MET C 246 -20.06 -22.54 29.29
C MET C 246 -19.81 -23.97 28.84
N CYS C 247 -19.74 -24.83 29.81
CA CYS C 247 -19.73 -26.29 29.66
C CYS C 247 -20.88 -26.80 30.56
N GLY C 248 -21.44 -27.97 30.26
CA GLY C 248 -22.52 -28.44 31.14
C GLY C 248 -23.84 -28.51 30.41
N GLU C 249 -24.98 -28.64 31.09
CA GLU C 249 -26.16 -28.76 30.22
C GLU C 249 -26.91 -27.48 29.79
N LEU C 250 -27.03 -27.28 28.50
CA LEU C 250 -27.71 -26.04 28.12
C LEU C 250 -29.18 -26.02 28.50
N ARG C 251 -29.69 -24.98 29.09
CA ARG C 251 -31.09 -24.97 29.35
C ARG C 251 -31.55 -23.57 29.06
N ASP C 252 -32.80 -23.44 28.56
CA ASP C 252 -33.27 -22.12 28.20
C ASP C 252 -33.32 -21.15 29.37
N TYR C 253 -33.42 -21.64 30.58
CA TYR C 253 -33.53 -20.64 31.64
C TYR C 253 -32.16 -20.09 32.14
N LEU C 254 -31.06 -20.59 31.51
CA LEU C 254 -29.77 -20.10 31.94
C LEU C 254 -29.55 -18.70 31.40
N ARG C 255 -28.77 -17.95 32.18
CA ARG C 255 -28.43 -16.59 31.79
C ARG C 255 -26.98 -16.29 32.21
N VAL C 256 -26.43 -15.25 31.53
CA VAL C 256 -25.18 -14.70 31.97
C VAL C 256 -25.43 -13.21 32.20
N THR C 257 -24.95 -12.77 33.35
CA THR C 257 -24.94 -11.34 33.63
C THR C 257 -23.47 -10.84 33.70
N VAL C 258 -23.10 -9.77 32.95
CA VAL C 258 -21.80 -9.21 33.13
C VAL C 258 -22.05 -7.80 33.66
N SER C 259 -21.43 -7.47 34.81
CA SER C 259 -21.53 -6.15 35.43
C SER C 259 -20.12 -5.54 35.54
N LEU C 260 -20.07 -4.19 35.36
CA LEU C 260 -18.80 -3.49 35.43
C LEU C 260 -18.85 -2.51 36.59
N TRP C 261 -17.84 -2.49 37.46
CA TRP C 261 -17.80 -1.60 38.63
C TRP C 261 -16.53 -0.79 38.66
N GLN C 262 -16.64 0.44 39.22
CA GLN C 262 -15.44 1.32 39.36
C GLN C 262 -15.46 1.57 40.80
N GLY C 263 -14.64 0.91 41.56
CA GLY C 263 -14.83 1.00 42.97
C GLY C 263 -16.19 0.36 43.35
N GLU C 264 -16.94 1.08 44.17
CA GLU C 264 -18.22 0.58 44.64
C GLU C 264 -19.37 1.00 43.84
N THR C 265 -19.11 1.71 42.77
CA THR C 265 -20.15 2.15 41.84
C THR C 265 -20.33 1.22 40.65
N GLN C 266 -21.59 0.83 40.41
CA GLN C 266 -21.84 0.02 39.27
C GLN C 266 -21.99 0.90 38.08
N VAL C 267 -21.17 0.68 37.07
CA VAL C 267 -21.16 1.49 35.89
C VAL C 267 -22.09 0.98 34.83
N ALA C 268 -22.17 -0.34 34.72
CA ALA C 268 -23.04 -0.86 33.67
C ALA C 268 -23.30 -2.36 33.97
N SER C 269 -24.37 -2.88 33.35
CA SER C 269 -24.61 -4.27 33.59
C SER C 269 -25.43 -4.76 32.42
N GLY C 270 -25.30 -5.99 31.97
CA GLY C 270 -26.11 -6.56 30.83
C GLY C 270 -26.33 -8.06 31.05
N THR C 271 -27.50 -8.56 30.61
CA THR C 271 -27.83 -9.95 30.80
C THR C 271 -28.36 -10.53 29.52
N ALA C 272 -28.03 -11.79 29.32
CA ALA C 272 -28.51 -12.50 28.12
C ALA C 272 -28.48 -14.03 28.34
N PRO C 273 -29.38 -14.67 27.60
CA PRO C 273 -29.41 -16.14 27.61
C PRO C 273 -28.24 -16.63 26.69
N PHE C 274 -27.85 -17.89 26.74
CA PHE C 274 -26.77 -18.33 25.84
C PHE C 274 -27.26 -18.43 24.45
N GLY C 275 -26.33 -18.35 23.50
CA GLY C 275 -26.71 -18.48 22.09
C GLY C 275 -26.07 -17.35 21.32
N GLY C 276 -24.90 -17.62 20.67
CA GLY C 276 -24.23 -16.57 19.94
C GLY C 276 -24.77 -16.29 18.52
N GLU C 277 -24.26 -15.23 17.91
CA GLU C 277 -24.74 -15.02 16.58
C GLU C 277 -24.26 -16.12 15.55
N ILE C 278 -24.87 -16.16 14.38
CA ILE C 278 -24.48 -17.08 13.33
C ILE C 278 -23.03 -16.81 12.93
N ILE C 279 -22.27 -17.91 12.84
CA ILE C 279 -20.85 -17.89 12.51
C ILE C 279 -20.65 -18.39 11.06
N ASP C 280 -21.35 -19.48 10.69
CA ASP C 280 -21.12 -20.04 9.36
C ASP C 280 -22.34 -20.85 8.96
N GLU C 281 -22.20 -21.66 7.92
CA GLU C 281 -23.35 -22.36 7.38
C GLU C 281 -23.98 -23.31 8.38
N ARG C 282 -23.22 -23.70 9.40
CA ARG C 282 -23.77 -24.63 10.42
C ARG C 282 -24.43 -23.96 11.62
N GLY C 283 -24.40 -22.62 11.62
CA GLY C 283 -25.01 -21.89 12.72
C GLY C 283 -24.00 -21.11 13.53
N GLY C 284 -24.28 -21.06 14.85
CA GLY C 284 -23.42 -20.33 15.77
C GLY C 284 -23.08 -21.22 17.01
N TYR C 285 -22.51 -20.62 18.04
CA TYR C 285 -22.20 -21.34 19.29
C TYR C 285 -23.38 -21.16 20.26
N ALA C 286 -24.05 -22.30 20.41
CA ALA C 286 -25.22 -22.31 21.32
C ALA C 286 -24.72 -22.18 22.80
N ASP C 287 -23.43 -22.52 23.02
CA ASP C 287 -22.80 -22.51 24.32
C ASP C 287 -22.01 -21.26 24.63
N ARG C 288 -22.24 -20.19 23.90
CA ARG C 288 -21.57 -18.96 24.22
C ARG C 288 -22.53 -17.79 24.11
N VAL C 289 -22.14 -16.70 24.75
CA VAL C 289 -22.93 -15.46 24.63
C VAL C 289 -21.91 -14.31 24.77
N THR C 290 -22.17 -13.21 24.07
CA THR C 290 -21.34 -12.01 24.13
C THR C 290 -22.18 -10.82 24.68
N LEU C 291 -21.73 -10.21 25.77
CA LEU C 291 -22.39 -9.06 26.37
C LEU C 291 -21.59 -7.86 25.93
N ARG C 292 -22.26 -6.74 25.62
CA ARG C 292 -21.57 -5.49 25.21
C ARG C 292 -22.10 -4.37 26.10
N LEU C 293 -21.20 -3.68 26.79
CA LEU C 293 -21.62 -2.67 27.75
C LEU C 293 -21.00 -1.35 27.34
N ASN C 294 -21.80 -0.28 27.32
CA ASN C 294 -21.29 1.06 26.92
C ASN C 294 -20.72 1.73 28.14
N VAL C 295 -19.57 2.39 27.94
CA VAL C 295 -18.97 3.08 29.04
C VAL C 295 -18.63 4.49 28.57
N GLU C 296 -19.26 5.51 29.18
CA GLU C 296 -18.99 6.92 28.75
C GLU C 296 -17.84 7.46 29.61
N ASN C 297 -16.92 8.20 28.95
CA ASN C 297 -15.79 8.76 29.66
C ASN C 297 -15.06 7.77 30.53
N PRO C 298 -14.69 6.60 30.03
CA PRO C 298 -13.96 5.69 30.91
C PRO C 298 -12.66 6.28 31.49
N LYS C 299 -12.32 5.85 32.71
CA LYS C 299 -11.06 6.24 33.26
C LYS C 299 -10.05 5.24 32.62
N LEU C 300 -9.06 5.74 31.89
CA LEU C 300 -8.15 4.86 31.12
C LEU C 300 -7.01 4.28 31.92
N TRP C 301 -6.60 3.07 31.56
CA TRP C 301 -5.50 2.48 32.26
C TRP C 301 -4.17 2.77 31.52
N SER C 302 -3.12 3.01 32.35
CA SER C 302 -1.76 3.16 31.85
C SER C 302 -0.82 2.85 33.00
N ALA C 303 0.48 2.77 32.70
CA ALA C 303 1.41 2.55 33.80
C ALA C 303 1.49 3.86 34.60
N GLU C 304 1.14 5.01 34.05
CA GLU C 304 1.22 6.28 34.78
C GLU C 304 0.07 6.33 35.79
N ILE C 305 -1.13 5.94 35.36
CA ILE C 305 -2.35 5.88 36.21
C ILE C 305 -3.11 4.58 35.87
N PRO C 306 -2.85 3.55 36.70
CA PRO C 306 -3.41 2.25 36.44
C PRO C 306 -4.87 2.17 36.91
N ASN C 307 -5.72 2.99 36.35
CA ASN C 307 -7.14 2.96 36.68
C ASN C 307 -7.73 1.60 36.30
N LEU C 308 -8.47 0.97 37.25
CA LEU C 308 -9.05 -0.31 36.98
C LEU C 308 -10.52 -0.31 37.32
N TYR C 309 -11.24 -1.15 36.57
CA TYR C 309 -12.64 -1.44 36.85
C TYR C 309 -12.62 -2.97 37.18
N ARG C 310 -13.77 -3.46 37.68
CA ARG C 310 -13.92 -4.91 37.98
C ARG C 310 -15.07 -5.43 37.12
N ALA C 311 -14.82 -6.46 36.31
CA ALA C 311 -15.91 -7.10 35.56
C ALA C 311 -16.26 -8.40 36.35
N VAL C 312 -17.56 -8.56 36.65
CA VAL C 312 -18.09 -9.73 37.34
C VAL C 312 -19.00 -10.45 36.36
N VAL C 313 -18.66 -11.73 36.15
CA VAL C 313 -19.39 -12.56 35.20
C VAL C 313 -20.21 -13.59 36.02
N GLU C 314 -21.54 -13.43 35.98
CA GLU C 314 -22.38 -14.38 36.73
C GLU C 314 -23.11 -15.33 35.83
N LEU C 315 -23.06 -16.64 36.19
CA LEU C 315 -23.85 -17.66 35.51
C LEU C 315 -25.02 -17.91 36.43
N HIS C 316 -26.24 -17.75 35.96
CA HIS C 316 -27.37 -17.92 36.88
C HIS C 316 -28.61 -18.37 36.14
N THR C 317 -29.70 -18.59 36.91
CA THR C 317 -30.98 -18.92 36.24
C THR C 317 -31.80 -17.65 36.15
N ALA C 318 -32.77 -17.77 35.26
CA ALA C 318 -33.63 -16.63 35.04
C ALA C 318 -34.38 -16.27 36.29
N ASP C 319 -34.64 -17.25 37.13
CA ASP C 319 -35.39 -16.86 38.30
C ASP C 319 -34.49 -16.19 39.30
N GLY C 320 -33.20 -16.09 38.99
CA GLY C 320 -32.39 -15.39 39.97
C GLY C 320 -31.53 -16.26 40.89
N THR C 321 -31.34 -17.52 40.54
CA THR C 321 -30.44 -18.24 41.42
C THR C 321 -29.03 -18.18 40.83
N LEU C 322 -28.06 -17.79 41.65
CA LEU C 322 -26.71 -17.79 41.14
C LEU C 322 -26.16 -19.21 41.09
N ILE C 323 -25.53 -19.58 39.96
CA ILE C 323 -24.85 -20.87 39.83
C ILE C 323 -23.38 -20.65 40.22
N GLU C 324 -22.71 -19.68 39.61
CA GLU C 324 -21.35 -19.30 40.06
C GLU C 324 -21.00 -17.99 39.40
N ALA C 325 -19.95 -17.42 39.94
CA ALA C 325 -19.40 -16.16 39.38
C ALA C 325 -17.86 -16.23 39.23
N GLU C 326 -17.35 -15.62 38.14
CA GLU C 326 -15.92 -15.47 37.92
C GLU C 326 -15.78 -13.93 37.77
N ALA C 327 -14.53 -13.42 37.68
CA ALA C 327 -14.39 -11.94 37.51
C ALA C 327 -12.92 -11.62 37.19
N CYS C 328 -12.70 -10.37 36.78
CA CYS C 328 -11.36 -9.94 36.54
C CYS C 328 -11.26 -8.41 36.67
N ASP C 329 -10.02 -7.96 36.83
CA ASP C 329 -9.71 -6.53 36.84
C ASP C 329 -9.68 -6.10 35.39
N VAL C 330 -10.25 -4.94 35.06
CA VAL C 330 -10.30 -4.52 33.68
C VAL C 330 -9.64 -3.20 33.59
N GLY C 331 -8.68 -3.07 32.60
CA GLY C 331 -8.07 -1.75 32.37
C GLY C 331 -8.42 -1.33 30.94
N PHE C 332 -9.10 -0.19 30.85
CA PHE C 332 -9.51 0.32 29.56
C PHE C 332 -8.29 0.96 28.88
N ARG C 333 -7.75 0.26 27.88
CA ARG C 333 -6.65 0.83 27.13
C ARG C 333 -6.62 0.11 25.79
N GLU C 334 -6.11 0.90 24.82
CA GLU C 334 -5.94 0.40 23.46
C GLU C 334 -4.46 0.36 23.15
N VAL C 335 -3.97 -0.73 22.54
CA VAL C 335 -2.56 -0.82 22.16
C VAL C 335 -2.57 -1.02 20.64
N ARG C 336 -1.84 -0.15 19.91
CA ARG C 336 -1.85 -0.36 18.45
C ARG C 336 -0.53 0.24 17.85
N ILE C 337 -0.12 -0.26 16.68
CA ILE C 337 1.03 0.28 16.02
C ILE C 337 0.45 0.99 14.84
N GLU C 338 0.84 2.25 14.69
CA GLU C 338 0.30 3.05 13.57
C GLU C 338 1.39 3.96 13.04
N ASN C 339 1.56 3.88 11.71
CA ASN C 339 2.54 4.75 11.11
C ASN C 339 3.94 4.57 11.75
N GLY C 340 4.19 3.33 12.19
CA GLY C 340 5.54 3.08 12.69
C GLY C 340 5.77 3.28 14.15
N LEU C 341 4.71 3.64 14.87
CA LEU C 341 4.87 3.88 16.27
C LEU C 341 3.91 3.01 17.11
N LEU C 342 4.41 2.50 18.26
CA LEU C 342 3.58 1.76 19.21
C LEU C 342 2.86 2.81 20.04
N LEU C 343 1.53 2.79 19.98
CA LEU C 343 0.65 3.72 20.70
C LEU C 343 -0.15 3.03 21.81
N LEU C 344 -0.22 3.74 22.96
CA LEU C 344 -1.03 3.31 24.11
C LEU C 344 -2.07 4.43 24.31
N ASN C 345 -3.37 4.15 24.14
CA ASN C 345 -4.36 5.22 24.24
C ASN C 345 -4.08 6.32 23.26
N GLY C 346 -3.59 5.96 22.09
CA GLY C 346 -3.35 6.95 21.05
C GLY C 346 -2.06 7.71 21.19
N LYS C 347 -1.25 7.51 22.21
CA LYS C 347 0.04 8.25 22.42
C LYS C 347 1.22 7.32 22.34
N PRO C 348 2.35 7.82 21.79
CA PRO C 348 3.52 6.96 21.61
C PRO C 348 4.26 6.64 22.90
N LEU C 349 4.36 5.32 23.18
CA LEU C 349 5.08 4.93 24.40
C LEU C 349 6.59 5.14 24.28
N LEU C 350 7.18 5.30 25.45
CA LEU C 350 8.62 5.36 25.66
C LEU C 350 8.86 4.30 26.75
N ILE C 351 9.28 3.09 26.30
CA ILE C 351 9.42 1.97 27.21
C ILE C 351 10.67 2.07 28.07
N ARG C 352 10.54 2.26 29.38
CA ARG C 352 11.63 2.31 30.32
C ARG C 352 11.50 0.93 30.96
N GLY C 353 12.05 -0.10 30.23
CA GLY C 353 11.80 -1.46 30.68
C GLY C 353 12.98 -2.24 31.27
N VAL C 354 12.64 -3.40 31.85
CA VAL C 354 13.68 -4.26 32.34
C VAL C 354 13.21 -5.72 32.17
N ASN C 355 14.16 -6.62 31.82
CA ASN C 355 13.86 -8.07 31.78
C ASN C 355 13.96 -8.56 33.25
N ARG C 356 13.07 -9.42 33.67
CA ARG C 356 13.12 -9.93 35.08
C ARG C 356 12.82 -11.44 35.11
N HIS C 357 13.82 -12.17 35.55
CA HIS C 357 13.62 -13.58 35.74
C HIS C 357 12.94 -13.77 37.12
N GLU C 358 12.38 -14.97 37.36
CA GLU C 358 11.80 -15.35 38.66
C GLU C 358 12.89 -16.04 39.45
N HIS C 359 13.56 -15.32 40.37
CA HIS C 359 14.73 -15.89 41.09
C HIS C 359 14.80 -15.32 42.49
N HIS C 360 15.07 -16.21 43.43
CA HIS C 360 15.18 -15.82 44.85
C HIS C 360 16.43 -16.58 45.33
N PRO C 361 17.33 -15.89 46.03
CA PRO C 361 18.58 -16.54 46.42
C PRO C 361 18.42 -17.70 47.39
N LEU C 362 17.34 -17.79 48.10
CA LEU C 362 17.21 -18.93 48.98
C LEU C 362 16.18 -19.90 48.45
N HIS C 363 15.10 -19.41 47.80
CA HIS C 363 14.03 -20.28 47.34
C HIS C 363 14.13 -20.73 45.89
N GLY C 364 15.22 -20.27 45.23
CA GLY C 364 15.37 -20.74 43.82
C GLY C 364 14.36 -20.07 42.86
N GLN C 365 13.46 -20.84 42.25
CA GLN C 365 12.58 -20.26 41.27
C GLN C 365 11.19 -20.15 41.79
N VAL C 366 11.04 -20.40 43.09
CA VAL C 366 9.71 -20.23 43.75
C VAL C 366 9.49 -18.75 44.05
N MET C 367 8.32 -18.22 43.62
CA MET C 367 8.07 -16.79 43.85
C MET C 367 7.06 -16.61 44.92
N ASP C 368 7.20 -15.47 45.65
CA ASP C 368 6.27 -15.17 46.72
C ASP C 368 5.81 -13.74 46.58
N GLU C 369 4.63 -13.43 47.13
CA GLU C 369 4.09 -12.09 46.99
C GLU C 369 5.03 -11.01 47.52
N GLN C 370 5.71 -11.24 48.64
CA GLN C 370 6.52 -10.18 49.18
C GLN C 370 7.64 -9.78 48.24
N THR C 371 8.29 -10.81 47.63
CA THR C 371 9.38 -10.51 46.70
C THR C 371 8.85 -9.85 45.45
N MET C 372 7.74 -10.37 44.97
CA MET C 372 7.16 -9.71 43.80
C MET C 372 6.91 -8.19 44.05
N VAL C 373 6.26 -7.88 45.19
CA VAL C 373 5.93 -6.51 45.51
C VAL C 373 7.19 -5.70 45.67
N GLN C 374 8.19 -6.23 46.35
CA GLN C 374 9.44 -5.54 46.54
C GLN C 374 10.04 -5.19 45.17
N ASP C 375 10.01 -6.18 44.22
CA ASP C 375 10.57 -5.84 42.91
C ASP C 375 9.77 -4.73 42.25
N ILE C 376 8.42 -4.79 42.27
CA ILE C 376 7.65 -3.76 41.58
C ILE C 376 7.85 -2.41 42.18
N LEU C 377 7.93 -2.35 43.51
CA LEU C 377 8.17 -1.03 44.13
C LEU C 377 9.55 -0.49 43.76
N LEU C 378 10.60 -1.34 43.75
CA LEU C 378 11.91 -0.80 43.37
C LEU C 378 11.94 -0.32 41.93
N MET C 379 11.20 -1.10 41.08
CA MET C 379 11.16 -0.75 39.65
C MET C 379 10.58 0.66 39.47
N LYS C 380 9.32 0.84 40.00
CA LYS C 380 8.61 2.14 39.89
C LYS C 380 9.39 3.28 40.50
N GLN C 381 10.01 3.00 41.67
CA GLN C 381 10.83 4.00 42.32
C GLN C 381 12.02 4.39 41.48
N ASN C 382 12.48 3.48 40.61
CA ASN C 382 13.62 3.77 39.77
C ASN C 382 13.20 4.09 38.33
N ASN C 383 11.95 4.56 38.18
CA ASN C 383 11.55 5.03 36.90
C ASN C 383 11.38 4.02 35.75
N PHE C 384 11.16 2.78 36.11
CA PHE C 384 10.84 1.81 35.09
C PHE C 384 9.32 1.81 34.97
N ASN C 385 8.83 1.61 33.74
CA ASN C 385 7.39 1.52 33.50
C ASN C 385 7.00 0.23 32.79
N ALA C 386 7.98 -0.68 32.58
CA ALA C 386 7.66 -1.90 31.80
C ALA C 386 8.59 -3.06 32.17
N VAL C 387 8.06 -4.27 31.96
CA VAL C 387 8.84 -5.49 32.33
C VAL C 387 8.63 -6.56 31.30
N ARG C 388 9.74 -7.29 30.97
CA ARG C 388 9.59 -8.36 30.01
C ARG C 388 9.69 -9.66 30.82
N CYS C 389 8.78 -10.63 30.60
CA CYS C 389 8.82 -11.88 31.36
C CYS C 389 9.86 -12.77 30.66
N SER C 390 11.16 -12.46 30.85
CA SER C 390 12.23 -13.31 30.22
C SER C 390 12.33 -14.62 31.02
N HIS C 391 12.08 -15.81 30.41
CA HIS C 391 11.60 -15.93 29.07
C HIS C 391 10.56 -17.03 29.16
N TYR C 392 9.45 -16.68 29.83
CA TYR C 392 8.37 -17.70 30.05
C TYR C 392 7.25 -16.99 30.79
N PRO C 393 6.10 -17.61 30.76
CA PRO C 393 4.95 -17.04 31.51
C PRO C 393 5.28 -17.07 33.01
N ASN C 394 4.86 -16.02 33.71
CA ASN C 394 5.18 -15.91 35.13
C ASN C 394 4.11 -16.46 36.03
N HIS C 395 4.47 -16.51 37.31
CA HIS C 395 3.50 -16.88 38.35
C HIS C 395 2.32 -15.94 38.18
N PRO C 396 1.09 -16.45 38.34
CA PRO C 396 -0.11 -15.68 38.07
C PRO C 396 -0.25 -14.35 38.77
N LEU C 397 0.30 -14.27 39.98
CA LEU C 397 0.12 -13.03 40.74
C LEU C 397 0.89 -11.90 40.15
N TRP C 398 1.95 -12.23 39.39
CA TRP C 398 2.77 -11.11 38.84
C TRP C 398 1.88 -10.20 38.02
N TYR C 399 1.02 -10.85 37.22
CA TYR C 399 0.14 -10.09 36.35
C TYR C 399 -0.87 -9.23 37.13
N THR C 400 -1.38 -9.81 38.18
CA THR C 400 -2.33 -8.98 38.99
C THR C 400 -1.57 -7.75 39.54
N LEU C 401 -0.32 -7.94 39.99
CA LEU C 401 0.44 -6.79 40.57
C LEU C 401 0.75 -5.74 39.52
N CYS C 402 1.14 -6.24 38.30
CA CYS C 402 1.41 -5.23 37.27
C CYS C 402 0.15 -4.47 36.85
N ASP C 403 -1.03 -5.17 36.85
CA ASP C 403 -2.30 -4.52 36.51
C ASP C 403 -2.55 -3.38 37.52
N ARG C 404 -2.36 -3.71 38.82
CA ARG C 404 -2.76 -2.79 39.90
C ARG C 404 -1.75 -1.70 40.21
N TYR C 405 -0.47 -2.05 40.12
CA TYR C 405 0.57 -1.03 40.36
C TYR C 405 0.85 -0.21 39.10
N GLY C 406 0.62 -0.81 37.94
CA GLY C 406 0.85 -0.10 36.69
C GLY C 406 2.22 -0.37 36.07
N LEU C 407 2.43 -1.49 35.35
CA LEU C 407 3.63 -1.68 34.58
C LEU C 407 3.16 -2.33 33.29
N TYR C 408 3.80 -1.92 32.15
CA TYR C 408 3.50 -2.57 30.85
C TYR C 408 4.24 -3.90 30.83
N VAL C 409 3.53 -4.93 30.37
CA VAL C 409 4.23 -6.23 30.38
C VAL C 409 4.30 -6.90 28.98
N VAL C 410 5.49 -7.50 28.70
CA VAL C 410 5.69 -8.36 27.53
C VAL C 410 5.56 -9.79 28.07
N ASP C 411 4.49 -10.50 27.69
CA ASP C 411 4.27 -11.90 28.15
C ASP C 411 4.87 -12.83 27.10
N GLU C 412 5.71 -13.76 27.54
CA GLU C 412 6.51 -14.53 26.61
C GLU C 412 6.36 -16.02 26.76
N ALA C 413 6.15 -16.70 25.61
CA ALA C 413 5.98 -18.15 25.65
C ALA C 413 7.27 -18.83 26.18
N ASN C 414 7.10 -19.98 26.88
CA ASN C 414 8.27 -20.71 27.43
C ASN C 414 8.84 -21.61 26.31
N ILE C 415 9.55 -20.92 25.35
CA ILE C 415 10.19 -21.63 24.25
C ILE C 415 11.56 -20.99 24.06
N GLU C 416 12.63 -21.74 24.36
CA GLU C 416 13.95 -21.26 24.06
C GLU C 416 14.79 -22.46 23.68
N THR C 417 15.40 -22.45 22.47
CA THR C 417 16.22 -23.62 22.05
C THR C 417 17.60 -23.15 21.70
N HIS C 418 18.14 -22.21 22.48
CA HIS C 418 19.39 -21.57 22.05
C HIS C 418 20.56 -22.53 21.74
N GLY C 419 20.64 -23.68 22.47
CA GLY C 419 21.82 -24.52 22.28
C GLY C 419 21.72 -25.40 21.05
N MET C 420 20.64 -25.34 20.29
CA MET C 420 20.56 -26.17 19.03
C MET C 420 21.55 -25.58 17.99
N VAL C 421 21.99 -26.40 17.01
CA VAL C 421 22.84 -25.90 15.94
C VAL C 421 22.17 -26.35 14.67
N PRO C 422 21.76 -25.40 13.77
CA PRO C 422 21.71 -23.97 14.00
C PRO C 422 20.55 -23.74 15.01
N MET C 423 20.38 -22.50 15.43
CA MET C 423 19.40 -22.22 16.51
C MET C 423 17.98 -22.57 16.14
N ASN C 424 17.59 -22.53 14.87
CA ASN C 424 16.20 -22.86 14.51
C ASN C 424 16.02 -24.31 14.14
N ARG C 425 16.95 -25.23 14.54
CA ARG C 425 16.78 -26.60 14.11
C ARG C 425 15.45 -27.24 14.49
N LEU C 426 14.94 -26.90 15.70
CA LEU C 426 13.64 -27.43 16.13
C LEU C 426 12.49 -26.54 15.64
N THR C 427 12.69 -25.22 15.66
CA THR C 427 11.59 -24.28 15.34
C THR C 427 11.26 -24.25 13.87
N ASP C 428 12.18 -24.77 13.02
CA ASP C 428 11.79 -24.85 11.61
C ASP C 428 11.28 -26.25 11.22
N ASP C 429 11.16 -27.16 12.21
CA ASP C 429 10.77 -28.57 12.03
C ASP C 429 9.29 -28.75 12.39
N PRO C 430 8.49 -29.15 11.41
CA PRO C 430 7.08 -29.23 11.71
C PRO C 430 6.77 -30.25 12.78
N ARG C 431 7.64 -31.18 13.02
CA ARG C 431 7.27 -32.14 14.02
C ARG C 431 7.24 -31.53 15.38
N TRP C 432 7.88 -30.34 15.46
CA TRP C 432 7.91 -29.66 16.76
C TRP C 432 6.86 -28.53 16.88
N LEU C 433 6.09 -28.38 15.77
CA LEU C 433 5.05 -27.35 15.79
C LEU C 433 4.00 -27.60 16.90
N PRO C 434 3.55 -28.86 17.12
CA PRO C 434 2.57 -29.12 18.20
C PRO C 434 3.06 -28.71 19.58
N ALA C 435 4.23 -29.16 20.01
CA ALA C 435 4.72 -28.79 21.31
C ALA C 435 4.87 -27.27 21.45
N MET C 436 5.41 -26.62 20.35
CA MET C 436 5.58 -25.16 20.47
C MET C 436 4.21 -24.54 20.52
N SER C 437 3.29 -25.03 19.69
CA SER C 437 1.99 -24.41 19.67
C SER C 437 1.36 -24.35 21.09
N GLU C 438 1.44 -25.46 21.84
CA GLU C 438 0.81 -25.44 23.19
C GLU C 438 1.43 -24.42 24.12
N ARG C 439 2.73 -24.16 23.95
CA ARG C 439 3.42 -23.18 24.77
C ARG C 439 2.91 -21.75 24.49
N VAL C 440 2.58 -21.47 23.21
CA VAL C 440 2.02 -20.17 22.85
C VAL C 440 0.50 -20.10 23.18
N THR C 441 -0.28 -21.06 22.71
CA THR C 441 -1.71 -20.95 22.87
C THR C 441 -2.17 -20.94 24.30
N ARG C 442 -1.54 -21.80 25.14
CA ARG C 442 -1.98 -21.91 26.54
C ARG C 442 -1.61 -20.68 27.30
N MET C 443 -0.62 -19.96 26.84
CA MET C 443 -0.26 -18.70 27.49
C MET C 443 -1.31 -17.63 27.20
N VAL C 444 -1.68 -17.53 25.92
CA VAL C 444 -2.64 -16.51 25.53
C VAL C 444 -3.99 -16.79 26.22
N GLN C 445 -4.39 -18.12 26.25
CA GLN C 445 -5.70 -18.45 26.87
C GLN C 445 -5.70 -18.10 28.37
N ARG C 446 -4.56 -18.16 29.02
CA ARG C 446 -4.55 -17.83 30.42
C ARG C 446 -4.44 -16.35 30.68
N ASP C 447 -3.65 -15.56 29.88
CA ASP C 447 -3.34 -14.18 30.28
C ASP C 447 -4.00 -13.03 29.48
N ARG C 448 -4.79 -13.38 28.48
CA ARG C 448 -5.34 -12.38 27.58
C ARG C 448 -6.31 -11.36 28.22
N ASN C 449 -6.76 -11.59 29.44
CA ASN C 449 -7.64 -10.58 29.99
C ASN C 449 -6.85 -9.59 30.86
N HIS C 450 -5.52 -9.71 31.05
CA HIS C 450 -4.81 -8.76 31.91
C HIS C 450 -4.47 -7.48 31.15
N PRO C 451 -4.89 -6.30 31.62
CA PRO C 451 -4.56 -5.10 30.89
C PRO C 451 -3.05 -4.85 30.89
N SER C 452 -2.32 -5.29 31.93
CA SER C 452 -0.90 -4.99 31.95
C SER C 452 -0.16 -5.63 30.74
N VAL C 453 -0.69 -6.79 30.25
CA VAL C 453 0.02 -7.38 29.12
C VAL C 453 -0.32 -6.52 27.91
N ILE C 454 0.68 -5.92 27.30
CA ILE C 454 0.44 -5.10 26.10
C ILE C 454 1.05 -5.73 24.79
N ILE C 455 1.99 -6.68 24.92
CA ILE C 455 2.62 -7.29 23.79
C ILE C 455 2.84 -8.76 24.10
N TRP C 456 2.57 -9.61 23.08
CA TRP C 456 2.93 -11.04 23.28
C TRP C 456 4.30 -11.31 22.61
N SER C 457 5.08 -12.22 23.18
CA SER C 457 6.32 -12.66 22.57
C SER C 457 6.30 -14.18 22.34
N LEU C 458 6.84 -14.62 21.22
CA LEU C 458 6.92 -16.03 20.82
C LEU C 458 7.96 -16.86 21.51
N GLY C 459 8.73 -16.27 22.43
CA GLY C 459 9.78 -16.99 23.13
C GLY C 459 11.08 -16.23 22.97
N ASN C 460 12.20 -16.96 23.03
CA ASN C 460 13.50 -16.27 22.99
C ASN C 460 14.61 -17.25 22.42
N GLU C 461 15.56 -16.63 21.65
CA GLU C 461 16.76 -17.32 21.14
C GLU C 461 16.45 -18.76 20.71
N SER C 462 15.57 -18.85 19.67
CA SER C 462 15.23 -20.15 19.07
C SER C 462 15.31 -19.98 17.55
N GLY C 463 16.21 -19.06 17.10
CA GLY C 463 16.37 -18.78 15.66
C GLY C 463 15.05 -18.25 15.08
N HIS C 464 14.87 -18.40 13.74
CA HIS C 464 13.59 -18.09 13.12
C HIS C 464 13.22 -19.30 12.32
N GLY C 465 12.11 -19.97 12.67
CA GLY C 465 11.65 -21.14 11.91
C GLY C 465 10.18 -20.95 11.48
N ALA C 466 9.71 -21.78 10.54
CA ALA C 466 8.39 -21.59 10.07
C ALA C 466 7.36 -21.74 11.19
N ASN C 467 7.69 -22.50 12.25
CA ASN C 467 6.74 -22.65 13.40
C ASN C 467 6.42 -21.30 14.01
N HIS C 468 7.46 -20.44 13.98
CA HIS C 468 7.26 -19.08 14.50
C HIS C 468 6.27 -18.29 13.65
N ASP C 469 6.42 -18.37 12.33
CA ASP C 469 5.44 -17.60 11.52
C ASP C 469 4.02 -18.13 11.72
N ALA C 470 3.86 -19.47 11.84
CA ALA C 470 2.52 -20.05 12.02
C ALA C 470 1.91 -19.48 13.32
N LEU C 471 2.76 -19.43 14.40
CA LEU C 471 2.28 -19.01 15.72
C LEU C 471 2.07 -17.53 15.84
N TYR C 472 2.93 -16.80 15.16
CA TYR C 472 2.71 -15.36 15.13
C TYR C 472 1.29 -15.16 14.54
N ARG C 473 0.94 -15.84 13.42
CA ARG C 473 -0.36 -15.57 12.82
C ARG C 473 -1.50 -16.02 13.69
N TRP C 474 -1.28 -17.18 14.37
CA TRP C 474 -2.36 -17.62 15.27
C TRP C 474 -2.72 -16.51 16.28
N ILE C 475 -1.68 -15.94 16.89
CA ILE C 475 -2.00 -14.91 17.91
C ILE C 475 -2.68 -13.73 17.25
N LYS C 476 -2.14 -13.25 16.12
CA LYS C 476 -2.73 -12.09 15.48
C LYS C 476 -4.19 -12.37 15.20
N SER C 477 -4.54 -13.63 14.88
CA SER C 477 -5.93 -13.98 14.61
C SER C 477 -6.80 -14.02 15.83
N VAL C 478 -6.34 -14.65 16.87
CA VAL C 478 -7.19 -14.76 18.07
C VAL C 478 -7.24 -13.49 18.93
N ASP C 479 -6.21 -12.67 18.89
CA ASP C 479 -6.21 -11.46 19.74
C ASP C 479 -5.57 -10.31 18.97
N PRO C 480 -6.38 -9.61 18.28
CA PRO C 480 -5.85 -8.49 17.53
C PRO C 480 -5.52 -7.30 18.43
N SER C 481 -5.85 -7.37 19.69
CA SER C 481 -5.62 -6.22 20.54
C SER C 481 -4.17 -5.95 20.93
N ARG C 482 -3.25 -6.89 20.69
CA ARG C 482 -1.88 -6.58 21.16
C ARG C 482 -0.88 -7.00 20.05
N PRO C 483 0.17 -6.23 19.85
CA PRO C 483 1.24 -6.59 18.91
C PRO C 483 1.96 -7.87 19.37
N VAL C 484 2.60 -8.54 18.38
CA VAL C 484 3.37 -9.73 18.65
C VAL C 484 4.81 -9.40 18.27
N GLN C 485 5.75 -9.77 19.17
CA GLN C 485 7.16 -9.58 18.82
C GLN C 485 7.94 -10.87 19.05
N TYR C 486 9.10 -10.89 18.40
CA TYR C 486 9.96 -12.07 18.57
C TYR C 486 11.33 -11.65 17.95
N GLU C 487 12.40 -11.86 18.67
CA GLU C 487 13.73 -11.40 18.21
C GLU C 487 14.59 -12.42 17.36
N GLY C 488 14.23 -13.73 17.48
CA GLY C 488 15.05 -14.71 16.81
C GLY C 488 15.21 -14.51 15.33
N GLY C 489 16.39 -14.99 14.82
CA GLY C 489 16.60 -14.87 13.38
C GLY C 489 16.94 -13.47 12.87
N GLY C 490 17.45 -12.60 13.77
CA GLY C 490 17.83 -11.29 13.23
C GLY C 490 16.96 -10.11 13.69
N ALA C 491 15.96 -10.35 14.58
CA ALA C 491 15.17 -9.26 15.21
C ALA C 491 14.18 -8.48 14.36
N ASP C 492 14.15 -8.76 13.06
CA ASP C 492 13.28 -8.05 12.18
C ASP C 492 12.61 -8.97 11.12
N THR C 493 12.40 -10.24 11.51
CA THR C 493 11.79 -11.15 10.59
C THR C 493 10.30 -10.94 10.40
N THR C 494 9.66 -11.82 9.63
CA THR C 494 8.26 -11.80 9.40
C THR C 494 7.50 -12.27 10.60
N ALA C 495 8.13 -12.63 11.70
CA ALA C 495 7.34 -13.08 12.85
C ALA C 495 7.33 -11.99 13.93
N THR C 496 7.58 -10.71 13.58
CA THR C 496 7.60 -9.68 14.60
C THR C 496 7.04 -8.37 14.11
N ASP C 497 6.15 -7.76 14.94
CA ASP C 497 5.59 -6.48 14.55
C ASP C 497 6.52 -5.33 15.02
N ILE C 498 7.54 -5.62 15.85
CA ILE C 498 8.43 -4.63 16.41
C ILE C 498 9.88 -5.08 16.16
N ILE C 499 10.75 -4.16 15.70
CA ILE C 499 12.20 -4.55 15.52
C ILE C 499 12.69 -4.65 16.98
N CYS C 500 13.10 -5.85 17.43
CA CYS C 500 13.37 -5.96 18.88
C CYS C 500 14.71 -6.67 19.19
N PRO C 501 15.78 -6.05 18.70
CA PRO C 501 17.09 -6.65 18.86
C PRO C 501 17.55 -6.76 20.31
N MET C 502 18.57 -7.60 20.52
CA MET C 502 19.17 -7.67 21.84
C MET C 502 20.61 -7.22 21.63
N TYR C 503 20.98 -6.21 22.46
CA TYR C 503 22.38 -5.65 22.50
C TYR C 503 22.84 -4.95 21.24
N ALA C 504 21.90 -4.50 20.41
CA ALA C 504 22.35 -3.71 19.30
C ALA C 504 22.82 -2.40 19.96
N ARG C 505 23.92 -1.84 19.40
CA ARG C 505 24.53 -0.60 19.90
C ARG C 505 23.86 0.64 19.28
N VAL C 506 24.15 1.78 19.88
CA VAL C 506 23.50 3.00 19.48
C VAL C 506 23.97 3.49 18.13
N ASP C 507 25.28 3.61 17.99
CA ASP C 507 25.83 4.11 16.73
C ASP C 507 26.68 3.08 15.98
N GLU C 508 27.15 2.05 16.65
CA GLU C 508 28.05 1.09 16.02
C GLU C 508 27.36 -0.10 15.44
N ASP C 509 27.59 -0.36 14.14
CA ASP C 509 27.02 -1.58 13.54
C ASP C 509 27.88 -2.80 13.89
N GLN C 510 27.26 -3.96 13.99
CA GLN C 510 27.97 -5.26 14.20
C GLN C 510 27.39 -6.20 13.14
N PRO C 511 27.97 -6.11 11.94
CA PRO C 511 27.38 -6.81 10.80
C PRO C 511 27.64 -8.29 10.76
N PHE C 512 27.24 -9.00 11.78
CA PHE C 512 27.40 -10.42 11.70
C PHE C 512 26.69 -10.99 10.45
N PRO C 513 27.22 -12.07 9.87
CA PRO C 513 26.54 -12.70 8.76
C PRO C 513 25.24 -13.29 9.22
N ALA C 514 24.28 -13.15 8.32
CA ALA C 514 22.93 -13.64 8.40
C ALA C 514 22.06 -12.90 9.41
N VAL C 515 22.61 -12.55 10.56
CA VAL C 515 21.80 -11.94 11.57
C VAL C 515 22.59 -10.74 12.11
N PRO C 516 22.84 -9.73 11.24
CA PRO C 516 23.57 -8.56 11.71
C PRO C 516 22.85 -7.83 12.83
N LYS C 517 23.61 -7.14 13.70
CA LYS C 517 23.04 -6.34 14.73
C LYS C 517 23.40 -4.91 14.35
N TRP C 518 22.50 -4.25 13.58
CA TRP C 518 22.82 -2.85 13.15
C TRP C 518 22.76 -1.87 14.32
N SER C 519 23.44 -0.71 14.22
CA SER C 519 23.24 0.45 15.12
C SER C 519 21.70 0.62 15.10
N ILE C 520 21.07 0.92 16.21
CA ILE C 520 19.61 1.10 16.24
C ILE C 520 19.13 2.27 15.40
N LYS C 521 19.92 3.35 15.36
CA LYS C 521 19.52 4.50 14.57
C LYS C 521 19.49 4.14 13.08
N LYS C 522 20.50 3.35 12.66
CA LYS C 522 20.58 2.96 11.29
C LYS C 522 19.50 1.92 10.97
N TRP C 523 19.26 1.04 11.93
CA TRP C 523 18.30 -0.03 11.62
C TRP C 523 16.92 0.52 11.22
N LEU C 524 16.43 1.54 11.91
CA LEU C 524 15.08 2.05 11.61
C LEU C 524 14.89 2.47 10.16
N SER C 525 15.98 2.95 9.55
CA SER C 525 15.84 3.47 8.20
C SER C 525 16.37 2.59 7.10
N LEU C 526 16.60 1.31 7.36
CA LEU C 526 17.07 0.48 6.23
C LEU C 526 15.95 0.48 5.18
N PRO C 527 16.35 0.26 3.94
CA PRO C 527 15.38 0.32 2.84
C PRO C 527 14.13 -0.50 3.09
N GLY C 528 12.99 0.14 2.93
CA GLY C 528 11.78 -0.59 3.11
C GLY C 528 11.30 -0.75 4.56
N GLU C 529 12.11 -0.46 5.58
CA GLU C 529 11.70 -0.62 6.99
C GLU C 529 10.84 0.51 7.52
N THR C 530 9.81 0.11 8.29
CA THR C 530 8.90 1.10 8.84
C THR C 530 8.48 0.80 10.25
N ARG C 531 8.88 -0.34 10.83
CA ARG C 531 8.38 -0.70 12.19
C ARG C 531 9.04 0.08 13.34
N PRO C 532 8.40 0.11 14.51
CA PRO C 532 9.05 0.73 15.68
C PRO C 532 10.17 -0.23 16.11
N LEU C 533 11.14 0.34 16.85
CA LEU C 533 12.21 -0.45 17.37
C LEU C 533 12.26 -0.26 18.92
N ILE C 534 12.16 -1.40 19.64
CA ILE C 534 12.23 -1.43 21.13
C ILE C 534 13.13 -2.63 21.41
N LEU C 535 14.30 -2.40 22.04
CA LEU C 535 15.22 -3.54 22.23
C LEU C 535 14.65 -4.52 23.24
N CYS C 536 14.67 -5.81 22.94
CA CYS C 536 14.17 -6.74 23.92
C CYS C 536 15.13 -6.90 25.07
N GLN C 537 16.43 -6.61 24.84
CA GLN C 537 17.48 -6.70 25.84
C GLN C 537 18.52 -5.69 25.46
N TYR C 538 18.94 -4.86 26.43
CA TYR C 538 20.03 -3.91 26.11
C TYR C 538 20.72 -3.56 27.39
N ALA C 539 21.93 -3.09 27.26
CA ALA C 539 22.78 -2.83 28.42
C ALA C 539 22.94 -3.91 29.49
C ALA C 539 22.96 -4.29 28.91
N HIS C 540 23.84 -4.82 29.23
N HIS C 540 24.00 -4.57 29.61
CA HIS C 540 24.17 -5.96 30.09
C HIS C 540 24.81 -5.66 31.48
N ALA C 541 23.98 -5.60 32.53
CA ALA C 541 24.43 -5.12 33.85
C ALA C 541 25.21 -6.12 34.72
N MET C 542 26.18 -6.72 34.07
CA MET C 542 26.96 -7.72 34.75
C MET C 542 28.17 -7.06 35.43
N GLY C 543 28.14 -7.19 36.78
CA GLY C 543 29.25 -6.57 37.50
C GLY C 543 29.22 -5.07 37.33
N ASN C 544 30.44 -4.45 37.29
CA ASN C 544 30.54 -2.97 37.22
C ASN C 544 30.29 -2.58 35.76
N SER C 545 29.02 -2.21 35.50
CA SER C 545 28.66 -2.06 34.07
C SER C 545 27.65 -0.96 33.85
N LEU C 546 26.88 -0.98 32.74
CA LEU C 546 26.02 0.14 32.45
C LEU C 546 26.77 1.34 31.89
N GLY C 547 28.07 1.17 31.48
CA GLY C 547 28.81 2.26 30.82
C GLY C 547 28.15 2.50 29.46
N GLY C 548 27.87 3.74 29.12
CA GLY C 548 27.22 4.04 27.83
C GLY C 548 25.69 4.06 27.94
N PHE C 549 25.13 3.87 29.16
CA PHE C 549 23.67 3.86 29.28
C PHE C 549 23.03 5.12 28.74
N ALA C 550 23.63 6.25 29.08
CA ALA C 550 23.03 7.51 28.65
C ALA C 550 22.91 7.70 27.11
N LYS C 551 23.80 7.02 26.39
CA LYS C 551 23.79 7.13 24.93
C LYS C 551 22.50 6.53 24.37
N TYR C 552 22.00 5.44 25.02
CA TYR C 552 20.75 4.88 24.53
C TYR C 552 19.63 5.87 24.79
N TRP C 553 19.57 6.46 25.98
CA TRP C 553 18.47 7.36 26.29
C TRP C 553 18.44 8.63 25.40
N GLN C 554 19.63 9.15 25.07
CA GLN C 554 19.65 10.34 24.24
C GLN C 554 19.06 9.94 22.88
N ALA C 555 19.42 8.74 22.39
CA ALA C 555 18.87 8.29 21.09
C ALA C 555 17.37 8.03 21.15
N PHE C 556 16.88 7.36 22.23
CA PHE C 556 15.44 7.13 22.35
C PHE C 556 14.66 8.45 22.34
N ARG C 557 15.18 9.48 23.00
CA ARG C 557 14.39 10.72 23.04
C ARG C 557 14.48 11.48 21.74
N GLN C 558 15.56 11.35 20.97
CA GLN C 558 15.66 12.12 19.70
C GLN C 558 14.89 11.47 18.56
N TYR C 559 14.81 10.14 18.55
CA TYR C 559 14.19 9.42 17.41
C TYR C 559 12.84 8.91 17.73
N PRO C 560 11.77 9.40 17.14
CA PRO C 560 10.44 8.95 17.47
C PRO C 560 10.32 7.41 17.49
N ARG C 561 10.80 6.74 16.41
CA ARG C 561 10.64 5.29 16.28
C ARG C 561 11.54 4.46 17.20
N LEU C 562 12.51 5.10 17.90
CA LEU C 562 13.31 4.35 18.94
C LEU C 562 12.43 4.51 20.20
N GLN C 563 11.65 3.47 20.53
CA GLN C 563 10.70 3.62 21.64
C GLN C 563 11.15 2.96 22.91
N GLY C 564 12.44 2.75 22.98
CA GLY C 564 13.03 2.26 24.28
C GLY C 564 13.54 0.86 24.27
N GLY C 565 13.40 0.23 25.45
CA GLY C 565 13.93 -1.11 25.53
C GLY C 565 13.82 -1.69 26.93
N PHE C 566 14.26 -2.97 27.06
CA PHE C 566 14.25 -3.69 28.35
C PHE C 566 15.68 -3.98 28.73
N VAL C 567 16.12 -3.36 29.84
CA VAL C 567 17.47 -3.56 30.27
C VAL C 567 17.70 -5.02 30.61
N TRP C 568 18.93 -5.54 30.37
CA TRP C 568 19.29 -6.92 30.75
C TRP C 568 20.24 -6.87 32.00
N ASP C 569 19.80 -7.21 33.21
CA ASP C 569 18.42 -7.58 33.58
C ASP C 569 18.18 -7.08 35.03
N TRP C 570 17.04 -7.50 35.64
CA TRP C 570 16.68 -6.95 36.92
C TRP C 570 17.55 -7.42 38.08
N VAL C 571 17.63 -8.74 38.28
CA VAL C 571 18.32 -9.24 39.47
C VAL C 571 19.34 -10.35 39.24
N ASP C 572 20.42 -10.24 40.01
CA ASP C 572 21.42 -11.30 39.88
C ASP C 572 20.86 -12.66 40.21
N GLN C 573 21.19 -13.70 39.43
CA GLN C 573 20.78 -15.06 39.80
C GLN C 573 21.85 -15.74 40.61
N SER C 574 22.23 -15.13 41.76
CA SER C 574 23.21 -15.75 42.65
C SER C 574 22.41 -16.58 43.67
N LEU C 575 23.04 -17.66 44.18
CA LEU C 575 22.28 -18.49 45.16
C LEU C 575 23.05 -18.53 46.47
N ILE C 576 22.37 -18.69 47.59
CA ILE C 576 23.13 -18.69 48.85
C ILE C 576 23.69 -20.06 49.24
N LYS C 577 24.93 -20.07 49.65
CA LYS C 577 25.56 -21.27 50.17
C LYS C 577 26.10 -20.86 51.57
N TYR C 578 26.43 -21.86 52.38
CA TYR C 578 26.92 -21.62 53.74
C TYR C 578 28.29 -22.24 53.91
N ASP C 579 29.20 -21.49 54.51
CA ASP C 579 30.55 -21.97 54.75
C ASP C 579 30.63 -22.95 55.95
N GLU C 580 31.83 -23.45 56.16
CA GLU C 580 31.92 -24.40 57.24
C GLU C 580 31.53 -23.75 58.56
N ASN C 581 31.62 -22.40 58.64
CA ASN C 581 31.17 -21.78 59.90
C ASN C 581 29.69 -21.47 59.85
N GLY C 582 29.03 -21.87 58.78
CA GLY C 582 27.62 -21.59 58.76
C GLY C 582 27.34 -20.20 58.25
N ASN C 583 28.32 -19.47 57.76
CA ASN C 583 27.90 -18.15 57.30
C ASN C 583 27.52 -18.16 55.83
N PRO C 584 26.54 -17.38 55.47
CA PRO C 584 26.08 -17.40 54.08
C PRO C 584 27.02 -16.73 53.10
N TRP C 585 27.06 -17.23 51.87
CA TRP C 585 27.84 -16.52 50.85
C TRP C 585 27.14 -16.68 49.45
N SER C 586 27.31 -15.65 48.58
CA SER C 586 26.73 -15.69 47.21
C SER C 586 27.56 -16.50 46.21
N ALA C 587 26.85 -17.52 45.62
CA ALA C 587 27.48 -18.48 44.71
C ALA C 587 26.94 -18.31 43.30
N TYR C 588 27.81 -18.70 42.40
CA TYR C 588 27.43 -18.63 41.00
C TYR C 588 27.74 -19.97 40.26
N GLY C 589 27.76 -19.99 38.86
CA GLY C 589 27.97 -21.24 38.18
C GLY C 589 29.27 -21.94 38.62
N GLY C 590 29.14 -23.29 38.71
CA GLY C 590 30.23 -24.16 39.08
C GLY C 590 30.34 -24.30 40.60
N ASP C 591 29.74 -23.43 41.42
CA ASP C 591 29.84 -23.52 42.89
C ASP C 591 29.06 -24.71 43.50
N PHE C 592 28.26 -25.45 42.72
CA PHE C 592 27.53 -26.60 43.28
C PHE C 592 28.15 -27.88 42.72
N GLY C 593 29.32 -27.77 42.03
CA GLY C 593 29.92 -28.99 41.43
C GLY C 593 29.38 -29.17 40.00
N ASP C 594 28.53 -28.19 39.57
CA ASP C 594 27.93 -28.23 38.27
C ASP C 594 28.94 -27.94 37.18
N THR C 595 29.00 -28.82 36.14
CA THR C 595 29.93 -28.63 35.06
C THR C 595 29.52 -29.43 33.89
N PRO C 596 29.64 -28.85 32.70
CA PRO C 596 30.15 -27.51 32.47
C PRO C 596 29.20 -26.49 33.06
N ASN C 597 29.73 -25.29 33.21
CA ASN C 597 28.95 -24.20 33.76
C ASN C 597 29.45 -22.91 33.17
N ASP C 598 28.69 -21.86 33.29
CA ASP C 598 29.05 -20.55 32.75
C ASP C 598 29.35 -19.52 33.85
N ARG C 599 29.83 -20.06 34.96
CA ARG C 599 30.40 -19.16 35.99
C ARG C 599 29.58 -17.95 36.35
N GLN C 600 30.16 -16.70 36.39
CA GLN C 600 29.41 -15.55 36.88
C GLN C 600 28.41 -15.01 35.83
N PHE C 601 28.26 -15.65 34.65
CA PHE C 601 27.33 -15.05 33.70
C PHE C 601 25.87 -15.07 34.15
N CYS C 602 25.60 -15.78 35.25
CA CYS C 602 24.26 -15.79 35.77
C CYS C 602 23.92 -14.50 36.61
N MET C 603 24.89 -13.60 36.79
CA MET C 603 24.65 -12.38 37.58
C MET C 603 24.79 -11.18 36.67
N ASN C 604 23.66 -10.66 36.20
CA ASN C 604 23.71 -9.52 35.26
C ASN C 604 22.72 -8.47 35.73
N GLY C 605 22.29 -8.45 37.02
CA GLY C 605 21.18 -7.60 37.38
C GLY C 605 21.57 -6.19 37.85
N LEU C 606 20.57 -5.29 37.84
CA LEU C 606 20.75 -3.95 38.37
C LEU C 606 20.72 -4.08 39.91
N VAL C 607 20.16 -5.19 40.43
CA VAL C 607 20.14 -5.38 41.87
C VAL C 607 20.75 -6.71 42.20
N PHE C 608 21.31 -6.78 43.44
CA PHE C 608 21.84 -8.02 43.99
C PHE C 608 20.66 -8.97 44.22
N ALA C 609 20.95 -10.30 44.37
CA ALA C 609 19.86 -11.26 44.60
C ALA C 609 18.99 -10.93 45.82
N ASP C 610 19.52 -10.25 46.87
CA ASP C 610 18.67 -9.88 47.98
C ASP C 610 17.97 -8.54 47.78
N ARG C 611 18.04 -7.99 46.55
CA ARG C 611 17.38 -6.74 46.23
C ARG C 611 18.10 -5.45 46.62
N THR C 612 19.28 -5.60 47.19
CA THR C 612 20.10 -4.41 47.45
C THR C 612 20.51 -3.85 46.07
N PRO C 613 20.46 -2.56 45.81
CA PRO C 613 20.87 -2.11 44.48
C PRO C 613 22.37 -2.13 44.20
N HIS C 614 22.70 -2.36 42.94
CA HIS C 614 24.01 -2.16 42.52
C HIS C 614 24.01 -0.63 42.17
N PRO C 615 25.21 0.01 42.05
CA PRO C 615 25.27 1.45 41.74
C PRO C 615 24.66 1.79 40.35
N ALA C 616 24.67 0.79 39.44
CA ALA C 616 24.11 1.08 38.12
C ALA C 616 22.61 1.45 38.23
N LEU C 617 21.90 1.00 39.27
CA LEU C 617 20.48 1.30 39.32
C LEU C 617 20.26 2.82 39.30
N THR C 618 21.05 3.62 40.02
CA THR C 618 20.81 5.05 40.01
C THR C 618 20.98 5.68 38.62
N GLU C 619 21.94 5.13 37.87
CA GLU C 619 22.18 5.63 36.50
C GLU C 619 20.89 5.43 35.69
N ALA C 620 20.29 4.20 35.80
CA ALA C 620 19.03 3.93 35.08
C ALA C 620 17.95 4.86 35.59
N LYS C 621 17.85 5.07 36.91
CA LYS C 621 16.78 5.95 37.38
C LYS C 621 16.89 7.35 36.74
N HIS C 622 18.12 7.91 36.72
CA HIS C 622 18.21 9.28 36.20
C HIS C 622 17.95 9.37 34.73
N GLN C 623 18.51 8.43 33.98
CA GLN C 623 18.28 8.46 32.53
C GLN C 623 16.84 8.22 32.14
N GLN C 624 16.12 7.49 32.96
CA GLN C 624 14.69 7.18 32.71
C GLN C 624 13.74 8.19 33.35
N GLN C 625 14.25 9.30 33.86
CA GLN C 625 13.39 10.35 34.48
C GLN C 625 12.30 10.75 33.50
N PHE C 626 11.12 11.17 34.05
CA PHE C 626 9.99 11.63 33.27
C PHE C 626 9.90 13.15 33.11
N PHE C 627 10.83 13.86 33.67
CA PHE C 627 10.93 15.32 33.53
C PHE C 627 12.29 15.64 32.95
N GLN C 628 12.35 16.52 31.93
CA GLN C 628 13.60 16.95 31.28
C GLN C 628 13.72 18.43 31.54
N PHE C 629 14.94 18.90 31.57
CA PHE C 629 15.13 20.29 31.95
C PHE C 629 16.10 21.01 31.08
N ARG C 630 15.85 22.30 30.97
CA ARG C 630 16.81 23.18 30.30
C ARG C 630 16.95 24.44 31.14
N LEU C 631 18.11 25.11 30.97
CA LEU C 631 18.38 26.35 31.67
C LEU C 631 18.81 27.47 30.69
N SER C 632 18.28 28.67 30.89
CA SER C 632 18.60 29.87 30.11
C SER C 632 18.48 31.01 31.10
N GLY C 633 19.61 31.58 31.44
CA GLY C 633 19.54 32.59 32.50
C GLY C 633 19.63 31.80 33.80
N GLN C 634 18.58 32.12 34.58
CA GLN C 634 18.06 31.62 35.83
C GLN C 634 16.59 31.27 35.49
N THR C 635 16.44 30.85 34.24
CA THR C 635 15.14 30.41 33.85
C THR C 635 15.27 28.90 33.61
N ILE C 636 14.54 28.13 34.41
CA ILE C 636 14.50 26.67 34.25
C ILE C 636 13.26 26.25 33.43
N GLU C 637 13.46 25.42 32.41
CA GLU C 637 12.34 24.93 31.59
C GLU C 637 12.22 23.46 31.93
N VAL C 638 10.99 23.12 32.38
CA VAL C 638 10.69 21.76 32.78
C VAL C 638 9.75 21.19 31.73
N THR C 639 10.08 20.05 31.18
CA THR C 639 9.23 19.45 30.21
C THR C 639 8.78 18.11 30.76
N SER C 640 7.50 17.80 30.63
CA SER C 640 7.05 16.50 31.10
C SER C 640 7.04 15.47 29.99
N GLU C 641 7.50 14.28 30.33
CA GLU C 641 7.47 13.12 29.43
C GLU C 641 6.33 12.20 29.81
N TYR C 642 5.40 12.65 30.67
CA TYR C 642 4.21 11.80 30.94
C TYR C 642 3.30 12.00 29.73
N LEU C 643 2.49 10.98 29.41
CA LEU C 643 1.62 11.07 28.27
C LEU C 643 0.21 11.36 28.73
N PHE C 644 -0.09 10.94 29.97
CA PHE C 644 -1.46 11.03 30.39
C PHE C 644 -1.75 11.86 31.62
N ARG C 645 -0.83 11.99 32.56
CA ARG C 645 -1.17 12.77 33.76
C ARG C 645 -0.50 14.14 33.83
N HIS C 646 -1.10 15.05 34.62
CA HIS C 646 -0.47 16.32 34.92
C HIS C 646 0.46 16.04 36.12
N SER C 647 1.39 16.94 36.43
CA SER C 647 2.29 16.72 37.53
C SER C 647 1.63 17.06 38.87
N ASP C 648 0.63 16.28 39.24
CA ASP C 648 -0.13 16.59 40.43
C ASP C 648 0.31 16.01 41.71
N ASN C 649 1.57 15.58 41.74
CA ASN C 649 2.15 15.09 42.99
C ASN C 649 3.65 15.40 42.84
N GLU C 650 3.91 16.69 42.56
CA GLU C 650 5.29 17.05 42.31
C GLU C 650 5.56 18.50 42.57
N LEU C 651 6.71 18.72 43.15
CA LEU C 651 7.22 20.08 43.31
C LEU C 651 8.69 20.12 43.01
N LEU C 652 9.15 21.31 42.62
CA LEU C 652 10.59 21.40 42.35
C LEU C 652 11.40 22.08 43.48
N HIS C 653 12.45 21.41 43.92
CA HIS C 653 13.36 21.96 44.90
C HIS C 653 14.61 22.39 44.13
N TRP C 654 15.23 23.55 44.48
CA TRP C 654 16.42 24.00 43.79
C TRP C 654 17.38 24.54 44.85
N MET C 655 18.64 24.36 44.53
CA MET C 655 19.69 24.78 45.44
C MET C 655 20.91 25.23 44.67
N VAL C 656 21.47 26.37 45.06
CA VAL C 656 22.69 26.92 44.47
C VAL C 656 23.78 26.82 45.53
N ALA C 657 24.92 26.19 45.20
CA ALA C 657 25.93 26.01 46.18
C ALA C 657 27.31 26.34 45.58
N LEU C 658 28.21 26.80 46.42
CA LEU C 658 29.58 27.12 46.01
C LEU C 658 30.47 26.13 46.72
N ASP C 659 31.12 25.39 45.85
CA ASP C 659 31.99 24.35 46.33
C ASP C 659 31.36 23.49 47.44
N GLY C 660 30.09 23.07 47.24
CA GLY C 660 29.35 22.28 48.23
C GLY C 660 28.65 23.09 49.36
N LYS C 661 28.87 24.39 49.46
CA LYS C 661 28.27 25.20 50.50
C LYS C 661 27.07 25.89 49.93
N PRO C 662 25.92 25.66 50.53
CA PRO C 662 24.66 26.24 50.05
C PRO C 662 24.55 27.69 50.23
N LEU C 663 24.24 28.33 49.14
CA LEU C 663 24.05 29.74 49.18
C LEU C 663 22.61 30.09 49.15
N ALA C 664 21.78 29.28 48.51
CA ALA C 664 20.38 29.64 48.47
C ALA C 664 19.63 28.47 47.91
N SER C 665 18.35 28.42 48.18
CA SER C 665 17.51 27.34 47.75
C SER C 665 16.06 27.72 47.88
N GLY C 666 15.22 26.93 47.27
CA GLY C 666 13.82 27.22 47.27
C GLY C 666 13.03 26.05 46.70
N GLU C 667 11.74 26.25 46.68
CA GLU C 667 10.81 25.27 46.16
C GLU C 667 9.80 25.96 45.26
N VAL C 668 9.35 25.31 44.21
CA VAL C 668 8.36 25.91 43.35
C VAL C 668 7.34 24.81 42.97
N PRO C 669 6.04 25.05 43.05
CA PRO C 669 5.09 23.98 42.68
C PRO C 669 5.22 23.65 41.19
N LEU C 670 4.98 22.40 40.80
CA LEU C 670 5.03 22.06 39.39
C LEU C 670 3.67 21.78 38.90
N ASP C 671 3.37 22.45 37.78
CA ASP C 671 2.05 22.16 37.27
C ASP C 671 2.22 22.00 35.77
N VAL C 672 2.68 20.80 35.36
CA VAL C 672 3.01 20.57 33.94
C VAL C 672 2.07 19.59 33.28
N ALA C 673 1.49 19.99 32.19
CA ALA C 673 0.61 19.04 31.56
C ALA C 673 1.47 17.94 30.90
N PRO C 674 0.83 16.76 30.59
CA PRO C 674 1.58 15.70 29.89
C PRO C 674 2.12 16.25 28.57
N GLN C 675 3.42 16.04 28.35
CA GLN C 675 4.06 16.50 27.17
C GLN C 675 4.18 17.99 27.18
N GLY C 676 3.80 18.68 28.22
CA GLY C 676 3.92 20.14 28.18
C GLY C 676 5.20 20.69 28.84
N LYS C 677 5.32 22.03 28.98
CA LYS C 677 6.47 22.68 29.62
C LYS C 677 6.03 23.65 30.67
N GLN C 678 6.88 23.95 31.62
CA GLN C 678 6.60 24.95 32.63
C GLN C 678 7.86 25.78 32.68
N LEU C 679 7.78 27.09 32.71
CA LEU C 679 8.98 27.90 32.81
C LEU C 679 9.11 28.43 34.23
N ILE C 680 10.25 28.31 34.90
CA ILE C 680 10.30 28.78 36.27
C ILE C 680 11.40 29.79 36.40
N GLU C 681 11.14 30.99 36.98
CA GLU C 681 12.28 31.86 36.99
C GLU C 681 12.94 31.92 38.32
N LEU C 682 14.23 31.70 38.38
CA LEU C 682 14.76 31.81 39.73
C LEU C 682 14.92 33.30 40.08
N PRO C 683 14.94 33.54 41.35
CA PRO C 683 15.15 34.84 41.99
C PRO C 683 16.56 35.34 41.73
N GLU C 684 16.79 36.67 41.71
CA GLU C 684 18.12 37.23 41.47
C GLU C 684 18.96 36.72 42.61
N LEU C 685 20.18 36.38 42.32
CA LEU C 685 20.89 35.98 43.51
C LEU C 685 22.03 36.93 43.84
N PRO C 686 22.25 37.09 45.13
CA PRO C 686 23.36 37.88 45.58
C PRO C 686 24.67 37.32 45.00
N GLN C 687 25.68 38.16 44.92
CA GLN C 687 26.99 37.72 44.44
C GLN C 687 27.76 36.97 45.53
N PRO C 688 28.27 35.75 45.22
CA PRO C 688 29.04 34.94 46.17
C PRO C 688 30.19 35.71 46.84
N GLU C 689 30.49 35.31 48.07
CA GLU C 689 31.48 35.87 48.99
C GLU C 689 32.95 35.60 48.62
N SER C 690 33.20 34.46 47.95
CA SER C 690 34.52 34.04 47.58
C SER C 690 34.56 33.37 46.20
N ALA C 691 35.77 33.10 45.74
CA ALA C 691 35.98 32.48 44.44
C ALA C 691 35.45 31.04 44.35
N GLY C 692 35.33 30.60 43.07
CA GLY C 692 34.94 29.20 42.84
C GLY C 692 33.76 29.06 41.86
N GLN C 693 33.34 27.84 41.68
CA GLN C 693 32.22 27.51 40.77
C GLN C 693 30.92 27.31 41.50
N LEU C 694 29.94 28.05 41.02
CA LEU C 694 28.57 27.94 41.58
C LEU C 694 27.88 26.81 40.81
N TRP C 695 27.10 26.03 41.55
CA TRP C 695 26.40 24.93 40.96
C TRP C 695 24.95 25.00 41.31
N LEU C 696 24.10 24.72 40.31
CA LEU C 696 22.66 24.65 40.49
C LEU C 696 22.21 23.20 40.42
N THR C 697 21.51 22.73 41.43
CA THR C 697 20.92 21.37 41.43
C THR C 697 19.40 21.49 41.62
N VAL C 698 18.65 20.78 40.80
CA VAL C 698 17.21 20.83 41.00
C VAL C 698 16.75 19.38 41.16
N ARG C 699 15.66 19.19 41.92
CA ARG C 699 15.14 17.88 42.10
C ARG C 699 13.61 17.97 42.04
N VAL C 700 12.99 16.94 41.44
CA VAL C 700 11.54 16.84 41.49
C VAL C 700 11.22 15.95 42.68
N VAL C 701 10.37 16.47 43.60
CA VAL C 701 10.01 15.72 44.80
C VAL C 701 8.50 15.50 44.83
N GLN C 702 8.12 14.28 45.20
CA GLN C 702 6.67 13.98 45.30
C GLN C 702 6.23 14.14 46.78
N PRO C 703 5.46 15.13 47.12
CA PRO C 703 5.15 15.39 48.50
C PRO C 703 4.25 14.36 49.09
N ASN C 704 3.37 13.78 48.30
CA ASN C 704 2.48 12.78 48.88
C ASN C 704 2.86 11.35 48.62
N ALA C 705 2.65 10.44 49.58
CA ALA C 705 2.93 9.03 49.36
C ALA C 705 1.96 8.51 48.28
N THR C 706 2.39 7.41 47.59
CA THR C 706 1.58 6.78 46.55
C THR C 706 1.55 5.30 46.90
N ALA C 707 0.88 4.53 46.06
CA ALA C 707 0.92 3.16 46.42
C ALA C 707 2.34 2.64 46.26
N TRP C 708 3.26 3.30 45.52
CA TRP C 708 4.53 2.66 45.29
C TRP C 708 5.69 3.49 45.79
N SER C 709 5.36 4.63 46.45
CA SER C 709 6.48 5.44 46.96
C SER C 709 6.12 6.19 48.28
N GLU C 710 7.14 6.60 49.00
CA GLU C 710 6.93 7.35 50.26
C GLU C 710 6.87 8.84 50.03
N ALA C 711 6.27 9.58 50.95
CA ALA C 711 6.20 11.03 50.74
C ALA C 711 7.63 11.50 50.72
N GLY C 712 7.94 12.48 49.91
CA GLY C 712 9.31 12.96 49.82
C GLY C 712 10.14 12.23 48.75
N HIS C 713 9.61 11.21 48.09
CA HIS C 713 10.43 10.54 47.04
C HIS C 713 10.91 11.53 45.99
N ILE C 714 12.19 11.35 45.59
CA ILE C 714 12.78 12.19 44.54
C ILE C 714 12.73 11.39 43.22
N SER C 715 12.07 11.94 42.21
CA SER C 715 11.89 11.21 40.99
C SER C 715 12.75 11.69 39.88
N ALA C 716 13.39 12.85 39.98
CA ALA C 716 14.18 13.32 38.85
C ALA C 716 15.10 14.41 39.37
N TRP C 717 16.25 14.63 38.67
CA TRP C 717 17.17 15.73 39.14
C TRP C 717 18.05 16.15 38.00
N GLN C 718 18.70 17.28 38.14
CA GLN C 718 19.65 17.75 37.11
C GLN C 718 20.47 18.87 37.73
N GLN C 719 21.70 18.99 37.21
CA GLN C 719 22.55 20.06 37.71
C GLN C 719 23.16 20.79 36.54
N TRP C 720 23.57 22.02 36.83
CA TRP C 720 24.29 22.82 35.84
C TRP C 720 25.37 23.65 36.58
N ARG C 721 26.43 23.96 35.88
CA ARG C 721 27.36 24.90 36.46
C ARG C 721 26.74 26.29 36.21
N LEU C 722 26.82 27.20 37.20
CA LEU C 722 26.38 28.59 37.03
C LEU C 722 27.65 29.49 36.85
N ALA C 723 27.73 30.66 37.46
CA ALA C 723 28.92 31.46 37.31
C ALA C 723 30.12 30.84 37.98
N GLU C 724 31.34 31.10 37.42
CA GLU C 724 32.62 30.64 38.01
C GLU C 724 33.44 31.90 38.16
N ASN C 725 34.05 32.12 39.35
CA ASN C 725 34.90 33.27 39.63
C ASN C 725 36.19 32.67 39.96
N LEU C 726 37.09 32.65 38.99
CA LEU C 726 38.38 31.99 39.19
C LEU C 726 39.19 32.75 40.26
N SER C 727 39.87 31.98 41.04
CA SER C 727 40.65 32.50 42.13
C SER C 727 41.93 33.09 41.58
N VAL C 728 42.12 34.39 41.87
CA VAL C 728 43.32 35.09 41.40
C VAL C 728 44.07 35.59 42.61
N THR C 729 43.72 35.16 43.78
CA THR C 729 44.48 35.65 44.92
C THR C 729 45.62 34.73 45.27
N LEU C 730 46.78 35.37 45.24
CA LEU C 730 48.13 34.92 45.50
C LEU C 730 48.24 34.49 46.97
N PRO C 731 48.78 33.28 47.20
CA PRO C 731 48.92 32.74 48.53
C PRO C 731 49.95 33.41 49.44
N ALA C 732 49.52 33.57 50.70
CA ALA C 732 50.31 34.17 51.75
C ALA C 732 51.57 33.37 51.88
N ALA C 733 52.66 34.02 51.44
CA ALA C 733 54.00 33.47 51.48
C ALA C 733 54.52 32.92 52.82
N SER C 734 54.61 31.58 52.81
CA SER C 734 55.05 30.67 53.85
C SER C 734 55.98 31.33 54.87
N HIS C 735 55.90 30.95 56.12
CA HIS C 735 56.86 31.61 56.95
C HIS C 735 58.21 30.86 56.76
N ALA C 736 58.10 29.51 56.79
CA ALA C 736 59.24 28.59 56.64
C ALA C 736 59.70 28.19 55.23
N ILE C 737 60.87 27.56 55.20
CA ILE C 737 61.30 27.08 53.90
C ILE C 737 61.66 25.65 54.17
N PRO C 738 61.30 24.63 53.37
CA PRO C 738 61.62 23.25 53.74
C PRO C 738 63.12 22.97 53.57
N HIS C 739 63.62 21.97 54.29
CA HIS C 739 65.03 21.66 54.11
C HIS C 739 65.25 20.26 53.46
N LEU C 740 66.21 20.23 52.55
CA LEU C 740 66.60 19.02 51.86
C LEU C 740 67.86 18.42 52.41
N THR C 741 67.74 17.14 52.60
CA THR C 741 68.88 16.35 52.99
C THR C 741 69.11 15.32 51.88
N THR C 742 70.32 15.31 51.37
CA THR C 742 70.76 14.45 50.27
C THR C 742 71.70 13.37 50.79
N SER C 743 71.44 12.12 50.48
CA SER C 743 72.25 11.03 50.92
C SER C 743 72.37 10.16 49.70
N GLU C 744 73.29 9.24 49.66
CA GLU C 744 73.34 8.44 48.45
C GLU C 744 72.03 7.77 48.15
N MET C 745 71.40 7.24 49.18
CA MET C 745 70.16 6.49 49.01
C MET C 745 68.91 7.28 48.88
N ASP C 746 68.87 8.42 49.56
CA ASP C 746 67.65 9.21 49.56
C ASP C 746 67.76 10.69 49.51
N PHE C 747 66.62 11.25 49.18
CA PHE C 747 66.46 12.68 49.19
C PHE C 747 65.38 12.88 50.23
N CYS C 748 65.73 13.49 51.38
CA CYS C 748 64.76 13.73 52.41
C CYS C 748 64.45 15.19 52.50
N ILE C 749 63.18 15.45 52.80
CA ILE C 749 62.66 16.81 52.94
C ILE C 749 61.94 16.92 54.28
N GLU C 750 62.33 18.03 54.98
CA GLU C 750 61.75 18.35 56.30
C GLU C 750 61.19 19.75 56.38
N LEU C 751 60.08 19.79 57.09
CA LEU C 751 59.31 21.01 57.30
C LEU C 751 58.57 20.71 58.58
N GLY C 752 59.06 21.37 59.61
CA GLY C 752 58.48 21.20 60.90
C GLY C 752 58.38 19.76 61.30
N ASN C 753 57.07 19.40 61.51
CA ASN C 753 56.57 18.11 61.94
C ASN C 753 56.53 17.16 60.76
N LYS C 754 56.93 17.62 59.60
CA LYS C 754 56.74 16.68 58.53
C LYS C 754 57.99 16.28 57.85
N ARG C 755 57.95 15.11 57.25
CA ARG C 755 59.11 14.69 56.53
C ARG C 755 58.70 13.84 55.30
N TRP C 756 59.36 14.06 54.17
CA TRP C 756 59.10 13.27 52.97
C TRP C 756 60.38 12.57 52.54
N GLN C 757 60.34 11.25 52.33
CA GLN C 757 61.49 10.49 51.87
C GLN C 757 61.30 9.92 50.44
N PHE C 758 62.21 10.29 49.58
CA PHE C 758 62.21 9.84 48.19
C PHE C 758 63.35 8.88 47.97
N ASN C 759 63.04 7.62 47.69
CA ASN C 759 64.10 6.60 47.44
C ASN C 759 64.92 6.86 46.18
N ARG C 760 66.25 6.98 46.27
CA ARG C 760 66.96 7.35 45.04
C ARG C 760 67.16 6.23 44.05
N GLN C 761 67.03 5.02 44.53
CA GLN C 761 67.25 3.92 43.59
C GLN C 761 65.89 3.59 42.98
N SER C 762 64.73 3.74 43.66
CA SER C 762 63.43 3.48 43.01
C SER C 762 62.86 4.71 42.31
N GLY C 763 63.17 5.93 42.80
CA GLY C 763 62.65 7.16 42.20
C GLY C 763 61.22 7.47 42.68
N PHE C 764 60.77 6.82 43.74
CA PHE C 764 59.46 7.07 44.32
C PHE C 764 59.54 7.60 45.76
N LEU C 765 58.42 8.24 46.16
CA LEU C 765 58.18 8.75 47.51
C LEU C 765 57.88 7.49 48.27
N SER C 766 58.85 7.03 49.06
CA SER C 766 58.71 5.79 49.80
C SER C 766 58.19 5.92 51.21
N GLN C 767 58.27 7.15 51.78
CA GLN C 767 57.76 7.27 53.10
C GLN C 767 57.42 8.71 53.43
N MET C 768 56.44 8.91 54.32
CA MET C 768 56.06 10.23 54.79
C MET C 768 55.75 10.14 56.29
N TRP C 769 56.17 11.18 57.05
CA TRP C 769 55.85 11.12 58.47
C TRP C 769 55.21 12.41 58.92
N ILE C 770 54.29 12.27 59.85
CA ILE C 770 53.66 13.38 60.56
C ILE C 770 54.02 13.13 62.03
N GLY C 771 54.80 14.00 62.63
CA GLY C 771 55.15 13.70 63.98
C GLY C 771 56.06 12.50 63.89
N ASP C 772 55.93 11.56 64.77
CA ASP C 772 56.83 10.44 64.59
C ASP C 772 56.20 9.31 63.78
N LYS C 773 54.97 9.49 63.34
CA LYS C 773 54.21 8.48 62.60
C LYS C 773 54.38 8.38 61.05
N LYS C 774 54.79 7.16 60.61
CA LYS C 774 54.92 6.82 59.18
C LYS C 774 53.53 6.82 58.58
N GLN C 775 53.39 7.31 57.33
CA GLN C 775 52.08 7.44 56.74
C GLN C 775 51.84 6.42 55.66
N LEU C 776 52.92 5.83 55.19
CA LEU C 776 52.81 4.86 54.09
C LEU C 776 53.22 3.40 54.43
N LEU C 777 52.45 2.41 53.92
CA LEU C 777 52.80 1.00 54.01
C LEU C 777 53.43 0.61 52.69
N THR C 778 53.06 1.23 51.55
CA THR C 778 53.70 0.96 50.26
C THR C 778 53.86 2.31 49.64
N PRO C 779 54.96 2.48 48.94
CA PRO C 779 55.33 3.71 48.28
C PRO C 779 54.30 4.11 47.25
N LEU C 780 54.38 5.41 46.89
CA LEU C 780 53.46 6.06 45.95
C LEU C 780 54.01 5.80 44.59
N ARG C 781 53.25 4.98 43.80
CA ARG C 781 53.75 4.66 42.45
C ARG C 781 52.72 4.81 41.34
N ASP C 782 53.21 5.03 40.13
CA ASP C 782 52.31 5.07 38.98
C ASP C 782 51.55 3.74 38.86
N GLN C 783 50.27 3.81 38.36
CA GLN C 783 49.47 2.59 38.17
C GLN C 783 48.77 2.70 36.86
N PHE C 784 48.88 1.69 35.97
CA PHE C 784 48.28 1.82 34.61
C PHE C 784 47.26 0.72 34.38
N THR C 785 47.03 -0.12 35.42
CA THR C 785 46.13 -1.25 35.30
C THR C 785 44.99 -1.20 36.33
N ARG C 786 43.99 -2.04 36.04
CA ARG C 786 42.91 -2.16 37.02
C ARG C 786 42.59 -3.64 37.18
N ALA C 787 42.04 -3.99 38.35
CA ALA C 787 41.57 -5.37 38.53
C ALA C 787 40.38 -5.47 37.51
N PRO C 788 40.49 -6.39 36.61
CA PRO C 788 39.55 -6.46 35.49
C PRO C 788 38.10 -6.63 35.84
N LEU C 789 37.27 -5.77 35.19
CA LEU C 789 35.83 -5.90 35.39
C LEU C 789 35.31 -7.12 34.55
N ASP C 790 34.08 -7.54 34.82
CA ASP C 790 33.49 -8.59 33.99
C ASP C 790 33.54 -8.18 32.51
N ASN C 791 33.27 -6.92 32.21
CA ASN C 791 33.27 -6.46 30.84
C ASN C 791 34.70 -6.45 30.26
N ASP C 792 35.77 -6.33 31.09
CA ASP C 792 37.12 -6.35 30.51
C ASP C 792 37.45 -7.82 30.22
N ILE C 793 36.88 -8.77 30.97
CA ILE C 793 37.22 -10.20 30.80
C ILE C 793 36.34 -10.87 29.70
N GLY C 794 35.02 -10.47 29.67
CA GLY C 794 34.10 -11.05 28.66
C GLY C 794 34.05 -12.56 28.86
N VAL C 795 34.10 -13.33 27.76
CA VAL C 795 34.02 -14.77 27.83
C VAL C 795 35.41 -15.38 27.95
N SER C 796 36.45 -14.57 28.07
CA SER C 796 37.76 -15.16 28.17
C SER C 796 37.90 -16.05 29.42
N GLU C 797 38.68 -17.14 29.21
CA GLU C 797 38.94 -18.09 30.29
C GLU C 797 40.31 -18.67 30.11
N ALA C 798 40.93 -19.07 31.24
CA ALA C 798 42.29 -19.67 31.24
C ALA C 798 42.52 -20.77 30.21
N THR C 799 41.50 -21.61 30.04
CA THR C 799 41.45 -22.69 29.09
C THR C 799 40.96 -22.35 27.67
N ARG C 800 40.45 -21.15 27.48
CA ARG C 800 39.95 -20.73 26.20
C ARG C 800 40.00 -19.20 26.28
N ILE C 801 41.19 -18.75 25.95
CA ILE C 801 41.49 -17.32 25.98
C ILE C 801 40.78 -16.65 24.81
N ASP C 802 40.28 -15.44 25.07
CA ASP C 802 39.66 -14.65 24.00
C ASP C 802 40.64 -13.50 23.80
N PRO C 803 41.53 -13.62 22.85
CA PRO C 803 42.54 -12.60 22.68
C PRO C 803 41.99 -11.22 22.37
N ASN C 804 40.69 -11.13 22.03
CA ASN C 804 40.11 -9.83 21.74
C ASN C 804 39.67 -9.10 23.02
N ALA C 805 39.47 -9.79 24.11
CA ALA C 805 39.00 -9.15 25.33
C ALA C 805 40.02 -8.14 25.87
N TRP C 806 39.57 -7.00 26.41
CA TRP C 806 40.54 -6.06 26.92
C TRP C 806 41.54 -6.70 27.87
N VAL C 807 41.10 -7.54 28.79
CA VAL C 807 42.08 -8.07 29.76
C VAL C 807 43.17 -8.86 29.06
N GLU C 808 42.80 -9.53 27.98
CA GLU C 808 43.84 -10.35 27.38
C GLU C 808 44.80 -9.48 26.61
N ARG C 809 44.28 -8.37 26.04
CA ARG C 809 45.16 -7.48 25.30
C ARG C 809 46.14 -6.88 26.31
N TRP C 810 45.65 -6.42 27.46
CA TRP C 810 46.56 -5.83 28.44
C TRP C 810 47.61 -6.87 28.91
N LYS C 811 47.15 -8.10 29.20
CA LYS C 811 48.06 -9.10 29.67
C LYS C 811 49.09 -9.34 28.63
N ALA C 812 48.66 -9.53 27.35
CA ALA C 812 49.60 -9.88 26.28
C ALA C 812 50.61 -8.80 26.07
N ALA C 813 50.23 -7.55 26.30
CA ALA C 813 51.12 -6.42 26.15
C ALA C 813 52.03 -6.28 27.34
N GLY C 814 51.83 -7.03 28.42
CA GLY C 814 52.73 -6.96 29.57
C GLY C 814 52.32 -5.89 30.56
N HIS C 815 51.11 -5.32 30.36
CA HIS C 815 50.69 -4.25 31.28
C HIS C 815 50.72 -4.65 32.75
N TYR C 816 50.31 -5.88 33.05
CA TYR C 816 50.25 -6.29 34.43
C TYR C 816 51.62 -6.66 34.94
N GLN C 817 52.54 -6.97 34.05
CA GLN C 817 53.86 -7.38 34.53
C GLN C 817 54.95 -6.33 34.43
N ALA C 818 54.69 -5.24 33.76
CA ALA C 818 55.71 -4.22 33.58
C ALA C 818 56.36 -3.69 34.90
N GLU C 819 57.66 -3.53 34.81
CA GLU C 819 58.60 -3.05 35.81
C GLU C 819 59.10 -1.65 35.44
N ALA C 820 59.04 -0.79 36.46
CA ALA C 820 59.48 0.61 36.37
C ALA C 820 60.99 0.71 36.33
N ALA C 821 61.51 1.37 35.32
CA ALA C 821 62.92 1.58 35.20
C ALA C 821 63.17 3.05 35.48
N LEU C 822 64.06 3.35 36.41
CA LEU C 822 64.36 4.72 36.70
C LEU C 822 65.27 5.33 35.69
N LEU C 823 64.80 6.44 35.12
CA LEU C 823 65.59 7.15 34.11
C LEU C 823 66.18 8.41 34.69
N GLN C 824 65.65 8.91 35.79
CA GLN C 824 66.19 10.17 36.31
C GLN C 824 65.54 10.49 37.61
N CYS C 825 66.34 10.92 38.57
CA CYS C 825 65.85 11.28 39.89
C CYS C 825 66.70 12.46 40.38
N THR C 826 66.22 13.68 40.39
CA THR C 826 67.08 14.80 40.83
C THR C 826 66.41 15.72 41.86
N ALA C 827 67.20 16.50 42.58
CA ALA C 827 66.65 17.41 43.63
C ALA C 827 67.24 18.79 43.49
N ASP C 828 66.38 19.77 43.61
CA ASP C 828 66.78 21.16 43.49
C ASP C 828 66.13 22.00 44.57
N THR C 829 66.81 23.07 44.98
CA THR C 829 66.22 23.91 45.99
C THR C 829 65.76 25.19 45.39
N LEU C 830 64.55 25.58 45.72
CA LEU C 830 64.10 26.83 45.15
C LEU C 830 64.07 27.85 46.28
N ALA C 831 63.64 29.06 45.97
CA ALA C 831 63.63 30.11 46.96
C ALA C 831 62.79 29.79 48.17
N ASP C 832 61.74 29.03 47.92
CA ASP C 832 60.84 28.71 48.99
C ASP C 832 60.35 27.28 48.98
N ALA C 833 61.05 26.40 48.28
CA ALA C 833 60.54 25.03 48.17
C ALA C 833 61.68 24.14 47.75
N VAL C 834 61.37 22.85 47.80
CA VAL C 834 62.33 21.84 47.35
C VAL C 834 61.56 21.16 46.20
N LEU C 835 62.30 20.90 45.10
CA LEU C 835 61.79 20.29 43.88
C LEU C 835 62.46 18.93 43.51
N ILE C 836 61.67 17.84 43.56
CA ILE C 836 62.19 16.52 43.17
C ILE C 836 61.62 16.19 41.79
N THR C 837 62.49 15.85 40.83
CA THR C 837 62.11 15.54 39.46
C THR C 837 62.46 14.09 39.18
N THR C 838 61.49 13.33 38.62
CA THR C 838 61.73 11.92 38.31
C THR C 838 61.27 11.56 36.92
N ALA C 839 61.78 10.45 36.43
CA ALA C 839 61.36 9.93 35.14
C ALA C 839 61.60 8.45 35.21
N HIS C 840 60.54 7.72 34.78
CA HIS C 840 60.54 6.24 34.76
C HIS C 840 59.98 5.72 33.48
N ALA C 841 60.42 4.53 33.10
CA ALA C 841 59.89 3.88 31.93
C ALA C 841 59.38 2.54 32.37
N TRP C 842 58.23 2.15 31.85
CA TRP C 842 57.72 0.82 32.11
C TRP C 842 57.84 0.07 30.84
N GLN C 843 58.52 -1.10 30.99
CA GLN C 843 58.82 -1.90 29.84
C GLN C 843 58.45 -3.36 29.96
N HIS C 844 58.31 -3.97 28.79
CA HIS C 844 57.96 -5.37 28.76
C HIS C 844 58.70 -5.97 27.64
N GLN C 845 59.55 -6.93 28.01
CA GLN C 845 60.35 -7.57 27.01
C GLN C 845 60.97 -6.60 26.06
N GLY C 846 61.62 -5.57 26.58
CA GLY C 846 62.19 -4.77 25.54
C GLY C 846 61.34 -3.64 25.05
N LYS C 847 60.04 -3.70 25.23
CA LYS C 847 59.23 -2.62 24.72
C LYS C 847 58.87 -1.60 25.78
N THR C 848 59.00 -0.32 25.44
CA THR C 848 58.64 0.71 26.45
C THR C 848 57.17 1.05 26.30
N LEU C 849 56.43 0.69 27.32
CA LEU C 849 54.98 0.90 27.26
C LEU C 849 54.56 2.31 27.61
N PHE C 850 55.09 2.82 28.72
CA PHE C 850 54.73 4.13 29.24
C PHE C 850 55.98 4.77 29.88
N ILE C 851 55.97 6.08 29.80
CA ILE C 851 57.01 6.92 30.40
C ILE C 851 56.24 7.94 31.30
N SER C 852 56.66 7.96 32.59
CA SER C 852 56.08 8.88 33.58
C SER C 852 57.15 9.90 34.02
N ARG C 853 56.86 11.19 33.78
CA ARG C 853 57.75 12.24 34.22
C ARG C 853 57.02 13.06 35.28
N LYS C 854 57.68 13.30 36.46
CA LYS C 854 57.03 14.07 37.46
C LYS C 854 57.97 15.05 38.12
N THR C 855 57.31 15.97 38.78
CA THR C 855 57.93 16.95 39.67
C THR C 855 57.09 16.95 40.94
N TYR C 856 57.80 17.05 42.05
CA TYR C 856 57.15 17.13 43.34
C TYR C 856 57.77 18.40 43.89
N ARG C 857 56.94 19.31 44.26
CA ARG C 857 57.45 20.56 44.79
C ARG C 857 56.85 20.72 46.17
N ILE C 858 57.72 20.72 47.18
CA ILE C 858 57.27 20.85 48.57
C ILE C 858 57.60 22.25 49.08
N ASP C 859 56.60 22.99 49.55
CA ASP C 859 56.89 24.33 49.94
C ASP C 859 56.72 24.50 51.44
N GLY C 860 56.98 25.76 51.82
CA GLY C 860 56.96 26.32 53.19
C GLY C 860 55.64 26.11 53.91
N SER C 861 54.55 26.02 53.12
CA SER C 861 53.20 25.76 53.59
C SER C 861 53.00 24.24 53.87
N GLY C 862 53.95 23.38 53.55
CA GLY C 862 53.71 22.01 53.85
C GLY C 862 52.94 21.28 52.76
N GLN C 863 52.68 21.99 51.68
CA GLN C 863 51.97 21.26 50.63
C GLN C 863 52.91 20.59 49.67
N MET C 864 52.52 19.43 49.13
CA MET C 864 53.35 18.80 48.11
C MET C 864 52.52 18.73 46.81
N ALA C 865 52.98 19.54 45.87
CA ALA C 865 52.33 19.60 44.56
C ALA C 865 53.01 18.59 43.61
N ILE C 866 52.22 17.63 43.07
CA ILE C 866 52.81 16.65 42.18
C ILE C 866 52.29 16.88 40.76
N THR C 867 53.21 17.10 39.78
CA THR C 867 52.77 17.26 38.41
C THR C 867 53.18 15.97 37.67
N VAL C 868 52.30 15.38 36.88
CA VAL C 868 52.61 14.10 36.21
C VAL C 868 52.29 14.24 34.71
N ASP C 869 53.23 13.86 33.87
CA ASP C 869 53.12 13.90 32.40
C ASP C 869 53.51 12.49 31.93
N VAL C 870 52.50 11.77 31.39
CA VAL C 870 52.72 10.38 30.97
C VAL C 870 52.70 10.28 29.47
N GLU C 871 53.60 9.43 28.91
CA GLU C 871 53.53 9.17 27.47
C GLU C 871 53.18 7.69 27.33
N VAL C 872 52.22 7.34 26.44
CA VAL C 872 51.75 5.98 26.23
C VAL C 872 51.99 5.61 24.77
N ALA C 873 52.78 4.57 24.57
CA ALA C 873 53.10 4.10 23.23
C ALA C 873 51.80 3.93 22.43
N SER C 874 51.84 4.49 21.26
CA SER C 874 50.67 4.43 20.41
C SER C 874 50.22 3.02 20.06
N ASP C 875 51.10 2.07 19.98
CA ASP C 875 50.73 0.73 19.57
C ASP C 875 50.54 -0.20 20.74
N THR C 876 50.52 0.31 22.00
CA THR C 876 50.20 -0.60 23.05
C THR C 876 48.65 -0.46 23.26
N PRO C 877 47.91 -1.51 23.65
CA PRO C 877 46.48 -1.35 23.96
C PRO C 877 46.29 -0.19 24.95
N HIS C 878 45.23 0.58 24.71
CA HIS C 878 45.02 1.73 25.59
C HIS C 878 44.86 1.24 27.04
N PRO C 879 45.54 1.90 28.00
CA PRO C 879 45.55 1.41 29.37
C PRO C 879 44.23 1.70 30.16
N ALA C 880 43.97 0.86 31.18
CA ALA C 880 42.76 1.00 31.91
C ALA C 880 42.72 2.26 32.71
N ARG C 881 43.90 2.73 33.14
CA ARG C 881 43.94 3.98 33.94
C ARG C 881 45.31 4.62 33.85
N ILE C 882 45.34 5.92 34.23
CA ILE C 882 46.59 6.64 34.31
C ILE C 882 46.60 7.33 35.67
N GLY C 883 47.27 6.72 36.69
CA GLY C 883 47.22 7.37 37.99
C GLY C 883 48.35 6.94 38.91
N LEU C 884 48.12 7.15 40.21
CA LEU C 884 49.11 6.77 41.24
C LEU C 884 48.43 5.90 42.24
N ASN C 885 49.23 5.09 42.90
CA ASN C 885 48.60 4.36 43.97
C ASN C 885 49.53 4.19 45.17
N CYS C 886 48.92 3.93 46.33
CA CYS C 886 49.68 3.73 47.56
C CYS C 886 48.83 3.09 48.61
N GLN C 887 49.46 2.46 49.61
CA GLN C 887 48.76 1.83 50.73
C GLN C 887 49.10 2.71 51.92
N LEU C 888 48.08 3.41 52.46
CA LEU C 888 48.27 4.30 53.58
C LEU C 888 48.31 3.49 54.80
N ALA C 889 49.07 3.98 55.79
CA ALA C 889 49.09 3.27 57.05
C ALA C 889 47.79 3.34 57.85
N GLN C 890 47.13 4.42 57.72
CA GLN C 890 45.92 4.62 58.44
C GLN C 890 44.64 3.94 57.94
N VAL C 891 43.73 3.64 58.87
CA VAL C 891 42.37 3.19 58.59
C VAL C 891 41.44 4.17 59.29
N ALA C 892 40.82 5.11 58.59
CA ALA C 892 39.93 6.06 59.19
C ALA C 892 38.48 5.71 58.97
N GLU C 893 37.60 6.31 59.78
CA GLU C 893 36.23 5.92 59.67
C GLU C 893 35.44 6.51 58.48
N ARG C 894 35.75 7.75 58.08
CA ARG C 894 34.96 8.44 57.06
C ARG C 894 35.81 8.85 55.88
N VAL C 895 35.12 9.05 54.70
CA VAL C 895 35.72 9.55 53.47
C VAL C 895 34.87 10.77 53.04
N ASN C 896 35.56 11.88 52.89
CA ASN C 896 34.81 13.08 52.59
C ASN C 896 35.43 13.68 51.35
N TRP C 897 34.56 13.99 50.34
CA TRP C 897 35.12 14.52 49.10
C TRP C 897 34.19 15.54 48.47
N LEU C 898 34.80 16.38 47.66
CA LEU C 898 34.12 17.37 46.85
C LEU C 898 34.30 16.86 45.41
N GLY C 899 33.17 16.35 44.87
CA GLY C 899 33.26 15.76 43.53
C GLY C 899 31.97 15.03 43.23
N LEU C 900 31.97 14.12 42.22
CA LEU C 900 30.68 13.51 41.88
C LEU C 900 30.32 12.38 42.82
N GLY C 901 29.04 12.29 43.14
CA GLY C 901 28.68 11.17 44.02
C GLY C 901 27.18 11.29 44.35
N PRO C 902 26.75 10.65 45.45
CA PRO C 902 27.63 9.96 46.34
C PRO C 902 28.02 8.56 45.90
N GLN C 903 27.29 7.94 44.96
CA GLN C 903 27.59 6.56 44.62
C GLN C 903 28.76 6.39 43.66
N GLU C 904 29.23 5.15 43.52
CA GLU C 904 30.27 4.82 42.58
C GLU C 904 29.85 5.38 41.23
N ASN C 905 30.81 5.94 40.51
CA ASN C 905 30.60 6.49 39.16
C ASN C 905 31.87 6.41 38.35
N TYR C 906 31.72 6.08 37.03
CA TYR C 906 32.86 5.91 36.10
C TYR C 906 32.62 6.82 34.93
N PRO C 907 33.61 7.04 34.09
CA PRO C 907 33.46 8.04 33.01
C PRO C 907 32.26 7.95 32.10
N ASP C 908 31.97 6.69 31.77
CA ASP C 908 30.86 6.40 30.87
C ASP C 908 29.61 6.00 31.70
N ARG C 909 29.66 6.18 33.05
CA ARG C 909 28.47 5.92 33.85
C ARG C 909 28.51 6.93 35.02
N LEU C 910 28.35 8.23 34.68
CA LEU C 910 28.43 9.21 35.80
C LEU C 910 27.30 10.23 35.71
N THR C 911 26.39 10.06 34.77
CA THR C 911 25.42 11.12 34.66
C THR C 911 24.52 11.27 35.87
N ALA C 912 24.24 10.17 36.56
CA ALA C 912 23.32 10.32 37.71
C ALA C 912 24.03 10.94 38.91
N ALA C 913 25.36 10.88 38.93
CA ALA C 913 26.09 11.48 40.09
C ALA C 913 25.98 13.04 40.04
N CYS C 914 26.08 13.65 41.26
CA CYS C 914 26.04 15.08 41.31
C CYS C 914 27.31 15.56 42.02
N PHE C 915 27.75 16.73 41.56
CA PHE C 915 28.94 17.39 42.13
C PHE C 915 28.47 18.12 43.42
N ASP C 916 29.05 17.71 44.53
CA ASP C 916 28.65 18.27 45.84
C ASP C 916 29.68 17.79 46.88
N ARG C 917 29.46 18.09 48.21
CA ARG C 917 30.38 17.58 49.21
C ARG C 917 29.68 16.36 49.80
N TRP C 918 30.40 15.23 49.70
CA TRP C 918 29.82 13.98 50.19
C TRP C 918 30.74 13.46 51.32
N ASP C 919 30.11 12.72 52.23
CA ASP C 919 30.81 12.15 53.39
C ASP C 919 30.16 10.82 53.77
N LEU C 920 30.96 9.76 53.60
CA LEU C 920 30.42 8.43 53.83
C LEU C 920 31.38 7.60 54.70
N PRO C 921 30.88 6.57 55.36
CA PRO C 921 31.77 5.65 56.05
C PRO C 921 32.63 5.00 54.97
N LEU C 922 33.86 4.64 55.32
CA LEU C 922 34.78 4.02 54.35
C LEU C 922 34.17 2.83 53.65
N SER C 923 33.43 2.01 54.40
CA SER C 923 32.87 0.81 53.73
C SER C 923 31.95 1.04 52.51
N ASP C 924 31.25 2.21 52.49
CA ASP C 924 30.37 2.60 51.37
C ASP C 924 31.23 2.93 50.14
N MET C 925 32.53 3.07 50.35
CA MET C 925 33.40 3.40 49.26
C MET C 925 33.85 2.14 48.52
N TYR C 926 33.33 0.98 48.96
CA TYR C 926 33.63 -0.28 48.30
C TYR C 926 32.31 -0.86 47.81
N THR C 927 32.22 -1.30 46.51
CA THR C 927 30.97 -1.90 46.04
C THR C 927 31.22 -3.38 46.02
N PRO C 928 30.46 -4.14 46.79
CA PRO C 928 30.71 -5.61 46.91
C PRO C 928 30.21 -6.47 45.75
N TYR C 929 30.65 -6.16 44.54
CA TYR C 929 30.24 -7.04 43.46
C TYR C 929 30.58 -8.51 43.83
N VAL C 930 29.71 -9.48 43.51
CA VAL C 930 29.97 -10.85 43.89
C VAL C 930 31.30 -11.37 43.32
N PHE C 931 31.51 -11.00 42.06
CA PHE C 931 32.78 -11.36 41.37
C PHE C 931 33.56 -10.03 41.56
N PRO C 932 34.63 -10.03 42.41
CA PRO C 932 35.34 -8.78 42.70
C PRO C 932 36.13 -8.19 41.55
N SER C 933 36.18 -6.87 41.43
CA SER C 933 36.93 -6.23 40.37
C SER C 933 37.20 -4.78 40.81
N GLU C 934 37.85 -4.02 39.92
CA GLU C 934 38.00 -2.58 40.22
C GLU C 934 36.59 -2.10 40.51
N ASN C 935 36.44 -1.26 41.57
CA ASN C 935 35.12 -0.80 42.00
C ASN C 935 35.24 0.45 42.86
N GLY C 936 34.10 1.12 43.07
CA GLY C 936 34.14 2.25 44.00
C GLY C 936 34.69 3.55 43.48
N LEU C 937 35.06 3.64 42.20
CA LEU C 937 35.59 4.92 41.74
C LEU C 937 34.53 6.00 41.89
N ARG C 938 35.03 7.24 42.11
CA ARG C 938 34.24 8.45 42.11
C ARG C 938 35.01 9.40 41.19
N CYS C 939 34.35 10.00 40.19
CA CYS C 939 35.02 10.90 39.24
C CYS C 939 34.79 12.38 39.53
N GLY C 940 35.44 13.21 38.71
CA GLY C 940 35.27 14.69 38.85
C GLY C 940 35.52 15.27 40.25
N THR C 941 36.53 14.66 40.92
CA THR C 941 36.81 15.07 42.29
C THR C 941 37.91 16.12 42.36
N ARG C 942 37.61 17.18 43.09
CA ARG C 942 38.54 18.33 43.28
C ARG C 942 39.17 18.31 44.65
N GLU C 943 38.57 17.60 45.61
CA GLU C 943 39.17 17.51 46.93
C GLU C 943 38.76 16.22 47.59
N LEU C 944 39.75 15.57 48.26
CA LEU C 944 39.46 14.29 48.92
C LEU C 944 40.11 14.39 50.27
N ASN C 945 39.39 14.00 51.32
CA ASN C 945 39.86 14.04 52.70
C ASN C 945 39.77 12.64 53.32
N TYR C 946 40.88 12.20 53.95
CA TYR C 946 40.87 10.91 54.61
C TYR C 946 41.89 10.98 55.76
N GLY C 947 41.40 10.76 56.96
CA GLY C 947 42.32 10.84 58.11
C GLY C 947 42.91 12.23 58.10
N PRO C 948 44.22 12.40 58.26
CA PRO C 948 44.80 13.75 58.25
C PRO C 948 45.18 14.30 56.87
N HIS C 949 44.87 13.50 55.82
CA HIS C 949 45.25 13.79 54.47
C HIS C 949 44.20 14.47 53.65
N GLN C 950 44.69 15.35 52.80
CA GLN C 950 43.83 16.04 51.89
C GLN C 950 44.55 16.04 50.55
N TRP C 951 43.88 15.71 49.41
CA TRP C 951 44.46 15.78 48.07
C TRP C 951 43.52 16.66 47.30
N ARG C 952 44.09 17.51 46.50
CA ARG C 952 43.27 18.39 45.70
C ARG C 952 43.75 18.34 44.25
N GLY C 953 42.83 18.59 43.34
CA GLY C 953 43.21 18.59 41.92
C GLY C 953 41.93 18.43 41.08
N ASP C 954 42.00 17.53 40.05
CA ASP C 954 40.82 17.24 39.20
C ASP C 954 41.01 15.75 38.79
N PHE C 955 40.56 14.86 39.70
CA PHE C 955 40.88 13.46 39.47
C PHE C 955 39.70 12.56 39.79
N GLN C 956 39.99 11.26 39.60
CA GLN C 956 39.02 10.19 39.94
C GLN C 956 39.71 9.41 41.04
N PHE C 957 38.96 8.83 41.96
CA PHE C 957 39.71 8.01 42.94
C PHE C 957 38.85 6.84 43.44
N ASN C 958 39.54 5.86 44.06
CA ASN C 958 38.85 4.86 44.85
C ASN C 958 39.70 4.66 46.12
N ILE C 959 39.08 4.15 47.18
CA ILE C 959 39.78 3.99 48.45
C ILE C 959 39.10 2.87 49.21
N SER C 960 39.91 1.91 49.65
CA SER C 960 39.33 0.75 50.29
C SER C 960 40.42 -0.09 50.96
N ARG C 961 40.02 -1.18 51.61
CA ARG C 961 41.02 -1.97 52.23
C ARG C 961 41.42 -3.11 51.37
N TYR C 962 41.09 -3.09 50.09
CA TYR C 962 41.50 -4.21 49.24
C TYR C 962 42.39 -3.70 48.13
N SER C 963 43.56 -4.30 47.92
CA SER C 963 44.44 -3.83 46.83
C SER C 963 43.88 -4.33 45.47
N GLN C 964 44.30 -3.66 44.39
CA GLN C 964 43.88 -4.11 43.04
C GLN C 964 44.39 -5.54 42.83
N GLN C 965 45.57 -5.84 43.36
CA GLN C 965 46.04 -7.20 43.15
C GLN C 965 45.10 -8.23 43.82
N GLN C 966 44.69 -7.96 45.04
CA GLN C 966 43.82 -8.86 45.68
C GLN C 966 42.49 -8.99 44.91
N LEU C 967 41.93 -7.84 44.46
CA LEU C 967 40.65 -7.94 43.77
C LEU C 967 40.82 -8.74 42.46
N MET C 968 41.95 -8.58 41.78
CA MET C 968 42.12 -9.32 40.53
C MET C 968 42.34 -10.83 40.81
N GLU C 969 42.89 -11.21 41.98
CA GLU C 969 43.14 -12.62 42.28
C GLU C 969 41.98 -13.30 42.97
N THR C 970 40.91 -12.61 43.25
CA THR C 970 39.85 -13.23 44.03
C THR C 970 38.57 -13.27 43.19
N SER C 971 37.95 -14.42 43.20
CA SER C 971 36.73 -14.60 42.35
C SER C 971 35.43 -14.53 43.04
N HIS C 972 35.41 -14.52 44.38
CA HIS C 972 34.19 -14.44 45.14
C HIS C 972 34.39 -13.42 46.25
N ARG C 973 33.45 -12.47 46.39
CA ARG C 973 33.58 -11.45 47.39
C ARG C 973 33.76 -11.95 48.82
N HIS C 974 33.19 -13.13 49.11
CA HIS C 974 33.27 -13.68 50.47
C HIS C 974 34.68 -14.08 50.89
N LEU C 975 35.57 -14.19 49.90
CA LEU C 975 36.93 -14.59 50.22
C LEU C 975 37.85 -13.40 50.38
N LEU C 976 37.31 -12.21 50.18
CA LEU C 976 38.23 -11.08 50.33
C LEU C 976 38.57 -10.87 51.82
N HIS C 977 39.75 -10.29 52.11
CA HIS C 977 40.10 -9.96 53.49
C HIS C 977 40.70 -8.56 53.44
N ALA C 978 40.31 -7.74 54.41
CA ALA C 978 40.83 -6.36 54.50
C ALA C 978 42.33 -6.41 54.72
N GLU C 979 43.07 -5.59 54.00
CA GLU C 979 44.52 -5.55 54.15
C GLU C 979 44.85 -4.52 55.23
N GLU C 980 46.14 -4.46 55.62
CA GLU C 980 46.53 -3.47 56.68
C GLU C 980 46.35 -2.09 56.06
N GLY C 981 45.91 -1.15 56.82
CA GLY C 981 45.87 0.17 56.16
C GLY C 981 44.80 0.36 55.07
N THR C 982 45.03 1.34 54.19
CA THR C 982 44.03 1.69 53.20
C THR C 982 44.69 1.94 51.88
N TRP C 983 44.16 1.25 50.85
CA TRP C 983 44.66 1.39 49.46
C TRP C 983 43.93 2.54 48.79
N LEU C 984 44.74 3.44 48.30
CA LEU C 984 44.22 4.64 47.64
C LEU C 984 44.66 4.60 46.19
N ASN C 985 43.70 4.70 45.24
CA ASN C 985 44.03 4.78 43.82
C ASN C 985 43.53 6.13 43.40
N ILE C 986 44.44 7.00 42.99
CA ILE C 986 44.09 8.36 42.54
C ILE C 986 44.48 8.49 41.07
N ASP C 987 43.47 8.62 40.18
CA ASP C 987 43.71 8.66 38.75
C ASP C 987 43.52 10.01 38.13
N GLY C 988 44.47 10.33 37.28
CA GLY C 988 44.30 11.52 36.49
C GLY C 988 43.22 11.14 35.44
N PHE C 989 43.26 9.93 34.92
CA PHE C 989 42.34 9.44 33.85
C PHE C 989 41.98 7.98 34.10
N HIS C 990 40.75 7.60 33.69
CA HIS C 990 40.38 6.20 33.90
C HIS C 990 39.53 5.83 32.68
N MET C 991 39.72 4.63 32.19
CA MET C 991 38.93 4.19 31.04
C MET C 991 37.45 3.91 31.44
N GLY C 992 36.53 4.00 30.44
CA GLY C 992 35.12 3.62 30.66
C GLY C 992 35.03 2.13 31.00
N ILE C 993 33.90 1.77 31.51
CA ILE C 993 33.68 0.37 31.90
C ILE C 993 32.87 -0.44 30.88
N GLY C 994 32.22 0.30 29.95
CA GLY C 994 31.40 -0.36 28.93
C GLY C 994 30.23 -1.14 29.48
N GLY C 995 29.67 -2.05 28.64
CA GLY C 995 28.51 -2.77 29.08
C GLY C 995 27.44 -2.97 27.99
N ASP C 996 27.61 -2.44 26.75
CA ASP C 996 26.55 -2.72 25.77
C ASP C 996 26.34 -4.21 25.71
N ASP C 997 27.42 -4.97 25.95
CA ASP C 997 27.30 -6.45 26.13
C ASP C 997 28.48 -6.85 27.03
N SER C 998 28.58 -8.12 27.49
CA SER C 998 29.74 -8.51 28.32
C SER C 998 30.53 -9.60 27.59
N TRP C 999 30.57 -9.54 26.25
CA TRP C 999 31.33 -10.61 25.54
C TRP C 999 32.18 -10.06 24.40
N SER C 1000 32.04 -8.78 24.05
CA SER C 1000 32.90 -8.16 23.03
C SER C 1000 33.23 -6.74 23.53
N PRO C 1001 34.44 -6.25 23.30
CA PRO C 1001 34.80 -4.93 23.83
C PRO C 1001 33.69 -3.96 23.49
N SER C 1002 33.32 -3.25 24.52
CA SER C 1002 32.18 -2.33 24.42
C SER C 1002 32.47 -0.92 24.92
N VAL C 1003 33.73 -0.60 25.23
CA VAL C 1003 34.01 0.78 25.70
C VAL C 1003 34.15 1.63 24.47
N SER C 1004 33.27 2.63 24.37
CA SER C 1004 33.25 3.47 23.19
C SER C 1004 34.54 4.25 23.05
N ALA C 1005 34.94 4.55 21.81
CA ALA C 1005 36.21 5.28 21.63
C ALA C 1005 36.50 6.51 22.45
N GLU C 1006 35.42 7.28 22.67
CA GLU C 1006 35.57 8.46 23.46
C GLU C 1006 35.92 8.24 24.90
N PHE C 1007 35.81 6.99 25.36
CA PHE C 1007 36.14 6.72 26.77
C PHE C 1007 37.39 5.88 26.87
N GLN C 1008 38.11 5.67 25.74
CA GLN C 1008 39.38 4.91 25.75
C GLN C 1008 40.50 5.92 25.94
N LEU C 1009 41.57 5.53 26.64
CA LEU C 1009 42.67 6.47 26.93
C LEU C 1009 43.69 6.37 25.79
N SER C 1010 43.32 6.96 24.68
CA SER C 1010 44.15 6.84 23.45
C SER C 1010 44.88 8.16 23.09
N ALA C 1011 44.86 9.19 23.97
CA ALA C 1011 45.48 10.47 23.60
C ALA C 1011 47.01 10.44 23.42
N GLY C 1012 47.70 9.38 23.91
CA GLY C 1012 49.17 9.32 23.73
C GLY C 1012 49.91 10.08 24.82
N ARG C 1013 49.49 11.31 25.09
CA ARG C 1013 50.15 12.14 26.13
C ARG C 1013 49.09 12.63 27.15
N TYR C 1014 49.36 12.42 28.46
CA TYR C 1014 48.42 12.80 29.50
C TYR C 1014 49.04 13.65 30.59
N HIS C 1015 48.30 14.66 31.09
CA HIS C 1015 48.88 15.47 32.15
C HIS C 1015 47.88 15.57 33.27
N TYR C 1016 48.38 15.50 34.51
CA TYR C 1016 47.50 15.74 35.65
C TYR C 1016 48.34 16.28 36.77
N GLN C 1017 47.68 16.90 37.73
CA GLN C 1017 48.35 17.52 38.87
C GLN C 1017 47.54 17.34 40.15
N LEU C 1018 48.24 16.97 41.23
CA LEU C 1018 47.66 16.71 42.54
C LEU C 1018 48.46 17.48 43.54
N VAL C 1019 47.72 17.97 44.54
CA VAL C 1019 48.38 18.63 45.66
C VAL C 1019 48.03 17.77 46.88
N TRP C 1020 49.06 17.32 47.59
CA TRP C 1020 48.81 16.52 48.78
C TRP C 1020 49.22 17.36 49.98
N CYS C 1021 48.32 17.50 50.91
CA CYS C 1021 48.72 18.26 52.09
C CYS C 1021 48.09 17.69 53.33
N GLN C 1022 48.23 18.33 54.51
CA GLN C 1022 47.63 17.86 55.77
C GLN C 1022 46.29 18.55 56.10
N LYS C 1023 45.55 18.07 57.11
CA LYS C 1023 44.26 18.69 57.43
C LYS C 1023 44.35 19.57 58.67
N ARG D 13 2.02 48.97 -24.41
CA ARG D 13 1.88 48.23 -23.12
C ARG D 13 3.23 47.92 -22.44
N ARG D 14 3.11 47.78 -21.17
CA ARG D 14 4.27 47.46 -20.36
C ARG D 14 4.19 45.99 -20.08
N ASP D 15 4.52 45.25 -21.12
CA ASP D 15 4.42 43.82 -21.01
C ASP D 15 5.34 43.25 -19.94
N TRP D 16 6.34 44.05 -19.55
CA TRP D 16 7.32 43.70 -18.51
C TRP D 16 6.75 43.97 -17.11
N GLU D 17 5.46 44.32 -16.99
CA GLU D 17 4.88 44.47 -15.67
C GLU D 17 3.59 43.68 -15.65
N ASN D 18 3.55 42.53 -16.36
CA ASN D 18 2.38 41.72 -16.49
C ASN D 18 2.82 40.27 -16.59
N PRO D 19 2.63 39.51 -15.47
CA PRO D 19 3.05 38.11 -15.39
C PRO D 19 2.22 37.24 -16.28
N GLY D 20 1.16 37.78 -16.84
CA GLY D 20 0.34 37.01 -17.77
C GLY D 20 0.93 37.01 -19.19
N VAL D 21 1.88 37.94 -19.43
CA VAL D 21 2.54 38.01 -20.73
C VAL D 21 3.97 37.69 -20.47
N THR D 22 4.36 36.47 -20.79
CA THR D 22 5.75 36.09 -20.61
C THR D 22 6.48 36.00 -21.95
N GLN D 23 5.73 36.23 -23.08
CA GLN D 23 6.32 36.16 -24.43
C GLN D 23 5.27 36.63 -25.42
N LEU D 24 5.72 37.08 -26.61
CA LEU D 24 4.80 37.41 -27.66
C LEU D 24 5.45 36.84 -28.90
N ASN D 25 4.74 36.01 -29.70
CA ASN D 25 5.29 35.50 -30.93
C ASN D 25 6.47 34.53 -30.77
N ARG D 26 6.66 33.99 -29.52
CA ARG D 26 7.76 33.12 -29.37
C ARG D 26 7.48 31.70 -29.85
N LEU D 27 8.44 31.07 -30.49
CA LEU D 27 8.27 29.72 -30.97
C LEU D 27 8.32 28.70 -29.81
N ALA D 28 7.82 27.51 -30.08
CA ALA D 28 7.81 26.44 -29.06
C ALA D 28 9.24 26.05 -28.72
N ALA D 29 9.45 25.54 -27.46
CA ALA D 29 10.73 25.05 -26.98
C ALA D 29 10.91 23.64 -27.49
N HIS D 30 12.17 23.16 -27.57
CA HIS D 30 12.44 21.88 -28.17
C HIS D 30 13.91 21.55 -27.89
N PRO D 31 14.39 20.34 -28.17
CA PRO D 31 15.74 19.97 -27.91
C PRO D 31 16.67 20.63 -28.92
N PRO D 32 17.97 20.62 -28.66
CA PRO D 32 18.92 21.31 -29.54
C PRO D 32 18.82 20.86 -31.00
N PHE D 33 18.70 21.83 -31.91
CA PHE D 33 18.60 21.50 -33.32
C PHE D 33 19.74 22.17 -34.09
N ALA D 34 20.01 21.59 -35.26
CA ALA D 34 21.02 22.11 -36.18
C ALA D 34 20.54 22.05 -37.63
N SER D 35 19.37 21.40 -37.93
CA SER D 35 18.91 21.28 -39.35
C SER D 35 20.02 20.81 -40.24
N TRP D 36 20.65 19.69 -39.85
CA TRP D 36 21.68 19.16 -40.72
C TRP D 36 20.95 18.69 -42.02
N ARG D 37 21.60 18.87 -43.18
CA ARG D 37 20.97 18.44 -44.40
C ARG D 37 21.82 17.34 -44.99
N ASN D 38 22.69 16.73 -44.14
CA ASN D 38 23.54 15.60 -44.56
C ASN D 38 23.56 14.66 -43.34
N SER D 39 23.18 13.42 -43.51
CA SER D 39 23.11 12.57 -42.31
C SER D 39 24.42 12.21 -41.61
N GLU D 40 25.48 12.10 -42.40
CA GLU D 40 26.81 11.78 -41.86
C GLU D 40 27.33 12.97 -41.04
N GLU D 41 27.07 14.25 -41.44
CA GLU D 41 27.50 15.40 -40.61
C GLU D 41 26.69 15.38 -39.29
N ALA D 42 25.39 15.00 -39.40
CA ALA D 42 24.61 14.88 -38.17
C ALA D 42 25.18 13.76 -37.24
N ARG D 43 25.54 12.62 -37.84
CA ARG D 43 26.07 11.51 -37.08
C ARG D 43 27.33 11.97 -36.27
N THR D 44 28.24 12.70 -36.97
CA THR D 44 29.51 13.12 -36.39
C THR D 44 29.43 14.37 -35.62
N ASP D 45 28.26 14.99 -35.50
CA ASP D 45 28.21 16.19 -34.70
C ASP D 45 29.03 17.36 -35.24
N ARG D 46 29.28 17.33 -36.58
CA ARG D 46 30.00 18.44 -37.20
C ARG D 46 29.05 19.59 -37.42
N PRO D 47 29.60 20.72 -37.82
CA PRO D 47 28.84 21.94 -38.04
C PRO D 47 27.79 21.78 -39.13
N SER D 48 26.70 22.57 -38.97
CA SER D 48 25.64 22.56 -39.95
C SER D 48 25.68 23.92 -40.64
N GLN D 49 25.63 23.99 -41.97
CA GLN D 49 25.60 25.29 -42.61
C GLN D 49 24.27 25.97 -42.39
N GLN D 50 23.26 25.21 -41.86
CA GLN D 50 21.97 25.89 -41.61
C GLN D 50 21.85 26.54 -40.21
N LEU D 51 22.90 26.44 -39.38
CA LEU D 51 22.94 27.04 -38.05
C LEU D 51 24.22 27.93 -37.98
N ARG D 52 24.03 29.22 -37.90
CA ARG D 52 25.09 30.23 -37.90
C ARG D 52 25.09 31.01 -36.58
N SER D 53 26.28 31.37 -36.13
CA SER D 53 26.29 32.15 -34.90
C SER D 53 26.31 33.65 -35.24
N LEU D 54 25.56 34.45 -34.47
CA LEU D 54 25.69 35.90 -34.65
C LEU D 54 26.52 36.50 -33.48
N ASN D 55 27.27 35.69 -32.72
CA ASN D 55 28.09 36.25 -31.65
C ASN D 55 29.21 37.09 -32.28
N GLY D 56 29.70 38.11 -31.56
CA GLY D 56 30.80 38.93 -32.12
C GLY D 56 30.52 40.34 -31.82
N GLU D 57 30.90 41.26 -32.69
CA GLU D 57 30.61 42.67 -32.32
C GLU D 57 29.25 43.25 -32.70
N TRP D 58 28.49 43.79 -31.74
CA TRP D 58 27.19 44.42 -31.96
C TRP D 58 27.24 45.91 -31.61
N ARG D 59 26.20 46.64 -31.89
CA ARG D 59 26.24 48.01 -31.47
C ARG D 59 25.39 48.12 -30.22
N PHE D 60 25.79 48.93 -29.24
CA PHE D 60 25.05 48.98 -27.99
C PHE D 60 24.94 50.39 -27.40
N ALA D 61 23.77 50.69 -26.86
CA ALA D 61 23.51 51.94 -26.18
C ALA D 61 22.74 51.66 -24.91
N TRP D 62 23.11 52.31 -23.76
CA TRP D 62 22.46 52.22 -22.48
C TRP D 62 21.52 53.41 -22.21
N PHE D 63 20.31 53.12 -21.68
CA PHE D 63 19.34 54.13 -21.31
C PHE D 63 18.80 53.83 -19.93
N PRO D 64 18.37 54.91 -19.28
CA PRO D 64 17.89 54.82 -17.91
C PRO D 64 16.54 54.16 -17.72
N ALA D 65 15.76 54.12 -18.86
CA ALA D 65 14.45 53.57 -18.90
C ALA D 65 14.03 53.39 -20.31
N PRO D 66 13.04 52.55 -20.57
CA PRO D 66 12.58 52.34 -21.95
C PRO D 66 11.99 53.57 -22.52
N GLU D 67 11.36 54.36 -21.66
CA GLU D 67 10.83 55.61 -22.16
C GLU D 67 11.89 56.49 -22.80
N ALA D 68 13.16 56.32 -22.52
CA ALA D 68 14.18 57.20 -23.09
C ALA D 68 14.76 56.73 -24.41
N VAL D 69 14.36 55.58 -24.86
CA VAL D 69 14.95 55.13 -26.09
C VAL D 69 14.28 55.87 -27.24
N PRO D 70 15.04 56.51 -28.08
CA PRO D 70 14.51 57.25 -29.23
C PRO D 70 14.13 56.29 -30.37
N GLU D 71 12.99 56.68 -30.96
CA GLU D 71 12.37 55.93 -32.00
C GLU D 71 13.27 55.69 -33.17
N SER D 72 14.17 56.64 -33.38
CA SER D 72 15.05 56.49 -34.50
C SER D 72 15.86 55.21 -34.47
N TRP D 73 16.12 54.77 -33.23
CA TRP D 73 16.94 53.56 -33.05
C TRP D 73 16.42 52.32 -33.81
N LEU D 74 15.12 52.29 -34.03
CA LEU D 74 14.45 51.18 -34.74
C LEU D 74 14.89 51.04 -36.20
N GLU D 75 15.01 52.23 -36.78
CA GLU D 75 15.36 52.39 -38.17
C GLU D 75 16.84 52.56 -38.35
N CYS D 76 17.56 53.26 -37.46
CA CYS D 76 18.98 53.28 -37.76
C CYS D 76 19.89 53.42 -36.56
N ASP D 77 21.15 52.97 -36.78
CA ASP D 77 22.12 53.03 -35.73
C ASP D 77 22.22 54.36 -35.01
N LEU D 78 22.33 54.31 -33.70
CA LEU D 78 22.53 55.53 -32.93
C LEU D 78 24.03 55.85 -33.02
N PRO D 79 24.33 57.06 -33.44
CA PRO D 79 25.71 57.43 -33.54
C PRO D 79 26.38 57.43 -32.18
N GLU D 80 25.60 57.65 -31.08
CA GLU D 80 26.23 57.58 -29.76
C GLU D 80 26.46 56.14 -29.26
N ALA D 81 26.01 55.15 -29.95
CA ALA D 81 26.26 53.80 -29.42
C ALA D 81 27.72 53.41 -29.53
N ASP D 82 28.09 52.34 -28.85
CA ASP D 82 29.45 51.81 -28.89
C ASP D 82 29.32 50.45 -29.52
N THR D 83 30.47 49.98 -29.96
CA THR D 83 30.63 48.62 -30.49
C THR D 83 31.12 47.74 -29.33
N VAL D 84 30.35 46.71 -28.96
CA VAL D 84 30.72 45.81 -27.84
C VAL D 84 30.59 44.34 -28.27
N VAL D 85 31.23 43.48 -27.51
CA VAL D 85 31.06 42.08 -27.74
C VAL D 85 29.76 41.54 -27.12
N VAL D 86 29.12 40.66 -27.91
CA VAL D 86 27.93 39.93 -27.47
C VAL D 86 28.29 38.45 -27.64
N PRO D 87 28.06 37.52 -26.70
CA PRO D 87 27.38 37.77 -25.45
C PRO D 87 28.19 38.50 -24.42
N SER D 88 27.43 39.27 -23.61
CA SER D 88 28.07 40.00 -22.50
C SER D 88 27.00 40.44 -21.52
N ASN D 89 27.38 40.81 -20.27
CA ASN D 89 26.43 41.39 -19.35
C ASN D 89 26.86 42.88 -19.42
N TRP D 90 25.99 43.86 -19.53
CA TRP D 90 26.49 45.23 -19.68
C TRP D 90 27.17 45.82 -18.48
N GLN D 91 26.93 45.26 -17.29
CA GLN D 91 27.65 45.77 -16.12
C GLN D 91 29.14 45.46 -16.27
N MET D 92 29.44 44.37 -16.95
CA MET D 92 30.82 44.00 -17.13
C MET D 92 31.54 44.98 -18.07
N HIS D 93 30.82 45.80 -18.77
CA HIS D 93 31.42 46.75 -19.66
C HIS D 93 31.34 48.08 -18.96
N GLY D 94 30.88 48.11 -17.72
CA GLY D 94 30.88 49.40 -17.04
C GLY D 94 29.71 50.31 -17.32
N TYR D 95 28.64 49.85 -17.99
CA TYR D 95 27.54 50.77 -18.19
C TYR D 95 26.70 51.07 -16.98
N ASP D 96 26.61 50.12 -16.06
CA ASP D 96 25.92 50.39 -14.79
C ASP D 96 26.48 49.35 -13.78
N ALA D 97 26.05 49.44 -12.52
CA ALA D 97 26.64 48.57 -11.54
C ALA D 97 25.92 47.22 -11.40
N PRO D 98 26.71 46.15 -11.25
CA PRO D 98 26.12 44.86 -10.86
C PRO D 98 25.75 44.98 -9.36
N ILE D 99 24.73 44.30 -8.89
CA ILE D 99 24.31 44.42 -7.51
C ILE D 99 24.39 43.05 -6.81
N TYR D 100 25.01 42.97 -5.64
CA TYR D 100 25.07 41.71 -4.94
C TYR D 100 24.11 41.71 -3.75
N THR D 101 22.91 41.12 -3.95
CA THR D 101 21.96 40.96 -2.82
C THR D 101 21.63 39.44 -2.67
N ASN D 102 21.43 38.93 -1.45
CA ASN D 102 21.17 37.54 -1.26
C ASN D 102 19.69 37.31 -1.31
N VAL D 103 19.01 37.59 -0.19
CA VAL D 103 17.57 37.35 -0.10
C VAL D 103 16.70 38.53 -0.53
N THR D 104 16.98 39.67 0.07
CA THR D 104 16.14 40.84 -0.23
C THR D 104 16.14 41.22 -1.73
N TYR D 105 14.94 41.35 -2.38
CA TYR D 105 14.96 41.66 -3.81
C TYR D 105 15.69 43.00 -4.03
N PRO D 106 16.32 43.11 -5.23
CA PRO D 106 17.05 44.31 -5.62
C PRO D 106 16.09 45.42 -5.99
N ILE D 107 14.79 45.14 -6.05
CA ILE D 107 13.79 46.15 -6.31
C ILE D 107 12.76 46.10 -5.21
N THR D 108 12.00 47.19 -5.13
CA THR D 108 10.92 47.25 -4.17
C THR D 108 9.96 46.12 -4.44
N VAL D 109 9.54 45.43 -3.37
CA VAL D 109 8.64 44.33 -3.56
C VAL D 109 7.21 44.84 -3.80
N ASN D 110 6.76 44.87 -5.02
CA ASN D 110 5.42 45.38 -5.33
C ASN D 110 4.92 44.70 -6.61
N PRO D 111 4.78 43.38 -6.58
CA PRO D 111 4.41 42.62 -7.81
C PRO D 111 3.12 43.12 -8.40
N PRO D 112 3.06 43.25 -9.71
CA PRO D 112 4.11 42.85 -10.59
C PRO D 112 4.90 44.03 -11.11
N PHE D 113 4.90 45.17 -10.45
CA PHE D 113 5.57 46.32 -10.95
C PHE D 113 7.05 46.33 -10.70
N VAL D 114 7.69 47.13 -11.55
CA VAL D 114 9.14 47.29 -11.41
C VAL D 114 9.45 48.80 -11.40
N PRO D 115 10.68 49.13 -11.01
CA PRO D 115 10.98 50.58 -10.90
C PRO D 115 10.80 51.37 -12.22
N THR D 116 10.44 52.65 -12.15
CA THR D 116 10.31 53.40 -13.42
C THR D 116 11.69 53.56 -14.07
N GLU D 117 12.70 53.73 -13.21
CA GLU D 117 14.09 53.80 -13.66
C GLU D 117 14.52 52.32 -13.80
N ASN D 118 14.50 51.90 -15.05
CA ASN D 118 14.80 50.50 -15.37
C ASN D 118 15.81 50.49 -16.47
N PRO D 119 17.07 50.26 -16.13
CA PRO D 119 18.13 50.27 -17.09
C PRO D 119 17.77 49.43 -18.29
N THR D 120 17.99 50.09 -19.44
CA THR D 120 17.63 49.47 -20.72
C THR D 120 18.84 49.43 -21.66
N GLY D 121 19.08 48.23 -22.23
CA GLY D 121 20.19 47.96 -23.09
C GLY D 121 19.67 47.82 -24.53
N CYS D 122 20.10 48.72 -25.40
CA CYS D 122 19.66 48.71 -26.81
C CYS D 122 20.76 48.09 -27.61
N TYR D 123 20.54 46.85 -28.10
CA TYR D 123 21.55 46.15 -28.86
C TYR D 123 21.10 46.10 -30.32
N SER D 124 22.06 46.15 -31.21
CA SER D 124 21.70 46.08 -32.59
C SER D 124 22.78 45.47 -33.44
N LEU D 125 22.39 44.94 -34.61
CA LEU D 125 23.38 44.32 -35.42
C LEU D 125 22.93 44.41 -36.88
N THR D 126 23.85 44.66 -37.80
CA THR D 126 23.52 44.60 -39.20
C THR D 126 23.99 43.26 -39.77
N PHE D 127 23.14 42.55 -40.53
CA PHE D 127 23.61 41.25 -41.04
C PHE D 127 22.95 40.92 -42.37
N ASN D 128 23.43 39.86 -42.99
CA ASN D 128 22.70 39.41 -44.15
C ASN D 128 22.60 37.89 -44.15
N VAL D 129 21.79 37.29 -45.06
CA VAL D 129 21.62 35.84 -45.15
C VAL D 129 21.87 35.33 -46.57
N ASP D 130 22.11 34.03 -46.63
CA ASP D 130 22.31 33.41 -47.93
C ASP D 130 21.06 33.64 -48.79
N GLU D 131 21.25 33.83 -50.08
CA GLU D 131 20.15 33.97 -51.01
C GLU D 131 19.14 32.86 -50.87
N SER D 132 19.62 31.63 -50.66
CA SER D 132 18.70 30.52 -50.58
C SER D 132 17.74 30.66 -49.41
N TRP D 133 18.16 31.37 -48.35
CA TRP D 133 17.29 31.58 -47.19
C TRP D 133 16.17 32.56 -47.45
N LEU D 134 16.45 33.45 -48.42
CA LEU D 134 15.37 34.38 -48.81
C LEU D 134 14.51 33.62 -49.81
N GLN D 135 15.06 32.60 -50.47
CA GLN D 135 14.24 31.85 -51.40
C GLN D 135 13.12 31.05 -50.72
N GLU D 136 13.53 30.27 -49.74
CA GLU D 136 12.55 29.42 -49.07
C GLU D 136 12.83 29.00 -47.63
N GLY D 137 11.92 28.29 -46.97
CA GLY D 137 12.30 27.80 -45.68
C GLY D 137 12.10 28.76 -44.52
N GLN D 138 12.24 28.24 -43.31
CA GLN D 138 12.00 29.08 -42.20
C GLN D 138 13.30 29.49 -41.50
N THR D 139 13.52 30.78 -41.34
CA THR D 139 14.72 31.28 -40.68
C THR D 139 14.31 31.84 -39.34
N ARG D 140 14.81 31.23 -38.28
CA ARG D 140 14.43 31.79 -36.96
C ARG D 140 15.72 32.32 -36.32
N ILE D 141 15.57 33.20 -35.32
CA ILE D 141 16.68 33.69 -34.52
C ILE D 141 16.47 33.09 -33.10
N ILE D 142 17.58 32.71 -32.51
CA ILE D 142 17.58 32.12 -31.20
C ILE D 142 18.50 32.90 -30.29
N PHE D 143 17.89 33.36 -29.18
CA PHE D 143 18.57 34.07 -28.09
C PHE D 143 18.63 33.07 -26.94
N ASP D 144 19.83 32.46 -26.73
CA ASP D 144 19.98 31.44 -25.67
C ASP D 144 19.79 32.06 -24.29
N GLY D 145 20.02 33.37 -24.11
CA GLY D 145 19.81 33.94 -22.74
C GLY D 145 19.84 35.47 -22.81
N VAL D 146 18.75 36.03 -22.36
CA VAL D 146 18.60 37.50 -22.33
C VAL D 146 18.06 37.83 -20.98
N ASN D 147 18.76 38.72 -20.23
CA ASN D 147 18.31 39.02 -18.85
C ASN D 147 17.85 40.49 -18.67
N SER D 148 16.58 40.83 -18.28
CA SER D 148 15.55 39.85 -17.87
C SER D 148 14.40 39.68 -18.85
N ALA D 149 14.25 40.60 -19.83
CA ALA D 149 13.12 40.48 -20.74
C ALA D 149 13.48 41.34 -21.95
N PHE D 150 12.83 41.15 -23.07
CA PHE D 150 13.24 41.98 -24.18
C PHE D 150 12.22 42.00 -25.29
N HIS D 151 12.30 43.10 -26.09
CA HIS D 151 11.53 43.26 -27.33
C HIS D 151 12.53 43.14 -28.48
N LEU D 152 12.07 42.58 -29.60
CA LEU D 152 12.91 42.38 -30.78
C LEU D 152 12.20 42.99 -31.98
N TRP D 153 12.99 43.68 -32.82
CA TRP D 153 12.55 44.26 -34.10
C TRP D 153 13.52 43.83 -35.18
N CYS D 154 13.01 43.67 -36.44
CA CYS D 154 13.89 43.35 -37.52
C CYS D 154 13.50 44.34 -38.67
N ASN D 155 14.52 44.99 -39.25
CA ASN D 155 14.33 45.99 -40.30
C ASN D 155 13.25 46.93 -39.88
N GLY D 156 13.23 47.33 -38.58
CA GLY D 156 12.35 48.33 -38.04
C GLY D 156 10.98 47.80 -37.73
N ARG D 157 10.72 46.49 -37.98
CA ARG D 157 9.37 45.99 -37.73
C ARG D 157 9.34 45.10 -36.45
N TRP D 158 8.40 45.31 -35.60
CA TRP D 158 8.38 44.52 -34.39
C TRP D 158 8.13 43.05 -34.65
N VAL D 159 8.94 42.25 -33.97
CA VAL D 159 8.85 40.81 -34.07
C VAL D 159 8.21 40.15 -32.84
N GLY D 160 8.69 40.39 -31.61
CA GLY D 160 8.11 39.68 -30.49
C GLY D 160 8.80 40.06 -29.19
N TYR D 161 8.44 39.34 -28.13
CA TYR D 161 8.91 39.64 -26.76
C TYR D 161 9.15 38.35 -26.00
N GLY D 162 10.10 38.37 -25.06
CA GLY D 162 10.39 37.14 -24.29
C GLY D 162 10.86 37.48 -22.87
N GLN D 163 10.60 36.56 -21.93
CA GLN D 163 10.97 36.55 -20.49
C GLN D 163 11.60 35.15 -20.18
N ASP D 164 12.16 35.01 -18.98
CA ASP D 164 12.90 33.85 -18.49
C ASP D 164 14.35 33.99 -19.00
N SER D 165 15.21 34.54 -18.12
CA SER D 165 16.56 34.87 -18.47
C SER D 165 17.45 33.67 -18.74
N ARG D 166 16.96 32.42 -18.51
CA ARG D 166 17.84 31.26 -18.55
C ARG D 166 17.47 30.16 -19.55
N LEU D 167 16.50 30.52 -20.43
CA LEU D 167 16.15 29.54 -21.50
C LEU D 167 16.15 30.27 -22.85
N PRO D 168 16.39 29.53 -23.96
CA PRO D 168 16.41 30.24 -25.25
C PRO D 168 15.04 30.80 -25.65
N SER D 169 15.01 31.99 -26.30
CA SER D 169 13.75 32.54 -26.86
C SER D 169 14.00 32.59 -28.34
N GLU D 170 13.05 32.03 -29.14
CA GLU D 170 13.21 31.91 -30.63
C GLU D 170 12.03 32.54 -31.29
N PHE D 171 12.39 33.24 -32.40
CA PHE D 171 11.31 33.92 -33.18
C PHE D 171 11.55 33.69 -34.70
N ASP D 172 10.44 33.57 -35.42
CA ASP D 172 10.53 33.31 -36.87
C ASP D 172 10.76 34.66 -37.60
N LEU D 173 11.89 34.81 -38.30
CA LEU D 173 12.16 36.07 -39.00
C LEU D 173 11.87 35.88 -40.44
N SER D 174 11.40 34.76 -40.86
CA SER D 174 11.18 34.52 -42.29
C SER D 174 10.54 35.67 -43.07
N ALA D 175 9.48 36.22 -42.56
CA ALA D 175 8.77 37.28 -43.28
C ALA D 175 9.35 38.62 -43.10
N PHE D 176 10.37 38.72 -42.26
CA PHE D 176 10.93 40.07 -42.07
C PHE D 176 12.20 40.26 -42.92
N LEU D 177 12.81 39.17 -43.36
CA LEU D 177 14.08 39.25 -44.03
C LEU D 177 14.01 39.89 -45.41
N ARG D 178 15.13 40.50 -45.82
CA ARG D 178 15.16 41.15 -47.14
C ARG D 178 16.53 40.95 -47.75
N ALA D 179 16.61 41.16 -49.07
CA ALA D 179 17.88 41.06 -49.76
C ALA D 179 18.79 42.15 -49.25
N GLY D 180 20.06 41.86 -49.21
CA GLY D 180 21.04 42.86 -48.74
C GLY D 180 21.17 42.95 -47.21
N GLU D 181 21.40 44.16 -46.71
CA GLU D 181 21.63 44.39 -45.31
C GLU D 181 20.34 44.33 -44.53
N ASN D 182 20.34 43.62 -43.38
CA ASN D 182 19.16 43.53 -42.49
C ASN D 182 19.67 44.03 -41.12
N ARG D 183 18.75 44.55 -40.34
CA ARG D 183 19.06 45.09 -39.02
C ARG D 183 18.14 44.58 -37.87
N LEU D 184 18.79 44.01 -36.84
CA LEU D 184 18.07 43.54 -35.65
C LEU D 184 18.23 44.66 -34.66
N ALA D 185 17.19 44.88 -33.88
CA ALA D 185 17.18 45.85 -32.79
C ALA D 185 16.55 45.08 -31.58
N VAL D 186 17.28 45.02 -30.48
CA VAL D 186 16.80 44.30 -29.30
C VAL D 186 16.87 45.22 -28.12
N MET D 187 15.66 45.44 -27.58
CA MET D 187 15.58 46.30 -26.40
C MET D 187 15.48 45.41 -25.14
N VAL D 188 16.56 45.41 -24.36
CA VAL D 188 16.65 44.59 -23.17
C VAL D 188 16.36 45.37 -21.88
N LEU D 189 15.38 44.90 -21.07
CA LEU D 189 15.03 45.50 -19.77
C LEU D 189 15.73 44.75 -18.63
N ARG D 190 16.37 45.55 -17.75
CA ARG D 190 16.97 44.96 -16.60
C ARG D 190 15.97 44.31 -15.68
N TRP D 191 14.92 45.03 -15.41
CA TRP D 191 13.89 44.57 -14.50
C TRP D 191 12.58 44.25 -15.20
N SER D 192 11.88 43.15 -14.81
CA SER D 192 10.59 42.82 -15.41
C SER D 192 9.82 42.01 -14.39
N ASP D 193 8.59 41.63 -14.69
CA ASP D 193 7.84 40.84 -13.68
C ASP D 193 8.58 39.51 -13.54
N GLY D 194 9.36 39.16 -14.56
CA GLY D 194 10.19 37.91 -14.56
C GLY D 194 11.16 37.98 -13.38
N SER D 195 11.61 39.18 -12.95
CA SER D 195 12.58 39.37 -11.81
C SER D 195 12.01 38.84 -10.51
N TYR D 196 10.64 38.83 -10.38
CA TYR D 196 10.04 38.29 -9.17
C TYR D 196 10.35 36.79 -9.02
N LEU D 197 10.61 36.12 -10.17
CA LEU D 197 10.93 34.67 -10.12
C LEU D 197 12.42 34.43 -10.29
N GLU D 198 13.24 35.47 -10.16
CA GLU D 198 14.69 35.32 -10.37
C GLU D 198 15.48 35.95 -9.21
N ASP D 199 15.09 35.54 -8.02
CA ASP D 199 15.73 36.10 -6.80
C ASP D 199 16.90 35.25 -6.24
N GLN D 200 17.65 34.60 -7.14
CA GLN D 200 18.76 33.73 -6.70
C GLN D 200 19.88 34.56 -6.02
N ASP D 201 20.55 33.97 -4.99
CA ASP D 201 21.66 34.61 -4.23
C ASP D 201 22.86 34.62 -5.17
N MET D 202 22.94 35.72 -5.94
CA MET D 202 24.05 35.88 -6.91
C MET D 202 24.04 37.33 -7.40
N TRP D 203 25.11 37.73 -8.10
CA TRP D 203 25.08 39.10 -8.63
C TRP D 203 23.89 39.30 -9.56
N ARG D 204 23.32 40.51 -9.55
CA ARG D 204 22.19 40.87 -10.38
C ARG D 204 22.71 41.66 -11.54
N MET D 205 22.70 41.05 -12.70
CA MET D 205 23.22 41.68 -13.91
C MET D 205 22.13 41.65 -14.99
N SER D 206 22.53 42.01 -16.26
CA SER D 206 21.55 42.01 -17.34
C SER D 206 22.25 42.05 -18.68
N GLY D 207 21.48 41.79 -19.76
CA GLY D 207 22.00 41.88 -21.13
C GLY D 207 21.80 40.61 -21.96
N ILE D 208 22.47 40.57 -23.13
CA ILE D 208 22.36 39.38 -23.97
C ILE D 208 23.62 38.60 -23.64
N PHE D 209 23.47 37.66 -22.71
CA PHE D 209 24.60 36.97 -22.08
C PHE D 209 24.87 35.55 -22.45
N ARG D 210 24.03 35.03 -23.35
CA ARG D 210 24.31 33.73 -23.96
C ARG D 210 24.23 33.92 -25.51
N ASP D 211 24.57 32.89 -26.27
CA ASP D 211 24.67 32.99 -27.70
C ASP D 211 23.45 33.47 -28.43
N VAL D 212 23.68 34.00 -29.62
CA VAL D 212 22.58 34.41 -30.50
C VAL D 212 22.88 33.62 -31.81
N SER D 213 21.83 33.02 -32.43
CA SER D 213 22.16 32.29 -33.64
C SER D 213 20.98 32.41 -34.59
N LEU D 214 21.23 32.02 -35.88
CA LEU D 214 20.13 31.94 -36.83
C LEU D 214 20.05 30.45 -37.27
N LEU D 215 18.85 29.90 -37.43
CA LEU D 215 18.67 28.49 -37.81
C LEU D 215 17.64 28.48 -38.91
N HIS D 216 18.05 27.85 -40.03
CA HIS D 216 17.22 27.76 -41.24
C HIS D 216 16.74 26.32 -41.39
N LYS D 217 15.44 26.13 -41.09
CA LYS D 217 14.82 24.82 -41.17
C LYS D 217 13.92 24.74 -42.42
N PRO D 218 13.60 23.51 -42.84
CA PRO D 218 12.68 23.40 -43.95
C PRO D 218 11.29 23.75 -43.43
N THR D 219 10.36 23.98 -44.34
CA THR D 219 8.98 24.19 -43.91
C THR D 219 8.36 22.89 -43.43
N THR D 220 8.73 21.78 -44.03
CA THR D 220 8.28 20.48 -43.52
C THR D 220 9.47 20.02 -42.72
N GLN D 221 9.32 19.97 -41.39
CA GLN D 221 10.48 19.73 -40.56
C GLN D 221 10.21 18.90 -39.30
N ILE D 222 11.32 18.47 -38.74
CA ILE D 222 11.30 17.80 -37.41
C ILE D 222 11.10 19.00 -36.41
N SER D 223 9.98 19.01 -35.64
CA SER D 223 9.72 20.09 -34.73
C SER D 223 9.99 19.64 -33.28
N ASP D 224 10.10 18.32 -33.05
CA ASP D 224 10.44 17.89 -31.69
C ASP D 224 10.77 16.38 -31.79
N PHE D 225 11.51 15.86 -30.80
CA PHE D 225 11.78 14.43 -30.72
C PHE D 225 12.18 14.09 -29.32
N HIS D 226 11.70 12.94 -28.85
CA HIS D 226 11.99 12.48 -27.44
C HIS D 226 12.62 11.11 -27.50
N VAL D 227 13.69 10.93 -26.77
CA VAL D 227 14.35 9.63 -26.77
C VAL D 227 14.27 8.99 -25.40
N ALA D 228 13.79 7.74 -25.32
CA ALA D 228 13.68 7.03 -24.04
C ALA D 228 14.37 5.69 -24.21
N THR D 229 14.91 5.16 -23.11
CA THR D 229 15.55 3.86 -23.12
C THR D 229 14.96 3.05 -21.97
N ARG D 230 14.38 1.87 -22.24
CA ARG D 230 13.84 1.02 -21.17
C ARG D 230 14.58 -0.30 -21.22
N PHE D 231 14.68 -0.99 -20.06
CA PHE D 231 15.51 -2.20 -19.96
C PHE D 231 14.83 -3.43 -19.38
N ASN D 232 15.48 -4.58 -19.63
CA ASN D 232 14.96 -5.75 -18.97
C ASN D 232 15.58 -5.82 -17.56
N ASP D 233 15.27 -6.88 -16.80
CA ASP D 233 15.71 -6.97 -15.45
C ASP D 233 17.18 -6.89 -15.24
N ASP D 234 18.03 -7.44 -16.11
CA ASP D 234 19.46 -7.36 -15.84
C ASP D 234 20.15 -6.47 -16.83
N PHE D 235 19.40 -5.65 -17.55
CA PHE D 235 20.06 -4.68 -18.47
C PHE D 235 20.77 -5.27 -19.64
N SER D 236 20.47 -6.53 -19.95
CA SER D 236 21.10 -7.21 -21.06
C SER D 236 20.36 -6.91 -22.33
N ARG D 237 19.20 -6.26 -22.21
CA ARG D 237 18.45 -5.86 -23.39
C ARG D 237 17.78 -4.51 -23.09
N ALA D 238 17.69 -3.69 -24.15
CA ALA D 238 16.98 -2.41 -24.06
C ALA D 238 16.11 -2.12 -25.31
N VAL D 239 15.16 -1.27 -25.11
CA VAL D 239 14.35 -0.74 -26.20
C VAL D 239 14.59 0.77 -26.17
N LEU D 240 15.02 1.26 -27.31
CA LEU D 240 15.15 2.67 -27.50
C LEU D 240 13.88 3.13 -28.19
N GLU D 241 13.12 4.06 -27.57
CA GLU D 241 11.91 4.48 -28.20
C GLU D 241 12.01 5.95 -28.50
N ALA D 242 11.83 6.35 -29.76
CA ALA D 242 11.95 7.78 -30.18
C ALA D 242 10.65 8.26 -30.79
N GLU D 243 10.04 9.23 -30.15
CA GLU D 243 8.81 9.80 -30.66
C GLU D 243 9.26 11.03 -31.46
N VAL D 244 8.81 11.15 -32.71
CA VAL D 244 9.26 12.28 -33.49
C VAL D 244 8.00 13.02 -33.97
N GLN D 245 8.04 14.37 -33.85
CA GLN D 245 6.96 15.25 -34.30
C GLN D 245 7.42 16.13 -35.51
N MET D 246 6.52 16.37 -36.46
CA MET D 246 6.78 17.24 -37.60
C MET D 246 5.80 18.41 -37.59
N CYS D 247 6.23 19.50 -38.29
CA CYS D 247 5.47 20.72 -38.65
C CYS D 247 5.58 20.79 -40.17
N GLY D 248 4.58 21.37 -40.82
CA GLY D 248 4.60 21.44 -42.28
C GLY D 248 3.52 20.52 -42.89
N GLU D 249 3.53 20.38 -44.18
CA GLU D 249 2.56 19.65 -44.87
C GLU D 249 2.82 18.15 -44.92
N LEU D 250 1.84 17.37 -44.39
CA LEU D 250 2.00 15.92 -44.40
C LEU D 250 1.80 15.41 -45.83
N ARG D 251 2.58 14.44 -46.18
CA ARG D 251 2.49 13.79 -47.51
C ARG D 251 2.75 12.34 -47.30
N ASP D 252 2.08 11.49 -48.09
CA ASP D 252 2.27 10.09 -47.90
C ASP D 252 3.61 9.52 -48.13
N TYR D 253 4.39 10.23 -48.90
CA TYR D 253 5.73 9.71 -49.12
C TYR D 253 6.75 10.03 -47.99
N LEU D 254 6.29 10.83 -47.01
CA LEU D 254 7.26 11.08 -45.94
C LEU D 254 7.49 9.88 -44.98
N ARG D 255 8.70 9.84 -44.46
CA ARG D 255 9.10 8.80 -43.51
C ARG D 255 10.06 9.43 -42.49
N VAL D 256 10.25 8.70 -41.33
CA VAL D 256 11.28 9.05 -40.39
C VAL D 256 12.06 7.79 -40.16
N THR D 257 13.37 7.86 -40.17
CA THR D 257 14.20 6.74 -39.80
C THR D 257 14.98 7.23 -38.56
N VAL D 258 15.01 6.42 -37.49
CA VAL D 258 15.86 6.72 -36.36
C VAL D 258 16.91 5.64 -36.36
N SER D 259 18.20 6.02 -36.41
CA SER D 259 19.36 5.10 -36.44
C SER D 259 20.22 5.32 -35.22
N LEU D 260 20.68 4.16 -34.65
CA LEU D 260 21.52 4.23 -33.45
C LEU D 260 22.94 3.75 -33.81
N TRP D 261 23.93 4.59 -33.45
CA TRP D 261 25.30 4.29 -33.79
C TRP D 261 26.20 4.17 -32.57
N GLN D 262 27.15 3.20 -32.66
CA GLN D 262 28.15 3.03 -31.60
C GLN D 262 29.44 3.34 -32.36
N GLY D 263 29.91 4.59 -32.21
CA GLY D 263 31.05 4.96 -33.01
C GLY D 263 30.59 4.92 -34.50
N GLU D 264 31.40 4.30 -35.35
CA GLU D 264 31.07 4.25 -36.77
C GLU D 264 30.24 3.06 -37.14
N THR D 265 29.80 2.33 -36.14
CA THR D 265 28.99 1.17 -36.44
C THR D 265 27.48 1.40 -36.14
N GLN D 266 26.61 1.10 -37.13
CA GLN D 266 25.21 1.27 -36.87
C GLN D 266 24.68 0.05 -36.16
N VAL D 267 24.11 0.21 -34.97
CA VAL D 267 23.65 -0.98 -34.27
C VAL D 267 22.20 -1.24 -34.39
N ALA D 268 21.38 -0.24 -34.66
CA ALA D 268 19.98 -0.51 -34.79
C ALA D 268 19.34 0.61 -35.60
N SER D 269 18.13 0.29 -36.16
CA SER D 269 17.45 1.32 -36.95
C SER D 269 15.98 0.99 -37.06
N GLY D 270 15.16 2.00 -37.25
CA GLY D 270 13.72 1.78 -37.51
C GLY D 270 13.21 2.88 -38.46
N THR D 271 12.33 2.54 -39.42
CA THR D 271 11.79 3.53 -40.29
C THR D 271 10.28 3.34 -40.32
N ALA D 272 9.54 4.44 -40.43
CA ALA D 272 8.09 4.34 -40.55
C ALA D 272 7.51 5.62 -41.14
N PRO D 273 6.31 5.54 -41.70
CA PRO D 273 5.61 6.73 -42.19
C PRO D 273 5.01 7.45 -40.93
N PHE D 274 4.55 8.68 -41.10
CA PHE D 274 3.95 9.39 -39.97
C PHE D 274 2.60 8.75 -39.73
N GLY D 275 2.14 8.89 -38.49
CA GLY D 275 0.81 8.41 -38.12
C GLY D 275 0.94 7.53 -36.90
N GLY D 276 0.67 8.15 -35.74
CA GLY D 276 0.80 7.46 -34.46
C GLY D 276 -0.39 6.52 -34.17
N GLU D 277 -0.32 5.76 -33.06
CA GLU D 277 -1.44 4.87 -32.80
C GLU D 277 -2.61 5.73 -32.36
N ILE D 278 -3.75 5.12 -32.34
CA ILE D 278 -4.93 5.85 -31.83
C ILE D 278 -4.72 6.21 -30.34
N ILE D 279 -5.04 7.45 -30.01
CA ILE D 279 -4.91 8.06 -28.66
C ILE D 279 -6.30 8.11 -27.95
N ASP D 280 -7.34 8.49 -28.68
CA ASP D 280 -8.62 8.65 -28.05
C ASP D 280 -9.68 8.60 -29.15
N GLU D 281 -10.92 9.04 -28.79
CA GLU D 281 -12.05 8.93 -29.71
C GLU D 281 -11.89 9.66 -30.99
N ARG D 282 -10.98 10.67 -31.03
CA ARG D 282 -10.78 11.43 -32.25
C ARG D 282 -9.64 10.92 -33.10
N GLY D 283 -8.99 9.85 -32.71
CA GLY D 283 -7.94 9.26 -33.52
C GLY D 283 -6.53 9.41 -32.83
N GLY D 284 -5.50 9.66 -33.67
CA GLY D 284 -4.15 9.77 -33.13
C GLY D 284 -3.50 10.97 -33.75
N TYR D 285 -2.18 11.05 -33.63
CA TYR D 285 -1.41 12.21 -34.16
C TYR D 285 -0.90 11.90 -35.52
N ALA D 286 -1.51 12.47 -36.52
CA ALA D 286 -1.08 12.15 -37.87
C ALA D 286 0.32 12.75 -38.19
N ASP D 287 0.76 13.70 -37.32
CA ASP D 287 2.02 14.43 -37.47
C ASP D 287 3.11 13.89 -36.51
N ARG D 288 2.90 12.63 -35.96
CA ARG D 288 3.96 12.05 -35.14
C ARG D 288 4.17 10.60 -35.52
N VAL D 289 5.33 10.10 -35.11
CA VAL D 289 5.56 8.68 -35.29
C VAL D 289 6.48 8.30 -34.21
N THR D 290 6.38 7.05 -33.76
CA THR D 290 7.26 6.52 -32.69
C THR D 290 7.99 5.32 -33.24
N LEU D 291 9.33 5.38 -33.17
CA LEU D 291 10.15 4.32 -33.70
C LEU D 291 10.63 3.55 -32.50
N ARG D 292 10.68 2.22 -32.56
CA ARG D 292 11.16 1.40 -31.39
C ARG D 292 12.35 0.54 -31.88
N LEU D 293 13.52 0.65 -31.27
CA LEU D 293 14.71 -0.07 -31.74
C LEU D 293 15.18 -1.03 -30.71
N ASN D 294 15.32 -2.27 -31.03
CA ASN D 294 15.82 -3.21 -30.05
C ASN D 294 17.32 -3.10 -29.95
N VAL D 295 17.87 -3.10 -28.73
CA VAL D 295 19.34 -2.99 -28.64
C VAL D 295 19.82 -4.07 -27.66
N GLU D 296 20.57 -5.03 -28.09
CA GLU D 296 21.10 -6.08 -27.25
C GLU D 296 22.38 -5.66 -26.51
N ASN D 297 22.47 -6.13 -25.24
CA ASN D 297 23.64 -5.86 -24.40
C ASN D 297 24.16 -4.46 -24.55
N PRO D 298 23.36 -3.48 -24.34
CA PRO D 298 23.88 -2.13 -24.50
C PRO D 298 24.95 -1.75 -23.46
N LYS D 299 25.88 -0.87 -23.93
CA LYS D 299 26.89 -0.27 -23.10
C LYS D 299 26.15 0.83 -22.33
N LEU D 300 26.17 0.69 -20.99
CA LEU D 300 25.42 1.60 -20.13
C LEU D 300 26.20 2.84 -19.74
N TRP D 301 25.44 3.96 -19.63
CA TRP D 301 26.03 5.22 -19.26
C TRP D 301 25.97 5.42 -17.75
N SER D 302 27.08 5.97 -17.24
CA SER D 302 27.16 6.39 -15.86
C SER D 302 28.26 7.45 -15.79
N ALA D 303 28.36 8.13 -14.66
CA ALA D 303 29.41 9.13 -14.43
C ALA D 303 30.79 8.42 -14.40
N GLU D 304 30.79 7.15 -13.96
CA GLU D 304 32.00 6.32 -13.94
C GLU D 304 32.53 6.03 -15.33
N ILE D 305 31.64 5.63 -16.26
CA ILE D 305 31.94 5.23 -17.63
C ILE D 305 30.80 5.80 -18.50
N PRO D 306 31.03 6.99 -19.02
CA PRO D 306 30.00 7.66 -19.75
C PRO D 306 29.84 7.13 -21.18
N ASN D 307 29.52 5.90 -21.28
CA ASN D 307 29.35 5.35 -22.63
C ASN D 307 28.21 6.05 -23.36
N LEU D 308 28.46 6.46 -24.64
CA LEU D 308 27.38 7.13 -25.38
C LEU D 308 27.24 6.52 -26.79
N TYR D 309 26.01 6.58 -27.31
CA TYR D 309 25.76 6.14 -28.65
C TYR D 309 25.33 7.46 -29.28
N ARG D 310 25.05 7.42 -30.62
CA ARG D 310 24.56 8.61 -31.34
C ARG D 310 23.25 8.20 -32.02
N ALA D 311 22.15 8.98 -31.79
CA ALA D 311 20.90 8.70 -32.47
C ALA D 311 20.78 9.79 -33.51
N VAL D 312 20.47 9.36 -34.74
CA VAL D 312 20.27 10.29 -35.83
C VAL D 312 18.81 10.13 -36.27
N VAL D 313 18.12 11.28 -36.32
CA VAL D 313 16.72 11.28 -36.67
C VAL D 313 16.62 11.93 -38.06
N GLU D 314 16.20 11.13 -39.04
CA GLU D 314 16.09 11.62 -40.42
C GLU D 314 14.64 11.74 -40.83
N LEU D 315 14.33 12.93 -41.38
CA LEU D 315 13.01 13.18 -41.98
C LEU D 315 13.29 13.06 -43.49
N HIS D 316 12.72 12.07 -44.19
CA HIS D 316 13.11 11.78 -45.57
C HIS D 316 11.96 11.20 -46.30
N THR D 317 12.19 10.87 -47.56
CA THR D 317 11.11 10.36 -48.37
C THR D 317 11.32 8.91 -48.53
N ALA D 318 10.26 8.22 -48.92
CA ALA D 318 10.37 6.79 -49.04
C ALA D 318 11.39 6.43 -50.08
N ASP D 319 11.50 7.24 -51.09
CA ASP D 319 12.47 6.93 -52.09
C ASP D 319 13.85 7.46 -51.89
N GLY D 320 14.13 7.87 -50.65
CA GLY D 320 15.50 8.20 -50.31
C GLY D 320 16.01 9.59 -50.27
N THR D 321 15.18 10.60 -50.45
CA THR D 321 15.76 11.91 -50.36
C THR D 321 15.67 12.42 -48.95
N LEU D 322 16.75 12.96 -48.42
CA LEU D 322 16.67 13.52 -47.05
C LEU D 322 16.11 14.91 -47.07
N ILE D 323 15.15 15.21 -46.20
CA ILE D 323 14.59 16.54 -46.04
C ILE D 323 15.43 17.26 -45.02
N GLU D 324 15.66 16.64 -43.84
CA GLU D 324 16.61 17.22 -42.89
C GLU D 324 16.83 16.12 -41.81
N ALA D 325 17.88 16.38 -40.96
CA ALA D 325 18.17 15.44 -39.89
C ALA D 325 18.48 16.22 -38.63
N GLU D 326 18.12 15.54 -37.51
CA GLU D 326 18.48 16.12 -36.21
C GLU D 326 19.20 14.94 -35.50
N ALA D 327 19.83 15.21 -34.32
CA ALA D 327 20.52 14.10 -33.69
C ALA D 327 20.86 14.40 -32.23
N CYS D 328 21.22 13.37 -31.42
CA CYS D 328 21.64 13.61 -30.08
C CYS D 328 22.54 12.48 -29.66
N ASP D 329 23.30 12.70 -28.61
CA ASP D 329 24.08 11.62 -27.97
C ASP D 329 23.10 10.90 -27.04
N VAL D 330 23.21 9.62 -26.98
CA VAL D 330 22.29 8.89 -26.14
C VAL D 330 23.08 8.12 -25.13
N GLY D 331 22.63 8.16 -23.85
CA GLY D 331 23.24 7.37 -22.77
C GLY D 331 22.20 6.37 -22.28
N PHE D 332 22.45 5.05 -22.42
CA PHE D 332 21.52 4.07 -21.91
C PHE D 332 21.72 3.97 -20.37
N ARG D 333 20.73 4.51 -19.67
CA ARG D 333 20.71 4.39 -18.23
C ARG D 333 19.25 4.48 -17.76
N GLU D 334 18.97 3.79 -16.64
CA GLU D 334 17.66 3.82 -16.01
C GLU D 334 17.88 4.50 -14.62
N VAL D 335 16.99 5.45 -14.33
CA VAL D 335 17.04 6.14 -13.04
C VAL D 335 15.73 5.77 -12.36
N ARG D 336 15.75 5.18 -11.15
CA ARG D 336 14.48 4.91 -10.50
C ARG D 336 14.70 4.92 -8.98
N ILE D 337 13.62 5.14 -8.25
CA ILE D 337 13.70 5.05 -6.81
C ILE D 337 12.92 3.79 -6.43
N GLU D 338 13.54 2.90 -5.67
CA GLU D 338 12.82 1.71 -5.29
C GLU D 338 13.21 1.33 -3.90
N ASN D 339 12.18 1.04 -3.15
CA ASN D 339 12.45 0.64 -1.76
C ASN D 339 13.21 1.73 -0.94
N GLY D 340 12.98 3.02 -1.32
CA GLY D 340 13.64 4.06 -0.56
C GLY D 340 15.01 4.49 -1.09
N LEU D 341 15.50 3.85 -2.16
CA LEU D 341 16.84 4.17 -2.67
C LEU D 341 16.79 4.64 -4.11
N LEU D 342 17.61 5.66 -4.38
CA LEU D 342 17.75 6.18 -5.77
C LEU D 342 18.76 5.26 -6.48
N LEU D 343 18.29 4.56 -7.52
CA LEU D 343 19.15 3.59 -8.25
C LEU D 343 19.49 4.07 -9.68
N LEU D 344 20.73 3.83 -10.10
CA LEU D 344 21.13 4.11 -11.47
C LEU D 344 21.57 2.75 -12.03
N ASN D 345 20.91 2.28 -13.10
CA ASN D 345 21.23 0.96 -13.65
C ASN D 345 21.18 -0.09 -12.54
N GLY D 346 20.15 0.03 -11.69
CA GLY D 346 19.90 -0.97 -10.62
C GLY D 346 20.77 -0.87 -9.39
N LYS D 347 21.77 0.04 -9.32
CA LYS D 347 22.69 0.15 -8.17
C LYS D 347 22.45 1.49 -7.47
N PRO D 348 22.56 1.50 -6.14
CA PRO D 348 22.27 2.75 -5.42
C PRO D 348 23.40 3.75 -5.54
N LEU D 349 23.06 4.98 -5.94
CA LEU D 349 24.10 5.98 -6.07
C LEU D 349 24.54 6.54 -4.72
N LEU D 350 25.74 7.09 -4.78
CA LEU D 350 26.33 7.86 -3.66
C LEU D 350 26.79 9.18 -4.33
N ILE D 351 25.94 10.19 -4.18
CA ILE D 351 26.16 11.47 -4.86
C ILE D 351 27.29 12.30 -4.19
N ARG D 352 28.39 12.46 -4.94
CA ARG D 352 29.55 13.30 -4.55
C ARG D 352 29.32 14.58 -5.39
N GLY D 353 28.36 15.41 -4.94
CA GLY D 353 27.96 16.54 -5.78
C GLY D 353 28.41 17.90 -5.33
N VAL D 354 28.23 18.84 -6.25
CA VAL D 354 28.48 20.27 -5.94
C VAL D 354 27.47 21.11 -6.65
N ASN D 355 27.04 22.21 -6.04
CA ASN D 355 26.20 23.19 -6.72
C ASN D 355 27.18 24.11 -7.47
N ARG D 356 26.84 24.46 -8.73
CA ARG D 356 27.71 25.30 -9.49
C ARG D 356 26.89 26.36 -10.19
N HIS D 357 27.19 27.63 -9.86
CA HIS D 357 26.65 28.79 -10.56
C HIS D 357 27.51 29.05 -11.81
N GLU D 358 26.94 29.80 -12.78
CA GLU D 358 27.63 30.21 -14.02
C GLU D 358 28.26 31.60 -13.75
N HIS D 359 29.56 31.55 -13.42
CA HIS D 359 30.23 32.78 -12.96
C HIS D 359 31.66 32.79 -13.45
N HIS D 360 32.10 33.99 -13.94
CA HIS D 360 33.46 34.23 -14.43
C HIS D 360 33.81 35.60 -13.88
N PRO D 361 34.97 35.75 -13.24
CA PRO D 361 35.36 37.04 -12.57
C PRO D 361 35.58 38.24 -13.50
N LEU D 362 35.80 37.94 -14.77
CA LEU D 362 35.90 38.98 -15.82
C LEU D 362 34.65 39.07 -16.67
N HIS D 363 34.04 37.95 -17.07
CA HIS D 363 32.89 38.06 -17.98
C HIS D 363 31.51 37.99 -17.31
N GLY D 364 31.47 37.83 -15.97
CA GLY D 364 30.15 37.88 -15.34
C GLY D 364 29.42 36.56 -15.45
N GLN D 365 28.27 36.59 -16.10
CA GLN D 365 27.51 35.33 -16.20
C GLN D 365 27.53 34.75 -17.56
N VAL D 366 28.48 35.23 -18.38
CA VAL D 366 28.68 34.68 -19.74
C VAL D 366 29.57 33.47 -19.59
N MET D 367 29.09 32.31 -20.08
CA MET D 367 29.89 31.08 -19.98
C MET D 367 30.55 30.75 -21.31
N ASP D 368 31.72 30.12 -21.23
CA ASP D 368 32.51 29.73 -22.37
C ASP D 368 33.01 28.32 -22.20
N GLU D 369 33.27 27.70 -23.36
CA GLU D 369 33.70 26.32 -23.33
C GLU D 369 34.94 26.07 -22.48
N GLN D 370 35.93 26.95 -22.57
CA GLN D 370 37.15 26.70 -21.84
C GLN D 370 36.91 26.67 -20.33
N THR D 371 36.10 27.61 -19.91
CA THR D 371 35.86 27.62 -18.49
C THR D 371 35.04 26.39 -18.05
N MET D 372 34.03 26.03 -18.82
CA MET D 372 33.20 24.88 -18.46
C MET D 372 34.06 23.62 -18.36
N VAL D 373 34.94 23.43 -19.38
CA VAL D 373 35.84 22.28 -19.38
C VAL D 373 36.77 22.32 -18.17
N GLN D 374 37.31 23.51 -17.88
CA GLN D 374 38.19 23.60 -16.69
C GLN D 374 37.44 23.15 -15.41
N ASP D 375 36.21 23.63 -15.27
CA ASP D 375 35.45 23.28 -14.09
C ASP D 375 35.22 21.78 -14.05
N ILE D 376 34.76 21.19 -15.15
CA ILE D 376 34.54 19.73 -15.07
C ILE D 376 35.79 18.97 -14.73
N LEU D 377 36.95 19.32 -15.38
CA LEU D 377 38.18 18.60 -15.12
C LEU D 377 38.54 18.71 -13.61
N LEU D 378 38.42 19.91 -13.05
CA LEU D 378 38.75 20.02 -11.64
C LEU D 378 37.73 19.26 -10.77
N MET D 379 36.43 19.29 -11.18
CA MET D 379 35.44 18.56 -10.37
C MET D 379 35.78 17.06 -10.35
N LYS D 380 36.01 16.51 -11.55
CA LYS D 380 36.33 15.07 -11.63
C LYS D 380 37.64 14.71 -10.89
N GLN D 381 38.64 15.63 -11.07
CA GLN D 381 39.92 15.42 -10.42
C GLN D 381 39.78 15.48 -8.92
N ASN D 382 38.76 16.12 -8.42
CA ASN D 382 38.54 16.17 -6.99
C ASN D 382 37.41 15.26 -6.48
N ASN D 383 37.16 14.16 -7.23
CA ASN D 383 36.25 13.13 -6.86
C ASN D 383 34.79 13.52 -6.78
N PHE D 384 34.39 14.55 -7.51
CA PHE D 384 33.00 14.82 -7.62
C PHE D 384 32.42 13.99 -8.79
N ASN D 385 31.15 13.54 -8.61
CA ASN D 385 30.48 12.82 -9.70
C ASN D 385 29.16 13.46 -10.12
N ALA D 386 28.80 14.64 -9.58
CA ALA D 386 27.47 15.18 -9.84
C ALA D 386 27.50 16.67 -9.59
N VAL D 387 26.56 17.33 -10.28
CA VAL D 387 26.45 18.78 -10.15
C VAL D 387 24.98 19.20 -10.19
N ARG D 388 24.66 20.19 -9.40
CA ARG D 388 23.35 20.77 -9.42
C ARG D 388 23.45 22.15 -10.07
N CYS D 389 22.52 22.38 -11.06
CA CYS D 389 22.45 23.65 -11.80
C CYS D 389 21.75 24.71 -10.88
N SER D 390 22.51 25.13 -9.79
CA SER D 390 21.91 26.12 -8.93
C SER D 390 21.89 27.45 -9.68
N HIS D 391 20.74 28.08 -9.91
CA HIS D 391 19.38 27.60 -9.64
C HIS D 391 18.58 27.95 -10.96
N TYR D 392 19.01 27.37 -12.09
CA TYR D 392 18.36 27.72 -13.33
C TYR D 392 18.99 26.83 -14.37
N PRO D 393 18.28 26.67 -15.51
CA PRO D 393 18.88 25.90 -16.64
C PRO D 393 20.20 26.57 -17.09
N ASN D 394 21.19 25.77 -17.42
CA ASN D 394 22.49 26.27 -17.81
C ASN D 394 22.64 26.48 -19.33
N HIS D 395 23.80 27.05 -19.71
CA HIS D 395 24.12 27.20 -21.10
C HIS D 395 24.07 25.80 -21.69
N PRO D 396 23.57 25.66 -22.90
CA PRO D 396 23.38 24.37 -23.52
C PRO D 396 24.59 23.48 -23.59
N LEU D 397 25.79 24.12 -23.76
CA LEU D 397 27.03 23.30 -23.88
C LEU D 397 27.34 22.53 -22.58
N TRP D 398 26.89 23.01 -21.43
CA TRP D 398 27.21 22.30 -20.16
C TRP D 398 26.72 20.85 -20.10
N TYR D 399 25.47 20.66 -20.65
CA TYR D 399 24.88 19.31 -20.65
C TYR D 399 25.60 18.35 -21.57
N THR D 400 26.02 18.93 -22.73
CA THR D 400 26.80 18.08 -23.67
C THR D 400 28.11 17.64 -22.97
N LEU D 401 28.78 18.58 -22.25
CA LEU D 401 30.01 18.21 -21.57
C LEU D 401 29.76 17.21 -20.45
N CYS D 402 28.66 17.41 -19.66
CA CYS D 402 28.35 16.44 -18.58
C CYS D 402 28.00 15.08 -19.18
N ASP D 403 27.31 15.06 -20.34
CA ASP D 403 27.03 13.79 -20.96
C ASP D 403 28.30 13.07 -21.34
N ARG D 404 29.30 13.82 -21.90
CA ARG D 404 30.51 13.20 -22.45
C ARG D 404 31.61 12.92 -21.45
N TYR D 405 31.78 13.85 -20.49
CA TYR D 405 32.81 13.61 -19.50
C TYR D 405 32.24 12.70 -18.35
N GLY D 406 30.93 12.76 -18.19
CA GLY D 406 30.30 11.93 -17.18
C GLY D 406 30.15 12.64 -15.80
N LEU D 407 29.04 13.31 -15.58
CA LEU D 407 28.64 13.84 -14.30
C LEU D 407 27.11 13.72 -14.27
N TYR D 408 26.55 13.33 -13.09
CA TYR D 408 25.10 13.28 -12.96
C TYR D 408 24.63 14.71 -12.75
N VAL D 409 23.58 15.12 -13.44
CA VAL D 409 23.10 16.50 -13.34
C VAL D 409 21.67 16.60 -12.78
N VAL D 410 21.47 17.62 -11.87
CA VAL D 410 20.16 17.99 -11.40
C VAL D 410 19.87 19.27 -12.22
N ASP D 411 18.87 19.22 -13.14
CA ASP D 411 18.51 20.38 -13.98
C ASP D 411 17.36 21.08 -13.22
N GLU D 412 17.51 22.38 -13.02
CA GLU D 412 16.62 23.11 -12.17
C GLU D 412 15.96 24.31 -12.84
N ALA D 413 14.65 24.42 -12.65
CA ALA D 413 13.93 25.49 -13.28
C ALA D 413 14.32 26.82 -12.70
N ASN D 414 14.26 27.86 -13.57
CA ASN D 414 14.65 29.24 -13.09
C ASN D 414 13.53 29.95 -12.32
N ILE D 415 13.26 29.43 -11.12
CA ILE D 415 12.21 30.00 -10.30
C ILE D 415 12.74 30.11 -8.88
N GLU D 416 13.00 31.32 -8.42
CA GLU D 416 13.40 31.48 -7.02
C GLU D 416 12.72 32.76 -6.54
N THR D 417 11.89 32.67 -5.49
CA THR D 417 11.17 33.84 -4.93
C THR D 417 11.50 34.05 -3.43
N HIS D 418 12.78 33.89 -3.09
CA HIS D 418 13.23 33.90 -1.71
C HIS D 418 12.80 35.11 -0.94
N GLY D 419 12.88 36.26 -1.56
CA GLY D 419 12.56 37.50 -0.84
C GLY D 419 11.10 37.77 -0.53
N MET D 420 10.17 36.91 -0.97
CA MET D 420 8.75 37.15 -0.65
C MET D 420 8.55 36.84 0.81
N VAL D 421 7.46 37.36 1.36
CA VAL D 421 7.10 37.07 2.75
C VAL D 421 5.61 36.69 2.72
N PRO D 422 5.26 35.43 3.08
CA PRO D 422 6.18 34.31 3.40
C PRO D 422 6.79 33.87 2.06
N MET D 423 7.70 32.91 2.08
CA MET D 423 8.39 32.58 0.83
C MET D 423 7.45 32.04 -0.26
N ASN D 424 6.31 31.40 0.09
CA ASN D 424 5.46 30.88 -1.01
C ASN D 424 4.38 31.85 -1.45
N ARG D 425 4.53 33.15 -1.16
CA ARG D 425 3.43 34.06 -1.52
C ARG D 425 3.00 33.99 -3.01
N LEU D 426 4.02 33.93 -3.91
CA LEU D 426 3.71 33.78 -5.33
C LEU D 426 3.42 32.31 -5.78
N THR D 427 4.21 31.39 -5.25
CA THR D 427 4.07 29.99 -5.61
C THR D 427 2.82 29.31 -5.16
N ASP D 428 2.14 29.92 -4.17
CA ASP D 428 0.82 29.41 -3.75
C ASP D 428 -0.33 30.14 -4.46
N ASP D 429 -0.01 31.12 -5.31
CA ASP D 429 -1.06 31.91 -5.96
C ASP D 429 -1.31 31.46 -7.40
N PRO D 430 -2.54 31.06 -7.69
CA PRO D 430 -2.86 30.55 -9.00
C PRO D 430 -2.60 31.53 -10.09
N ARG D 431 -2.56 32.81 -9.76
CA ARG D 431 -2.29 33.71 -10.85
C ARG D 431 -0.89 33.61 -11.39
N TRP D 432 0.02 33.06 -10.63
CA TRP D 432 1.39 33.00 -11.08
C TRP D 432 1.69 31.57 -11.62
N LEU D 433 0.68 30.70 -11.65
CA LEU D 433 0.96 29.34 -12.16
C LEU D 433 1.45 29.40 -13.63
N PRO D 434 0.82 30.24 -14.46
CA PRO D 434 1.20 30.31 -15.89
C PRO D 434 2.66 30.61 -16.09
N ALA D 435 3.09 31.73 -15.42
CA ALA D 435 4.51 32.13 -15.49
C ALA D 435 5.47 31.05 -14.95
N MET D 436 5.11 30.48 -13.78
CA MET D 436 5.97 29.42 -13.28
C MET D 436 6.01 28.23 -14.26
N SER D 437 4.77 27.84 -14.75
CA SER D 437 4.70 26.65 -15.58
C SER D 437 5.67 26.68 -16.77
N GLU D 438 5.81 27.85 -17.39
CA GLU D 438 6.74 27.96 -18.52
C GLU D 438 8.20 27.76 -18.15
N ARG D 439 8.52 28.15 -16.89
CA ARG D 439 9.92 27.98 -16.49
C ARG D 439 10.27 26.48 -16.33
N VAL D 440 9.25 25.70 -15.88
CA VAL D 440 9.47 24.27 -15.75
C VAL D 440 9.31 23.58 -17.13
N THR D 441 8.21 23.79 -17.80
CA THR D 441 7.94 23.03 -19.03
C THR D 441 8.93 23.27 -20.13
N ARG D 442 9.33 24.53 -20.30
CA ARG D 442 10.29 24.82 -21.39
C ARG D 442 11.68 24.22 -21.12
N MET D 443 12.00 24.06 -19.81
CA MET D 443 13.28 23.43 -19.44
C MET D 443 13.22 21.95 -19.80
N VAL D 444 12.12 21.29 -19.45
CA VAL D 444 12.02 19.85 -19.76
C VAL D 444 12.01 19.67 -21.28
N GLN D 445 11.31 20.51 -22.00
CA GLN D 445 11.27 20.36 -23.46
C GLN D 445 12.65 20.49 -24.09
N ARG D 446 13.53 21.32 -23.47
CA ARG D 446 14.87 21.53 -24.04
C ARG D 446 15.82 20.45 -23.69
N ASP D 447 15.77 20.03 -22.40
CA ASP D 447 16.83 19.15 -21.86
C ASP D 447 16.54 17.65 -21.67
N ARG D 448 15.29 17.21 -21.99
CA ARG D 448 14.87 15.85 -21.73
C ARG D 448 15.67 14.72 -22.40
N ASN D 449 16.43 15.03 -23.45
CA ASN D 449 17.14 13.95 -24.06
C ASN D 449 18.56 13.83 -23.58
N HIS D 450 19.00 14.68 -22.63
CA HIS D 450 20.41 14.56 -22.16
C HIS D 450 20.57 13.45 -21.13
N PRO D 451 21.44 12.46 -21.36
CA PRO D 451 21.53 11.35 -20.35
C PRO D 451 22.07 11.88 -19.02
N SER D 452 22.91 12.94 -19.12
CA SER D 452 23.51 13.40 -17.83
C SER D 452 22.42 13.90 -16.85
N VAL D 453 21.30 14.42 -17.37
CA VAL D 453 20.28 14.89 -16.45
C VAL D 453 19.58 13.65 -15.85
N ILE D 454 19.67 13.47 -14.53
CA ILE D 454 19.06 12.36 -13.91
C ILE D 454 17.89 12.73 -12.99
N ILE D 455 17.77 14.01 -12.63
CA ILE D 455 16.75 14.46 -11.70
C ILE D 455 16.35 15.86 -12.11
N TRP D 456 15.06 16.12 -12.07
CA TRP D 456 14.55 17.43 -12.38
C TRP D 456 14.27 18.17 -11.04
N SER D 457 14.53 19.49 -11.00
CA SER D 457 14.23 20.26 -9.81
C SER D 457 13.27 21.40 -10.18
N LEU D 458 12.28 21.68 -9.33
CA LEU D 458 11.28 22.72 -9.58
C LEU D 458 11.73 24.13 -9.28
N GLY D 459 12.98 24.34 -8.93
CA GLY D 459 13.40 25.68 -8.63
C GLY D 459 14.09 25.68 -7.23
N ASN D 460 14.15 26.86 -6.60
CA ASN D 460 14.82 26.91 -5.29
C ASN D 460 14.18 28.00 -4.44
N GLU D 461 14.22 27.78 -3.11
CA GLU D 461 13.83 28.80 -2.16
C GLU D 461 12.65 29.66 -2.62
N SER D 462 11.52 28.94 -2.82
CA SER D 462 10.26 29.59 -3.19
C SER D 462 9.11 29.06 -2.28
N GLY D 463 9.46 28.59 -1.06
CA GLY D 463 8.48 28.04 -0.14
C GLY D 463 7.87 26.80 -0.79
N HIS D 464 6.73 26.36 -0.31
CA HIS D 464 5.98 25.26 -0.98
C HIS D 464 4.53 25.80 -1.27
N GLY D 465 4.17 25.90 -2.56
CA GLY D 465 2.86 26.36 -2.97
C GLY D 465 2.19 25.30 -3.84
N ALA D 466 0.88 25.42 -3.96
CA ALA D 466 0.11 24.44 -4.81
C ALA D 466 0.63 24.45 -6.28
N ASN D 467 1.25 25.58 -6.73
CA ASN D 467 1.80 25.60 -8.09
C ASN D 467 2.93 24.54 -8.19
N HIS D 468 3.63 24.32 -7.08
CA HIS D 468 4.69 23.32 -7.11
C HIS D 468 4.09 21.97 -7.25
N ASP D 469 2.97 21.71 -6.54
CA ASP D 469 2.43 20.36 -6.67
C ASP D 469 1.95 20.09 -8.14
N ALA D 470 1.32 21.12 -8.70
CA ALA D 470 0.83 20.96 -10.07
C ALA D 470 1.97 20.68 -11.01
N LEU D 471 3.09 21.40 -10.86
CA LEU D 471 4.24 21.21 -11.78
C LEU D 471 5.00 19.91 -11.61
N TYR D 472 5.06 19.51 -10.32
CA TYR D 472 5.64 18.19 -9.97
C TYR D 472 4.86 17.12 -10.79
N ARG D 473 3.52 17.22 -10.67
CA ARG D 473 2.70 16.23 -11.37
C ARG D 473 2.84 16.30 -12.91
N TRP D 474 2.97 17.52 -13.46
CA TRP D 474 3.14 17.68 -14.87
C TRP D 474 4.40 16.93 -15.28
N ILE D 475 5.50 17.13 -14.58
CA ILE D 475 6.75 16.43 -14.94
C ILE D 475 6.60 14.90 -14.82
N LYS D 476 6.01 14.44 -13.75
CA LYS D 476 5.88 13.01 -13.58
C LYS D 476 5.08 12.41 -14.70
N SER D 477 4.10 13.15 -15.23
CA SER D 477 3.30 12.63 -16.34
C SER D 477 4.07 12.66 -17.64
N VAL D 478 4.74 13.76 -17.98
CA VAL D 478 5.39 13.79 -19.28
C VAL D 478 6.71 13.00 -19.36
N ASP D 479 7.39 12.82 -18.23
CA ASP D 479 8.70 12.19 -18.23
C ASP D 479 8.86 11.34 -17.00
N PRO D 480 8.38 10.16 -17.10
CA PRO D 480 8.47 9.20 -16.02
C PRO D 480 9.93 8.70 -15.78
N SER D 481 10.87 9.02 -16.64
CA SER D 481 12.20 8.45 -16.46
C SER D 481 13.12 9.07 -15.39
N ARG D 482 12.71 10.22 -14.82
CA ARG D 482 13.57 10.87 -13.84
C ARG D 482 12.76 11.32 -12.63
N PRO D 483 13.34 11.14 -11.44
CA PRO D 483 12.68 11.64 -10.25
C PRO D 483 12.62 13.18 -10.30
N VAL D 484 11.67 13.72 -9.51
CA VAL D 484 11.56 15.17 -9.38
C VAL D 484 11.86 15.53 -7.94
N GLN D 485 12.67 16.54 -7.73
CA GLN D 485 12.89 16.95 -6.34
C GLN D 485 12.63 18.47 -6.18
N TYR D 486 12.45 18.96 -4.93
CA TYR D 486 12.30 20.37 -4.65
C TYR D 486 12.41 20.46 -3.14
N GLU D 487 13.22 21.45 -2.68
CA GLU D 487 13.47 21.55 -1.25
C GLU D 487 12.55 22.47 -0.51
N GLY D 488 11.89 23.37 -1.23
CA GLY D 488 11.07 24.43 -0.59
C GLY D 488 10.01 23.94 0.38
N GLY D 489 9.73 24.75 1.40
CA GLY D 489 8.68 24.33 2.27
C GLY D 489 8.97 23.18 3.22
N GLY D 490 10.25 22.88 3.47
CA GLY D 490 10.50 21.83 4.49
C GLY D 490 11.24 20.64 3.95
N ALA D 491 11.55 20.64 2.65
CA ALA D 491 12.40 19.62 2.03
C ALA D 491 11.81 18.21 1.87
N ASP D 492 10.61 17.97 2.40
CA ASP D 492 10.02 16.63 2.33
C ASP D 492 8.53 16.74 2.03
N THR D 493 8.18 17.78 1.27
CA THR D 493 6.78 18.01 0.89
C THR D 493 6.26 17.04 -0.17
N THR D 494 4.98 17.18 -0.55
CA THR D 494 4.39 16.31 -1.60
C THR D 494 4.92 16.65 -2.97
N ALA D 495 5.81 17.67 -3.08
CA ALA D 495 6.37 18.05 -4.38
C ALA D 495 7.79 17.52 -4.60
N THR D 496 8.19 16.53 -3.78
CA THR D 496 9.57 16.01 -4.00
C THR D 496 9.63 14.48 -3.84
N ASP D 497 10.32 13.76 -4.75
CA ASP D 497 10.51 12.32 -4.59
C ASP D 497 11.73 11.98 -3.69
N ILE D 498 12.55 13.03 -3.34
CA ILE D 498 13.77 12.85 -2.53
C ILE D 498 13.75 13.85 -1.37
N ILE D 499 14.09 13.41 -0.16
CA ILE D 499 14.15 14.39 0.93
C ILE D 499 15.42 15.14 0.62
N CYS D 500 15.32 16.43 0.37
CA CYS D 500 16.51 17.14 -0.11
C CYS D 500 16.84 18.44 0.53
N PRO D 501 17.07 18.35 1.83
CA PRO D 501 17.25 19.57 2.62
C PRO D 501 18.52 20.30 2.26
N MET D 502 18.54 21.57 2.75
CA MET D 502 19.77 22.41 2.62
C MET D 502 20.31 22.70 4.05
N TYR D 503 21.57 22.30 4.28
CA TYR D 503 22.25 22.57 5.53
C TYR D 503 21.65 21.83 6.72
N ALA D 504 20.97 20.70 6.51
CA ALA D 504 20.56 19.93 7.68
C ALA D 504 21.86 19.31 8.16
N ARG D 505 22.08 19.21 9.51
CA ARG D 505 23.33 18.68 10.13
C ARG D 505 23.25 17.20 10.29
N VAL D 506 24.37 16.58 10.57
CA VAL D 506 24.38 15.14 10.62
C VAL D 506 23.67 14.56 11.80
N ASP D 507 24.07 15.04 12.99
CA ASP D 507 23.49 14.52 14.23
C ASP D 507 22.60 15.53 14.96
N GLU D 508 22.76 16.82 14.66
CA GLU D 508 22.05 17.86 15.40
C GLU D 508 20.78 18.30 14.74
N ASP D 509 19.65 18.22 15.48
CA ASP D 509 18.36 18.71 14.98
C ASP D 509 18.31 20.22 15.14
N GLN D 510 17.60 20.89 14.24
CA GLN D 510 17.37 22.38 14.32
C GLN D 510 15.86 22.47 14.05
N PRO D 511 15.12 22.35 15.12
CA PRO D 511 13.66 22.22 14.97
C PRO D 511 12.93 23.53 14.76
N PHE D 512 13.24 24.22 13.66
CA PHE D 512 12.55 25.48 13.31
C PHE D 512 11.11 25.18 13.13
N PRO D 513 10.28 26.10 13.56
CA PRO D 513 8.86 25.93 13.38
C PRO D 513 8.54 25.85 11.86
N ALA D 514 7.61 24.94 11.56
CA ALA D 514 7.08 24.74 10.26
C ALA D 514 8.01 24.02 9.33
N VAL D 515 9.25 24.43 9.34
CA VAL D 515 10.22 23.91 8.39
C VAL D 515 11.49 23.50 9.16
N PRO D 516 11.37 22.55 10.05
CA PRO D 516 12.55 22.08 10.83
C PRO D 516 13.58 21.42 9.89
N LYS D 517 14.85 21.53 10.30
CA LYS D 517 15.99 20.90 9.60
C LYS D 517 16.40 19.80 10.59
N TRP D 518 15.81 18.60 10.44
CA TRP D 518 16.19 17.48 11.35
C TRP D 518 17.61 16.98 11.03
N SER D 519 18.29 16.33 12.00
CA SER D 519 19.54 15.61 11.74
C SER D 519 19.13 14.68 10.57
N ILE D 520 20.05 14.56 9.58
CA ILE D 520 19.69 13.72 8.44
C ILE D 520 19.49 12.26 8.81
N LYS D 521 20.20 11.77 9.78
CA LYS D 521 20.00 10.38 10.17
C LYS D 521 18.61 10.19 10.75
N LYS D 522 18.16 11.20 11.56
CA LYS D 522 16.84 11.09 12.17
C LYS D 522 15.72 11.28 11.12
N TRP D 523 15.97 12.16 10.15
CA TRP D 523 14.95 12.53 9.19
C TRP D 523 14.50 11.29 8.50
N LEU D 524 15.45 10.45 8.09
CA LEU D 524 15.09 9.25 7.33
C LEU D 524 14.04 8.38 7.96
N SER D 525 14.13 8.31 9.27
CA SER D 525 13.25 7.39 9.96
C SER D 525 11.99 7.99 10.62
N LEU D 526 11.67 9.25 10.30
CA LEU D 526 10.45 9.79 10.87
C LEU D 526 9.26 8.86 10.50
N PRO D 527 8.26 8.83 11.41
CA PRO D 527 7.09 7.97 11.20
C PRO D 527 6.53 8.14 9.79
N GLY D 528 6.43 7.00 9.14
CA GLY D 528 5.91 6.90 7.78
C GLY D 528 6.87 7.30 6.67
N GLU D 529 8.05 7.84 7.00
CA GLU D 529 8.93 8.27 5.90
C GLU D 529 9.70 7.14 5.26
N THR D 530 9.83 7.15 3.93
CA THR D 530 10.55 6.08 3.25
C THR D 530 11.47 6.54 2.14
N ARG D 531 11.45 7.85 1.80
CA ARG D 531 12.26 8.32 0.63
C ARG D 531 13.78 8.37 0.94
N PRO D 532 14.54 8.42 -0.16
CA PRO D 532 15.97 8.60 -0.01
C PRO D 532 16.22 10.07 0.37
N LEU D 533 17.41 10.32 0.96
CA LEU D 533 17.75 11.73 1.35
C LEU D 533 19.08 12.08 0.70
N ILE D 534 19.07 13.16 -0.08
CA ILE D 534 20.29 13.65 -0.72
C ILE D 534 20.20 15.18 -0.52
N LEU D 535 21.16 15.78 0.24
CA LEU D 535 21.05 17.24 0.46
C LEU D 535 21.22 18.04 -0.79
N CYS D 536 20.34 18.97 -1.06
CA CYS D 536 20.53 19.74 -2.25
C CYS D 536 21.65 20.75 -2.01
N GLN D 537 21.92 21.12 -0.75
CA GLN D 537 23.05 22.01 -0.47
C GLN D 537 23.56 21.61 0.93
N TYR D 538 24.88 21.41 1.06
CA TYR D 538 25.41 21.13 2.42
C TYR D 538 26.84 21.62 2.51
N ALA D 539 27.32 21.79 3.73
CA ALA D 539 28.66 22.36 3.89
C ALA D 539 29.04 23.66 3.11
C ALA D 539 28.36 23.80 3.32
N HIS D 540 28.68 24.77 3.71
N HIS D 540 29.12 24.78 3.71
CA HIS D 540 28.87 26.14 3.21
C HIS D 540 30.31 26.66 3.19
N ALA D 541 30.91 26.59 2.00
CA ALA D 541 32.33 26.81 1.87
C ALA D 541 32.78 28.28 1.80
N MET D 542 32.20 29.08 2.67
CA MET D 542 32.50 30.50 2.71
C MET D 542 33.74 30.80 3.59
N GLY D 543 34.79 31.29 2.91
CA GLY D 543 36.06 31.58 3.61
C GLY D 543 36.69 30.29 4.16
N ASN D 544 37.28 30.39 5.37
CA ASN D 544 37.94 29.25 5.96
C ASN D 544 36.84 28.36 6.59
N SER D 545 36.43 27.36 5.78
CA SER D 545 35.26 26.54 6.17
C SER D 545 35.43 25.09 5.78
N LEU D 546 34.32 24.35 5.74
CA LEU D 546 34.37 22.86 5.53
C LEU D 546 34.70 22.11 6.82
N GLY D 547 34.66 22.83 7.95
CA GLY D 547 34.83 22.10 9.20
C GLY D 547 33.67 21.12 9.39
N GLY D 548 33.95 19.88 9.83
CA GLY D 548 32.85 18.92 9.98
C GLY D 548 32.50 18.15 8.69
N PHE D 549 33.28 18.37 7.61
CA PHE D 549 32.95 17.71 6.35
C PHE D 549 32.99 16.18 6.48
N ALA D 550 34.01 15.66 7.18
CA ALA D 550 34.09 14.22 7.33
C ALA D 550 32.88 13.56 8.02
N LYS D 551 32.19 14.34 8.86
CA LYS D 551 31.02 13.81 9.57
C LYS D 551 29.90 13.45 8.55
N TYR D 552 29.76 14.29 7.49
CA TYR D 552 28.75 13.93 6.53
C TYR D 552 29.08 12.59 5.86
N TRP D 553 30.34 12.46 5.38
CA TRP D 553 30.79 11.30 4.63
C TRP D 553 30.66 10.02 5.39
N GLN D 554 31.03 10.08 6.67
CA GLN D 554 30.87 8.89 7.50
C GLN D 554 29.38 8.44 7.54
N ALA D 555 28.50 9.43 7.67
CA ALA D 555 27.04 9.11 7.72
C ALA D 555 26.53 8.55 6.38
N PHE D 556 26.95 9.22 5.30
CA PHE D 556 26.49 8.76 4.00
C PHE D 556 26.94 7.33 3.79
N ARG D 557 28.17 6.98 4.22
CA ARG D 557 28.62 5.58 3.98
C ARG D 557 27.90 4.55 4.85
N GLN D 558 27.56 4.99 6.07
CA GLN D 558 26.91 4.03 7.00
C GLN D 558 25.43 3.79 6.70
N TYR D 559 24.69 4.80 6.24
CA TYR D 559 23.24 4.70 6.04
C TYR D 559 22.91 4.57 4.56
N PRO D 560 22.33 3.45 4.18
CA PRO D 560 21.99 3.27 2.80
C PRO D 560 21.23 4.42 2.17
N ARG D 561 20.14 4.83 2.87
CA ARG D 561 19.26 5.90 2.41
C ARG D 561 19.85 7.31 2.45
N LEU D 562 20.99 7.49 3.13
CA LEU D 562 21.68 8.79 3.03
C LEU D 562 22.55 8.62 1.75
N GLN D 563 22.10 9.18 0.59
CA GLN D 563 22.84 8.95 -0.63
C GLN D 563 23.67 10.14 -1.10
N GLY D 564 24.13 10.95 -0.14
CA GLY D 564 25.04 12.05 -0.45
C GLY D 564 24.45 13.46 -0.46
N GLY D 565 25.00 14.32 -1.32
CA GLY D 565 24.48 15.68 -1.35
C GLY D 565 25.36 16.51 -2.33
N PHE D 566 24.99 17.80 -2.44
CA PHE D 566 25.70 18.73 -3.29
C PHE D 566 26.31 19.82 -2.41
N VAL D 567 27.66 19.91 -2.42
CA VAL D 567 28.29 20.92 -1.57
C VAL D 567 27.89 22.33 -2.01
N TRP D 568 27.82 23.27 -1.07
CA TRP D 568 27.55 24.66 -1.40
C TRP D 568 28.82 25.47 -1.20
N ASP D 569 29.53 25.96 -2.25
CA ASP D 569 29.26 25.69 -3.63
C ASP D 569 30.62 25.62 -4.40
N TRP D 570 30.55 25.57 -5.74
CA TRP D 570 31.80 25.35 -6.46
C TRP D 570 32.73 26.53 -6.50
N VAL D 571 32.22 27.67 -7.00
CA VAL D 571 33.15 28.75 -7.21
C VAL D 571 32.68 30.08 -6.60
N ASP D 572 33.64 30.81 -5.96
CA ASP D 572 33.36 32.15 -5.40
C ASP D 572 32.88 33.10 -6.48
N GLN D 573 31.81 33.82 -6.14
CA GLN D 573 31.29 34.82 -7.10
C GLN D 573 31.95 36.19 -6.83
N SER D 574 33.27 36.23 -6.95
CA SER D 574 33.91 37.55 -6.74
C SER D 574 34.08 38.13 -8.14
N LEU D 575 34.19 39.49 -8.27
CA LEU D 575 34.38 40.09 -9.57
C LEU D 575 35.69 40.89 -9.56
N ILE D 576 36.37 41.03 -10.68
CA ILE D 576 37.62 41.81 -10.68
C ILE D 576 37.38 43.29 -10.84
N LYS D 577 38.04 44.09 -10.01
CA LYS D 577 38.07 45.54 -10.06
C LYS D 577 39.55 45.90 -10.26
N TYR D 578 39.83 47.14 -10.67
CA TYR D 578 41.24 47.49 -10.91
C TYR D 578 41.61 48.62 -9.99
N ASP D 579 42.82 48.63 -9.37
CA ASP D 579 43.10 49.79 -8.50
C ASP D 579 43.64 50.96 -9.30
N GLU D 580 44.10 51.98 -8.62
CA GLU D 580 44.63 53.14 -9.35
C GLU D 580 45.70 52.83 -10.40
N ASN D 581 46.55 51.84 -10.08
CA ASN D 581 47.67 51.31 -10.87
C ASN D 581 47.31 50.31 -12.00
N GLY D 582 46.01 50.04 -12.06
CA GLY D 582 45.49 49.13 -13.04
C GLY D 582 45.65 47.71 -12.58
N ASN D 583 45.98 47.56 -11.29
CA ASN D 583 46.15 46.27 -10.65
C ASN D 583 44.78 45.82 -10.23
N PRO D 584 44.51 44.61 -10.64
CA PRO D 584 43.21 44.03 -10.37
C PRO D 584 43.12 43.47 -8.94
N TRP D 585 41.90 43.46 -8.47
CA TRP D 585 41.65 42.89 -7.19
C TRP D 585 40.25 42.26 -7.16
N SER D 586 40.03 41.32 -6.23
CA SER D 586 38.75 40.62 -6.12
C SER D 586 37.77 41.40 -5.30
N ALA D 587 36.61 41.74 -5.89
CA ALA D 587 35.54 42.50 -5.27
C ALA D 587 34.28 41.65 -4.93
N TYR D 588 33.58 42.08 -3.85
CA TYR D 588 32.38 41.46 -3.42
C TYR D 588 31.26 42.47 -3.26
N GLY D 589 30.17 42.09 -2.60
CA GLY D 589 29.01 42.95 -2.46
C GLY D 589 29.36 44.29 -1.86
N GLY D 590 28.74 45.30 -2.48
CA GLY D 590 28.95 46.69 -2.05
C GLY D 590 30.13 47.38 -2.75
N ASP D 591 31.03 46.62 -3.37
CA ASP D 591 32.21 47.17 -3.98
C ASP D 591 31.92 47.93 -5.26
N PHE D 592 30.66 47.94 -5.68
CA PHE D 592 30.33 48.67 -6.91
C PHE D 592 29.38 49.80 -6.52
N GLY D 593 29.23 50.13 -5.21
CA GLY D 593 28.28 51.18 -4.80
C GLY D 593 26.88 50.62 -4.62
N ASP D 594 26.74 49.31 -4.91
CA ASP D 594 25.44 48.62 -4.81
C ASP D 594 24.98 48.55 -3.36
N THR D 595 23.77 49.00 -3.11
CA THR D 595 23.25 48.89 -1.77
C THR D 595 21.73 49.03 -1.79
N PRO D 596 21.03 48.25 -0.93
CA PRO D 596 21.65 47.30 0.05
C PRO D 596 22.46 46.21 -0.63
N ASN D 597 23.40 45.60 0.11
CA ASN D 597 24.17 44.48 -0.49
C ASN D 597 24.45 43.44 0.59
N ASP D 598 24.90 42.25 0.22
CA ASP D 598 25.17 41.21 1.23
C ASP D 598 26.67 40.85 1.31
N ARG D 599 27.50 41.93 1.11
CA ARG D 599 28.94 41.86 1.30
C ARG D 599 29.61 40.55 0.80
N GLN D 600 30.40 39.85 1.61
CA GLN D 600 31.10 38.70 1.07
C GLN D 600 30.29 37.40 0.98
N PHE D 601 28.95 37.46 1.21
CA PHE D 601 28.12 36.21 1.10
C PHE D 601 28.06 35.64 -0.31
N CYS D 602 28.57 36.37 -1.32
CA CYS D 602 28.63 35.84 -2.66
C CYS D 602 29.83 34.92 -2.84
N MET D 603 30.74 34.79 -1.82
CA MET D 603 31.94 33.96 -1.98
C MET D 603 31.79 32.72 -1.13
N ASN D 604 31.35 31.61 -1.76
CA ASN D 604 31.11 30.40 -0.97
C ASN D 604 31.75 29.19 -1.60
N GLY D 605 32.72 29.40 -2.50
CA GLY D 605 33.26 28.31 -3.27
C GLY D 605 34.40 27.54 -2.72
N LEU D 606 34.47 26.30 -3.24
CA LEU D 606 35.58 25.46 -2.97
C LEU D 606 36.78 26.04 -3.78
N VAL D 607 36.51 26.81 -4.85
CA VAL D 607 37.62 27.35 -5.58
C VAL D 607 37.43 28.84 -5.66
N PHE D 608 38.52 29.63 -5.74
CA PHE D 608 38.46 31.08 -5.97
C PHE D 608 37.86 31.28 -7.37
N ALA D 609 37.40 32.52 -7.68
CA ALA D 609 36.82 32.82 -9.00
C ALA D 609 37.73 32.45 -10.16
N ASP D 610 39.05 32.51 -9.99
CA ASP D 610 39.90 32.19 -11.10
C ASP D 610 40.19 30.72 -11.14
N ARG D 611 39.49 29.93 -10.33
CA ARG D 611 39.68 28.45 -10.34
C ARG D 611 40.85 27.89 -9.56
N THR D 612 41.56 28.75 -8.80
CA THR D 612 42.64 28.32 -7.87
C THR D 612 41.89 27.66 -6.69
N PRO D 613 42.33 26.53 -6.19
CA PRO D 613 41.58 25.94 -5.11
C PRO D 613 41.72 26.64 -3.79
N HIS D 614 40.70 26.56 -2.97
CA HIS D 614 40.80 26.97 -1.59
C HIS D 614 41.31 25.64 -0.91
N PRO D 615 41.88 25.72 0.31
CA PRO D 615 42.32 24.50 1.00
C PRO D 615 41.20 23.48 1.18
N ALA D 616 39.97 23.95 1.39
CA ALA D 616 38.84 22.99 1.58
C ALA D 616 38.67 21.97 0.45
N LEU D 617 39.09 22.32 -0.75
CA LEU D 617 38.88 21.38 -1.84
C LEU D 617 39.57 20.06 -1.59
N THR D 618 40.76 20.05 -0.97
CA THR D 618 41.42 18.70 -0.78
C THR D 618 40.68 17.90 0.27
N GLU D 619 40.07 18.59 1.23
CA GLU D 619 39.27 17.90 2.25
C GLU D 619 38.14 17.23 1.47
N ALA D 620 37.47 17.93 0.57
CA ALA D 620 36.37 17.31 -0.18
C ALA D 620 36.92 16.14 -1.00
N LYS D 621 38.06 16.35 -1.71
CA LYS D 621 38.61 15.26 -2.52
C LYS D 621 38.85 13.99 -1.70
N HIS D 622 39.42 14.13 -0.52
CA HIS D 622 39.73 12.95 0.30
C HIS D 622 38.48 12.18 0.83
N GLN D 623 37.49 12.99 1.38
CA GLN D 623 36.32 12.38 1.95
C GLN D 623 35.49 11.73 0.85
N GLN D 624 35.60 12.30 -0.39
CA GLN D 624 34.84 11.77 -1.54
C GLN D 624 35.59 10.62 -2.34
N GLN D 625 36.70 10.12 -1.76
CA GLN D 625 37.45 9.06 -2.44
C GLN D 625 36.53 7.89 -2.72
N PHE D 626 36.88 7.10 -3.76
CA PHE D 626 36.14 5.96 -4.24
C PHE D 626 36.73 4.64 -3.76
N PHE D 627 37.86 4.71 -3.03
CA PHE D 627 38.52 3.51 -2.42
C PHE D 627 38.59 3.76 -0.92
N GLN D 628 38.16 2.73 -0.16
CA GLN D 628 38.20 2.78 1.32
C GLN D 628 39.22 1.75 1.78
N PHE D 629 39.84 2.04 2.94
CA PHE D 629 40.86 1.13 3.37
C PHE D 629 40.78 0.79 4.81
N ARG D 630 41.22 -0.41 5.14
CA ARG D 630 41.32 -0.80 6.55
C ARG D 630 42.70 -1.49 6.69
N LEU D 631 43.37 -1.48 7.87
CA LEU D 631 44.67 -2.10 8.04
C LEU D 631 44.61 -3.08 9.19
N SER D 632 45.21 -4.22 8.94
CA SER D 632 45.32 -5.29 9.94
C SER D 632 46.65 -5.98 9.83
N GLY D 633 47.55 -5.64 10.74
CA GLY D 633 48.84 -6.26 10.67
C GLY D 633 49.53 -5.77 9.44
N GLN D 634 49.89 -6.70 8.57
CA GLN D 634 50.52 -6.13 7.41
C GLN D 634 49.68 -6.23 6.17
N THR D 635 48.39 -6.35 6.46
CA THR D 635 47.44 -6.46 5.39
C THR D 635 46.64 -5.19 5.27
N ILE D 636 46.64 -4.68 4.05
CA ILE D 636 45.78 -3.53 3.79
C ILE D 636 44.59 -4.11 3.02
N GLU D 637 43.35 -3.77 3.44
CA GLU D 637 42.12 -4.17 2.76
C GLU D 637 41.59 -2.96 1.97
N VAL D 638 41.49 -3.12 0.63
CA VAL D 638 40.99 -2.02 -0.20
C VAL D 638 39.59 -2.38 -0.65
N THR D 639 38.67 -1.46 -0.42
CA THR D 639 37.30 -1.70 -0.86
C THR D 639 36.96 -0.63 -1.93
N SER D 640 36.34 -1.11 -3.00
CA SER D 640 35.94 -0.19 -4.09
C SER D 640 34.49 0.30 -3.89
N GLU D 641 34.28 1.62 -4.04
CA GLU D 641 32.96 2.20 -3.96
C GLU D 641 32.37 2.44 -5.36
N TYR D 642 33.13 2.03 -6.38
CA TYR D 642 32.57 2.16 -7.73
C TYR D 642 31.41 1.16 -7.87
N LEU D 643 30.41 1.50 -8.68
CA LEU D 643 29.30 0.58 -8.84
C LEU D 643 29.40 -0.23 -10.11
N PHE D 644 30.16 0.34 -11.09
CA PHE D 644 30.12 -0.23 -12.41
C PHE D 644 31.47 -0.61 -13.01
N ARG D 645 32.49 0.10 -12.65
CA ARG D 645 33.79 -0.20 -13.25
C ARG D 645 34.75 -0.90 -12.31
N HIS D 646 35.60 -1.67 -12.98
CA HIS D 646 36.68 -2.37 -12.30
C HIS D 646 37.81 -1.35 -12.15
N SER D 647 38.75 -1.57 -11.23
CA SER D 647 39.85 -0.59 -11.04
C SER D 647 40.93 -0.79 -12.11
N ASP D 648 40.56 -0.55 -13.37
CA ASP D 648 41.46 -0.77 -14.47
C ASP D 648 42.42 0.36 -14.80
N ASN D 649 42.57 1.34 -13.92
CA ASN D 649 43.57 2.36 -14.17
C ASN D 649 44.02 2.83 -12.80
N GLU D 650 44.48 1.86 -12.04
CA GLU D 650 44.90 2.18 -10.71
C GLU D 650 45.94 1.17 -10.21
N LEU D 651 46.75 1.79 -9.43
CA LEU D 651 47.73 1.15 -8.63
C LEU D 651 47.91 1.83 -7.31
N LEU D 652 48.28 1.00 -6.33
CA LEU D 652 48.54 1.46 -4.98
C LEU D 652 50.04 1.62 -4.67
N HIS D 653 50.39 2.82 -4.18
CA HIS D 653 51.71 3.04 -3.72
C HIS D 653 51.63 3.06 -2.20
N TRP D 654 52.66 2.57 -1.54
CA TRP D 654 52.68 2.62 -0.10
C TRP D 654 54.09 2.99 0.33
N MET D 655 54.18 3.67 1.49
CA MET D 655 55.46 4.11 1.98
C MET D 655 55.40 4.09 3.50
N VAL D 656 56.51 3.62 4.14
CA VAL D 656 56.59 3.62 5.60
C VAL D 656 57.69 4.60 5.95
N ALA D 657 57.43 5.50 6.87
CA ALA D 657 58.44 6.49 7.20
C ALA D 657 58.58 6.71 8.72
N LEU D 658 59.76 7.11 9.22
CA LEU D 658 59.94 7.38 10.65
C LEU D 658 60.20 8.85 10.77
N ASP D 659 59.28 9.49 11.50
CA ASP D 659 59.39 10.94 11.63
C ASP D 659 59.71 11.62 10.30
N GLY D 660 59.05 11.25 9.19
CA GLY D 660 59.39 11.94 7.95
C GLY D 660 60.46 11.29 7.02
N LYS D 661 61.26 10.35 7.56
CA LYS D 661 62.30 9.70 6.72
C LYS D 661 61.87 8.36 6.26
N PRO D 662 61.87 8.25 4.96
CA PRO D 662 61.39 7.08 4.30
C PRO D 662 62.18 5.91 4.65
N LEU D 663 61.52 4.80 4.97
CA LEU D 663 62.25 3.59 5.33
C LEU D 663 62.00 2.47 4.38
N ALA D 664 60.81 2.45 3.77
CA ALA D 664 60.47 1.36 2.82
C ALA D 664 59.29 1.85 2.00
N SER D 665 59.11 1.33 0.81
CA SER D 665 58.02 1.76 0.02
C SER D 665 57.84 0.81 -1.14
N GLY D 666 56.73 0.84 -1.80
CA GLY D 666 56.57 -0.10 -2.89
C GLY D 666 55.27 0.20 -3.62
N GLU D 667 54.92 -0.68 -4.55
CA GLU D 667 53.70 -0.51 -5.36
C GLU D 667 53.09 -1.85 -5.61
N VAL D 668 51.74 -1.87 -5.76
CA VAL D 668 50.99 -3.08 -5.97
C VAL D 668 49.85 -2.72 -6.91
N PRO D 669 49.66 -3.51 -7.93
CA PRO D 669 48.55 -3.20 -8.81
C PRO D 669 47.20 -3.39 -8.08
N LEU D 670 46.19 -2.60 -8.45
CA LEU D 670 44.90 -2.83 -7.81
C LEU D 670 44.01 -3.51 -8.79
N ASP D 671 43.35 -4.56 -8.40
CA ASP D 671 42.46 -5.25 -9.27
C ASP D 671 41.20 -5.51 -8.43
N VAL D 672 40.33 -4.48 -8.32
CA VAL D 672 39.14 -4.59 -7.47
C VAL D 672 37.88 -4.46 -8.26
N ALA D 673 36.98 -5.42 -8.12
CA ALA D 673 35.74 -5.26 -8.85
C ALA D 673 34.83 -4.18 -8.18
N PRO D 674 33.83 -3.61 -8.88
CA PRO D 674 32.97 -2.61 -8.24
C PRO D 674 32.33 -3.23 -7.00
N GLN D 675 32.44 -2.47 -5.91
CA GLN D 675 31.98 -2.85 -4.58
C GLN D 675 32.80 -4.02 -4.07
N GLY D 676 33.87 -4.45 -4.71
CA GLY D 676 34.61 -5.61 -4.24
C GLY D 676 35.71 -5.18 -3.28
N LYS D 677 36.47 -6.18 -2.83
CA LYS D 677 37.57 -5.93 -1.92
C LYS D 677 38.84 -6.58 -2.46
N GLN D 678 39.97 -6.13 -2.02
CA GLN D 678 41.25 -6.72 -2.38
C GLN D 678 42.15 -6.65 -1.12
N LEU D 679 42.80 -7.76 -0.77
CA LEU D 679 43.73 -7.79 0.37
C LEU D 679 45.15 -7.75 -0.13
N ILE D 680 45.92 -6.82 0.42
CA ILE D 680 47.33 -6.63 0.10
C ILE D 680 48.17 -6.79 1.33
N GLU D 681 48.99 -7.83 1.30
CA GLU D 681 49.86 -8.16 2.41
C GLU D 681 51.24 -7.47 2.20
N LEU D 682 51.58 -6.51 3.10
CA LEU D 682 52.82 -5.74 3.02
C LEU D 682 54.01 -6.62 3.27
N PRO D 683 55.12 -6.40 2.56
CA PRO D 683 56.35 -7.16 2.78
C PRO D 683 56.77 -7.03 4.23
N GLU D 684 57.62 -7.96 4.67
CA GLU D 684 58.13 -7.92 6.04
C GLU D 684 59.08 -6.71 6.12
N LEU D 685 58.94 -5.88 7.18
CA LEU D 685 59.83 -4.70 7.27
C LEU D 685 61.05 -4.80 8.23
N PRO D 686 62.05 -3.92 8.05
CA PRO D 686 63.19 -4.02 8.94
C PRO D 686 62.81 -3.36 10.25
N GLN D 687 63.58 -3.64 11.27
CA GLN D 687 63.36 -2.95 12.56
C GLN D 687 64.02 -1.57 12.48
N PRO D 688 63.50 -0.56 13.17
CA PRO D 688 64.09 0.76 13.19
C PRO D 688 65.04 0.93 14.39
N GLU D 689 64.52 0.44 15.56
CA GLU D 689 65.06 0.47 16.93
C GLU D 689 65.19 1.90 17.50
N SER D 690 65.62 2.79 16.52
CA SER D 690 65.84 4.27 16.46
C SER D 690 64.49 4.87 16.79
N ALA D 691 64.43 5.63 17.86
CA ALA D 691 63.16 6.03 18.41
C ALA D 691 62.26 6.80 17.53
N GLY D 692 60.92 6.69 17.82
CA GLY D 692 59.92 7.48 17.09
C GLY D 692 58.72 6.66 16.59
N GLN D 693 57.84 7.38 15.94
CA GLN D 693 56.60 6.78 15.40
C GLN D 693 56.78 6.48 13.92
N LEU D 694 56.45 5.25 13.58
CA LEU D 694 56.47 4.87 12.19
C LEU D 694 55.12 5.19 11.57
N TRP D 695 55.06 5.65 10.35
CA TRP D 695 53.73 5.93 9.80
C TRP D 695 53.62 5.27 8.43
N LEU D 696 52.47 4.71 8.11
CA LEU D 696 52.29 4.12 6.77
C LEU D 696 51.35 5.04 5.97
N THR D 697 51.73 5.41 4.77
CA THR D 697 50.86 6.19 3.92
C THR D 697 50.65 5.38 2.63
N VAL D 698 49.39 5.35 2.16
CA VAL D 698 49.13 4.65 0.88
C VAL D 698 48.44 5.63 -0.03
N ARG D 699 48.62 5.48 -1.34
CA ARG D 699 47.91 6.35 -2.26
C ARG D 699 47.56 5.52 -3.51
N VAL D 700 46.40 5.87 -4.10
CA VAL D 700 45.97 5.21 -5.37
C VAL D 700 46.35 6.21 -6.46
N VAL D 701 47.10 5.69 -7.43
CA VAL D 701 47.60 6.50 -8.55
C VAL D 701 47.07 5.91 -9.87
N GLN D 702 46.68 6.79 -10.82
CA GLN D 702 46.18 6.37 -12.14
C GLN D 702 47.37 6.54 -13.08
N PRO D 703 47.94 5.45 -13.53
CA PRO D 703 49.12 5.53 -14.37
C PRO D 703 48.82 6.08 -15.74
N ASN D 704 47.60 5.80 -16.25
CA ASN D 704 47.31 6.31 -17.56
C ASN D 704 46.48 7.57 -17.55
N ALA D 705 46.76 8.47 -18.50
CA ALA D 705 45.94 9.69 -18.68
C ALA D 705 44.53 9.26 -19.08
N THR D 706 43.55 10.12 -18.81
CA THR D 706 42.13 9.88 -19.18
C THR D 706 41.65 11.17 -19.85
N ALA D 707 40.37 11.24 -20.22
CA ALA D 707 39.94 12.51 -20.76
C ALA D 707 39.90 13.64 -19.71
N TRP D 708 39.94 13.26 -18.41
CA TRP D 708 39.78 14.29 -17.39
C TRP D 708 40.94 14.35 -16.38
N SER D 709 42.00 13.50 -16.62
CA SER D 709 43.09 13.51 -15.65
C SER D 709 44.42 13.21 -16.32
N GLU D 710 45.52 13.67 -15.69
CA GLU D 710 46.87 13.38 -16.26
C GLU D 710 47.39 12.06 -15.76
N ALA D 711 48.38 11.49 -16.48
CA ALA D 711 48.96 10.27 -15.99
C ALA D 711 49.63 10.50 -14.63
N GLY D 712 49.52 9.55 -13.68
CA GLY D 712 50.08 9.78 -12.35
C GLY D 712 49.10 10.46 -11.38
N HIS D 713 47.89 10.84 -11.84
CA HIS D 713 46.89 11.47 -11.00
C HIS D 713 46.66 10.70 -9.71
N ILE D 714 46.67 11.35 -8.55
CA ILE D 714 46.40 10.63 -7.30
C ILE D 714 44.90 10.79 -7.00
N SER D 715 44.20 9.65 -6.87
CA SER D 715 42.76 9.75 -6.61
C SER D 715 42.33 9.46 -5.17
N ALA D 716 43.17 8.87 -4.32
CA ALA D 716 42.77 8.54 -2.95
C ALA D 716 44.04 8.29 -2.12
N TRP D 717 43.92 8.50 -0.82
CA TRP D 717 45.02 8.21 0.06
C TRP D 717 44.54 8.00 1.48
N GLN D 718 45.44 7.47 2.34
CA GLN D 718 45.09 7.26 3.76
C GLN D 718 46.35 6.95 4.51
N GLN D 719 46.41 7.30 5.81
CA GLN D 719 47.60 7.04 6.63
C GLN D 719 47.27 6.33 7.88
N TRP D 720 48.23 5.56 8.43
CA TRP D 720 48.00 4.95 9.74
C TRP D 720 49.30 5.07 10.55
N ARG D 721 49.18 5.11 11.90
CA ARG D 721 50.41 5.02 12.67
C ARG D 721 50.69 3.50 12.76
N LEU D 722 51.94 3.09 12.60
CA LEU D 722 52.45 1.70 12.79
C LEU D 722 53.15 1.65 14.18
N ALA D 723 54.21 0.84 14.39
CA ALA D 723 54.86 0.79 15.71
C ALA D 723 55.40 2.17 16.11
N GLU D 724 55.46 2.37 17.43
CA GLU D 724 56.01 3.59 18.01
C GLU D 724 57.03 3.11 19.01
N ASN D 725 58.22 3.61 18.94
CA ASN D 725 59.24 3.28 19.94
C ASN D 725 59.58 4.55 20.73
N LEU D 726 59.08 4.62 21.97
CA LEU D 726 59.28 5.80 22.81
C LEU D 726 60.78 5.96 23.14
N SER D 727 61.23 7.23 23.05
CA SER D 727 62.63 7.50 23.35
C SER D 727 62.86 7.48 24.82
N VAL D 728 63.84 6.72 25.23
CA VAL D 728 64.10 6.68 26.67
C VAL D 728 65.54 7.11 26.93
N THR D 729 66.18 7.60 25.91
CA THR D 729 67.55 7.96 26.14
C THR D 729 67.69 9.37 26.65
N LEU D 730 68.59 9.47 27.63
CA LEU D 730 68.99 10.70 28.31
C LEU D 730 69.84 11.58 27.37
N PRO D 731 69.46 12.84 27.16
CA PRO D 731 70.15 13.77 26.25
C PRO D 731 71.59 14.08 26.64
N ALA D 732 72.39 14.58 25.67
CA ALA D 732 73.81 14.92 25.89
C ALA D 732 74.06 15.88 27.06
N ALA D 733 74.95 15.53 28.02
CA ALA D 733 75.28 16.38 29.21
C ALA D 733 75.69 17.86 29.04
N SER D 734 74.98 18.70 29.77
CA SER D 734 75.11 20.17 29.81
C SER D 734 76.54 20.65 30.06
N HIS D 735 77.06 21.20 28.99
CA HIS D 735 78.40 21.77 29.04
C HIS D 735 78.43 22.86 30.13
N ALA D 736 77.54 23.86 29.98
CA ALA D 736 77.39 25.01 30.88
C ALA D 736 76.22 25.16 31.82
N ILE D 737 76.19 26.39 32.37
CA ILE D 737 75.12 26.70 33.30
C ILE D 737 74.70 28.15 33.09
N PRO D 738 73.44 28.43 32.70
CA PRO D 738 73.07 29.83 32.37
C PRO D 738 73.14 30.82 33.56
N HIS D 739 73.35 32.12 33.29
CA HIS D 739 73.44 33.05 34.42
C HIS D 739 72.29 34.00 34.51
N LEU D 740 71.83 34.19 35.72
CA LEU D 740 70.75 35.11 35.91
C LEU D 740 71.19 36.48 36.39
N THR D 741 70.62 37.53 35.80
CA THR D 741 70.84 38.91 36.21
C THR D 741 69.49 39.51 36.53
N THR D 742 69.35 40.15 37.68
CA THR D 742 68.06 40.75 38.08
C THR D 742 68.04 42.24 38.21
N SER D 743 66.92 42.87 37.90
CA SER D 743 66.70 44.30 38.12
C SER D 743 65.22 44.40 38.53
N GLU D 744 64.74 45.51 39.01
CA GLU D 744 63.34 45.52 39.45
C GLU D 744 62.45 45.30 38.25
N MET D 745 62.95 45.75 37.07
CA MET D 745 62.21 45.70 35.79
C MET D 745 62.35 44.41 34.97
N ASP D 746 63.48 43.69 35.11
CA ASP D 746 63.66 42.48 34.32
C ASP D 746 64.48 41.40 34.94
N PHE D 747 64.26 40.22 34.41
CA PHE D 747 65.11 39.05 34.73
C PHE D 747 65.84 38.79 33.42
N CYS D 748 67.19 38.79 33.44
CA CYS D 748 67.96 38.52 32.28
C CYS D 748 68.73 37.20 32.43
N ILE D 749 68.74 36.34 31.40
CA ILE D 749 69.45 35.09 31.45
C ILE D 749 70.41 35.07 30.25
N GLU D 750 71.69 34.71 30.51
CA GLU D 750 72.70 34.66 29.47
C GLU D 750 73.32 33.31 29.38
N LEU D 751 73.58 32.91 28.16
CA LEU D 751 74.23 31.64 28.04
C LEU D 751 75.01 31.70 26.78
N GLY D 752 76.36 31.76 26.90
CA GLY D 752 77.19 31.87 25.73
C GLY D 752 76.81 33.08 24.93
N ASN D 753 76.52 32.97 23.65
CA ASN D 753 76.14 34.22 23.02
C ASN D 753 74.65 34.43 22.94
N LYS D 754 73.96 33.73 23.80
CA LYS D 754 72.50 33.87 23.81
C LYS D 754 72.00 34.57 25.07
N ARG D 755 70.95 35.39 24.88
CA ARG D 755 70.30 36.10 25.97
C ARG D 755 68.75 36.13 25.82
N TRP D 756 68.12 36.05 27.00
CA TRP D 756 66.68 36.08 27.12
C TRP D 756 66.33 37.13 28.12
N GLN D 757 65.36 37.96 27.82
CA GLN D 757 64.92 38.96 28.73
C GLN D 757 63.45 38.85 29.07
N PHE D 758 63.16 38.76 30.38
CA PHE D 758 61.81 38.68 30.92
C PHE D 758 61.45 39.92 31.68
N ASN D 759 60.39 40.60 31.21
CA ASN D 759 59.92 41.84 31.77
C ASN D 759 59.16 41.58 33.05
N ARG D 760 59.61 42.18 34.18
CA ARG D 760 58.93 41.87 35.40
C ARG D 760 57.65 42.65 35.61
N GLN D 761 57.44 43.64 34.81
CA GLN D 761 56.19 44.34 35.01
C GLN D 761 55.09 43.62 34.14
N SER D 762 55.46 43.14 32.96
CA SER D 762 54.46 42.52 32.12
C SER D 762 54.40 41.03 32.34
N GLY D 763 55.52 40.46 32.78
CA GLY D 763 55.65 39.01 32.98
C GLY D 763 55.86 38.19 31.70
N PHE D 764 56.29 38.82 30.62
CA PHE D 764 56.54 38.10 29.36
C PHE D 764 57.98 38.20 28.93
N LEU D 765 58.38 37.20 28.15
CA LEU D 765 59.69 37.15 27.49
C LEU D 765 59.59 38.29 26.50
N SER D 766 60.34 39.37 26.77
CA SER D 766 60.27 40.53 25.91
C SER D 766 61.35 40.66 24.86
N GLN D 767 62.41 39.89 25.02
CA GLN D 767 63.42 39.95 23.97
C GLN D 767 64.34 38.76 24.12
N MET D 768 64.98 38.43 23.00
CA MET D 768 65.97 37.37 22.98
C MET D 768 67.01 37.85 21.97
N TRP D 769 68.32 37.54 22.24
CA TRP D 769 69.41 37.90 21.32
C TRP D 769 70.26 36.68 21.01
N ILE D 770 70.71 36.59 19.78
CA ILE D 770 71.63 35.54 19.40
C ILE D 770 72.78 36.49 19.13
N GLY D 771 73.81 36.41 19.95
CA GLY D 771 74.84 37.41 19.68
C GLY D 771 74.30 38.81 19.97
N ASP D 772 74.61 39.76 19.11
CA ASP D 772 74.14 41.11 19.28
C ASP D 772 72.80 41.29 18.60
N LYS D 773 72.31 40.20 18.00
CA LYS D 773 71.09 40.33 17.23
C LYS D 773 69.76 40.11 17.94
N LYS D 774 68.94 41.18 17.96
CA LYS D 774 67.62 41.08 18.59
C LYS D 774 66.72 40.11 17.81
N GLN D 775 65.95 39.28 18.48
CA GLN D 775 65.12 38.31 17.72
C GLN D 775 63.60 38.54 17.70
N LEU D 776 63.12 39.39 18.60
CA LEU D 776 61.69 39.67 18.72
C LEU D 776 61.34 41.14 18.46
N LEU D 777 60.26 41.34 17.68
CA LEU D 777 59.72 42.69 17.48
C LEU D 777 58.56 43.00 18.46
N THR D 778 57.90 41.92 18.95
CA THR D 778 56.82 42.01 19.92
C THR D 778 57.06 40.88 20.90
N PRO D 779 56.84 41.07 22.19
CA PRO D 779 57.03 40.02 23.19
C PRO D 779 56.16 38.76 22.93
N LEU D 780 56.61 37.64 23.49
CA LEU D 780 55.88 36.38 23.40
C LEU D 780 54.74 36.43 24.45
N ARG D 781 53.46 36.49 24.05
CA ARG D 781 52.38 36.61 25.01
C ARG D 781 51.26 35.57 24.76
N ASP D 782 50.47 35.26 25.78
CA ASP D 782 49.39 34.31 25.51
C ASP D 782 48.41 34.93 24.52
N GLN D 783 47.71 34.09 23.76
CA GLN D 783 46.69 34.56 22.82
C GLN D 783 45.50 33.64 22.92
N PHE D 784 44.32 34.25 23.12
CA PHE D 784 43.05 33.48 23.28
C PHE D 784 42.04 33.74 22.15
N THR D 785 42.39 34.66 21.23
CA THR D 785 41.44 35.06 20.16
C THR D 785 42.03 34.82 18.81
N ARG D 786 41.16 34.89 17.78
CA ARG D 786 41.56 34.76 16.39
C ARG D 786 40.83 35.84 15.59
N ALA D 787 41.44 36.30 14.48
CA ALA D 787 40.82 37.28 13.54
C ALA D 787 39.61 36.43 13.02
N PRO D 788 38.40 36.83 13.25
CA PRO D 788 37.23 36.01 13.01
C PRO D 788 37.02 35.48 11.64
N LEU D 789 36.69 34.18 11.58
CA LEU D 789 36.41 33.61 10.27
C LEU D 789 35.01 34.06 9.85
N ASP D 790 34.73 33.85 8.53
CA ASP D 790 33.37 34.17 8.11
C ASP D 790 32.35 33.38 8.97
N ASN D 791 32.68 32.12 9.32
CA ASN D 791 31.78 31.32 10.11
C ASN D 791 31.70 31.86 11.52
N ASP D 792 32.70 32.58 12.02
CA ASP D 792 32.60 33.14 13.37
C ASP D 792 31.71 34.38 13.34
N ILE D 793 31.66 35.07 12.18
CA ILE D 793 30.89 36.27 12.11
C ILE D 793 29.44 36.00 11.72
N GLY D 794 29.21 35.04 10.83
CA GLY D 794 27.84 34.75 10.40
C GLY D 794 27.24 35.99 9.73
N VAL D 795 26.00 36.30 10.05
CA VAL D 795 25.38 37.48 9.43
C VAL D 795 25.53 38.72 10.30
N SER D 796 26.26 38.60 11.43
CA SER D 796 26.44 39.75 12.31
C SER D 796 27.06 40.91 11.55
N GLU D 797 26.51 42.10 11.84
CA GLU D 797 26.97 43.36 11.26
C GLU D 797 26.97 44.48 12.34
N ALA D 798 27.79 45.53 12.19
CA ALA D 798 27.79 46.63 13.20
C ALA D 798 26.42 47.29 13.33
N THR D 799 25.82 47.37 12.13
CA THR D 799 24.49 47.90 11.82
C THR D 799 23.40 46.95 12.36
N ARG D 800 23.73 45.69 12.67
CA ARG D 800 22.74 44.69 13.10
C ARG D 800 23.40 43.46 13.69
N ILE D 801 23.88 43.66 14.89
CA ILE D 801 24.60 42.60 15.56
C ILE D 801 23.78 41.36 15.79
N ASP D 802 24.39 40.20 15.57
CA ASP D 802 23.69 38.93 15.90
C ASP D 802 24.34 38.46 17.21
N PRO D 803 23.75 38.57 18.39
CA PRO D 803 24.45 38.22 19.62
C PRO D 803 24.77 36.78 19.79
N ASN D 804 24.21 35.99 18.92
CA ASN D 804 24.45 34.60 19.05
C ASN D 804 25.71 34.15 18.30
N ALA D 805 26.18 35.02 17.39
CA ALA D 805 27.40 34.65 16.60
C ALA D 805 28.64 34.52 17.54
N TRP D 806 29.57 33.55 17.20
CA TRP D 806 30.77 33.39 18.03
C TRP D 806 31.49 34.73 18.25
N VAL D 807 31.71 35.46 17.14
CA VAL D 807 32.44 36.73 17.29
C VAL D 807 31.83 37.69 18.29
N GLU D 808 30.51 37.77 18.26
CA GLU D 808 29.82 38.69 19.17
C GLU D 808 29.90 38.23 20.61
N ARG D 809 29.79 36.92 20.79
CA ARG D 809 29.90 36.35 22.11
C ARG D 809 31.28 36.68 22.64
N TRP D 810 32.32 36.46 21.82
CA TRP D 810 33.69 36.78 22.30
C TRP D 810 33.87 38.29 22.59
N LYS D 811 33.33 39.14 21.71
CA LYS D 811 33.46 40.60 21.92
C LYS D 811 32.72 40.98 23.16
N ALA D 812 31.49 40.52 23.33
CA ALA D 812 30.75 40.92 24.54
C ALA D 812 31.40 40.47 25.86
N ALA D 813 32.12 39.34 25.83
CA ALA D 813 32.73 38.80 27.00
C ALA D 813 34.07 39.51 27.27
N GLY D 814 34.47 40.32 26.36
CA GLY D 814 35.74 41.09 26.47
C GLY D 814 36.98 40.35 26.01
N HIS D 815 36.87 39.26 25.28
CA HIS D 815 38.10 38.55 24.96
C HIS D 815 39.02 39.37 24.13
N TYR D 816 38.46 40.18 23.26
CA TYR D 816 39.40 40.85 22.39
C TYR D 816 40.02 42.02 23.11
N GLN D 817 39.37 42.53 24.11
CA GLN D 817 39.95 43.70 24.82
C GLN D 817 40.59 43.35 26.13
N ALA D 818 40.53 42.13 26.60
CA ALA D 818 41.06 41.81 27.93
C ALA D 818 42.52 42.11 28.09
N GLU D 819 42.82 42.61 29.29
CA GLU D 819 44.17 42.99 29.68
C GLU D 819 44.76 41.98 30.70
N ALA D 820 46.06 41.60 30.50
CA ALA D 820 46.86 40.64 31.32
C ALA D 820 47.40 41.08 32.70
N ALA D 821 46.64 40.96 33.74
CA ALA D 821 47.13 41.34 35.03
C ALA D 821 48.20 40.35 35.49
N LEU D 822 49.35 40.87 35.92
CA LEU D 822 50.44 40.03 36.41
C LEU D 822 50.20 39.54 37.80
N LEU D 823 50.23 38.24 38.04
CA LEU D 823 49.98 37.81 39.37
C LEU D 823 51.26 37.33 39.97
N GLN D 824 52.22 36.94 39.14
CA GLN D 824 53.44 36.37 39.72
C GLN D 824 54.49 36.25 38.65
N CYS D 825 55.73 36.59 39.01
CA CYS D 825 56.86 36.53 38.11
C CYS D 825 58.06 36.28 38.97
N THR D 826 58.57 35.05 38.97
CA THR D 826 59.73 34.76 39.81
C THR D 826 60.83 34.10 39.01
N ALA D 827 62.03 34.20 39.57
CA ALA D 827 63.20 33.52 38.97
C ALA D 827 63.93 32.71 40.03
N ASP D 828 64.33 31.55 39.61
CA ASP D 828 65.09 30.63 40.47
C ASP D 828 66.32 30.06 39.74
N THR D 829 67.44 29.92 40.46
CA THR D 829 68.59 29.34 39.77
C THR D 829 68.64 27.84 40.12
N LEU D 830 68.87 26.97 39.13
CA LEU D 830 69.01 25.58 39.46
C LEU D 830 70.45 25.12 39.18
N ALA D 831 70.70 23.83 39.35
CA ALA D 831 72.01 23.23 39.15
C ALA D 831 72.49 23.44 37.75
N ASP D 832 71.64 23.27 36.73
CA ASP D 832 72.12 23.48 35.39
C ASP D 832 71.12 24.35 34.58
N ALA D 833 70.32 25.16 35.31
CA ALA D 833 69.40 26.01 34.58
C ALA D 833 68.89 27.13 35.43
N VAL D 834 68.16 28.03 34.72
CA VAL D 834 67.39 29.15 35.27
C VAL D 834 65.92 28.89 35.00
N LEU D 835 65.12 29.06 36.03
CA LEU D 835 63.69 28.82 35.96
C LEU D 835 62.93 30.10 36.27
N ILE D 836 62.10 30.50 35.28
CA ILE D 836 61.23 31.67 35.41
C ILE D 836 59.82 31.18 35.54
N THR D 837 59.15 31.62 36.60
CA THR D 837 57.78 31.20 36.80
C THR D 837 56.80 32.38 36.66
N THR D 838 55.72 32.26 35.88
CA THR D 838 54.80 33.40 35.81
C THR D 838 53.37 32.95 35.99
N ALA D 839 52.48 33.89 36.36
CA ALA D 839 51.05 33.67 36.45
C ALA D 839 50.38 34.98 36.05
N HIS D 840 49.40 34.96 35.11
CA HIS D 840 48.66 36.16 34.68
C HIS D 840 47.18 35.83 34.68
N ALA D 841 46.36 36.88 34.87
CA ALA D 841 44.91 36.75 34.81
C ALA D 841 44.48 37.71 33.77
N TRP D 842 43.61 37.30 32.84
CA TRP D 842 42.99 38.18 31.84
C TRP D 842 41.61 38.52 32.33
N GLN D 843 41.32 39.83 32.42
CA GLN D 843 40.04 40.18 32.97
C GLN D 843 39.25 41.17 32.12
N HIS D 844 37.97 41.21 32.44
CA HIS D 844 37.24 42.12 31.67
C HIS D 844 36.22 42.69 32.56
N GLN D 845 36.40 44.02 32.76
CA GLN D 845 35.46 44.72 33.61
C GLN D 845 35.43 44.00 34.94
N GLY D 846 36.56 43.59 35.50
CA GLY D 846 36.20 42.89 36.75
C GLY D 846 36.11 41.36 36.67
N LYS D 847 35.88 40.78 35.48
CA LYS D 847 35.77 39.34 35.44
C LYS D 847 37.03 38.74 34.94
N THR D 848 37.38 37.70 35.66
CA THR D 848 38.60 37.05 35.19
C THR D 848 38.22 36.01 34.14
N LEU D 849 38.68 36.15 32.94
CA LEU D 849 38.32 35.19 31.91
C LEU D 849 39.22 33.95 31.86
N PHE D 850 40.53 34.21 31.95
CA PHE D 850 41.51 33.14 31.83
C PHE D 850 42.67 33.38 32.73
N ILE D 851 43.27 32.32 33.20
CA ILE D 851 44.48 32.43 34.03
C ILE D 851 45.53 31.62 33.29
N SER D 852 46.71 32.17 33.07
CA SER D 852 47.78 31.38 32.46
C SER D 852 48.96 31.24 33.46
N ARG D 853 49.37 30.01 33.74
CA ARG D 853 50.53 29.77 34.63
C ARG D 853 51.62 29.12 33.80
N LYS D 854 52.83 29.63 33.87
CA LYS D 854 53.89 29.06 33.07
C LYS D 854 55.22 28.95 33.77
N THR D 855 56.07 28.12 33.21
CA THR D 855 57.47 28.03 33.68
C THR D 855 58.26 27.99 32.41
N TYR D 856 59.41 28.70 32.48
CA TYR D 856 60.36 28.74 31.38
C TYR D 856 61.63 28.22 32.00
N ARG D 857 62.14 27.13 31.47
CA ARG D 857 63.36 26.48 32.00
C ARG D 857 64.45 26.59 30.94
N ILE D 858 65.51 27.42 31.20
CA ILE D 858 66.57 27.57 30.21
C ILE D 858 67.76 26.86 30.75
N ASP D 859 68.26 25.87 30.00
CA ASP D 859 69.37 25.12 30.54
C ASP D 859 70.69 25.35 29.82
N GLY D 860 71.66 24.59 30.27
CA GLY D 860 73.02 24.76 29.75
C GLY D 860 73.20 24.42 28.30
N SER D 861 72.17 23.78 27.76
CA SER D 861 72.17 23.42 26.31
C SER D 861 71.64 24.61 25.50
N GLY D 862 71.01 25.59 26.16
CA GLY D 862 70.52 26.68 25.36
C GLY D 862 69.09 26.42 24.93
N GLN D 863 68.46 25.36 25.41
CA GLN D 863 67.08 25.18 25.00
C GLN D 863 66.19 25.74 26.08
N MET D 864 65.08 26.37 25.63
CA MET D 864 64.13 26.97 26.56
C MET D 864 62.85 26.13 26.62
N ALA D 865 62.60 25.42 27.70
CA ALA D 865 61.36 24.69 27.75
C ALA D 865 60.25 25.50 28.40
N ILE D 866 59.15 25.68 27.67
CA ILE D 866 58.00 26.43 28.24
C ILE D 866 56.83 25.50 28.61
N THR D 867 56.31 25.57 29.82
CA THR D 867 55.22 24.73 30.14
C THR D 867 54.08 25.63 30.39
N VAL D 868 52.89 25.40 29.82
CA VAL D 868 51.80 26.32 30.03
C VAL D 868 50.54 25.60 30.52
N ASP D 869 49.90 26.14 31.60
CA ASP D 869 48.67 25.58 32.20
C ASP D 869 47.66 26.71 32.27
N VAL D 870 46.57 26.55 31.50
CA VAL D 870 45.59 27.63 31.49
C VAL D 870 44.30 27.15 32.07
N GLU D 871 43.69 28.07 32.73
CA GLU D 871 42.37 27.86 33.30
C GLU D 871 41.43 28.83 32.60
N VAL D 872 40.25 28.33 32.13
CA VAL D 872 39.31 29.23 31.43
C VAL D 872 38.01 29.18 32.19
N ALA D 873 37.48 30.32 32.55
CA ALA D 873 36.21 30.42 33.32
C ALA D 873 35.10 29.62 32.54
N SER D 874 34.35 28.81 33.32
CA SER D 874 33.34 27.95 32.68
C SER D 874 32.22 28.74 32.07
N ASP D 875 32.01 29.91 32.61
CA ASP D 875 30.95 30.79 32.16
C ASP D 875 31.33 31.81 31.08
N THR D 876 32.57 31.81 30.61
CA THR D 876 32.93 32.69 29.49
C THR D 876 32.72 31.85 28.20
N PRO D 877 32.39 32.49 27.09
CA PRO D 877 32.23 31.73 25.80
C PRO D 877 33.52 30.97 25.49
N HIS D 878 33.51 29.69 25.06
CA HIS D 878 34.76 28.94 24.84
C HIS D 878 35.63 29.73 23.88
N PRO D 879 36.92 29.84 24.22
CA PRO D 879 37.82 30.66 23.42
C PRO D 879 38.21 30.10 22.07
N ALA D 880 38.54 31.01 21.15
CA ALA D 880 38.96 30.59 19.78
C ALA D 880 40.25 29.73 19.77
N ARG D 881 41.19 30.03 20.71
CA ARG D 881 42.45 29.30 20.78
C ARG D 881 43.03 29.50 22.17
N ILE D 882 44.02 28.66 22.41
CA ILE D 882 44.81 28.76 23.64
C ILE D 882 46.25 28.58 23.17
N GLY D 883 46.99 29.67 23.04
CA GLY D 883 48.36 29.51 22.51
C GLY D 883 49.21 30.74 22.91
N LEU D 884 50.30 30.86 22.16
CA LEU D 884 51.19 32.03 22.34
C LEU D 884 51.42 32.66 21.00
N ASN D 885 51.78 33.94 21.07
CA ASN D 885 52.13 34.58 19.84
C ASN D 885 53.24 35.63 19.99
N CYS D 886 53.95 35.85 18.91
CA CYS D 886 55.00 36.87 18.94
C CYS D 886 55.33 37.28 17.51
N GLN D 887 55.98 38.43 17.35
CA GLN D 887 56.48 38.89 16.07
C GLN D 887 58.00 38.74 16.09
N LEU D 888 58.42 37.83 15.24
CA LEU D 888 59.83 37.56 15.10
C LEU D 888 60.47 38.64 14.24
N ALA D 889 61.69 39.02 14.61
CA ALA D 889 62.36 40.02 13.76
C ALA D 889 62.74 39.46 12.40
N GLN D 890 63.04 38.17 12.38
CA GLN D 890 63.48 37.46 11.18
C GLN D 890 62.37 37.30 10.12
N VAL D 891 62.77 37.35 8.87
CA VAL D 891 61.93 37.08 7.71
C VAL D 891 62.74 36.00 6.96
N ALA D 892 62.26 34.74 6.83
CA ALA D 892 63.02 33.66 6.19
C ALA D 892 62.21 33.17 4.98
N GLU D 893 62.88 32.52 4.04
CA GLU D 893 62.23 32.14 2.82
C GLU D 893 61.30 30.93 2.95
N ARG D 894 61.76 29.96 3.69
CA ARG D 894 61.10 28.64 3.82
C ARG D 894 60.58 28.38 5.23
N VAL D 895 59.62 27.44 5.30
CA VAL D 895 59.00 26.98 6.55
C VAL D 895 59.03 25.48 6.46
N ASN D 896 59.68 24.85 7.42
CA ASN D 896 59.83 23.39 7.41
C ASN D 896 59.24 22.83 8.73
N TRP D 897 58.28 21.88 8.63
CA TRP D 897 57.70 21.35 9.84
C TRP D 897 57.45 19.86 9.74
N LEU D 898 57.40 19.23 10.88
CA LEU D 898 57.10 17.81 10.98
C LEU D 898 55.69 17.80 11.64
N GLY D 899 54.62 17.47 10.86
CA GLY D 899 53.25 17.57 11.37
C GLY D 899 52.30 17.36 10.14
N LEU D 900 51.04 17.80 10.32
CA LEU D 900 50.08 17.55 9.22
C LEU D 900 50.21 18.58 8.10
N GLY D 901 50.13 18.16 6.82
CA GLY D 901 50.20 19.15 5.76
C GLY D 901 50.08 18.39 4.43
N PRO D 902 50.44 19.06 3.36
CA PRO D 902 51.08 20.35 3.37
C PRO D 902 50.20 21.52 3.48
N GLN D 903 48.90 21.31 3.18
CA GLN D 903 48.00 22.46 3.14
C GLN D 903 47.46 22.85 4.50
N GLU D 904 46.87 24.05 4.50
CA GLU D 904 46.19 24.57 5.71
C GLU D 904 45.22 23.52 6.28
N ASN D 905 45.25 23.35 7.62
CA ASN D 905 44.34 22.36 8.22
C ASN D 905 43.92 22.73 9.59
N TYR D 906 42.66 22.47 9.96
CA TYR D 906 42.15 22.84 11.26
C TYR D 906 41.57 21.62 11.93
N PRO D 907 41.29 21.69 13.25
CA PRO D 907 40.87 20.50 13.95
C PRO D 907 39.72 19.68 13.32
N ASP D 908 38.70 20.38 12.85
CA ASP D 908 37.54 19.75 12.24
C ASP D 908 37.68 19.75 10.73
N ARG D 909 38.89 20.08 10.23
CA ARG D 909 39.15 19.99 8.79
C ARG D 909 40.59 19.59 8.57
N LEU D 910 40.96 18.38 9.01
CA LEU D 910 42.33 17.96 8.82
C LEU D 910 42.45 16.51 8.34
N THR D 911 41.33 15.86 7.98
CA THR D 911 41.44 14.46 7.57
C THR D 911 42.28 14.31 6.32
N ALA D 912 42.27 15.31 5.43
CA ALA D 912 43.04 15.10 4.20
C ALA D 912 44.53 15.30 4.37
N ALA D 913 44.90 16.04 5.40
CA ALA D 913 46.33 16.38 5.64
C ALA D 913 47.06 15.14 6.06
N CYS D 914 48.37 14.99 5.72
CA CYS D 914 49.13 13.81 6.11
C CYS D 914 50.28 14.22 7.00
N PHE D 915 50.61 13.38 7.94
CA PHE D 915 51.73 13.65 8.84
C PHE D 915 53.01 13.29 8.13
N ASP D 916 53.91 14.27 8.00
CA ASP D 916 55.20 14.00 7.31
C ASP D 916 56.09 15.23 7.50
N ARG D 917 57.22 15.33 6.78
CA ARG D 917 58.04 16.52 6.90
C ARG D 917 57.72 17.33 5.65
N TRP D 918 57.28 18.59 5.90
CA TRP D 918 56.91 19.49 4.86
C TRP D 918 57.82 20.69 4.86
N ASP D 919 57.95 21.28 3.67
CA ASP D 919 58.82 22.39 3.41
C ASP D 919 58.30 23.23 2.27
N LEU D 920 57.79 24.42 2.63
CA LEU D 920 57.20 25.37 1.70
C LEU D 920 57.80 26.77 1.84
N PRO D 921 57.69 27.55 0.80
CA PRO D 921 58.09 28.92 0.89
C PRO D 921 57.09 29.58 1.86
N LEU D 922 57.51 30.63 2.54
CA LEU D 922 56.66 31.32 3.52
C LEU D 922 55.28 31.71 3.00
N SER D 923 55.21 32.28 1.82
CA SER D 923 53.92 32.74 1.30
C SER D 923 52.88 31.62 1.20
N ASP D 924 53.31 30.35 1.00
CA ASP D 924 52.39 29.23 0.95
C ASP D 924 51.73 28.92 2.31
N MET D 925 52.28 29.55 3.38
CA MET D 925 51.78 29.42 4.75
C MET D 925 50.70 30.45 5.06
N TYR D 926 50.31 31.22 4.01
CA TYR D 926 49.26 32.20 4.12
C TYR D 926 48.17 31.80 3.11
N THR D 927 46.88 31.76 3.52
CA THR D 927 45.86 31.42 2.53
C THR D 927 45.15 32.72 2.20
N PRO D 928 45.12 33.10 0.92
CA PRO D 928 44.57 34.38 0.50
C PRO D 928 43.06 34.52 0.35
N TYR D 929 42.33 34.19 1.44
CA TYR D 929 40.88 34.36 1.43
C TYR D 929 40.61 35.81 1.08
N VAL D 930 39.67 36.01 0.17
CA VAL D 930 39.35 37.39 -0.25
C VAL D 930 38.95 38.24 0.95
N PHE D 931 38.15 37.70 1.89
CA PHE D 931 37.81 38.42 3.13
C PHE D 931 38.77 37.83 4.15
N PRO D 932 39.77 38.60 4.58
CA PRO D 932 40.81 38.06 5.46
C PRO D 932 40.35 37.61 6.84
N SER D 933 41.00 36.56 7.31
CA SER D 933 40.71 36.06 8.65
C SER D 933 41.84 35.19 9.14
N GLU D 934 41.73 34.65 10.39
CA GLU D 934 42.73 33.62 10.77
C GLU D 934 42.81 32.61 9.62
N ASN D 935 44.01 32.17 9.28
CA ASN D 935 44.22 31.27 8.15
C ASN D 935 45.62 30.62 8.25
N GLY D 936 45.83 29.54 7.48
CA GLY D 936 47.12 28.91 7.35
C GLY D 936 47.54 28.04 8.50
N LEU D 937 46.65 27.82 9.47
CA LEU D 937 47.10 26.90 10.50
C LEU D 937 47.44 25.52 9.96
N ARG D 938 48.33 24.83 10.68
CA ARG D 938 48.66 23.42 10.40
C ARG D 938 48.60 22.80 11.77
N CYS D 939 47.98 21.66 11.88
CA CYS D 939 47.86 21.01 13.18
C CYS D 939 48.77 19.81 13.38
N GLY D 940 48.70 19.19 14.57
CA GLY D 940 49.46 17.94 14.86
C GLY D 940 50.99 18.05 14.56
N THR D 941 51.52 19.24 14.88
CA THR D 941 52.93 19.50 14.55
C THR D 941 53.81 19.23 15.73
N ARG D 942 54.89 18.49 15.45
CA ARG D 942 55.82 18.13 16.53
C ARG D 942 57.14 18.94 16.46
N GLU D 943 57.41 19.56 15.34
CA GLU D 943 58.62 20.34 15.22
C GLU D 943 58.43 21.32 14.11
N LEU D 944 58.83 22.56 14.37
CA LEU D 944 58.72 23.63 13.37
C LEU D 944 60.06 24.36 13.29
N ASN D 945 60.52 24.62 12.05
CA ASN D 945 61.81 25.31 11.81
C ASN D 945 61.61 26.56 11.01
N TYR D 946 62.20 27.66 11.46
CA TYR D 946 62.08 28.90 10.69
C TYR D 946 63.35 29.76 10.96
N GLY D 947 64.18 29.95 9.91
CA GLY D 947 65.41 30.73 10.15
C GLY D 947 66.22 29.89 11.13
N PRO D 948 66.80 30.58 12.11
CA PRO D 948 67.59 29.95 13.17
C PRO D 948 66.74 29.26 14.22
N HIS D 949 65.42 29.45 14.22
CA HIS D 949 64.64 28.87 15.29
C HIS D 949 64.02 27.49 15.07
N GLN D 950 63.89 26.74 16.16
CA GLN D 950 63.24 25.48 16.09
C GLN D 950 62.31 25.39 17.28
N TRP D 951 61.00 25.09 17.10
CA TRP D 951 60.08 24.86 18.24
C TRP D 951 59.68 23.38 18.20
N ARG D 952 59.69 22.67 19.34
CA ARG D 952 59.27 21.26 19.35
C ARG D 952 58.18 21.15 20.41
N GLY D 953 57.24 20.20 20.23
CA GLY D 953 56.13 19.95 21.16
C GLY D 953 55.03 19.14 20.40
N ASP D 954 53.76 19.52 20.64
CA ASP D 954 52.61 18.89 19.99
C ASP D 954 51.57 20.02 19.90
N PHE D 955 51.75 20.82 18.85
CA PHE D 955 50.95 22.03 18.74
C PHE D 955 50.38 22.27 17.33
N GLN D 956 49.66 23.37 17.19
CA GLN D 956 49.13 23.79 15.91
C GLN D 956 49.79 25.16 15.74
N PHE D 957 50.04 25.62 14.50
CA PHE D 957 50.64 26.96 14.32
C PHE D 957 50.29 27.54 12.98
N ASN D 958 50.45 28.85 12.90
CA ASN D 958 50.40 29.54 11.64
C ASN D 958 51.54 30.54 11.70
N ILE D 959 52.00 30.98 10.54
CA ILE D 959 53.18 31.87 10.44
C ILE D 959 53.06 32.70 9.16
N SER D 960 53.20 34.04 9.30
CA SER D 960 52.99 34.85 8.12
C SER D 960 53.39 36.28 8.41
N ARG D 961 53.34 37.11 7.39
CA ARG D 961 53.74 38.47 7.63
C ARG D 961 52.56 39.28 8.06
N TYR D 962 51.44 38.68 8.47
CA TYR D 962 50.29 39.52 8.84
C TYR D 962 49.83 39.20 10.23
N SER D 963 49.61 40.24 11.06
CA SER D 963 49.20 40.03 12.46
C SER D 963 47.71 39.64 12.54
N GLN D 964 47.30 39.00 13.61
CA GLN D 964 45.87 38.72 13.74
C GLN D 964 45.10 40.01 13.75
N GLN D 965 45.71 41.02 14.36
CA GLN D 965 45.07 42.30 14.39
C GLN D 965 44.83 42.88 12.99
N GLN D 966 45.84 42.80 12.13
CA GLN D 966 45.66 43.34 10.80
C GLN D 966 44.59 42.55 10.05
N LEU D 967 44.64 41.24 10.21
CA LEU D 967 43.66 40.40 9.49
C LEU D 967 42.26 40.78 9.91
N MET D 968 42.03 40.95 11.21
CA MET D 968 40.68 41.28 11.65
C MET D 968 40.20 42.67 11.30
N GLU D 969 41.14 43.57 11.07
CA GLU D 969 40.72 44.94 10.74
C GLU D 969 40.69 45.19 9.23
N THR D 970 41.05 44.19 8.42
CA THR D 970 41.08 44.47 6.99
C THR D 970 40.02 43.62 6.30
N SER D 971 39.21 44.25 5.45
CA SER D 971 38.11 43.50 4.85
C SER D 971 38.39 42.95 3.45
N HIS D 972 39.49 43.31 2.82
CA HIS D 972 39.82 42.80 1.49
C HIS D 972 41.30 42.40 1.46
N ARG D 973 41.61 41.22 0.93
CA ARG D 973 42.95 40.76 0.92
C ARG D 973 43.89 41.76 0.22
N HIS D 974 43.41 42.48 -0.76
CA HIS D 974 44.32 43.31 -1.51
C HIS D 974 44.83 44.50 -0.71
N LEU D 975 44.17 44.72 0.39
CA LEU D 975 44.60 45.87 1.21
C LEU D 975 45.63 45.45 2.32
N LEU D 976 45.96 44.16 2.48
CA LEU D 976 46.88 43.77 3.54
C LEU D 976 48.26 44.19 3.16
N HIS D 977 49.11 44.50 4.10
CA HIS D 977 50.50 44.86 3.76
C HIS D 977 51.39 44.04 4.67
N ALA D 978 52.48 43.49 4.16
CA ALA D 978 53.37 42.69 5.00
C ALA D 978 53.94 43.53 6.18
N GLU D 979 53.92 43.02 7.41
CA GLU D 979 54.42 43.79 8.54
C GLU D 979 55.90 43.51 8.65
N GLU D 980 56.62 44.19 9.61
CA GLU D 980 58.04 43.98 9.72
C GLU D 980 58.23 42.58 10.24
N GLY D 981 59.21 41.85 9.81
CA GLY D 981 59.17 40.58 10.57
C GLY D 981 58.07 39.56 10.25
N THR D 982 58.09 38.53 11.07
CA THR D 982 57.20 37.41 10.94
C THR D 982 56.31 37.15 12.17
N TRP D 983 54.97 37.04 12.00
CA TRP D 983 54.08 36.76 13.10
C TRP D 983 53.91 35.25 13.22
N LEU D 984 54.19 34.71 14.40
CA LEU D 984 54.06 33.30 14.70
C LEU D 984 52.99 33.14 15.74
N ASN D 985 52.01 32.29 15.43
CA ASN D 985 50.97 31.94 16.39
C ASN D 985 51.12 30.46 16.67
N ILE D 986 51.44 30.05 17.89
CA ILE D 986 51.67 28.64 18.16
C ILE D 986 50.68 28.28 19.23
N ASP D 987 49.79 27.36 18.89
CA ASP D 987 48.69 27.02 19.80
C ASP D 987 48.76 25.65 20.41
N GLY D 988 48.43 25.59 21.72
CA GLY D 988 48.34 24.25 22.31
C GLY D 988 47.03 23.65 21.75
N PHE D 989 46.04 24.55 21.63
CA PHE D 989 44.70 24.16 21.21
C PHE D 989 44.06 25.22 20.33
N HIS D 990 43.22 24.77 19.36
CA HIS D 990 42.54 25.72 18.49
C HIS D 990 41.12 25.24 18.24
N MET D 991 40.12 26.13 18.30
CA MET D 991 38.75 25.78 18.12
C MET D 991 38.49 25.35 16.64
N GLY D 992 37.50 24.45 16.40
CA GLY D 992 37.21 24.11 15.01
C GLY D 992 36.74 25.34 14.26
N ILE D 993 36.58 25.22 12.93
CA ILE D 993 36.17 26.35 12.13
C ILE D 993 34.71 26.30 11.74
N GLY D 994 34.12 25.11 11.86
CA GLY D 994 32.72 24.95 11.50
C GLY D 994 32.46 25.09 9.95
N GLY D 995 31.17 25.24 9.60
CA GLY D 995 30.85 25.37 8.18
C GLY D 995 29.52 24.70 7.81
N ASP D 996 28.84 23.95 8.73
CA ASP D 996 27.55 23.33 8.31
C ASP D 996 26.68 24.40 7.73
N ASP D 997 26.83 25.61 8.22
CA ASP D 997 26.23 26.79 7.57
C ASP D 997 27.14 27.98 7.98
N SER D 998 26.90 29.20 7.44
CA SER D 998 27.67 30.42 7.83
C SER D 998 26.73 31.48 8.42
N TRP D 999 25.70 31.05 9.17
CA TRP D 999 24.81 32.04 9.79
C TRP D 999 24.39 31.65 11.18
N SER D 1000 24.77 30.50 11.68
CA SER D 1000 24.46 30.16 13.08
C SER D 1000 25.67 29.32 13.54
N PRO D 1001 26.05 29.43 14.81
CA PRO D 1001 27.20 28.66 15.29
C PRO D 1001 27.17 27.19 14.83
N SER D 1002 28.28 26.72 14.23
CA SER D 1002 28.26 25.41 13.64
C SER D 1002 29.44 24.56 14.05
N VAL D 1003 30.24 25.04 15.02
CA VAL D 1003 31.38 24.19 15.43
C VAL D 1003 30.80 23.17 16.42
N SER D 1004 31.04 21.91 16.13
CA SER D 1004 30.46 20.87 16.95
C SER D 1004 31.09 20.88 18.33
N ALA D 1005 30.35 20.39 19.32
CA ALA D 1005 30.88 20.43 20.70
C ALA D 1005 32.22 19.84 20.88
N GLU D 1006 32.52 18.73 20.20
CA GLU D 1006 33.81 18.14 20.38
C GLU D 1006 34.96 18.99 19.88
N PHE D 1007 34.70 20.06 19.14
CA PHE D 1007 35.77 20.89 18.65
C PHE D 1007 35.77 22.26 19.35
N GLN D 1008 34.91 22.43 20.35
CA GLN D 1008 34.90 23.69 21.14
C GLN D 1008 35.90 23.51 22.31
N LEU D 1009 36.57 24.60 22.69
CA LEU D 1009 37.56 24.46 23.79
C LEU D 1009 36.88 24.64 25.17
N SER D 1010 36.19 23.60 25.64
CA SER D 1010 35.37 23.67 26.82
C SER D 1010 35.91 22.91 27.99
N ALA D 1011 37.10 22.39 27.89
CA ALA D 1011 37.65 21.55 28.96
C ALA D 1011 37.99 22.27 30.26
N GLY D 1012 38.05 23.57 30.26
CA GLY D 1012 38.29 24.33 31.49
C GLY D 1012 39.76 24.51 31.86
N ARG D 1013 40.52 23.42 31.83
CA ARG D 1013 41.96 23.42 32.15
C ARG D 1013 42.67 22.85 30.97
N TYR D 1014 43.70 23.54 30.52
CA TYR D 1014 44.48 23.09 29.35
C TYR D 1014 45.98 23.13 29.59
N HIS D 1015 46.64 22.08 29.12
CA HIS D 1015 48.07 22.01 29.33
C HIS D 1015 48.81 21.87 28.01
N TYR D 1016 49.92 22.55 27.90
CA TYR D 1016 50.76 22.32 26.73
C TYR D 1016 52.20 22.72 27.04
N GLN D 1017 53.14 22.20 26.23
CA GLN D 1017 54.57 22.45 26.46
C GLN D 1017 55.27 22.51 25.15
N LEU D 1018 56.22 23.45 25.07
CA LEU D 1018 57.05 23.68 23.90
C LEU D 1018 58.50 23.87 24.34
N VAL D 1019 59.36 23.49 23.43
CA VAL D 1019 60.81 23.72 23.58
C VAL D 1019 61.25 24.59 22.42
N TRP D 1020 61.84 25.75 22.74
CA TRP D 1020 62.34 26.71 21.75
C TRP D 1020 63.87 26.69 21.83
N CYS D 1021 64.48 26.44 20.71
CA CYS D 1021 65.93 26.36 20.62
C CYS D 1021 66.43 26.94 19.31
N GLN D 1022 67.75 27.15 19.18
CA GLN D 1022 68.31 27.75 17.99
C GLN D 1022 69.17 26.73 17.26
N LYS D 1023 68.68 26.37 16.06
CA LYS D 1023 69.26 25.42 15.12
C LYS D 1023 68.51 24.08 15.14
C1 147 E . -21.55 12.39 -28.29
C2 147 E . -21.04 12.94 -26.96
O2 147 E . -20.14 11.98 -26.38
C3 147 E . -22.14 13.35 -25.96
O3 147 E . -21.49 14.18 -24.98
C4 147 E . -23.21 14.19 -26.60
O4 147 E . -22.66 15.45 -27.02
C5 147 E . -23.64 13.42 -27.89
C6 147 E . -24.73 14.07 -28.69
O6 147 E . -25.92 14.39 -27.91
O5 147 E . -22.52 13.27 -28.79
O1 147 E . -20.48 12.52 -29.19
C1' 147 E . -20.53 11.73 -30.32
C2' 147 E . -19.37 11.77 -31.12
C3' 147 E . -19.30 11.04 -32.30
C4' 147 E . -20.40 10.32 -32.64
C5' 147 E . -21.57 10.24 -31.89
C6' 147 E . -21.62 10.94 -30.70
N1' 147 E . -20.28 9.52 -33.82
O2' 147 E . -19.28 9.59 -34.47
O3' 147 E . -21.22 8.81 -34.13
MG MG F . -18.72 17.23 -26.88
MG MG G . -6.46 35.62 -26.01
MG MG H . -21.28 41.44 17.28
NA NA I . -26.56 16.61 -27.92
NA NA J . -24.35 0.61 -5.79
NA NA K . -39.87 11.83 -38.76
NA NA L . -44.41 8.39 7.95
MG MG M . -24.93 18.07 -40.53
S DMS N . -19.43 23.37 3.05
O DMS N . -20.40 24.55 3.54
C1 DMS N . -18.32 23.12 4.36
C2 DMS N . -18.33 24.12 1.86
S DMS O . -37.27 0.87 -8.72
O DMS O . -37.18 1.25 -7.13
C1 DMS O . -38.97 0.84 -9.09
C2 DMS O . -36.80 -1.07 -8.86
S DMS P . -36.40 13.07 -3.19
O DMS P . -35.72 12.62 -1.79
C1 DMS P . -36.74 14.81 -3.00
C2 DMS P . -38.31 12.38 -3.03
S DMS Q . -24.25 36.95 -0.95
O DMS Q . -25.05 36.13 -2.14
C1 DMS Q . -22.68 37.29 -1.60
C2 DMS Q . -23.66 35.65 0.28
S DMS R . -10.90 31.07 17.42
O DMS R . -10.06 30.72 16.05
C1 DMS R . -10.02 32.50 18.12
C2 DMS R . -10.21 29.92 18.61
S DMS S . -17.74 43.57 15.84
O DMS S . -19.18 43.48 16.10
C1 DMS S . -17.03 43.90 17.38
C2 DMS S . -17.47 45.09 15.08
S DMS T . -25.96 -3.92 -29.89
O DMS T . -26.99 -4.22 -31.37
C1 DMS T . -24.61 -5.21 -29.86
C2 DMS T . -27.06 -4.45 -28.39
S DMS U . -29.00 50.13 -14.73
O DMS U . -28.17 51.28 -14.93
C1 DMS U . -29.36 49.50 -16.24
C2 DMS U . -30.55 50.76 -13.98
S DMS V . -12.60 14.42 4.07
O DMS V . -12.75 16.17 4.26
C1 DMS V . -11.58 13.85 5.46
C2 DMS V . -11.64 14.14 2.72
S DMS W . -17.85 30.19 -39.54
O DMS W . -16.62 30.95 -39.68
C1 DMS W . -19.15 31.16 -40.42
C2 DMS W . -18.57 30.64 -37.99
S DMS X . -43.73 25.66 -29.52
O DMS X . -42.97 24.44 -30.04
C1 DMS X . -43.74 25.46 -27.71
C2 DMS X . -45.50 25.28 -29.82
S DMS Y . -4.73 32.01 13.25
O DMS Y . -4.55 32.85 11.91
C1 DMS Y . -2.92 31.82 14.09
C2 DMS Y . -4.97 30.26 12.66
S DMS Z . -23.85 29.06 -42.46
O DMS Z . -23.82 28.85 -40.80
C1 DMS Z . -22.01 29.49 -43.01
C2 DMS Z . -24.88 30.75 -42.75
S DMS AA . -34.65 43.26 -26.45
O DMS AA . -33.39 43.69 -25.97
C1 DMS AA . -34.48 43.12 -28.21
C2 DMS AA . -35.73 44.73 -26.36
S DMS BA . -46.76 9.27 -10.15
O DMS BA . -45.49 10.29 -10.64
C1 DMS BA . -46.93 7.83 -11.43
C2 DMS BA . -48.41 10.23 -10.56
S DMS CA . 0.83 48.42 12.51
O DMS CA . -0.18 48.89 13.36
C1 DMS CA . 2.29 48.12 13.55
C2 DMS CA . 1.34 49.90 11.55
S DMS DA . -14.08 10.75 10.09
O DMS DA . -15.55 11.41 10.12
C1 DMS DA . -14.19 9.17 10.93
C2 DMS DA . -13.14 11.72 11.18
S DMS EA . -16.77 24.91 -40.89
O DMS EA . -17.24 23.77 -40.02
C1 DMS EA . -15.09 24.73 -40.93
C2 DMS EA . -16.72 26.24 -39.87
S DMS FA . 4.38 17.61 -23.51
O DMS FA . 5.89 17.05 -23.34
C1 DMS FA . 3.33 16.13 -23.63
C2 DMS FA . 4.26 18.39 -25.24
S DMS GA . -32.22 42.73 -35.58
O DMS GA . -33.01 44.05 -35.74
C1 DMS GA . -31.60 42.28 -37.25
C2 DMS GA . -33.41 41.50 -35.35
S DMS HA . -48.57 18.34 -33.83
O DMS HA . -47.50 18.49 -32.65
C1 DMS HA . -48.44 19.81 -34.90
C2 DMS HA . -50.28 18.64 -33.07
S DMS IA . -46.44 10.91 8.12
O DMS IA . -44.97 10.41 7.68
C1 DMS IA . -46.38 12.84 7.95
C2 DMS IA . -46.58 10.60 10.00
S DMS JA . -45.31 -5.99 -12.61
O DMS JA . -44.62 -4.93 -11.66
C1 DMS JA . -45.82 -7.35 -11.64
C2 DMS JA . -44.04 -6.76 -13.49
S DMS KA . -27.95 39.61 -2.18
O DMS KA . -29.46 40.31 -2.09
C1 DMS KA . -28.00 38.29 -0.90
C2 DMS KA . -26.87 40.66 -1.36
S DMS LA . -28.80 53.46 -21.36
O DMS LA . -27.42 53.80 -21.95
C1 DMS LA . -29.78 52.35 -22.65
C2 DMS LA . -29.68 55.14 -20.97
S DMS MA . -20.32 54.10 -0.09
O DMS MA . -20.92 52.77 -0.13
C1 DMS MA . -19.28 54.05 1.32
C2 DMS MA . -21.59 55.18 0.43
S DMS NA . -22.00 31.05 21.29
O DMS NA . -21.32 32.02 20.29
C1 DMS NA . -21.37 31.49 22.93
C2 DMS NA . -20.95 29.46 21.22
C1 147 OA . -23.28 -29.50 -0.01
C2 147 OA . -21.78 -29.36 0.04
O2 147 OA . -21.54 -27.95 0.15
C3 147 OA . -21.10 -29.85 -1.22
O3 147 OA . -19.69 -29.86 -0.98
C4 147 OA . -21.65 -31.23 -1.60
O4 147 OA . -21.16 -32.17 -0.65
C5 147 OA . -23.18 -31.19 -1.67
C6 147 OA . -23.91 -32.47 -2.05
O6 147 OA . -23.29 -33.17 -3.12
O5 147 OA . -23.65 -30.84 -0.34
O1 147 OA . -23.68 -29.32 1.33
C1' 147 OA . -25.00 -29.08 1.65
C2' 147 OA . -25.27 -28.94 2.99
C3' 147 OA . -26.56 -28.66 3.33
C4' 147 OA . -27.57 -28.61 2.41
C5' 147 OA . -27.38 -28.79 1.10
C6' 147 OA . -26.08 -29.03 0.72
N1' 147 OA . -28.92 -28.38 2.83
O2' 147 OA . -29.23 -28.29 3.97
O3' 147 OA . -29.74 -28.24 1.96
MG MG PA . -18.95 -31.57 3.09
MG MG QA . -5.51 -40.14 18.45
NA NA RA . -22.48 -35.27 -2.98
NA NA SA . -11.50 -14.47 -16.94
NA NA TA . -37.68 -41.20 -10.18
NA NA UA . -2.33 -26.53 -37.55
MG MG VA . -31.69 -39.73 4.78
S DMS WA . 8.38 -27.98 -10.09
O DMS WA . 9.10 -29.24 -10.65
C1 DMS WA . 9.65 -26.71 -10.09
C2 DMS WA . 8.08 -28.26 -8.30
S DMS XA . -17.71 -21.88 -26.01
O DMS XA . -16.10 -21.90 -26.31
C1 DMS XA . -18.44 -22.73 -27.13
C2 DMS XA . -18.28 -19.99 -26.32
S DMS YA . -6.85 -29.83 -24.13
O DMS YA . -5.77 -28.74 -24.39
C1 DMS YA . -5.97 -31.53 -23.94
C2 DMS YA . -7.68 -30.02 -25.83
S DMS ZA . 10.12 -42.73 -7.75
O DMS ZA . 8.55 -42.68 -7.85
C1 DMS ZA . 10.50 -42.75 -6.01
C2 DMS ZA . 10.74 -40.94 -8.09
S DMS AB . 26.62 -26.10 -7.72
O DMS AB . 25.59 -25.61 -6.55
C1 DMS AB . 28.16 -26.65 -6.88
C2 DMS AB . 27.42 -24.60 -8.23
S DMS BB . 29.11 -41.68 -7.88
O DMS BB . 30.60 -41.27 -8.11
C1 DMS BB . 28.54 -42.52 -9.47
C2 DMS BB . 28.17 -40.30 -8.24
S DMS CB . -33.91 -18.86 -8.12
O DMS CB . -35.30 -19.67 -8.31
C1 DMS CB . -34.34 -17.42 -7.36
C2 DMS CB . -33.46 -18.22 -9.95
S DMS DB . 3.13 -59.78 -0.75
O DMS DB . 3.93 -60.42 0.27
C1 DMS DB . 1.32 -59.92 -0.17
C2 DMS DB . 3.07 -60.90 -2.15
S DMS EB . 6.93 -16.98 -7.80
O DMS EB . 7.87 -18.46 -7.52
C1 DMS EB . 8.20 -15.53 -7.97
C2 DMS EB . 5.96 -16.57 -6.29
S DMS FB . -22.62 -45.67 13.88
O DMS FB . -22.01 -45.52 15.31
C1 DMS FB . -23.69 -47.31 13.82
C2 DMS FB . -21.30 -46.08 12.80
S DMS GB . -24.53 -51.58 -13.41
O DMS GB . -25.54 -50.37 -13.06
C1 DMS GB . -23.18 -50.91 -14.42
C2 DMS GB . -25.49 -52.50 -14.77
S DMS HB . 25.89 -24.92 -0.21
O DMS HB . 24.73 -25.45 0.61
C1 DMS HB . 26.96 -24.12 0.94
C2 DMS HB . 25.27 -23.38 -1.07
S DMS IB . -27.50 -48.53 10.39
O DMS IB . -26.19 -47.80 9.58
C1 DMS IB . -27.17 -48.26 12.23
C2 DMS IB . -27.31 -50.36 10.06
S DMS JB . -11.20 -60.60 -1.60
O DMS JB . -9.74 -60.88 -1.70
C1 DMS JB . -11.97 -61.92 -0.77
C2 DMS JB . -11.76 -60.54 -3.34
S DMS KB . -17.53 -34.01 -30.54
O DMS KB . -17.00 -34.25 -28.97
C1 DMS KB . -19.29 -33.32 -30.54
C2 DMS KB . -17.39 -35.91 -31.27
S DMS LB . 34.84 -35.58 9.47
O DMS LB . 35.06 -36.81 8.43
C1 DMS LB . 36.40 -35.09 10.05
C2 DMS LB . 34.15 -36.33 10.83
S DMS MB . 9.82 -12.89 -12.76
O DMS MB . 9.60 -14.17 -13.77
C1 DMS MB . 9.54 -11.36 -13.70
C2 DMS MB . 11.51 -12.85 -12.48
S DMS NB . -9.78 -19.53 20.04
O DMS NB . -8.83 -19.06 21.09
C1 DMS NB . -10.46 -18.04 19.31
C2 DMS NB . -11.35 -20.20 20.95
S DMS OB . -17.72 -61.60 4.43
O DMS OB . -18.57 -61.85 5.63
C1 DMS OB . -18.83 -61.57 2.96
C2 DMS OB . -17.16 -63.15 3.94
S DMS PB . -32.70 -49.26 -17.38
O DMS PB . -31.45 -48.55 -17.30
C1 DMS PB . -32.45 -50.79 -16.48
C2 DMS PB . -32.90 -49.73 -19.14
S DMS QB . -1.65 -29.62 -38.51
O DMS QB . -1.71 -28.52 -37.25
C1 DMS QB . -0.90 -31.02 -37.94
C2 DMS QB . -0.27 -29.04 -39.56
S DMS RB . -26.79 -21.03 -33.01
O DMS RB . -27.84 -21.99 -33.05
C1 DMS RB . -25.35 -21.97 -32.56
C2 DMS RB . -27.00 -20.15 -31.47
S DMS SB . 0.05 -64.56 3.74
O DMS SB . 0.15 -64.32 5.29
C1 DMS SB . -1.80 -64.58 3.29
C2 DMS SB . 0.98 -66.08 3.35
S DMS TB . 20.83 -54.59 0.21
O DMS TB . 21.11 -55.64 -0.85
C1 DMS TB . 19.05 -54.45 0.39
C2 DMS TB . 21.26 -53.17 -0.47
S DMS UB . -27.86 -33.85 1.42
O DMS UB . -26.69 -34.74 1.12
C1 DMS UB . -27.77 -32.45 0.18
C2 DMS UB . -27.61 -32.89 3.12
S DMS VB . -34.61 -49.52 -23.62
O DMS VB . -34.28 -48.18 -22.76
C1 DMS VB . -35.38 -48.90 -25.39
C2 DMS VB . -36.14 -50.35 -22.83
S DMS WB . 22.55 -25.19 -19.46
O DMS WB . 21.42 -24.56 -20.18
C1 DMS WB . 23.95 -23.91 -19.38
C2 DMS WB . 23.21 -26.53 -20.70
C1 147 XB . 23.99 -14.05 25.35
C2 147 XB . 22.48 -14.11 25.22
O2 147 XB . 22.18 -13.49 23.96
C3 147 XB . 21.79 -13.27 26.32
O3 147 XB . 20.36 -13.49 26.20
C4 147 XB . 22.33 -13.59 27.73
O4 147 XB . 21.89 -14.92 28.05
C5 147 XB . 23.87 -13.48 27.69
C6 147 XB . 24.56 -13.84 29.02
O6 147 XB . 24.00 -13.17 30.17
O5 147 XB . 24.41 -14.39 26.67
O1 147 XB . 24.40 -15.16 24.56
C1' 147 XB . 25.74 -15.25 24.27
C2' 147 XB . 26.07 -16.29 23.45
C3' 147 XB . 27.34 -16.46 23.00
C4' 147 XB . 28.32 -15.64 23.45
C5' 147 XB . 28.05 -14.56 24.25
C6' 147 XB . 26.72 -14.37 24.68
N1' 147 XB . 29.69 -15.87 23.04
O2' 147 XB . 30.00 -16.80 22.37
O3' 147 XB . 30.53 -15.02 23.33
MG MG YB . 19.73 -17.93 25.71
MG MG ZB . 6.60 -35.78 25.78
MG MG AC . -11.32 -43.03 53.97
NA NA BC . 23.23 -14.36 31.93
NA NA CC . 11.74 7.79 20.74
NA NA DC . 38.43 -10.63 40.53
NA NA EC . 2.39 19.68 41.28
MG MG FC . 32.63 -23.20 31.97
S DMS GC . -7.80 -5.12 29.23
O DMS GC . -8.51 -5.26 30.63
C1 DMS GC . -9.00 -4.60 28.03
C2 DMS GC . -7.52 -6.80 28.62
S DMS HC . 17.79 12.21 31.56
O DMS HC . 16.28 12.79 31.80
C1 DMS HC . 18.73 12.79 32.93
C2 DMS HC . 18.58 13.30 30.03
S DMS IC . 7.27 6.58 37.51
O DMS IC . 6.01 7.27 36.73
C1 DMS IC . 6.61 5.41 38.84
C2 DMS IC . 7.95 7.92 38.67
S DMS JC . -9.42 -14.41 40.97
O DMS JC . -7.85 -14.22 41.06
C1 DMS JC . -9.63 -15.90 40.02
C2 DMS JC . -9.97 -13.06 39.78
S DMS KC . -26.01 -6.47 26.71
O DMS KC . -25.02 -7.23 25.56
C1 DMS KC . -27.55 -7.51 26.83
C2 DMS KC . -26.70 -5.16 25.88
S DMS LC . -28.40 -14.38 40.22
O DMS LC . -29.84 -14.12 39.61
C1 DMS LC . -28.55 -14.34 42.11
C2 DMS LC . -27.38 -12.85 39.89
S DMS MC . 34.34 -1.52 20.29
O DMS MC . 35.85 -1.84 20.87
C1 DMS MC . 34.41 -1.56 18.59
C2 DMS MC . 34.06 0.32 20.51
S DMS NC . -2.06 -28.67 52.30
O DMS NC . -3.03 -29.90 52.38
C1 DMS NC . -0.28 -29.29 52.43
C2 DMS NC . -2.35 -27.77 53.88
S DMS OC . -6.51 -1.68 18.46
O DMS OC . -7.37 -2.65 19.67
C1 DMS OC . -7.74 -1.03 17.30
C2 DMS OC . -5.46 -2.75 17.50
S DMS PC . 23.90 -34.20 32.61
O DMS PC . 23.25 -35.45 31.85
C1 DMS PC . 24.94 -34.87 33.99
C2 DMS PC . 22.56 -33.46 33.50
S DMS QC . 25.37 -13.28 51.32
O DMS QC . 26.25 -13.02 50.05
C1 DMS QC . 24.05 -12.00 51.27
C2 DMS QC . 26.37 -12.55 52.75
S DMS RC . -25.16 -12.38 21.78
O DMS RC . -24.00 -13.50 22.20
C1 DMS RC . -26.45 -13.24 20.80
C2 DMS RC . -24.40 -11.34 20.46
S DMS SC . 28.57 -32.39 37.00
O DMS SC . 27.29 -31.24 36.82
C1 DMS SC . 28.22 -33.82 35.80
C2 DMS SC . 28.37 -33.16 38.66
S DMS TC . 12.35 -28.13 53.28
O DMS TC . 10.97 -28.11 53.69
C1 DMS TC . 13.07 -29.29 54.07
C2 DMS TC . 13.08 -26.51 53.99
S DMS UC . 17.89 10.18 44.28
O DMS UC . 17.35 8.71 43.85
C1 DMS UC . 19.66 10.37 43.75
C2 DMS UC . 18.13 10.03 46.14
S DMS VC . -34.00 -26.24 26.59
O DMS VC . -34.11 -25.79 28.13
C1 DMS VC . -35.56 -27.02 26.21
C2 DMS VC . -32.78 -27.74 26.51
S DMS WC . -9.71 5.27 17.61
O DMS WC . -9.22 4.81 19.05
C1 DMS WC . -11.17 4.32 17.29
C2 DMS WC . -8.48 4.76 16.46
S DMS XC . 26.91 -32.21 28.69
O DMS XC . 27.28 -30.73 28.37
C1 DMS XC . 26.53 -32.97 27.02
C2 DMS XC . 25.27 -32.18 29.40
S DMS YC . 10.21 -27.16 7.00
O DMS YC . 9.19 -27.96 5.81
C1 DMS YC . 11.33 -26.05 6.11
C2 DMS YC . 11.28 -28.46 7.77
S DMS ZC . 18.93 -33.65 51.44
O DMS ZC . 19.53 -34.87 50.71
C1 DMS ZC . 20.34 -32.69 52.14
C2 DMS ZC . 18.55 -34.21 53.05
S DMS AD . 33.44 -8.41 51.59
O DMS AD . 32.42 -8.22 50.39
C1 DMS AD . 33.49 -10.16 52.00
C2 DMS AD . 32.60 -7.89 53.00
S DMS BD . 1.72 19.02 44.49
O DMS BD . 1.92 18.51 42.91
C1 DMS BD . 1.24 17.61 45.57
C2 DMS BD . 0.15 19.84 44.48
S DMS CD . 27.41 19.24 33.98
O DMS CD . 27.58 18.31 35.12
C1 DMS CD . 26.16 20.52 34.54
C2 DMS CD . 26.54 18.33 32.76
S DMS DD . -8.33 -14.92 45.46
O DMS DD . -8.29 -14.83 47.06
C1 DMS DD . -9.12 -13.50 45.05
C2 DMS DD . -9.74 -15.94 45.03
S DMS ED . -19.31 -27.01 46.95
O DMS ED . -20.65 -27.26 46.19
C1 DMS ED . -19.63 -27.49 48.65
C2 DMS ED . -19.29 -25.36 47.29
S DMS FD . 28.88 -17.10 28.18
O DMS FD . 28.10 -17.51 29.23
C1 DMS FD . 28.65 -18.43 26.74
C2 DMS FD . 30.40 -17.50 28.57
S DMS GD . -21.95 4.22 31.60
O DMS GD . -20.77 5.12 31.40
C1 DMS GD . -23.23 4.93 30.55
C2 DMS GD . -22.58 4.60 33.38
S DMS HD . -26.18 0.08 36.04
O DMS HD . -24.83 0.49 35.58
C1 DMS HD . -27.23 0.12 34.64
C2 DMS HD . -26.77 1.36 37.04
C1 147 ID . 20.94 31.17 2.72
C2 147 ID . 20.39 30.30 1.58
O2 147 ID . 19.57 29.32 2.22
C3 147 ID . 21.51 29.66 0.74
O3 147 ID . 20.88 29.02 -0.44
C4 147 ID . 22.62 30.66 0.37
O4 147 ID . 22.19 31.65 -0.60
C5 147 ID . 23.09 31.30 1.68
C6 147 ID . 24.13 32.39 1.45
O6 147 ID . 25.28 31.84 0.82
O5 147 ID . 21.96 32.04 2.22
O1 147 ID . 19.85 32.00 3.11
C1' 147 ID . 19.88 32.63 4.33
C2' 147 ID . 18.71 33.31 4.67
C3' 147 ID . 18.66 33.93 5.88
C4' 147 ID . 19.75 33.87 6.72
C5' 147 ID . 20.91 33.21 6.40
C6' 147 ID . 20.96 32.53 5.20
N1' 147 ID . 19.73 34.58 7.98
O2' 147 ID . 18.75 35.17 8.36
O3' 147 ID . 20.71 34.40 8.70
MG MG JD . 18.14 32.23 -2.05
MG MG KD . 5.40 40.09 -18.50
MG MG LD . -16.51 61.22 3.53
NA NA MD . 25.88 33.04 -1.17
NA NA ND . 24.42 5.85 1.92
NA NA OD . 38.90 40.50 8.19
NA NA PD . 44.52 -1.61 -11.81
MG MG QD . 24.22 44.87 3.70
S DMS RD . 19.13 9.22 -22.18
O DMS RD . 20.00 9.39 -23.50
C1 DMS RD . 18.17 7.69 -22.47
C2 DMS RD . 17.90 10.61 -22.12
S DMS SD . 37.28 8.89 3.21
O DMS SD . 37.11 7.94 1.89
C1 DMS SD . 38.93 8.99 3.50
C2 DMS SD . 36.93 7.82 4.82
S DMS TD . 36.33 10.07 -10.20
O DMS TD . 35.71 8.70 -10.64
C1 DMS TD . 36.47 11.01 -11.62
C2 DMS TD . 38.11 9.65 -9.71
S DMS UD . 23.58 19.67 -31.75
O DMS UD . 23.56 20.37 -30.35
C1 DMS UD . 22.09 20.29 -32.64
C2 DMS UD . 22.86 17.87 -31.44
S DMS VD . 10.40 0.36 -35.87
O DMS VD . 9.78 1.41 -34.90
C1 DMS VD . 9.49 0.53 -37.51
C2 DMS VD . 9.73 -1.23 -35.26
S DMS WD . 17.43 8.97 -46.72
O DMS WD . 16.22 8.22 -47.32
C1 DMS WD . 18.87 8.20 -47.51
C2 DMS WD . 17.68 8.28 -45.10
S DMS XD . 25.90 24.39 17.82
O DMS XD . 26.68 25.52 18.70
C1 DMS XD . 24.21 24.16 18.69
C2 DMS XD . 26.80 22.77 18.26
S DMS YD . 27.88 38.57 -36.35
O DMS YD . 27.81 39.26 -37.70
C1 DMS YD . 28.69 39.76 -35.11
C2 DMS YD . 29.14 37.46 -36.40
S DMS ZD . 12.49 3.73 -14.63
O DMS ZD . 12.66 4.48 -16.18
C1 DMS ZD . 11.55 2.15 -15.03
C2 DMS ZD . 11.39 4.77 -13.72
S DMS AE . 16.67 49.64 -7.22
O DMS AE . 15.26 49.98 -7.83
C1 DMS AE . 17.84 51.12 -7.44
C2 DMS AE . 17.37 48.53 -8.37
S DMS BE . 42.86 39.30 -8.42
O DMS BE . 42.17 39.15 -7.05
C1 DMS BE . 42.97 37.61 -9.08
C2 DMS BE . 44.61 39.56 -8.03
S DMS CE . 4.08 4.10 -34.87
O DMS CE . 4.01 5.63 -34.31
C1 DMS CE . 2.31 3.64 -35.27
C2 DMS CE . 4.51 3.11 -33.45
S DMS DE . 22.51 51.91 -4.85
O DMS DE . 22.67 50.40 -5.51
C1 DMS DE . 20.84 52.41 -5.17
C2 DMS DE . 23.32 52.96 -6.06
S DMS EE . 33.58 45.69 -24.68
O DMS EE . 33.46 44.69 -25.86
C1 DMS EE . 34.61 46.91 -25.29
C2 DMS EE . 34.64 44.89 -23.51
S DMS FE . 46.78 14.56 -3.56
O DMS FE . 45.46 15.54 -4.20
C1 DMS FE . 47.02 15.15 -1.65
C2 DMS FE . 48.38 15.30 -4.23
S DMS GE . -1.21 13.31 -49.16
O DMS GE . 0.14 12.84 -49.80
C1 DMS GE . -1.61 14.83 -49.98
C2 DMS GE . -0.84 14.10 -47.65
S DMS HE . 14.14 -2.90 -14.64
O DMS HE . 15.62 -3.03 -15.21
C1 DMS HE . 14.06 -3.77 -13.18
C2 DMS HE . 13.15 -3.98 -15.65
S DMS IE . 15.63 48.22 -1.93
O DMS IE . 16.20 47.12 -1.06
C1 DMS IE . 13.88 48.17 -1.70
C2 DMS IE . 15.57 47.58 -3.62
S DMS JE . 31.14 52.55 -20.10
O DMS JE . 31.72 52.78 -21.43
C1 DMS JE . 30.24 54.00 -19.70
C2 DMS JE . 32.39 52.82 -18.98
S DMS KE . 48.20 39.72 0.23
O DMS KE . 46.97 38.92 -0.41
C1 DMS KE . 48.14 41.55 -0.34
C2 DMS KE . 49.68 39.17 -0.72
S DMS LE . 46.40 -0.47 -14.23
O DMS LE . 44.98 -0.57 -13.52
C1 DMS LE . 46.22 0.60 -15.57
C2 DMS LE . 46.68 -2.12 -14.94
S DMS ME . 45.82 8.78 11.29
O DMS ME . 45.24 9.21 9.83
C1 DMS ME . 45.62 7.04 11.38
C2 DMS ME . 44.58 9.21 12.41
S DMS NE . 26.89 21.88 -33.70
O DMS NE . 28.36 22.06 -34.36
C1 DMS NE . 26.85 20.29 -33.16
C2 DMS NE . 25.82 21.81 -35.03
S DMS OE . 53.53 37.10 1.69
O DMS OE . 54.69 36.18 2.47
C1 DMS OE . 52.85 38.24 2.95
C2 DMS OE . 52.06 36.16 1.46
S DMS PE . 20.02 11.53 -50.87
O DMS PE . 20.45 9.94 -51.42
C1 DMS PE . 21.58 12.49 -51.02
C2 DMS PE . 20.01 11.33 -48.91
S DMS QE . 23.23 27.77 -46.78
O DMS QE . 24.16 28.50 -45.83
C1 DMS QE . 23.79 26.05 -46.87
C2 DMS QE . 23.83 28.18 -48.51
S DMS RE . 11.69 33.01 -47.01
O DMS RE . 11.49 32.31 -48.34
C1 DMS RE . 10.29 33.80 -46.70
C2 DMS RE . 12.79 34.48 -47.32
#